data_2DY4
#
_entry.id   2DY4
#
_cell.length_a   132.612
_cell.length_b   122.632
_cell.length_c   168.695
_cell.angle_alpha   90.00
_cell.angle_beta   96.31
_cell.angle_gamma   90.00
#
_symmetry.space_group_name_H-M   'P 1 21 1'
#
loop_
_entity.id
_entity.type
_entity.pdbx_description
1 polymer "5'-D(*CP*GP*(CTG)P*GP*GP*AP*AP*TP*GP*A*CP*AP*GP*CP*CP*GP*CP*G)-3'"
2 polymer "5'-D(*GP*CP*GP*GP*CP*TP*GP*T*CP*AP*TP*TP*CP*CP*A)-3'"
3 polymer 'DNA polymerase'
4 water water
#
loop_
_entity_poly.entity_id
_entity_poly.type
_entity_poly.pdbx_seq_one_letter_code
_entity_poly.pdbx_strand_id
1 'polydeoxyribonucleotide' (DC)(DG)(CTG)(DG)(DG)(DA)(DA)(DT)(DG)(DA)(DC)(DA)(DG)(DC)(DC)(DG)(DC)(DG) E,G,I,K
2 'polydeoxyribonucleotide' (DG)(DC)(DG)(DG)(DC)(DT)(DG)(DT)(DC)(DA)(DT)(DT)(DC)(DC)(DA) F,H,J,L
3 'polypeptide(L)'
;(MSE)KEFYLTVEQIGDSIFERYIDSNGRERTREVEYKPSLFAHCPESQATKYFDIYGKPCTRKLFAN(MSE)RDASQWI
KR(MSE)EDIGLEALG(MSE)DDFKLAYLSDTYNYEIKYDHTKIRVANFDIEVTSPDGFPEPSQAKHPIDAITHYDSIDD
RFYVFDLLNSPYGNVEEWSIEIAAKLQEQGGDEVPSEIIDKIIY(MSE)PFDNEKELL(MSE)EYLNFWQQKTPVILTGW
NVESFAIPYVYNRIKNIFGESTAKRLSPHRKTRVKVIEN(MSE)YGSREIITLFGISVLDYIDLYKKFSFTNQPSYSLDY
ISEFELNVGKLKYDGPISKLRESNHQRYISYNIIAVYRVLQIDAKRQFINLSLD(MSE)GYYAKIQIQSVFSPIKTWDAI
IFNSLKEQNKVIPQGRSHPVQPYPGAFVKEPIPNRYKYV(MSE)SFDLTSLYPSIIRQVNISPETIAGTFKVAPLHDYIN
AVAERPSDVYSCSPNG(MSE)(MSE)YYKDRDGVVPTEITKVFNQRKEHKGY(MSE)LAAQRNGEIIKEALHNPNLSVDE
PLDVDYRFDFSDEIKEKIKKLSAKSLNE(MSE)LFRAQRTEVAG(MSE)TAQINRKLLINSLYGALGNVWFRYYDLRNAT
AITTFGQ(MSE)ALQWIERKVNEYLNEVCGTEGEAFVLYGDTDSIYVSADKIIDKVGESKFRDTNHWVDFLDKFARER
(MSE)EPAIDRGFRE(MSE)CEY(MSE)NNKQHL(MSE)F(MSE)DREAIAGPPLGSKGIGGFWTGKKRYALNVWD
(MSE)EGTRYAEPKLKI(MSE)GLETQKSSTPKAVQKALKECIRR(MSE)LQEGEESLQEYFKEFEKEFRQLNYISIASV
SSANNIAKYDVGGFPGPKCPFHIRGILTYNRAIKGNIDAPQVVEGEKVYVLPLREGNPFGDKCIAWPSGTEITDLIKDDV
LHW(MSE)DYTVLLEKTFIKPLEGFTSAAKLDYEKKASLFD(MSE)FDF
;
A,B,C,D
#
# COMPACT_ATOMS: atom_id res chain seq x y z
N LYS I 2 -41.98 13.66 8.59
CA LYS I 2 -41.86 14.81 7.72
C LYS I 2 -43.29 15.25 7.36
N GLU I 3 -43.49 16.53 7.13
CA GLU I 3 -44.82 17.04 6.81
C GLU I 3 -45.03 17.27 5.32
N PHE I 4 -46.02 16.61 4.73
CA PHE I 4 -46.27 16.78 3.30
C PHE I 4 -47.72 17.17 2.96
N TYR I 5 -47.92 17.72 1.77
CA TYR I 5 -49.24 18.14 1.34
C TYR I 5 -50.07 17.06 0.65
N LEU I 6 -51.39 17.21 0.72
CA LEU I 6 -52.32 16.30 0.08
C LEU I 6 -52.85 16.99 -1.17
N THR I 7 -53.48 18.15 -0.99
CA THR I 7 -54.02 18.90 -2.13
C THR I 7 -53.92 20.41 -1.91
N VAL I 8 -53.82 21.16 -3.00
CA VAL I 8 -53.74 22.61 -2.89
C VAL I 8 -54.63 23.26 -3.94
N GLU I 9 -55.27 24.35 -3.56
CA GLU I 9 -56.13 25.06 -4.48
C GLU I 9 -56.06 26.53 -4.16
N GLN I 10 -56.27 27.34 -5.18
CA GLN I 10 -56.28 28.76 -4.99
C GLN I 10 -57.70 29.20 -5.24
N ILE I 11 -58.37 29.72 -4.23
CA ILE I 11 -59.71 30.21 -4.42
C ILE I 11 -59.64 31.72 -4.17
N GLY I 12 -59.63 32.46 -5.29
CA GLY I 12 -59.54 33.90 -5.27
C GLY I 12 -58.85 34.52 -4.06
N ASP I 13 -57.54 34.73 -4.14
CA ASP I 13 -56.80 35.36 -3.03
C ASP I 13 -56.50 34.49 -1.83
N SER I 14 -56.91 33.23 -1.89
CA SER I 14 -56.63 32.32 -0.79
C SER I 14 -56.10 30.98 -1.28
N ILE I 15 -55.28 30.35 -0.46
CA ILE I 15 -54.72 29.04 -0.76
C ILE I 15 -55.36 28.05 0.22
N PHE I 16 -56.16 27.12 -0.30
CA PHE I 16 -56.74 26.12 0.59
C PHE I 16 -55.89 24.87 0.40
N GLU I 17 -55.38 24.35 1.50
CA GLU I 17 -54.54 23.18 1.44
C GLU I 17 -54.94 22.11 2.43
N ARG I 18 -54.87 20.87 1.99
CA ARG I 18 -55.16 19.76 2.83
C ARG I 18 -53.79 19.14 2.88
N TYR I 19 -53.38 18.68 4.06
CA TYR I 19 -52.04 18.10 4.16
C TYR I 19 -51.91 17.20 5.37
N ILE I 20 -50.84 16.42 5.39
CA ILE I 20 -50.57 15.55 6.52
C ILE I 20 -49.58 16.32 7.40
N ASP I 21 -50.00 16.63 8.63
CA ASP I 21 -49.15 17.37 9.54
C ASP I 21 -48.06 16.47 10.14
N SER I 22 -47.28 17.04 11.07
CA SER I 22 -46.18 16.33 11.72
C SER I 22 -46.56 15.07 12.52
N ASN I 23 -47.82 14.99 12.95
CA ASN I 23 -48.26 13.84 13.72
C ASN I 23 -49.03 12.79 12.93
N GLY I 24 -49.10 12.95 11.63
CA GLY I 24 -49.80 11.98 10.81
C GLY I 24 -51.28 12.25 10.63
N ARG I 25 -51.82 13.26 11.32
CA ARG I 25 -53.23 13.60 11.19
C ARG I 25 -53.48 14.53 9.98
N GLU I 26 -54.57 14.27 9.26
CA GLU I 26 -54.89 15.10 8.09
C GLU I 26 -55.38 16.47 8.51
N ARG I 27 -54.84 17.51 7.89
CA ARG I 27 -55.22 18.86 8.25
C ARG I 27 -55.58 19.66 7.01
N THR I 28 -56.31 20.75 7.22
CA THR I 28 -56.71 21.60 6.12
C THR I 28 -56.53 23.01 6.61
N ARG I 29 -56.00 23.91 5.78
CA ARG I 29 -55.79 25.27 6.24
C ARG I 29 -55.95 26.30 5.14
N GLU I 30 -56.37 27.51 5.52
CA GLU I 30 -56.53 28.58 4.54
C GLU I 30 -55.37 29.53 4.74
N VAL I 31 -54.83 30.05 3.65
CA VAL I 31 -53.68 30.95 3.72
C VAL I 31 -53.68 32.06 2.69
N GLU I 32 -53.54 33.29 3.17
CA GLU I 32 -53.48 34.44 2.28
C GLU I 32 -52.02 34.49 1.86
N TYR I 33 -51.65 33.59 0.95
CA TYR I 33 -50.30 33.49 0.47
C TYR I 33 -49.82 34.77 -0.24
N LYS I 34 -48.62 35.18 0.13
CA LYS I 34 -48.01 36.36 -0.45
C LYS I 34 -47.01 35.92 -1.50
N PRO I 35 -47.41 35.99 -2.78
CA PRO I 35 -46.59 35.61 -3.93
C PRO I 35 -45.49 36.61 -4.23
N SER I 36 -44.49 36.18 -4.98
CA SER I 36 -43.40 37.06 -5.34
C SER I 36 -43.09 36.89 -6.82
N LEU I 37 -43.12 37.97 -7.57
CA LEU I 37 -42.77 37.91 -8.97
C LEU I 37 -41.50 38.74 -9.12
N PHE I 38 -40.97 38.81 -10.34
CA PHE I 38 -39.74 39.56 -10.56
C PHE I 38 -39.72 40.40 -11.83
N ALA I 39 -38.99 41.50 -11.77
CA ALA I 39 -38.85 42.40 -12.92
C ALA I 39 -37.36 42.68 -13.11
N HIS I 40 -36.98 43.00 -14.34
CA HIS I 40 -35.59 43.32 -14.64
C HIS I 40 -35.28 44.67 -14.04
N CYS I 41 -34.11 44.78 -13.42
CA CYS I 41 -33.68 46.01 -12.81
C CYS I 41 -32.28 46.34 -13.32
N PRO I 42 -31.83 47.58 -13.15
CA PRO I 42 -30.50 48.00 -13.60
C PRO I 42 -29.37 47.37 -12.76
N GLU I 43 -28.16 47.31 -13.34
CA GLU I 43 -27.01 46.73 -12.64
C GLU I 43 -26.75 47.51 -11.34
N SER I 44 -27.03 48.80 -11.37
CA SER I 44 -26.82 49.64 -10.21
C SER I 44 -27.58 49.11 -9.00
N GLN I 45 -28.71 48.47 -9.24
CA GLN I 45 -29.52 47.92 -8.16
C GLN I 45 -28.97 46.57 -7.75
N ALA I 46 -28.56 46.44 -6.50
CA ALA I 46 -28.01 45.17 -6.01
C ALA I 46 -29.11 44.20 -5.65
N THR I 47 -28.97 42.95 -6.08
CA THR I 47 -29.94 41.90 -5.79
C THR I 47 -29.25 40.55 -5.79
N LYS I 48 -29.99 39.52 -5.38
CA LYS I 48 -29.44 38.16 -5.35
C LYS I 48 -30.13 37.36 -6.44
N TYR I 49 -31.04 38.00 -7.17
CA TYR I 49 -31.80 37.34 -8.22
C TYR I 49 -31.39 37.73 -9.63
N PHE I 50 -31.20 36.72 -10.48
CA PHE I 50 -30.85 36.92 -11.87
C PHE I 50 -31.62 35.91 -12.68
N ASP I 51 -32.03 36.27 -13.90
CA ASP I 51 -32.73 35.33 -14.74
C ASP I 51 -31.75 34.28 -15.27
N ILE I 52 -32.23 33.34 -16.08
CA ILE I 52 -31.34 32.33 -16.61
C ILE I 52 -30.31 32.93 -17.55
N TYR I 53 -30.57 34.14 -18.02
CA TYR I 53 -29.64 34.81 -18.92
C TYR I 53 -28.62 35.70 -18.18
N GLY I 54 -28.63 35.63 -16.86
CA GLY I 54 -27.71 36.46 -16.10
C GLY I 54 -28.14 37.88 -15.77
N LYS I 55 -29.14 38.40 -16.47
CA LYS I 55 -29.64 39.76 -16.21
C LYS I 55 -30.24 39.85 -14.79
N PRO I 56 -29.97 40.96 -14.09
CA PRO I 56 -30.44 41.22 -12.72
C PRO I 56 -31.93 41.57 -12.66
N CYS I 57 -32.60 41.05 -11.63
CA CYS I 57 -34.02 41.27 -11.45
C CYS I 57 -34.35 41.68 -10.02
N THR I 58 -35.32 42.57 -9.87
CA THR I 58 -35.73 42.98 -8.54
C THR I 58 -36.96 42.14 -8.16
N ARG I 59 -36.97 41.67 -6.91
CA ARG I 59 -38.07 40.87 -6.41
C ARG I 59 -39.20 41.77 -5.94
N LYS I 60 -40.44 41.40 -6.27
CA LYS I 60 -41.62 42.17 -5.85
C LYS I 60 -42.60 41.32 -5.02
N LEU I 61 -42.75 41.66 -3.75
CA LEU I 61 -43.62 40.92 -2.83
C LEU I 61 -45.02 41.49 -2.69
N PHE I 62 -45.97 40.96 -3.47
CA PHE I 62 -47.35 41.45 -3.46
C PHE I 62 -48.13 41.09 -2.20
N ALA I 63 -49.21 41.83 -1.95
CA ALA I 63 -50.07 41.64 -0.77
C ALA I 63 -50.99 40.44 -0.91
N ASN I 64 -51.32 40.10 -2.15
CA ASN I 64 -52.19 38.97 -2.44
C ASN I 64 -52.07 38.61 -3.91
N ARG I 66 -54.10 38.24 -6.15
CA ARG I 66 -54.89 39.05 -7.05
C ARG I 66 -54.03 40.22 -7.58
N ASP I 67 -53.35 40.92 -6.66
CA ASP I 67 -52.48 42.04 -7.03
C ASP I 67 -51.42 41.57 -8.01
N ALA I 68 -50.82 40.41 -7.70
CA ALA I 68 -49.79 39.83 -8.55
C ALA I 68 -50.33 39.65 -9.97
N SER I 69 -51.50 39.05 -10.09
CA SER I 69 -52.12 38.82 -11.39
C SER I 69 -52.39 40.14 -12.10
N GLN I 70 -52.82 41.13 -11.33
CA GLN I 70 -53.12 42.44 -11.86
C GLN I 70 -51.84 43.04 -12.42
N TRP I 71 -50.76 42.87 -11.68
CA TRP I 71 -49.45 43.37 -12.08
C TRP I 71 -49.00 42.75 -13.41
N ILE I 72 -49.12 41.43 -13.53
CA ILE I 72 -48.72 40.74 -14.76
C ILE I 72 -49.48 41.34 -15.94
N LYS I 73 -50.73 41.68 -15.72
CA LYS I 73 -51.58 42.24 -16.77
C LYS I 73 -51.03 43.60 -17.24
N ARG I 74 -50.72 44.47 -16.28
CA ARG I 74 -50.19 45.81 -16.56
C ARG I 74 -48.85 45.69 -17.28
N GLU I 76 -47.95 43.35 -19.27
CA GLU I 76 -48.17 42.96 -20.65
C GLU I 76 -48.62 44.16 -21.46
N ASP I 77 -49.31 45.09 -20.81
CA ASP I 77 -49.78 46.27 -21.49
C ASP I 77 -48.67 47.28 -21.74
N ILE I 78 -47.58 47.17 -20.99
CA ILE I 78 -46.46 48.08 -21.20
C ILE I 78 -45.46 47.47 -22.18
N GLY I 79 -45.30 46.14 -22.10
CA GLY I 79 -44.38 45.45 -22.99
C GLY I 79 -43.10 45.03 -22.30
N LEU I 80 -43.18 44.70 -21.03
CA LEU I 80 -42.00 44.30 -20.28
C LEU I 80 -42.23 42.93 -19.64
N GLU I 81 -41.20 42.10 -19.70
CA GLU I 81 -41.26 40.74 -19.15
C GLU I 81 -41.56 40.75 -17.65
N ALA I 82 -42.38 39.78 -17.20
CA ALA I 82 -42.75 39.64 -15.81
C ALA I 82 -42.27 38.25 -15.40
N LEU I 83 -41.06 38.18 -14.88
CA LEU I 83 -40.45 36.91 -14.48
C LEU I 83 -41.03 36.32 -13.21
N GLY I 84 -40.94 35.00 -13.11
CA GLY I 84 -41.44 34.33 -11.93
C GLY I 84 -42.52 33.31 -12.22
N ASP I 86 -45.83 32.00 -12.46
CA ASP I 86 -47.19 32.55 -12.52
C ASP I 86 -48.23 31.70 -11.78
N ASP I 87 -47.99 30.40 -11.74
CA ASP I 87 -48.86 29.45 -11.05
C ASP I 87 -48.57 29.54 -9.54
N PHE I 88 -49.31 30.40 -8.84
CA PHE I 88 -49.08 30.59 -7.40
C PHE I 88 -49.21 29.35 -6.52
N LYS I 89 -49.94 28.34 -6.98
CA LYS I 89 -50.09 27.13 -6.18
C LYS I 89 -48.73 26.45 -6.11
N LEU I 90 -48.00 26.49 -7.23
CA LEU I 90 -46.68 25.88 -7.31
C LEU I 90 -45.72 26.60 -6.37
N ALA I 91 -45.69 27.92 -6.47
CA ALA I 91 -44.85 28.74 -5.64
C ALA I 91 -45.12 28.45 -4.17
N TYR I 92 -46.41 28.51 -3.80
CA TYR I 92 -46.84 28.25 -2.42
C TYR I 92 -46.29 26.88 -2.01
N LEU I 93 -46.44 25.91 -2.91
CA LEU I 93 -45.95 24.55 -2.67
C LEU I 93 -44.43 24.52 -2.49
N SER I 94 -43.74 25.30 -3.30
CA SER I 94 -42.29 25.38 -3.24
C SER I 94 -41.82 25.94 -1.89
N ASP I 95 -42.49 26.98 -1.41
CA ASP I 95 -42.12 27.58 -0.14
C ASP I 95 -42.49 26.71 1.05
N THR I 96 -43.70 26.19 1.07
CA THR I 96 -44.16 25.38 2.19
C THR I 96 -43.41 24.05 2.32
N TYR I 97 -42.90 23.52 1.21
CA TYR I 97 -42.16 22.26 1.27
C TYR I 97 -40.85 22.40 0.51
N ASN I 98 -39.91 23.12 1.12
CA ASN I 98 -38.60 23.33 0.51
C ASN I 98 -37.63 22.27 1.01
N TYR I 99 -37.83 21.05 0.52
CA TYR I 99 -36.99 19.92 0.90
C TYR I 99 -37.55 18.68 0.25
N GLU I 100 -36.69 17.68 0.04
CA GLU I 100 -37.14 16.45 -0.58
C GLU I 100 -38.39 15.94 0.13
N ILE I 101 -39.50 15.93 -0.61
CA ILE I 101 -40.79 15.47 -0.09
C ILE I 101 -40.73 13.98 0.22
N LYS I 102 -41.13 13.63 1.43
CA LYS I 102 -41.18 12.24 1.83
C LYS I 102 -42.55 12.03 2.45
N TYR I 103 -43.35 11.22 1.74
CA TYR I 103 -44.72 10.93 2.14
C TYR I 103 -44.96 9.49 2.56
N ASP I 104 -46.08 9.31 3.23
CA ASP I 104 -46.52 8.00 3.70
C ASP I 104 -47.90 7.79 3.03
N HIS I 105 -47.94 7.00 1.95
CA HIS I 105 -49.19 6.76 1.24
C HIS I 105 -50.29 6.25 2.17
N THR I 106 -49.88 5.60 3.25
CA THR I 106 -50.80 5.06 4.22
C THR I 106 -51.68 6.13 4.89
N LYS I 107 -51.28 7.40 4.78
CA LYS I 107 -52.07 8.48 5.37
C LYS I 107 -52.89 9.22 4.29
N ILE I 108 -52.62 8.91 3.02
CA ILE I 108 -53.33 9.50 1.90
C ILE I 108 -54.60 8.71 1.64
N ARG I 109 -55.76 9.36 1.69
CA ARG I 109 -57.01 8.66 1.46
C ARG I 109 -57.27 8.50 -0.03
N VAL I 110 -57.21 7.25 -0.50
CA VAL I 110 -57.45 6.97 -1.91
C VAL I 110 -58.80 6.26 -2.06
N ALA I 111 -59.75 6.96 -2.68
CA ALA I 111 -61.08 6.39 -2.85
C ALA I 111 -61.24 5.80 -4.24
N ASN I 112 -61.96 4.69 -4.30
CA ASN I 112 -62.24 4.01 -5.55
C ASN I 112 -63.73 3.62 -5.57
N PHE I 113 -64.49 4.22 -6.49
CA PHE I 113 -65.91 3.92 -6.55
C PHE I 113 -66.45 3.75 -7.95
N ASP I 114 -67.68 3.25 -7.99
CA ASP I 114 -68.42 3.02 -9.22
C ASP I 114 -69.89 3.09 -8.83
N ILE I 115 -70.74 3.49 -9.75
CA ILE I 115 -72.18 3.56 -9.47
C ILE I 115 -72.95 2.78 -10.53
N GLU I 116 -74.23 2.56 -10.25
CA GLU I 116 -75.11 1.82 -11.15
C GLU I 116 -76.37 2.69 -11.27
N VAL I 117 -76.82 2.92 -12.50
CA VAL I 117 -78.04 3.70 -12.74
C VAL I 117 -78.95 2.99 -13.72
N THR I 118 -79.97 2.31 -13.22
CA THR I 118 -80.91 1.60 -14.11
C THR I 118 -81.55 2.62 -15.07
N SER I 119 -81.41 2.37 -16.38
CA SER I 119 -81.96 3.25 -17.41
C SER I 119 -82.64 2.53 -18.60
N PRO I 120 -83.99 2.65 -18.71
CA PRO I 120 -84.78 2.03 -19.78
C PRO I 120 -84.38 2.59 -21.13
N ASP I 121 -84.27 3.91 -21.20
CA ASP I 121 -83.89 4.59 -22.43
C ASP I 121 -82.44 4.24 -22.74
N GLY I 122 -81.73 5.20 -23.33
CA GLY I 122 -80.34 4.94 -23.66
C GLY I 122 -79.40 5.15 -22.50
N PHE I 123 -78.12 5.34 -22.81
CA PHE I 123 -77.13 5.58 -21.78
C PHE I 123 -77.64 6.79 -21.03
N PRO I 124 -77.61 6.74 -19.70
CA PRO I 124 -78.07 7.84 -18.87
C PRO I 124 -77.05 8.99 -18.84
N GLU I 125 -77.29 10.01 -19.66
CA GLU I 125 -76.40 11.17 -19.72
C GLU I 125 -76.17 11.78 -18.35
N PRO I 126 -74.89 11.94 -17.96
CA PRO I 126 -74.54 12.51 -16.66
C PRO I 126 -74.95 13.97 -16.49
N SER I 127 -74.88 14.75 -17.56
CA SER I 127 -75.26 16.15 -17.46
C SER I 127 -76.73 16.29 -17.11
N GLN I 128 -77.52 15.27 -17.40
CA GLN I 128 -78.93 15.28 -17.11
C GLN I 128 -79.27 14.49 -15.84
N ALA I 129 -78.63 13.33 -15.69
CA ALA I 129 -78.85 12.48 -14.53
C ALA I 129 -80.36 12.32 -14.30
N LYS I 130 -81.05 11.91 -15.36
CA LYS I 130 -82.51 11.76 -15.30
C LYS I 130 -83.03 10.60 -14.47
N HIS I 131 -82.18 9.63 -14.17
CA HIS I 131 -82.65 8.47 -13.42
C HIS I 131 -82.00 8.30 -12.05
N PRO I 132 -82.65 7.57 -11.14
CA PRO I 132 -82.10 7.37 -9.79
C PRO I 132 -80.81 6.58 -9.85
N ILE I 133 -79.98 6.79 -8.83
CA ILE I 133 -78.73 6.06 -8.71
C ILE I 133 -79.18 4.92 -7.81
N ASP I 134 -79.09 3.69 -8.30
CA ASP I 134 -79.54 2.61 -7.46
C ASP I 134 -78.44 1.82 -6.76
N ALA I 135 -77.18 2.20 -6.97
CA ALA I 135 -76.07 1.52 -6.30
C ALA I 135 -74.76 2.32 -6.28
N ILE I 136 -74.03 2.15 -5.21
CA ILE I 136 -72.76 2.81 -5.06
C ILE I 136 -71.83 1.95 -4.22
N THR I 137 -70.69 1.58 -4.78
CA THR I 137 -69.70 0.82 -4.01
C THR I 137 -68.50 1.78 -3.95
N HIS I 138 -68.11 2.14 -2.74
CA HIS I 138 -67.01 3.07 -2.54
C HIS I 138 -65.94 2.46 -1.64
N TYR I 139 -64.78 2.14 -2.22
CA TYR I 139 -63.67 1.56 -1.46
C TYR I 139 -62.75 2.66 -0.90
N ASP I 140 -62.42 2.57 0.38
CA ASP I 140 -61.53 3.55 1.03
C ASP I 140 -60.18 2.94 1.45
N SER I 141 -59.08 3.44 0.89
CA SER I 141 -57.75 2.90 1.20
C SER I 141 -57.33 2.98 2.66
N ILE I 142 -57.81 3.97 3.38
CA ILE I 142 -57.46 4.11 4.80
C ILE I 142 -58.13 3.03 5.65
N ASP I 143 -59.38 2.70 5.33
CA ASP I 143 -60.10 1.69 6.09
C ASP I 143 -60.01 0.30 5.44
N ASP I 144 -59.62 0.28 4.17
CA ASP I 144 -59.55 -0.94 3.40
C ASP I 144 -60.90 -1.66 3.55
N ARG I 145 -61.96 -0.95 3.14
CA ARG I 145 -63.32 -1.45 3.23
C ARG I 145 -64.12 -1.02 2.00
N PHE I 146 -65.04 -1.87 1.57
CA PHE I 146 -65.89 -1.52 0.45
C PHE I 146 -67.25 -1.10 1.03
N TYR I 147 -67.61 0.17 0.87
CA TYR I 147 -68.88 0.67 1.38
C TYR I 147 -69.95 0.60 0.30
N VAL I 148 -70.92 -0.30 0.49
CA VAL I 148 -71.98 -0.48 -0.50
C VAL I 148 -73.29 0.18 -0.13
N PHE I 149 -73.86 0.93 -1.06
CA PHE I 149 -75.12 1.62 -0.82
C PHE I 149 -76.08 1.04 -1.84
N ASP I 150 -77.13 0.42 -1.33
CA ASP I 150 -78.11 -0.27 -2.16
C ASP I 150 -79.48 0.38 -2.10
N LEU I 151 -80.06 0.71 -3.25
CA LEU I 151 -81.40 1.30 -3.29
C LEU I 151 -82.43 0.17 -3.40
N LEU I 152 -83.24 0.01 -2.38
CA LEU I 152 -84.25 -1.03 -2.35
C LEU I 152 -85.48 -0.76 -3.19
N ASN I 153 -85.90 0.50 -3.26
CA ASN I 153 -87.10 0.80 -4.05
C ASN I 153 -86.87 1.96 -4.98
N SER I 154 -87.25 1.79 -6.24
CA SER I 154 -87.11 2.88 -7.20
C SER I 154 -88.21 2.73 -8.23
N PRO I 155 -88.40 3.77 -9.04
CA PRO I 155 -89.45 3.65 -10.04
C PRO I 155 -89.27 2.44 -10.96
N TYR I 156 -88.12 1.78 -10.88
CA TYR I 156 -87.88 0.63 -11.74
C TYR I 156 -87.95 -0.70 -11.01
N GLY I 157 -88.50 -0.68 -9.80
CA GLY I 157 -88.64 -1.92 -9.07
C GLY I 157 -88.28 -1.85 -7.60
N ASN I 158 -88.87 -2.76 -6.84
CA ASN I 158 -88.60 -2.84 -5.41
C ASN I 158 -87.97 -4.21 -5.23
N VAL I 159 -86.75 -4.21 -4.72
CA VAL I 159 -86.00 -5.45 -4.55
C VAL I 159 -85.70 -5.76 -3.10
N GLU I 160 -85.29 -7.00 -2.85
CA GLU I 160 -84.94 -7.42 -1.50
C GLU I 160 -83.50 -6.97 -1.26
N GLU I 161 -83.00 -7.16 -0.04
CA GLU I 161 -81.63 -6.76 0.24
C GLU I 161 -80.64 -7.72 -0.41
N TRP I 162 -79.40 -7.25 -0.54
CA TRP I 162 -78.37 -8.06 -1.15
C TRP I 162 -77.78 -8.99 -0.10
N SER I 163 -77.70 -10.27 -0.45
CA SER I 163 -77.17 -11.28 0.46
C SER I 163 -75.66 -11.44 0.34
N ILE I 164 -74.93 -11.22 1.42
CA ILE I 164 -73.48 -11.38 1.35
C ILE I 164 -73.16 -12.86 1.30
N GLU I 165 -73.91 -13.68 2.04
CA GLU I 165 -73.66 -15.11 2.03
C GLU I 165 -73.75 -15.62 0.60
N ILE I 166 -74.84 -15.29 -0.07
CA ILE I 166 -75.04 -15.72 -1.45
C ILE I 166 -73.95 -15.19 -2.37
N ALA I 167 -73.54 -13.94 -2.14
CA ALA I 167 -72.51 -13.30 -2.95
C ALA I 167 -71.19 -14.06 -2.88
N ALA I 168 -70.90 -14.64 -1.72
CA ALA I 168 -69.68 -15.40 -1.50
C ALA I 168 -69.70 -16.75 -2.18
N LYS I 169 -70.88 -17.37 -2.28
CA LYS I 169 -71.00 -18.68 -2.91
C LYS I 169 -70.48 -18.79 -4.35
N LEU I 170 -70.51 -20.02 -4.86
CA LEU I 170 -70.05 -20.33 -6.21
C LEU I 170 -71.14 -20.15 -7.23
N GLN I 171 -70.73 -19.93 -8.48
CA GLN I 171 -71.68 -19.75 -9.55
C GLN I 171 -72.65 -20.93 -9.56
N GLU I 172 -72.09 -22.13 -9.67
CA GLU I 172 -72.86 -23.37 -9.72
C GLU I 172 -73.79 -23.51 -8.53
N GLN I 173 -73.53 -22.70 -7.49
CA GLN I 173 -74.33 -22.73 -6.27
C GLN I 173 -75.34 -21.60 -6.22
N GLY I 174 -75.47 -20.87 -7.32
CA GLY I 174 -76.40 -19.76 -7.35
C GLY I 174 -75.83 -18.51 -6.70
N GLY I 175 -74.50 -18.52 -6.47
CA GLY I 175 -73.85 -17.38 -5.86
C GLY I 175 -73.20 -16.47 -6.89
N ASP I 176 -72.48 -15.45 -6.41
CA ASP I 176 -71.83 -14.49 -7.29
C ASP I 176 -70.32 -14.63 -7.31
N GLU I 177 -69.80 -15.54 -6.50
CA GLU I 177 -68.37 -15.80 -6.41
C GLU I 177 -67.52 -14.57 -6.08
N VAL I 178 -67.98 -13.77 -5.12
CA VAL I 178 -67.21 -12.62 -4.73
C VAL I 178 -66.03 -13.17 -3.92
N PRO I 179 -64.79 -12.87 -4.35
CA PRO I 179 -63.53 -13.28 -3.76
C PRO I 179 -63.48 -13.28 -2.25
N SER I 180 -62.78 -14.26 -1.67
CA SER I 180 -62.66 -14.35 -0.23
C SER I 180 -61.78 -13.26 0.39
N GLU I 181 -60.96 -12.60 -0.44
CA GLU I 181 -60.07 -11.55 0.04
C GLU I 181 -60.81 -10.26 0.41
N ILE I 182 -61.96 -10.01 -0.22
CA ILE I 182 -62.72 -8.80 0.08
C ILE I 182 -64.05 -9.10 0.74
N ILE I 183 -64.41 -10.38 0.79
CA ILE I 183 -65.69 -10.73 1.37
C ILE I 183 -65.89 -10.23 2.80
N ASP I 184 -64.82 -10.05 3.56
CA ASP I 184 -64.96 -9.57 4.93
C ASP I 184 -64.73 -8.07 5.05
N LYS I 185 -64.39 -7.45 3.92
CA LYS I 185 -64.12 -6.02 3.88
C LYS I 185 -65.29 -5.19 3.34
N ILE I 186 -66.45 -5.84 3.23
CA ILE I 186 -67.67 -5.22 2.72
C ILE I 186 -68.60 -4.69 3.82
N ILE I 187 -69.14 -3.50 3.61
CA ILE I 187 -70.08 -2.91 4.55
C ILE I 187 -71.32 -2.57 3.74
N TYR I 188 -72.39 -3.32 4.00
CA TYR I 188 -73.63 -3.16 3.28
C TYR I 188 -74.60 -2.17 3.94
N PRO I 190 -78.42 -0.83 2.94
CA PRO I 190 -79.60 -0.74 2.09
C PRO I 190 -80.38 0.52 2.44
N PHE I 191 -81.21 0.99 1.52
CA PHE I 191 -82.01 2.18 1.79
C PHE I 191 -83.40 2.06 1.20
N ASP I 192 -84.37 2.75 1.81
CA ASP I 192 -85.74 2.71 1.33
C ASP I 192 -85.93 3.60 0.12
N ASN I 193 -85.43 4.83 0.19
CA ASN I 193 -85.56 5.73 -0.95
C ASN I 193 -84.18 6.27 -1.36
N GLU I 194 -84.11 6.85 -2.55
CA GLU I 194 -82.86 7.39 -3.09
C GLU I 194 -82.32 8.62 -2.34
N LYS I 195 -83.23 9.49 -1.90
CA LYS I 195 -82.84 10.66 -1.15
C LYS I 195 -82.15 10.23 0.13
N GLU I 196 -82.61 9.12 0.71
CA GLU I 196 -81.98 8.66 1.93
C GLU I 196 -80.59 8.16 1.58
N LEU I 197 -80.48 7.51 0.42
CA LEU I 197 -79.21 6.96 -0.04
C LEU I 197 -78.20 8.06 -0.37
N LEU I 198 -78.60 9.00 -1.22
CA LEU I 198 -77.71 10.09 -1.60
C LEU I 198 -77.23 10.88 -0.40
N GLU I 200 -76.97 9.95 2.69
CA GLU I 200 -76.11 9.18 3.58
C GLU I 200 -74.71 9.10 2.93
N TYR I 201 -74.68 8.92 1.62
CA TYR I 201 -73.43 8.83 0.89
C TYR I 201 -72.66 10.13 1.04
N LEU I 202 -73.34 11.23 0.79
CA LEU I 202 -72.73 12.55 0.89
C LEU I 202 -72.22 12.79 2.29
N ASN I 203 -72.86 12.15 3.26
CA ASN I 203 -72.47 12.34 4.65
C ASN I 203 -71.20 11.55 4.93
N PHE I 204 -71.19 10.31 4.46
CA PHE I 204 -70.06 9.39 4.56
C PHE I 204 -68.89 10.13 3.91
N TRP I 205 -69.16 10.71 2.75
CA TRP I 205 -68.18 11.45 1.97
C TRP I 205 -67.54 12.61 2.74
N GLN I 206 -68.27 13.19 3.70
CA GLN I 206 -67.72 14.27 4.51
C GLN I 206 -66.84 13.65 5.59
N GLN I 207 -67.21 12.47 6.06
CA GLN I 207 -66.44 11.81 7.10
C GLN I 207 -65.11 11.29 6.57
N LYS I 208 -65.10 10.88 5.31
CA LYS I 208 -63.90 10.34 4.72
C LYS I 208 -63.69 10.97 3.36
N THR I 209 -63.49 12.28 3.33
CA THR I 209 -63.30 12.95 2.05
C THR I 209 -62.07 12.40 1.32
N PRO I 210 -62.25 11.96 0.08
CA PRO I 210 -61.09 11.43 -0.63
C PRO I 210 -60.04 12.52 -0.89
N VAL I 211 -58.79 12.09 -1.05
CA VAL I 211 -57.70 12.98 -1.38
C VAL I 211 -57.46 12.67 -2.85
N ILE I 212 -57.42 11.38 -3.15
CA ILE I 212 -57.25 10.89 -4.52
C ILE I 212 -58.54 10.16 -4.83
N LEU I 213 -59.15 10.50 -5.96
CA LEU I 213 -60.39 9.89 -6.36
C LEU I 213 -60.18 9.11 -7.64
N THR I 214 -60.37 7.81 -7.58
CA THR I 214 -60.19 7.02 -8.78
C THR I 214 -61.36 6.06 -9.07
N GLY I 215 -61.29 5.40 -10.23
CA GLY I 215 -62.31 4.46 -10.66
C GLY I 215 -62.16 4.33 -12.16
N TRP I 216 -63.14 3.72 -12.82
CA TRP I 216 -63.07 3.56 -14.26
C TRP I 216 -64.10 4.50 -14.89
N ASN I 217 -63.61 5.55 -15.55
CA ASN I 217 -64.46 6.56 -16.19
C ASN I 217 -65.20 7.38 -15.17
N VAL I 218 -64.69 7.33 -13.94
CA VAL I 218 -65.31 8.05 -12.87
C VAL I 218 -65.37 9.57 -13.13
N GLU I 219 -64.50 10.08 -13.98
CA GLU I 219 -64.48 11.51 -14.25
C GLU I 219 -65.44 11.97 -15.33
N SER I 220 -65.83 11.07 -16.22
CA SER I 220 -66.76 11.47 -17.27
C SER I 220 -68.16 10.93 -17.02
N PHE I 221 -68.28 10.06 -16.01
CA PHE I 221 -69.57 9.49 -15.66
C PHE I 221 -69.94 9.56 -14.19
N ALA I 222 -69.29 8.71 -13.38
CA ALA I 222 -69.58 8.65 -11.95
C ALA I 222 -69.68 10.03 -11.26
N ILE I 223 -68.60 10.79 -11.29
CA ILE I 223 -68.60 12.09 -10.64
C ILE I 223 -69.70 13.03 -11.17
N PRO I 224 -69.75 13.25 -12.49
CA PRO I 224 -70.80 14.14 -13.00
C PRO I 224 -72.20 13.66 -12.67
N TYR I 225 -72.43 12.35 -12.70
CA TYR I 225 -73.76 11.84 -12.42
C TYR I 225 -74.18 12.14 -11.00
N VAL I 226 -73.40 11.66 -10.04
CA VAL I 226 -73.67 11.90 -8.63
C VAL I 226 -73.86 13.39 -8.35
N TYR I 227 -72.95 14.19 -8.88
CA TYR I 227 -73.03 15.62 -8.66
C TYR I 227 -74.35 16.19 -9.16
N ASN I 228 -74.70 15.92 -10.42
CA ASN I 228 -75.94 16.47 -10.96
C ASN I 228 -77.21 15.88 -10.37
N ARG I 229 -77.15 14.60 -10.00
CA ARG I 229 -78.28 13.92 -9.37
C ARG I 229 -78.63 14.67 -8.08
N ILE I 230 -77.61 14.98 -7.31
CA ILE I 230 -77.80 15.67 -6.06
C ILE I 230 -78.21 17.13 -6.25
N LYS I 231 -77.59 17.80 -7.22
CA LYS I 231 -77.91 19.19 -7.49
C LYS I 231 -79.38 19.34 -7.91
N ASN I 232 -79.88 18.40 -8.70
CA ASN I 232 -81.26 18.48 -9.14
C ASN I 232 -82.27 18.12 -8.07
N ILE I 233 -82.00 17.07 -7.30
CA ILE I 233 -82.93 16.68 -6.25
C ILE I 233 -82.86 17.71 -5.13
N PHE I 234 -81.68 17.86 -4.53
CA PHE I 234 -81.51 18.85 -3.50
C PHE I 234 -80.96 20.06 -4.24
N GLY I 235 -80.60 21.12 -3.56
CA GLY I 235 -80.05 22.23 -4.33
C GLY I 235 -78.58 22.11 -4.68
N GLU I 236 -78.07 23.09 -5.41
CA GLU I 236 -76.67 23.16 -5.84
C GLU I 236 -75.66 23.26 -4.69
N SER I 237 -76.02 23.95 -3.63
CA SER I 237 -75.09 24.10 -2.52
C SER I 237 -74.90 22.77 -1.82
N THR I 238 -75.92 21.93 -1.86
CA THR I 238 -75.83 20.62 -1.24
C THR I 238 -74.89 19.75 -2.07
N ALA I 239 -75.01 19.90 -3.38
CA ALA I 239 -74.18 19.15 -4.30
C ALA I 239 -72.72 19.58 -4.16
N LYS I 240 -72.50 20.81 -3.74
CA LYS I 240 -71.14 21.29 -3.62
C LYS I 240 -70.40 20.65 -2.46
N ARG I 241 -71.11 19.96 -1.58
CA ARG I 241 -70.43 19.34 -0.45
C ARG I 241 -69.49 18.21 -0.91
N LEU I 242 -69.56 17.83 -2.18
CA LEU I 242 -68.67 16.80 -2.68
C LEU I 242 -67.24 17.35 -2.60
N SER I 243 -67.14 18.68 -2.59
CA SER I 243 -65.86 19.37 -2.51
C SER I 243 -65.64 19.73 -1.05
N PRO I 244 -64.44 19.47 -0.53
CA PRO I 244 -64.15 19.80 0.87
C PRO I 244 -64.07 21.30 1.12
N HIS I 245 -64.00 22.08 0.05
CA HIS I 245 -63.96 23.53 0.17
C HIS I 245 -65.25 24.11 -0.41
N ARG I 246 -66.25 23.25 -0.55
CA ARG I 246 -67.55 23.65 -1.09
C ARG I 246 -67.42 24.43 -2.39
N LYS I 247 -66.43 24.08 -3.21
CA LYS I 247 -66.29 24.76 -4.49
C LYS I 247 -66.15 23.78 -5.63
N THR I 248 -66.91 24.00 -6.68
CA THR I 248 -66.89 23.15 -7.84
C THR I 248 -66.92 24.04 -9.05
N ARG I 249 -66.69 23.45 -10.22
CA ARG I 249 -66.69 24.18 -11.46
C ARG I 249 -66.84 23.17 -12.60
N VAL I 250 -67.69 23.48 -13.56
CA VAL I 250 -67.90 22.60 -14.70
C VAL I 250 -66.90 22.98 -15.79
N LYS I 251 -66.27 21.97 -16.38
CA LYS I 251 -65.30 22.17 -17.44
C LYS I 251 -65.88 21.57 -18.72
N VAL I 252 -65.54 22.16 -19.86
CA VAL I 252 -66.03 21.64 -21.14
C VAL I 252 -64.88 21.11 -21.99
N ILE I 253 -65.09 19.97 -22.64
CA ILE I 253 -64.08 19.35 -23.48
C ILE I 253 -64.67 18.89 -24.82
N GLU I 254 -64.04 19.29 -25.93
CA GLU I 254 -64.47 18.93 -27.28
C GLU I 254 -63.52 17.88 -27.86
N ASN I 255 -63.98 16.63 -27.90
CA ASN I 255 -63.18 15.52 -28.40
C ASN I 255 -63.18 15.38 -29.92
N TYR I 257 -66.60 15.19 -32.79
CA TYR I 257 -67.64 16.03 -33.36
C TYR I 257 -68.59 16.57 -32.30
N GLY I 258 -68.27 16.31 -31.02
CA GLY I 258 -69.11 16.78 -29.93
C GLY I 258 -68.32 17.06 -28.67
N SER I 259 -69.04 17.38 -27.59
CA SER I 259 -68.40 17.69 -26.31
C SER I 259 -68.99 16.92 -25.14
N ARG I 260 -68.30 17.01 -24.00
CA ARG I 260 -68.72 16.36 -22.76
C ARG I 260 -68.25 17.23 -21.60
N GLU I 261 -69.02 17.27 -20.51
CA GLU I 261 -68.64 18.09 -19.37
C GLU I 261 -68.26 17.26 -18.15
N ILE I 262 -67.24 17.73 -17.43
CA ILE I 262 -66.79 17.04 -16.23
C ILE I 262 -66.93 18.04 -15.11
N ILE I 263 -66.92 17.55 -13.88
CA ILE I 263 -67.07 18.41 -12.73
C ILE I 263 -65.75 18.47 -12.00
N THR I 264 -65.28 19.69 -11.73
CA THR I 264 -64.03 19.86 -10.99
C THR I 264 -64.37 20.05 -9.52
N LEU I 265 -63.81 19.21 -8.66
CA LEU I 265 -64.05 19.31 -7.24
C LEU I 265 -62.83 19.89 -6.52
N PHE I 266 -62.88 21.17 -6.18
CA PHE I 266 -61.75 21.78 -5.48
C PHE I 266 -61.43 21.04 -4.18
N GLY I 267 -60.17 20.71 -3.99
CA GLY I 267 -59.76 20.00 -2.78
C GLY I 267 -59.60 18.51 -2.97
N ILE I 268 -59.73 18.05 -4.21
CA ILE I 268 -59.62 16.63 -4.52
C ILE I 268 -58.81 16.43 -5.81
N SER I 269 -58.09 15.31 -5.87
CA SER I 269 -57.31 14.98 -7.06
C SER I 269 -57.91 13.77 -7.74
N VAL I 270 -58.54 14.01 -8.89
CA VAL I 270 -59.14 12.92 -9.63
C VAL I 270 -58.18 12.33 -10.65
N LEU I 271 -57.84 11.07 -10.41
CA LEU I 271 -56.97 10.28 -11.27
C LEU I 271 -57.81 9.12 -11.78
N ASP I 272 -58.60 9.38 -12.81
CA ASP I 272 -59.46 8.37 -13.41
C ASP I 272 -58.56 7.27 -13.94
N TYR I 273 -58.67 6.07 -13.41
CA TYR I 273 -57.79 4.99 -13.86
C TYR I 273 -57.82 4.68 -15.37
N ILE I 274 -58.85 5.13 -16.07
CA ILE I 274 -58.89 4.85 -17.50
C ILE I 274 -57.87 5.75 -18.19
N ASP I 275 -57.75 6.99 -17.71
CA ASP I 275 -56.81 7.96 -18.25
C ASP I 275 -55.41 7.62 -17.74
N LEU I 276 -55.37 7.17 -16.51
CA LEU I 276 -54.12 6.78 -15.89
C LEU I 276 -53.58 5.64 -16.74
N TYR I 277 -54.45 4.70 -17.06
CA TYR I 277 -54.05 3.55 -17.87
C TYR I 277 -53.52 4.01 -19.22
N LYS I 278 -54.39 4.62 -20.02
CA LYS I 278 -54.01 5.09 -21.33
C LYS I 278 -52.67 5.82 -21.38
N LYS I 279 -52.31 6.51 -20.30
CA LYS I 279 -51.06 7.25 -20.30
C LYS I 279 -49.85 6.45 -19.87
N PHE I 280 -50.00 5.56 -18.89
CA PHE I 280 -48.85 4.79 -18.44
C PHE I 280 -48.84 3.31 -18.78
N SER I 281 -49.87 2.84 -19.47
CA SER I 281 -49.93 1.42 -19.82
C SER I 281 -48.86 1.12 -20.86
N PHE I 282 -48.79 1.99 -21.86
CA PHE I 282 -47.83 1.81 -22.96
C PHE I 282 -48.11 0.46 -23.61
N THR I 283 -49.39 0.19 -23.82
CA THR I 283 -49.82 -1.06 -24.45
C THR I 283 -51.21 -0.80 -25.05
N ASN I 284 -51.25 -0.03 -26.14
CA ASN I 284 -52.51 0.29 -26.81
C ASN I 284 -53.39 -0.93 -27.01
N GLN I 285 -54.57 -0.92 -26.38
CA GLN I 285 -55.53 -2.01 -26.51
C GLN I 285 -56.64 -1.57 -27.44
N PRO I 286 -57.31 -2.52 -28.09
CA PRO I 286 -58.39 -2.18 -29.01
C PRO I 286 -59.60 -1.61 -28.31
N SER I 287 -59.79 -2.00 -27.05
CA SER I 287 -60.93 -1.53 -26.25
C SER I 287 -60.44 -1.17 -24.85
N TYR I 288 -60.90 -0.03 -24.34
CA TYR I 288 -60.46 0.41 -23.03
C TYR I 288 -61.54 0.33 -21.95
N SER I 289 -62.46 -0.61 -22.09
CA SER I 289 -63.52 -0.80 -21.10
C SER I 289 -62.89 -1.59 -19.96
N LEU I 290 -63.50 -1.56 -18.77
CA LEU I 290 -62.97 -2.28 -17.63
C LEU I 290 -62.97 -3.78 -17.86
N ASP I 291 -63.99 -4.27 -18.55
CA ASP I 291 -64.10 -5.68 -18.84
C ASP I 291 -62.97 -6.16 -19.72
N TYR I 292 -62.66 -5.39 -20.76
CA TYR I 292 -61.58 -5.75 -21.66
C TYR I 292 -60.25 -5.67 -20.91
N ILE I 293 -59.91 -4.49 -20.41
CA ILE I 293 -58.66 -4.29 -19.68
C ILE I 293 -58.46 -5.26 -18.53
N SER I 294 -59.52 -5.50 -17.76
CA SER I 294 -59.41 -6.41 -16.63
C SER I 294 -59.08 -7.83 -17.09
N GLU I 295 -59.75 -8.26 -18.15
CA GLU I 295 -59.55 -9.58 -18.72
C GLU I 295 -58.10 -9.70 -19.21
N PHE I 296 -57.66 -8.66 -19.91
CA PHE I 296 -56.30 -8.57 -20.48
C PHE I 296 -55.20 -8.43 -19.44
N GLU I 297 -55.50 -7.81 -18.30
CA GLU I 297 -54.54 -7.60 -17.24
C GLU I 297 -54.62 -8.63 -16.14
N LEU I 298 -55.84 -8.90 -15.70
CA LEU I 298 -56.08 -9.83 -14.61
C LEU I 298 -56.41 -11.25 -15.06
N ASN I 299 -56.66 -11.42 -16.35
CA ASN I 299 -56.98 -12.73 -16.89
C ASN I 299 -58.39 -13.10 -16.42
N VAL I 300 -59.23 -12.08 -16.27
CA VAL I 300 -60.61 -12.22 -15.83
C VAL I 300 -61.22 -10.82 -15.69
N GLY I 301 -62.37 -10.61 -16.31
CA GLY I 301 -63.02 -9.29 -16.24
C GLY I 301 -64.10 -9.10 -15.19
N LYS I 302 -65.18 -8.45 -15.61
CA LYS I 302 -66.32 -8.15 -14.74
C LYS I 302 -67.33 -9.31 -14.80
N LEU I 303 -68.01 -9.56 -13.69
CA LEU I 303 -69.00 -10.64 -13.61
C LEU I 303 -69.89 -10.77 -14.85
N LYS I 304 -70.47 -11.96 -15.03
CA LYS I 304 -71.35 -12.22 -16.15
C LYS I 304 -72.80 -12.15 -15.65
N TYR I 305 -73.73 -11.89 -16.57
CA TYR I 305 -75.14 -11.78 -16.23
C TYR I 305 -76.03 -12.00 -17.45
N ASP I 306 -77.29 -12.37 -17.22
CA ASP I 306 -78.21 -12.63 -18.30
C ASP I 306 -79.15 -11.47 -18.59
N GLY I 307 -79.50 -11.29 -19.85
CA GLY I 307 -80.39 -10.22 -20.23
C GLY I 307 -79.63 -8.90 -20.34
N PRO I 308 -80.32 -7.79 -20.66
CA PRO I 308 -79.71 -6.46 -20.80
C PRO I 308 -79.44 -5.83 -19.43
N ILE I 309 -78.33 -5.11 -19.31
CA ILE I 309 -77.97 -4.46 -18.06
C ILE I 309 -79.11 -3.62 -17.51
N SER I 310 -79.84 -2.95 -18.41
CA SER I 310 -80.94 -2.10 -17.97
C SER I 310 -82.06 -2.88 -17.29
N LYS I 311 -81.96 -4.19 -17.27
CA LYS I 311 -82.99 -5.00 -16.64
C LYS I 311 -82.42 -5.97 -15.61
N LEU I 312 -81.12 -5.88 -15.38
CA LEU I 312 -80.45 -6.76 -14.43
C LEU I 312 -80.93 -6.58 -12.98
N ARG I 313 -81.23 -5.34 -12.59
CA ARG I 313 -81.68 -5.07 -11.23
C ARG I 313 -83.04 -5.66 -10.92
N GLU I 314 -83.92 -5.65 -11.91
CA GLU I 314 -85.26 -6.18 -11.75
C GLU I 314 -85.25 -7.69 -11.85
N SER I 315 -84.35 -8.22 -12.67
CA SER I 315 -84.25 -9.65 -12.90
C SER I 315 -83.39 -10.42 -11.90
N ASN I 316 -82.31 -9.79 -11.44
CA ASN I 316 -81.40 -10.45 -10.49
C ASN I 316 -80.63 -9.40 -9.67
N HIS I 317 -81.34 -8.74 -8.75
CA HIS I 317 -80.73 -7.70 -7.93
C HIS I 317 -79.49 -8.20 -7.17
N GLN I 318 -79.42 -9.50 -6.92
CA GLN I 318 -78.27 -10.05 -6.20
C GLN I 318 -77.00 -9.88 -7.02
N ARG I 319 -77.07 -10.29 -8.28
CA ARG I 319 -75.94 -10.20 -9.15
C ARG I 319 -75.64 -8.73 -9.48
N TYR I 320 -76.68 -7.91 -9.53
CA TYR I 320 -76.55 -6.49 -9.83
C TYR I 320 -75.63 -5.76 -8.84
N ILE I 321 -75.82 -6.03 -7.55
CA ILE I 321 -75.00 -5.41 -6.53
C ILE I 321 -73.60 -6.00 -6.57
N SER I 322 -73.51 -7.32 -6.68
CA SER I 322 -72.21 -7.99 -6.72
C SER I 322 -71.40 -7.53 -7.93
N TYR I 323 -72.08 -7.31 -9.05
CA TYR I 323 -71.43 -6.85 -10.26
C TYR I 323 -70.84 -5.47 -9.97
N ASN I 324 -71.57 -4.69 -9.17
CA ASN I 324 -71.11 -3.36 -8.81
C ASN I 324 -69.84 -3.48 -7.95
N ILE I 325 -69.90 -4.32 -6.92
CA ILE I 325 -68.78 -4.54 -6.03
C ILE I 325 -67.54 -4.99 -6.78
N ILE I 326 -67.68 -6.05 -7.58
CA ILE I 326 -66.59 -6.61 -8.35
C ILE I 326 -65.97 -5.59 -9.32
N ALA I 327 -66.77 -4.64 -9.79
CA ALA I 327 -66.28 -3.61 -10.71
C ALA I 327 -65.24 -2.74 -10.01
N VAL I 328 -65.59 -2.29 -8.82
CA VAL I 328 -64.69 -1.47 -8.04
C VAL I 328 -63.41 -2.27 -7.77
N TYR I 329 -63.57 -3.52 -7.34
CA TYR I 329 -62.43 -4.36 -7.02
C TYR I 329 -61.52 -4.64 -8.21
N ARG I 330 -62.11 -4.93 -9.38
CA ARG I 330 -61.28 -5.20 -10.57
C ARG I 330 -60.26 -4.08 -10.82
N VAL I 331 -60.68 -2.84 -10.60
CA VAL I 331 -59.80 -1.69 -10.81
C VAL I 331 -58.71 -1.70 -9.75
N LEU I 332 -59.08 -2.04 -8.53
CA LEU I 332 -58.15 -2.11 -7.43
C LEU I 332 -57.06 -3.16 -7.71
N GLN I 333 -57.43 -4.24 -8.41
CA GLN I 333 -56.50 -5.32 -8.74
C GLN I 333 -55.51 -4.91 -9.82
N ILE I 334 -56.02 -4.23 -10.83
CA ILE I 334 -55.18 -3.76 -11.91
C ILE I 334 -54.15 -2.82 -11.31
N ASP I 335 -54.53 -2.08 -10.28
CA ASP I 335 -53.61 -1.17 -9.66
C ASP I 335 -52.64 -1.94 -8.80
N ALA I 336 -53.10 -3.04 -8.23
CA ALA I 336 -52.22 -3.85 -7.41
C ALA I 336 -51.05 -4.22 -8.31
N LYS I 337 -51.32 -4.25 -9.61
CA LYS I 337 -50.30 -4.59 -10.60
C LYS I 337 -49.53 -3.35 -11.06
N ARG I 338 -49.99 -2.76 -12.17
CA ARG I 338 -49.39 -1.56 -12.74
C ARG I 338 -48.96 -0.48 -11.76
N GLN I 339 -49.57 -0.46 -10.57
CA GLN I 339 -49.22 0.51 -9.53
C GLN I 339 -49.16 1.95 -10.02
N PHE I 340 -50.03 2.31 -10.96
CA PHE I 340 -50.04 3.67 -11.51
C PHE I 340 -50.44 4.78 -10.52
N ILE I 341 -51.09 4.42 -9.42
CA ILE I 341 -51.47 5.44 -8.45
C ILE I 341 -50.20 5.91 -7.78
N ASN I 342 -49.41 4.95 -7.32
CA ASN I 342 -48.14 5.23 -6.67
C ASN I 342 -47.29 6.02 -7.65
N LEU I 343 -47.22 5.53 -8.88
CA LEU I 343 -46.45 6.20 -9.90
C LEU I 343 -46.82 7.67 -9.97
N SER I 344 -48.08 8.00 -9.68
CA SER I 344 -48.53 9.38 -9.74
C SER I 344 -48.10 10.17 -8.52
N LEU I 345 -48.28 9.57 -7.35
CA LEU I 345 -47.90 10.21 -6.09
C LEU I 345 -46.41 10.54 -6.08
N ASP I 346 -45.57 9.52 -6.15
CA ASP I 346 -44.13 9.75 -6.12
C ASP I 346 -43.64 10.72 -7.20
N GLY I 348 -45.62 13.15 -8.50
CA GLY I 348 -46.18 14.46 -8.19
C GLY I 348 -45.39 15.14 -7.10
N TYR I 349 -45.03 14.38 -6.08
CA TYR I 349 -44.26 14.93 -4.97
C TYR I 349 -42.82 15.22 -5.32
N TYR I 350 -42.32 14.62 -6.39
CA TYR I 350 -40.94 14.84 -6.80
C TYR I 350 -40.88 16.21 -7.45
N ALA I 351 -41.86 16.48 -8.29
CA ALA I 351 -41.90 17.75 -8.97
C ALA I 351 -42.57 18.80 -8.10
N LYS I 352 -43.14 18.38 -6.98
CA LYS I 352 -43.85 19.29 -6.08
C LYS I 352 -45.03 19.99 -6.78
N ILE I 353 -45.98 19.20 -7.29
CA ILE I 353 -47.14 19.78 -7.95
C ILE I 353 -48.42 19.03 -7.60
N GLN I 354 -49.56 19.54 -8.06
CA GLN I 354 -50.86 18.89 -7.80
C GLN I 354 -50.80 17.52 -8.46
N ILE I 355 -51.14 16.49 -7.71
CA ILE I 355 -51.05 15.14 -8.27
C ILE I 355 -51.71 15.01 -9.64
N GLN I 356 -52.86 15.62 -9.83
CA GLN I 356 -53.53 15.47 -11.13
C GLN I 356 -52.74 16.01 -12.31
N SER I 357 -51.70 16.79 -12.04
CA SER I 357 -50.91 17.37 -13.12
C SER I 357 -49.92 16.37 -13.70
N VAL I 358 -49.78 15.24 -13.02
CA VAL I 358 -48.90 14.17 -13.48
C VAL I 358 -49.27 13.82 -14.93
N PHE I 359 -50.42 14.30 -15.39
CA PHE I 359 -50.87 14.04 -16.76
C PHE I 359 -50.25 15.03 -17.73
N SER I 360 -49.59 16.05 -17.21
CA SER I 360 -48.97 17.03 -18.10
C SER I 360 -47.45 17.03 -18.03
N PRO I 361 -46.78 16.76 -19.16
CA PRO I 361 -45.32 16.73 -19.21
C PRO I 361 -44.80 18.12 -18.90
N ILE I 362 -45.45 19.10 -19.52
CA ILE I 362 -45.10 20.51 -19.34
C ILE I 362 -45.17 20.88 -17.86
N LYS I 363 -46.37 20.87 -17.29
CA LYS I 363 -46.54 21.21 -15.88
C LYS I 363 -45.53 20.56 -14.94
N THR I 364 -45.25 19.28 -15.15
CA THR I 364 -44.29 18.54 -14.32
C THR I 364 -42.85 19.09 -14.44
N TRP I 365 -42.36 19.25 -15.66
CA TRP I 365 -41.01 19.78 -15.88
C TRP I 365 -40.87 21.25 -15.47
N ASP I 366 -41.94 22.03 -15.70
CA ASP I 366 -41.91 23.42 -15.34
C ASP I 366 -41.76 23.44 -13.84
N ALA I 367 -42.42 22.50 -13.19
CA ALA I 367 -42.34 22.44 -11.74
C ALA I 367 -40.95 22.01 -11.28
N ILE I 368 -40.37 21.02 -11.95
CA ILE I 368 -39.04 20.52 -11.60
C ILE I 368 -37.95 21.58 -11.81
N ILE I 369 -38.00 22.25 -12.95
CA ILE I 369 -37.04 23.28 -13.28
C ILE I 369 -37.17 24.49 -12.36
N PHE I 370 -38.40 24.95 -12.16
CA PHE I 370 -38.66 26.09 -11.29
C PHE I 370 -38.04 25.89 -9.92
N ASN I 371 -38.17 24.69 -9.37
CA ASN I 371 -37.61 24.41 -8.05
C ASN I 371 -36.08 24.44 -8.03
N SER I 372 -35.43 23.97 -9.09
CA SER I 372 -33.96 23.97 -9.18
C SER I 372 -33.46 25.41 -9.20
N LEU I 373 -33.89 26.16 -10.21
CA LEU I 373 -33.50 27.54 -10.38
C LEU I 373 -33.75 28.36 -9.12
N LYS I 374 -34.84 28.06 -8.44
CA LYS I 374 -35.19 28.79 -7.22
C LYS I 374 -34.11 28.56 -6.15
N GLU I 375 -33.63 27.32 -6.01
CA GLU I 375 -32.60 27.04 -5.01
C GLU I 375 -31.36 27.92 -5.22
N GLN I 376 -31.09 28.28 -6.46
CA GLN I 376 -29.94 29.11 -6.75
C GLN I 376 -30.34 30.51 -7.15
N ASN I 377 -31.29 31.07 -6.41
CA ASN I 377 -31.77 32.43 -6.64
C ASN I 377 -31.95 32.87 -8.08
N LYS I 378 -32.33 31.96 -8.97
CA LYS I 378 -32.53 32.34 -10.37
C LYS I 378 -34.03 32.49 -10.68
N VAL I 379 -34.39 33.39 -11.60
CA VAL I 379 -35.80 33.57 -11.93
C VAL I 379 -36.15 32.98 -13.30
N ILE I 380 -37.18 32.15 -13.31
CA ILE I 380 -37.62 31.50 -14.53
C ILE I 380 -38.17 32.52 -15.53
N PRO I 381 -38.10 32.18 -16.82
CA PRO I 381 -38.56 33.01 -17.95
C PRO I 381 -40.06 33.21 -17.86
N GLN I 382 -40.55 34.24 -18.54
CA GLN I 382 -41.97 34.50 -18.52
C GLN I 382 -42.60 33.62 -19.59
N GLY I 383 -43.71 32.97 -19.26
CA GLY I 383 -44.36 32.15 -20.26
C GLY I 383 -44.70 33.03 -21.45
N ARG I 384 -44.08 32.77 -22.59
CA ARG I 384 -44.36 33.57 -23.77
C ARG I 384 -45.25 32.74 -24.70
N SER I 385 -46.00 33.39 -25.58
CA SER I 385 -46.88 32.66 -26.49
C SER I 385 -46.18 32.43 -27.82
N HIS I 386 -46.46 31.29 -28.44
CA HIS I 386 -45.83 30.95 -29.71
C HIS I 386 -46.77 30.31 -30.72
N PRO I 387 -46.67 30.73 -31.99
CA PRO I 387 -47.51 30.19 -33.05
C PRO I 387 -47.15 28.73 -33.31
N VAL I 388 -48.13 27.83 -33.34
CA VAL I 388 -47.84 26.43 -33.59
C VAL I 388 -47.24 26.29 -34.99
N GLN I 389 -45.92 26.27 -35.04
CA GLN I 389 -45.16 26.17 -36.28
C GLN I 389 -44.53 24.80 -36.36
N PRO I 390 -45.12 23.89 -37.14
CA PRO I 390 -44.57 22.53 -37.27
C PRO I 390 -43.13 22.55 -37.81
N TYR I 391 -42.26 21.77 -37.18
CA TYR I 391 -40.86 21.67 -37.58
C TYR I 391 -40.50 20.25 -37.98
N PRO I 392 -39.38 20.06 -38.68
CA PRO I 392 -39.01 18.70 -39.07
C PRO I 392 -38.75 17.77 -37.88
N GLY I 393 -38.88 16.46 -38.11
CA GLY I 393 -38.68 15.49 -37.05
C GLY I 393 -37.64 14.42 -37.37
N ALA I 394 -37.94 13.18 -37.00
CA ALA I 394 -37.03 12.06 -37.23
C ALA I 394 -36.97 11.58 -38.67
N PHE I 395 -35.78 11.12 -39.07
CA PHE I 395 -35.55 10.59 -40.42
C PHE I 395 -35.91 9.11 -40.47
N VAL I 396 -36.66 8.73 -41.50
CA VAL I 396 -37.06 7.33 -41.69
C VAL I 396 -36.69 6.88 -43.09
N LYS I 397 -35.74 5.95 -43.17
CA LYS I 397 -35.28 5.45 -44.47
C LYS I 397 -36.32 4.61 -45.21
N GLU I 398 -36.55 4.96 -46.47
CA GLU I 398 -37.50 4.24 -47.31
C GLU I 398 -36.81 2.91 -47.61
N PRO I 399 -37.35 1.82 -47.07
CA PRO I 399 -36.74 0.51 -47.30
C PRO I 399 -37.11 -0.06 -48.66
N ILE I 400 -36.23 -0.91 -49.18
CA ILE I 400 -36.50 -1.58 -50.45
C ILE I 400 -37.37 -2.78 -50.07
N PRO I 401 -38.64 -2.79 -50.50
CA PRO I 401 -39.52 -3.92 -50.16
C PRO I 401 -38.87 -5.22 -50.61
N ASN I 402 -38.63 -6.13 -49.67
CA ASN I 402 -37.96 -7.36 -50.05
C ASN I 402 -37.84 -8.24 -48.83
N ARG I 403 -37.24 -9.42 -49.00
CA ARG I 403 -37.02 -10.33 -47.89
C ARG I 403 -35.59 -10.10 -47.44
N TYR I 404 -35.34 -10.39 -46.17
CA TYR I 404 -34.03 -10.21 -45.59
C TYR I 404 -33.80 -11.41 -44.69
N LYS I 405 -32.78 -12.19 -45.00
CA LYS I 405 -32.48 -13.40 -44.24
C LYS I 405 -31.92 -13.19 -42.85
N TYR I 406 -30.81 -12.47 -42.77
CA TYR I 406 -30.15 -12.20 -41.49
C TYR I 406 -30.16 -10.73 -41.20
N VAL I 407 -30.60 -10.38 -40.00
CA VAL I 407 -30.67 -8.97 -39.62
C VAL I 407 -30.13 -8.72 -38.22
N SER I 409 -30.27 -5.44 -35.57
CA SER I 409 -30.75 -4.10 -35.28
C SER I 409 -29.97 -3.46 -34.15
N PHE I 410 -29.79 -2.14 -34.25
CA PHE I 410 -29.07 -1.37 -33.25
C PHE I 410 -29.88 -0.12 -32.91
N ASP I 411 -29.81 0.30 -31.65
CA ASP I 411 -30.55 1.48 -31.21
C ASP I 411 -29.69 2.43 -30.42
N LEU I 412 -30.05 3.70 -30.44
CA LEU I 412 -29.33 4.72 -29.70
C LEU I 412 -30.04 4.93 -28.37
N THR I 413 -29.26 5.20 -27.33
CA THR I 413 -29.80 5.40 -26.00
C THR I 413 -30.40 6.80 -25.88
N SER I 414 -31.64 6.87 -25.38
CA SER I 414 -32.37 8.13 -25.18
C SER I 414 -31.89 9.20 -26.12
N LEU I 415 -32.00 8.93 -27.41
CA LEU I 415 -31.52 9.86 -28.40
C LEU I 415 -31.76 11.33 -28.11
N TYR I 416 -33.01 11.74 -28.01
CA TYR I 416 -33.28 13.16 -27.82
C TYR I 416 -32.75 13.76 -26.54
N PRO I 417 -32.97 13.10 -25.40
CA PRO I 417 -32.40 13.73 -24.20
C PRO I 417 -30.89 13.84 -24.36
N SER I 418 -30.28 12.80 -24.94
CA SER I 418 -28.83 12.76 -25.16
C SER I 418 -28.31 13.91 -26.01
N ILE I 419 -28.98 14.18 -27.12
CA ILE I 419 -28.57 15.26 -28.01
C ILE I 419 -28.61 16.60 -27.32
N ILE I 420 -29.56 16.77 -26.41
CA ILE I 420 -29.72 18.01 -25.67
C ILE I 420 -28.50 18.23 -24.78
N ARG I 421 -28.01 17.12 -24.21
CA ARG I 421 -26.85 17.15 -23.35
C ARG I 421 -25.58 17.35 -24.17
N GLN I 422 -25.41 16.51 -25.19
CA GLN I 422 -24.24 16.59 -26.04
C GLN I 422 -24.04 17.93 -26.73
N VAL I 423 -25.11 18.50 -27.28
CA VAL I 423 -24.96 19.78 -27.97
C VAL I 423 -25.08 20.93 -26.98
N ASN I 424 -25.66 20.64 -25.81
CA ASN I 424 -25.88 21.64 -24.77
C ASN I 424 -26.91 22.67 -25.24
N ILE I 425 -28.06 22.17 -25.67
CA ILE I 425 -29.18 22.99 -26.14
C ILE I 425 -30.06 23.48 -24.99
N SER I 426 -30.31 24.79 -24.95
CA SER I 426 -31.12 25.37 -23.89
C SER I 426 -31.43 26.80 -24.32
N PRO I 427 -32.56 27.36 -23.87
CA PRO I 427 -32.83 28.74 -24.30
C PRO I 427 -31.74 29.78 -23.99
N GLU I 428 -30.99 29.60 -22.90
CA GLU I 428 -29.97 30.60 -22.60
C GLU I 428 -28.58 30.25 -23.11
N THR I 429 -28.39 29.11 -23.76
CA THR I 429 -27.06 28.78 -24.25
C THR I 429 -26.89 29.11 -25.72
N ILE I 430 -27.92 29.70 -26.34
CA ILE I 430 -27.82 30.05 -27.75
C ILE I 430 -26.69 31.07 -27.92
N ALA I 431 -25.73 30.72 -28.75
CA ALA I 431 -24.59 31.60 -28.98
C ALA I 431 -24.65 32.27 -30.34
N GLY I 432 -25.13 31.56 -31.36
CA GLY I 432 -25.20 32.17 -32.67
C GLY I 432 -25.59 31.22 -33.78
N THR I 433 -25.40 31.64 -35.02
CA THR I 433 -25.76 30.78 -36.14
C THR I 433 -24.59 30.63 -37.08
N PHE I 434 -24.83 29.95 -38.19
CA PHE I 434 -23.77 29.76 -39.18
C PHE I 434 -24.37 29.30 -40.48
N LYS I 435 -23.73 29.67 -41.59
CA LYS I 435 -24.17 29.30 -42.93
C LYS I 435 -24.45 27.80 -43.02
N VAL I 436 -25.73 27.43 -43.16
CA VAL I 436 -26.10 26.02 -43.22
C VAL I 436 -25.97 25.37 -44.61
N ALA I 437 -25.26 24.26 -44.65
CA ALA I 437 -25.06 23.52 -45.88
C ALA I 437 -26.10 22.42 -45.94
N PRO I 438 -26.29 21.84 -47.12
CA PRO I 438 -27.28 20.77 -47.24
C PRO I 438 -27.00 19.68 -46.22
N LEU I 439 -28.03 19.29 -45.46
CA LEU I 439 -27.90 18.24 -44.45
C LEU I 439 -26.98 17.11 -44.91
N HIS I 440 -27.11 16.70 -46.16
CA HIS I 440 -26.27 15.64 -46.69
C HIS I 440 -24.78 15.95 -46.67
N ASP I 441 -24.43 17.20 -46.94
CA ASP I 441 -23.02 17.59 -46.92
C ASP I 441 -22.43 17.40 -45.52
N TYR I 442 -23.30 17.30 -44.51
CA TYR I 442 -22.87 17.09 -43.13
C TYR I 442 -22.77 15.59 -42.85
N ILE I 443 -23.69 14.82 -43.41
CA ILE I 443 -23.70 13.39 -43.22
C ILE I 443 -22.49 12.74 -43.90
N ASN I 444 -22.13 13.22 -45.08
CA ASN I 444 -20.98 12.63 -45.76
C ASN I 444 -19.70 13.35 -45.34
N ALA I 445 -19.83 14.21 -44.34
CA ALA I 445 -18.67 14.93 -43.83
C ALA I 445 -17.90 15.68 -44.91
N VAL I 446 -18.59 16.45 -45.73
CA VAL I 446 -17.91 17.19 -46.79
C VAL I 446 -18.19 18.68 -46.67
N ALA I 447 -18.97 19.07 -45.66
CA ALA I 447 -19.29 20.46 -45.46
C ALA I 447 -18.23 21.11 -44.59
N GLU I 448 -18.15 22.43 -44.63
CA GLU I 448 -17.18 23.13 -43.81
C GLU I 448 -17.55 22.95 -42.35
N ARG I 449 -16.55 22.84 -41.48
CA ARG I 449 -16.82 22.67 -40.05
C ARG I 449 -17.54 23.93 -39.56
N PRO I 450 -18.76 23.78 -39.04
CA PRO I 450 -19.59 24.88 -38.52
C PRO I 450 -18.79 25.93 -37.77
N SER I 451 -18.05 25.49 -36.76
CA SER I 451 -17.22 26.40 -35.97
C SER I 451 -16.30 25.64 -35.04
N ASP I 452 -15.26 26.32 -34.58
CA ASP I 452 -14.31 25.70 -33.67
C ASP I 452 -14.38 26.34 -32.29
N VAL I 453 -15.50 26.99 -32.01
CA VAL I 453 -15.68 27.65 -30.73
C VAL I 453 -16.98 27.25 -30.02
N TYR I 454 -18.00 26.93 -30.81
CA TYR I 454 -19.32 26.59 -30.29
C TYR I 454 -19.86 25.18 -30.62
N SER I 455 -20.69 24.62 -29.73
CA SER I 455 -21.27 23.30 -29.99
C SER I 455 -22.33 23.54 -31.06
N CYS I 456 -22.32 22.71 -32.09
CA CYS I 456 -23.24 22.94 -33.18
C CYS I 456 -24.28 21.92 -33.56
N SER I 457 -25.22 22.39 -34.36
CA SER I 457 -26.29 21.56 -34.86
C SER I 457 -26.49 21.88 -36.34
N PRO I 458 -26.74 20.85 -37.15
CA PRO I 458 -26.97 20.93 -38.59
C PRO I 458 -27.96 22.00 -39.06
N ASN I 459 -28.88 22.44 -38.19
CA ASN I 459 -29.85 23.45 -38.61
C ASN I 459 -29.25 24.85 -38.54
N GLY I 460 -27.98 24.94 -38.16
CA GLY I 460 -27.32 26.24 -38.09
C GLY I 460 -27.29 26.88 -36.72
N TYR I 463 -24.29 26.61 -29.86
CA TYR I 463 -24.45 26.77 -28.42
C TYR I 463 -23.14 26.92 -27.66
N TYR I 464 -23.16 27.65 -26.55
CA TYR I 464 -21.96 27.84 -25.73
C TYR I 464 -21.50 26.48 -25.24
N LYS I 465 -20.19 26.26 -25.26
CA LYS I 465 -19.62 25.00 -24.85
C LYS I 465 -19.21 25.03 -23.38
N ASP I 466 -18.95 26.24 -22.88
CA ASP I 466 -18.52 26.45 -21.51
C ASP I 466 -19.67 26.41 -20.50
N ARG I 467 -20.45 27.48 -20.44
CA ARG I 467 -21.58 27.56 -19.53
C ARG I 467 -22.45 26.31 -19.56
N ASP I 468 -23.05 25.99 -18.42
CA ASP I 468 -23.93 24.83 -18.31
C ASP I 468 -25.36 25.25 -18.60
N GLY I 469 -26.02 24.56 -19.53
CA GLY I 469 -27.38 24.91 -19.87
C GLY I 469 -28.39 24.50 -18.80
N VAL I 470 -29.45 25.28 -18.66
CA VAL I 470 -30.47 24.96 -17.68
C VAL I 470 -31.16 23.63 -18.00
N VAL I 471 -31.61 23.47 -19.23
CA VAL I 471 -32.28 22.23 -19.57
C VAL I 471 -31.31 21.06 -19.43
N PRO I 472 -30.22 21.05 -20.23
CA PRO I 472 -29.26 19.94 -20.13
C PRO I 472 -28.86 19.58 -18.70
N THR I 473 -28.63 20.57 -17.86
CA THR I 473 -28.23 20.28 -16.49
C THR I 473 -29.32 19.44 -15.82
N GLU I 474 -30.57 19.90 -15.93
CA GLU I 474 -31.70 19.21 -15.32
C GLU I 474 -31.90 17.78 -15.81
N ILE I 475 -31.71 17.55 -17.10
CA ILE I 475 -31.89 16.19 -17.60
C ILE I 475 -30.82 15.34 -16.94
N THR I 476 -29.56 15.78 -17.10
CA THR I 476 -28.40 15.11 -16.55
C THR I 476 -28.64 14.72 -15.10
N LYS I 477 -29.23 15.64 -14.33
CA LYS I 477 -29.51 15.38 -12.93
C LYS I 477 -30.38 14.12 -12.80
N VAL I 478 -31.47 14.09 -13.57
CA VAL I 478 -32.38 12.96 -13.57
C VAL I 478 -31.66 11.69 -14.02
N PHE I 479 -30.83 11.82 -15.05
CA PHE I 479 -30.06 10.67 -15.52
C PHE I 479 -29.18 10.17 -14.38
N ASN I 480 -28.49 11.10 -13.72
CA ASN I 480 -27.63 10.73 -12.62
C ASN I 480 -28.43 10.08 -11.48
N GLN I 481 -29.67 10.53 -11.27
CA GLN I 481 -30.50 9.96 -10.22
C GLN I 481 -30.92 8.54 -10.55
N ARG I 482 -31.27 8.32 -11.82
CA ARG I 482 -31.69 7.01 -12.26
C ARG I 482 -30.56 6.03 -11.97
N LYS I 483 -29.33 6.51 -12.15
CA LYS I 483 -28.15 5.69 -11.92
C LYS I 483 -27.89 5.45 -10.44
N GLU I 484 -27.94 6.50 -9.61
CA GLU I 484 -27.69 6.31 -8.20
C GLU I 484 -28.73 5.39 -7.58
N HIS I 485 -29.86 5.21 -8.26
CA HIS I 485 -30.91 4.33 -7.74
C HIS I 485 -30.71 2.90 -8.19
N LYS I 486 -30.18 2.70 -9.38
CA LYS I 486 -29.92 1.34 -9.83
C LYS I 486 -28.85 0.83 -8.87
N GLY I 487 -28.09 1.77 -8.32
CA GLY I 487 -27.03 1.42 -7.39
C GLY I 487 -27.60 0.92 -6.07
N TYR I 488 -28.70 1.54 -5.65
CA TYR I 488 -29.36 1.15 -4.41
C TYR I 488 -30.10 -0.16 -4.65
N LEU I 490 -29.09 -2.83 -7.52
CA LEU I 490 -28.12 -3.89 -7.83
C LEU I 490 -27.26 -4.25 -6.63
N ALA I 491 -27.50 -3.56 -5.52
CA ALA I 491 -26.77 -3.80 -4.28
C ALA I 491 -27.71 -4.46 -3.29
N ALA I 492 -28.92 -3.90 -3.16
CA ALA I 492 -29.92 -4.42 -2.26
C ALA I 492 -30.38 -5.80 -2.75
N GLN I 493 -29.71 -6.29 -3.79
CA GLN I 493 -30.01 -7.59 -4.37
C GLN I 493 -28.93 -8.56 -3.92
N ARG I 494 -27.74 -8.01 -3.66
CA ARG I 494 -26.61 -8.80 -3.22
C ARG I 494 -26.61 -8.83 -1.69
N ASN I 495 -26.90 -7.69 -1.08
CA ASN I 495 -26.95 -7.61 0.38
C ASN I 495 -28.10 -8.48 0.87
N GLY I 496 -28.99 -8.83 -0.05
CA GLY I 496 -30.13 -9.67 0.29
C GLY I 496 -29.77 -11.13 0.18
N GLU I 497 -28.63 -11.41 -0.45
CA GLU I 497 -28.14 -12.78 -0.62
C GLU I 497 -27.37 -13.24 0.62
N ILE I 498 -26.70 -12.28 1.27
CA ILE I 498 -25.93 -12.57 2.47
C ILE I 498 -26.91 -12.78 3.63
N ILE I 499 -28.19 -12.56 3.35
CA ILE I 499 -29.25 -12.72 4.34
C ILE I 499 -30.15 -13.89 3.95
N LYS I 500 -30.15 -14.24 2.66
CA LYS I 500 -30.95 -15.34 2.16
C LYS I 500 -30.53 -16.67 2.79
N GLU I 501 -29.31 -16.71 3.32
CA GLU I 501 -28.79 -17.92 3.95
C GLU I 501 -29.43 -18.14 5.32
N ALA I 502 -30.75 -18.22 5.34
CA ALA I 502 -31.51 -18.43 6.58
C ALA I 502 -31.56 -19.90 6.95
N LEU I 503 -31.58 -20.77 5.95
CA LEU I 503 -31.63 -22.21 6.19
C LEU I 503 -30.37 -22.89 5.67
N HIS I 504 -29.57 -22.17 4.90
CA HIS I 504 -28.32 -22.71 4.35
C HIS I 504 -27.33 -22.98 5.49
N ASN I 505 -27.35 -22.11 6.50
CA ASN I 505 -26.47 -22.22 7.66
C ASN I 505 -27.06 -21.38 8.79
N PRO I 506 -28.25 -21.78 9.30
CA PRO I 506 -28.94 -21.07 10.38
C PRO I 506 -28.23 -21.08 11.73
N ASN I 507 -28.60 -20.13 12.58
CA ASN I 507 -28.02 -20.00 13.92
C ASN I 507 -29.17 -19.96 14.91
N LEU I 508 -28.95 -19.34 16.06
CA LEU I 508 -29.99 -19.24 17.08
C LEU I 508 -30.00 -17.88 17.78
N SER I 509 -30.12 -17.89 19.11
CA SER I 509 -30.15 -16.65 19.90
C SER I 509 -31.34 -15.80 19.47
N VAL I 510 -32.44 -15.94 20.21
CA VAL I 510 -33.67 -15.21 19.91
C VAL I 510 -33.64 -13.74 20.35
N ASP I 511 -33.77 -12.84 19.38
CA ASP I 511 -33.78 -11.40 19.63
C ASP I 511 -34.32 -10.61 18.43
N GLU I 512 -34.30 -9.28 18.54
CA GLU I 512 -34.79 -8.39 17.49
C GLU I 512 -33.90 -8.40 16.24
N PRO I 513 -34.52 -8.35 15.04
CA PRO I 513 -33.81 -8.35 13.76
C PRO I 513 -32.72 -7.29 13.66
N LEU I 514 -31.53 -7.70 13.22
CA LEU I 514 -30.38 -6.81 13.10
C LEU I 514 -30.73 -5.48 12.43
N ASP I 515 -30.29 -4.39 13.05
CA ASP I 515 -30.54 -3.05 12.54
C ASP I 515 -29.43 -2.57 11.61
N VAL I 516 -29.73 -2.51 10.31
CA VAL I 516 -28.76 -2.07 9.31
C VAL I 516 -29.47 -1.50 8.07
N ASP I 517 -28.77 -0.65 7.31
CA ASP I 517 -29.33 -0.04 6.11
C ASP I 517 -29.20 -1.01 4.92
N TYR I 518 -30.33 -1.62 4.55
CA TYR I 518 -30.36 -2.57 3.46
C TYR I 518 -30.01 -1.91 2.13
N ARG I 519 -30.29 -0.62 2.01
CA ARG I 519 -29.96 0.09 0.78
C ARG I 519 -28.44 0.02 0.61
N PHE I 520 -27.76 1.06 1.08
CA PHE I 520 -26.30 1.12 0.99
C PHE I 520 -25.67 -0.23 1.30
N ASP I 521 -24.61 -0.55 0.57
CA ASP I 521 -23.91 -1.81 0.74
C ASP I 521 -23.56 -2.08 2.20
N PHE I 522 -23.65 -3.34 2.61
CA PHE I 522 -23.36 -3.75 3.98
C PHE I 522 -21.91 -3.48 4.39
N SER I 523 -21.64 -3.66 5.68
CA SER I 523 -20.31 -3.45 6.24
C SER I 523 -19.66 -4.78 6.62
N ASP I 524 -18.35 -4.76 6.83
CA ASP I 524 -17.64 -5.97 7.20
C ASP I 524 -17.89 -6.21 8.69
N GLU I 525 -18.12 -5.13 9.43
CA GLU I 525 -18.39 -5.20 10.86
C GLU I 525 -19.82 -5.69 11.08
N ILE I 526 -20.58 -5.76 10.00
CA ILE I 526 -21.96 -6.22 10.06
C ILE I 526 -22.07 -7.56 9.35
N LYS I 527 -21.19 -7.79 8.39
CA LYS I 527 -21.17 -9.04 7.64
C LYS I 527 -20.74 -10.15 8.61
N GLU I 528 -19.83 -9.81 9.50
CA GLU I 528 -19.31 -10.74 10.51
C GLU I 528 -20.23 -10.67 11.73
N LYS I 529 -21.15 -9.71 11.69
CA LYS I 529 -22.10 -9.51 12.78
C LYS I 529 -23.36 -10.36 12.62
N ILE I 530 -23.62 -10.80 11.38
CA ILE I 530 -24.79 -11.62 11.08
C ILE I 530 -24.56 -13.11 11.37
N LYS I 531 -23.44 -13.42 12.00
CA LYS I 531 -23.10 -14.81 12.36
C LYS I 531 -23.97 -15.25 13.53
N LYS I 532 -23.85 -14.55 14.66
CA LYS I 532 -24.63 -14.86 15.85
C LYS I 532 -26.00 -14.20 15.76
N LEU I 533 -26.77 -14.60 14.75
CA LEU I 533 -28.10 -14.06 14.54
C LEU I 533 -29.14 -15.16 14.34
N SER I 534 -30.34 -14.92 14.87
CA SER I 534 -31.45 -15.86 14.77
C SER I 534 -31.95 -16.02 13.33
N ALA I 535 -32.11 -17.27 12.90
CA ALA I 535 -32.57 -17.58 11.56
C ALA I 535 -34.05 -17.23 11.38
N LYS I 536 -34.75 -17.12 12.50
CA LYS I 536 -36.16 -16.78 12.50
C LYS I 536 -36.36 -15.28 12.21
N SER I 537 -35.63 -14.45 12.95
CA SER I 537 -35.71 -13.00 12.79
C SER I 537 -34.95 -12.59 11.53
N LEU I 538 -34.05 -13.46 11.10
CA LEU I 538 -33.24 -13.22 9.91
C LEU I 538 -34.13 -13.00 8.71
N ASN I 539 -35.36 -13.49 8.78
CA ASN I 539 -36.31 -13.34 7.69
C ASN I 539 -36.76 -11.90 7.48
N GLU I 540 -36.94 -11.16 8.56
CA GLU I 540 -37.35 -9.76 8.44
C GLU I 540 -36.24 -8.92 7.81
N LEU I 542 -34.72 -9.81 5.40
CA LEU I 542 -34.79 -10.17 3.98
C LEU I 542 -36.06 -9.58 3.39
N PHE I 543 -36.99 -9.20 4.26
CA PHE I 543 -38.25 -8.58 3.87
C PHE I 543 -37.94 -7.16 3.43
N ARG I 544 -36.97 -6.55 4.11
CA ARG I 544 -36.54 -5.20 3.81
C ARG I 544 -35.48 -5.24 2.72
N ALA I 545 -34.72 -6.33 2.67
CA ALA I 545 -33.68 -6.49 1.66
C ALA I 545 -34.35 -6.64 0.30
N GLN I 546 -35.48 -7.35 0.27
CA GLN I 546 -36.24 -7.56 -0.96
C GLN I 546 -37.07 -6.31 -1.25
N ARG I 547 -37.50 -5.64 -0.18
CA ARG I 547 -38.30 -4.43 -0.26
C ARG I 547 -37.51 -3.28 -0.89
N THR I 548 -36.32 -3.04 -0.37
CA THR I 548 -35.44 -1.99 -0.87
C THR I 548 -35.15 -2.14 -2.35
N GLU I 549 -34.89 -3.37 -2.78
CA GLU I 549 -34.60 -3.65 -4.18
C GLU I 549 -35.75 -3.16 -5.06
N VAL I 550 -36.96 -3.49 -4.63
CA VAL I 550 -38.16 -3.09 -5.37
C VAL I 550 -38.31 -1.58 -5.27
N ALA I 551 -38.09 -1.03 -4.08
CA ALA I 551 -38.18 0.41 -3.85
C ALA I 551 -37.27 1.11 -4.85
N GLY I 552 -36.18 0.44 -5.20
CA GLY I 552 -35.24 0.99 -6.15
C GLY I 552 -35.81 0.88 -7.55
N THR I 554 -38.77 0.73 -8.39
CA THR I 554 -39.89 1.65 -8.49
C THR I 554 -39.38 3.09 -8.38
N ALA I 555 -38.10 3.27 -8.71
CA ALA I 555 -37.46 4.59 -8.66
C ALA I 555 -36.95 5.04 -10.03
N GLN I 556 -36.28 4.15 -10.75
CA GLN I 556 -35.74 4.47 -12.08
C GLN I 556 -36.86 4.66 -13.09
N ILE I 557 -37.88 3.83 -13.00
CA ILE I 557 -39.04 3.88 -13.90
C ILE I 557 -39.58 5.30 -13.97
N ASN I 558 -39.74 5.94 -12.82
CA ASN I 558 -40.24 7.30 -12.77
C ASN I 558 -39.26 8.27 -13.45
N ARG I 559 -37.97 8.02 -13.25
CA ARG I 559 -36.92 8.86 -13.82
C ARG I 559 -36.84 8.76 -15.34
N LYS I 560 -37.05 7.56 -15.86
CA LYS I 560 -37.00 7.38 -17.31
C LYS I 560 -38.26 7.97 -17.92
N LEU I 561 -39.34 7.99 -17.13
CA LEU I 561 -40.60 8.57 -17.56
C LEU I 561 -40.39 10.06 -17.77
N LEU I 562 -39.72 10.70 -16.82
CA LEU I 562 -39.41 12.13 -16.94
C LEU I 562 -38.50 12.36 -18.13
N ILE I 563 -37.40 11.60 -18.17
CA ILE I 563 -36.46 11.72 -19.25
C ILE I 563 -37.19 11.66 -20.58
N ASN I 564 -38.01 10.63 -20.76
CA ASN I 564 -38.74 10.47 -21.99
C ASN I 564 -39.81 11.53 -22.27
N SER I 565 -40.34 12.14 -21.22
CA SER I 565 -41.36 13.15 -21.43
C SER I 565 -40.75 14.53 -21.37
N LEU I 566 -39.57 14.72 -21.95
CA LEU I 566 -38.97 16.04 -21.93
C LEU I 566 -39.03 16.71 -23.28
N TYR I 567 -38.57 15.99 -24.31
CA TYR I 567 -38.59 16.51 -25.67
C TYR I 567 -39.96 17.07 -26.01
N GLY I 568 -41.01 16.32 -25.66
CA GLY I 568 -42.37 16.75 -25.95
C GLY I 568 -42.61 18.12 -25.35
N ALA I 569 -42.38 18.23 -24.04
CA ALA I 569 -42.55 19.51 -23.39
C ALA I 569 -41.77 20.53 -24.21
N LEU I 570 -40.44 20.35 -24.28
CA LEU I 570 -39.59 21.26 -25.03
C LEU I 570 -40.06 21.56 -26.44
N GLY I 571 -40.81 20.65 -27.04
CA GLY I 571 -41.29 20.90 -28.39
C GLY I 571 -42.67 21.50 -28.37
N ASN I 572 -43.20 21.72 -27.17
CA ASN I 572 -44.54 22.27 -26.99
C ASN I 572 -44.51 23.77 -26.68
N VAL I 573 -45.06 24.56 -27.59
CA VAL I 573 -45.08 26.01 -27.46
C VAL I 573 -45.59 26.55 -26.12
N TRP I 574 -46.49 25.84 -25.47
CA TRP I 574 -47.00 26.29 -24.18
C TRP I 574 -45.96 26.11 -23.07
N PHE I 575 -44.80 25.59 -23.43
CA PHE I 575 -43.74 25.36 -22.46
C PHE I 575 -42.88 26.61 -22.25
N ARG I 576 -42.60 26.90 -20.98
CA ARG I 576 -41.81 28.06 -20.59
C ARG I 576 -40.46 28.15 -21.33
N TYR I 577 -39.80 27.02 -21.47
CA TYR I 577 -38.50 26.95 -22.12
C TYR I 577 -38.52 26.55 -23.57
N TYR I 578 -39.70 26.60 -24.18
CA TYR I 578 -39.81 26.24 -25.57
C TYR I 578 -39.08 27.24 -26.48
N ASP I 579 -38.66 26.77 -27.64
CA ASP I 579 -37.96 27.61 -28.59
C ASP I 579 -37.89 26.78 -29.84
N LEU I 580 -38.47 27.34 -30.89
CA LEU I 580 -38.55 26.66 -32.17
C LEU I 580 -37.19 26.29 -32.73
N ARG I 581 -36.22 27.20 -32.64
CA ARG I 581 -34.87 26.93 -33.15
C ARG I 581 -34.21 25.79 -32.38
N ASN I 582 -34.46 25.70 -31.08
CA ASN I 582 -33.86 24.64 -30.28
C ASN I 582 -34.49 23.28 -30.60
N ALA I 583 -35.79 23.28 -30.84
CA ALA I 583 -36.50 22.04 -31.17
C ALA I 583 -35.97 21.48 -32.48
N THR I 584 -35.74 22.37 -33.44
CA THR I 584 -35.26 21.96 -34.74
C THR I 584 -33.79 21.53 -34.66
N ALA I 585 -33.07 22.10 -33.70
CA ALA I 585 -31.67 21.75 -33.49
C ALA I 585 -31.61 20.29 -33.01
N ILE I 586 -32.38 19.97 -31.98
CA ILE I 586 -32.41 18.62 -31.46
C ILE I 586 -32.74 17.60 -32.54
N THR I 587 -33.88 17.84 -33.18
CA THR I 587 -34.42 16.97 -34.20
C THR I 587 -33.58 16.79 -35.47
N THR I 588 -33.03 17.90 -35.99
CA THR I 588 -32.25 17.80 -37.21
C THR I 588 -30.93 17.07 -36.92
N PHE I 589 -30.46 17.22 -35.69
CA PHE I 589 -29.23 16.58 -35.25
C PHE I 589 -29.49 15.08 -35.31
N GLY I 590 -30.63 14.67 -34.76
CA GLY I 590 -30.97 13.26 -34.76
C GLY I 590 -30.86 12.67 -36.16
N GLN I 591 -31.32 13.45 -37.14
CA GLN I 591 -31.29 13.00 -38.53
C GLN I 591 -29.87 12.79 -39.02
N ALA I 593 -27.23 12.38 -37.24
CA ALA I 593 -26.71 11.27 -36.46
C ALA I 593 -27.09 9.92 -37.04
N LEU I 594 -28.38 9.69 -37.26
CA LEU I 594 -28.84 8.41 -37.78
C LEU I 594 -28.33 8.08 -39.18
N GLN I 595 -28.12 9.08 -40.01
CA GLN I 595 -27.64 8.82 -41.37
C GLN I 595 -26.13 8.84 -41.45
N TRP I 596 -25.49 9.49 -40.48
CA TRP I 596 -24.04 9.54 -40.42
C TRP I 596 -23.60 8.15 -40.01
N ILE I 597 -24.25 7.60 -38.98
CA ILE I 597 -23.86 6.27 -38.55
C ILE I 597 -24.15 5.27 -39.68
N GLU I 598 -25.28 5.44 -40.38
CA GLU I 598 -25.64 4.57 -41.49
C GLU I 598 -24.46 4.48 -42.45
N ARG I 599 -23.94 5.64 -42.85
CA ARG I 599 -22.81 5.68 -43.74
C ARG I 599 -21.62 4.89 -43.16
N LYS I 600 -21.23 5.23 -41.93
CA LYS I 600 -20.12 4.57 -41.26
C LYS I 600 -20.30 3.05 -41.24
N VAL I 601 -21.44 2.60 -40.74
CA VAL I 601 -21.68 1.18 -40.70
C VAL I 601 -21.57 0.54 -42.07
N ASN I 602 -21.91 1.27 -43.13
CA ASN I 602 -21.80 0.70 -44.48
C ASN I 602 -20.34 0.72 -44.91
N GLU I 603 -19.68 1.87 -44.77
CA GLU I 603 -18.28 1.97 -45.16
C GLU I 603 -17.49 0.85 -44.53
N TYR I 604 -17.74 0.63 -43.24
CA TYR I 604 -17.04 -0.40 -42.47
C TYR I 604 -17.34 -1.84 -42.91
N LEU I 605 -18.62 -2.19 -43.01
CA LEU I 605 -18.97 -3.55 -43.42
C LEU I 605 -18.51 -3.88 -44.84
N ASN I 606 -18.12 -2.85 -45.60
CA ASN I 606 -17.63 -3.07 -46.96
C ASN I 606 -16.12 -3.31 -46.88
N GLU I 607 -15.45 -2.53 -46.05
CA GLU I 607 -14.01 -2.62 -45.85
C GLU I 607 -13.66 -3.82 -44.97
N VAL I 608 -14.63 -4.69 -44.74
CA VAL I 608 -14.42 -5.87 -43.92
C VAL I 608 -14.88 -7.10 -44.68
N CYS I 609 -15.78 -6.87 -45.64
CA CYS I 609 -16.30 -7.94 -46.47
C CYS I 609 -15.68 -7.85 -47.87
N GLY I 610 -14.84 -6.86 -48.07
CA GLY I 610 -14.19 -6.69 -49.36
C GLY I 610 -15.03 -5.93 -50.38
N THR I 611 -16.35 -6.10 -50.30
CA THR I 611 -17.30 -5.45 -51.21
C THR I 611 -16.92 -3.99 -51.53
N GLU I 612 -17.55 -3.41 -52.54
CA GLU I 612 -17.25 -2.03 -52.95
C GLU I 612 -18.28 -0.99 -52.50
N GLY I 613 -19.56 -1.32 -52.62
CA GLY I 613 -20.60 -0.39 -52.23
C GLY I 613 -21.91 -1.09 -51.95
N GLU I 614 -21.90 -1.96 -50.95
CA GLU I 614 -23.10 -2.69 -50.56
C GLU I 614 -23.92 -1.89 -49.58
N ALA I 615 -25.23 -2.10 -49.61
CA ALA I 615 -26.13 -1.40 -48.72
C ALA I 615 -26.44 -2.32 -47.54
N PHE I 616 -25.51 -2.40 -46.60
CA PHE I 616 -25.74 -3.25 -45.45
C PHE I 616 -26.90 -2.77 -44.63
N VAL I 617 -27.04 -1.45 -44.52
CA VAL I 617 -28.14 -0.90 -43.73
C VAL I 617 -29.42 -0.88 -44.58
N LEU I 618 -30.36 -1.77 -44.25
CA LEU I 618 -31.57 -1.85 -45.00
C LEU I 618 -32.72 -0.99 -44.46
N TYR I 619 -32.56 -0.42 -43.28
CA TYR I 619 -33.61 0.40 -42.71
C TYR I 619 -33.13 1.19 -41.51
N GLY I 620 -33.75 2.35 -41.30
CA GLY I 620 -33.42 3.22 -40.19
C GLY I 620 -34.75 3.67 -39.63
N ASP I 621 -34.76 4.51 -38.60
CA ASP I 621 -36.02 4.96 -38.04
C ASP I 621 -35.75 5.71 -36.74
N THR I 622 -35.59 7.02 -36.85
CA THR I 622 -35.37 7.88 -35.70
C THR I 622 -34.04 7.65 -34.99
N ASP I 623 -33.96 6.58 -34.22
CA ASP I 623 -32.77 6.28 -33.46
C ASP I 623 -32.16 4.90 -33.69
N SER I 624 -32.91 4.02 -34.37
CA SER I 624 -32.43 2.67 -34.63
C SER I 624 -32.13 2.41 -36.10
N ILE I 625 -31.34 1.37 -36.35
CA ILE I 625 -30.97 0.95 -37.70
C ILE I 625 -30.92 -0.57 -37.79
N TYR I 626 -31.30 -1.11 -38.95
CA TYR I 626 -31.29 -2.55 -39.15
C TYR I 626 -30.25 -2.88 -40.20
N VAL I 627 -29.38 -3.84 -39.87
CA VAL I 627 -28.30 -4.25 -40.76
C VAL I 627 -28.48 -5.66 -41.31
N SER I 628 -28.00 -5.88 -42.52
CA SER I 628 -28.11 -7.18 -43.13
C SER I 628 -26.80 -7.92 -42.86
N ALA I 629 -26.89 -9.08 -42.23
CA ALA I 629 -25.71 -9.86 -41.92
C ALA I 629 -25.42 -10.97 -42.93
N ASP I 630 -26.28 -11.10 -43.94
CA ASP I 630 -26.12 -12.11 -44.99
C ASP I 630 -24.67 -12.23 -45.46
N LYS I 631 -24.13 -11.13 -45.94
CA LYS I 631 -22.76 -11.06 -46.43
C LYS I 631 -21.76 -11.59 -45.37
N ILE I 632 -22.06 -11.32 -44.11
CA ILE I 632 -21.22 -11.73 -42.99
C ILE I 632 -21.29 -13.24 -42.75
N ILE I 633 -22.47 -13.82 -42.98
CA ILE I 633 -22.63 -15.26 -42.79
C ILE I 633 -21.89 -15.94 -43.95
N ASP I 634 -22.26 -15.56 -45.18
CA ASP I 634 -21.65 -16.12 -46.38
C ASP I 634 -20.13 -16.01 -46.34
N LYS I 635 -19.61 -15.09 -45.52
CA LYS I 635 -18.17 -14.90 -45.40
C LYS I 635 -17.56 -16.00 -44.55
N VAL I 636 -18.37 -16.99 -44.22
CA VAL I 636 -17.92 -18.12 -43.40
C VAL I 636 -18.60 -19.40 -43.85
N GLY I 637 -19.84 -19.26 -44.31
CA GLY I 637 -20.60 -20.40 -44.77
C GLY I 637 -21.59 -20.91 -43.74
N GLU I 638 -22.83 -21.10 -44.15
CA GLU I 638 -23.87 -21.58 -43.25
C GLU I 638 -23.59 -23.03 -42.83
N SER I 639 -22.89 -23.76 -43.68
CA SER I 639 -22.57 -25.16 -43.41
C SER I 639 -21.55 -25.29 -42.28
N LYS I 640 -20.77 -24.24 -42.05
CA LYS I 640 -19.74 -24.23 -41.01
C LYS I 640 -20.31 -23.96 -39.60
N PHE I 641 -21.64 -24.01 -39.47
CA PHE I 641 -22.33 -23.78 -38.20
C PHE I 641 -23.04 -25.05 -37.74
N ARG I 642 -22.87 -25.41 -36.46
CA ARG I 642 -23.50 -26.61 -35.91
C ARG I 642 -25.01 -26.46 -35.98
N ASP I 643 -25.53 -25.58 -35.14
CA ASP I 643 -26.95 -25.31 -35.07
C ASP I 643 -27.23 -23.80 -35.21
N THR I 644 -28.51 -23.45 -35.12
CA THR I 644 -28.94 -22.06 -35.22
C THR I 644 -28.23 -21.22 -34.18
N ASN I 645 -28.28 -21.67 -32.94
CA ASN I 645 -27.65 -20.95 -31.84
C ASN I 645 -26.16 -20.71 -32.06
N HIS I 646 -25.60 -21.35 -33.08
CA HIS I 646 -24.18 -21.19 -33.40
C HIS I 646 -23.95 -19.96 -34.26
N TRP I 647 -24.71 -19.78 -35.35
CA TRP I 647 -24.49 -18.60 -36.17
C TRP I 647 -24.98 -17.35 -35.44
N VAL I 648 -25.82 -17.53 -34.43
CA VAL I 648 -26.31 -16.41 -33.66
C VAL I 648 -25.17 -15.84 -32.81
N ASP I 649 -24.46 -16.72 -32.11
CA ASP I 649 -23.33 -16.29 -31.30
C ASP I 649 -22.31 -15.56 -32.15
N PHE I 650 -22.10 -16.06 -33.36
CA PHE I 650 -21.15 -15.46 -34.27
C PHE I 650 -21.38 -13.97 -34.46
N LEU I 651 -22.62 -13.62 -34.80
CA LEU I 651 -22.98 -12.22 -35.02
C LEU I 651 -22.79 -11.40 -33.76
N ASP I 652 -23.32 -11.91 -32.65
CA ASP I 652 -23.20 -11.24 -31.36
C ASP I 652 -21.74 -10.91 -31.10
N LYS I 653 -20.87 -11.90 -31.27
CA LYS I 653 -19.45 -11.69 -31.04
C LYS I 653 -18.93 -10.60 -31.96
N PHE I 654 -19.34 -10.68 -33.23
CA PHE I 654 -18.94 -9.72 -34.26
C PHE I 654 -19.38 -8.28 -33.95
N ALA I 655 -20.62 -8.12 -33.50
CA ALA I 655 -21.14 -6.81 -33.17
C ALA I 655 -20.35 -6.13 -32.07
N ARG I 656 -20.24 -6.81 -30.93
CA ARG I 656 -19.53 -6.29 -29.76
C ARG I 656 -18.03 -6.02 -29.98
N GLU I 657 -17.37 -6.91 -30.73
CA GLU I 657 -15.95 -6.79 -31.01
C GLU I 657 -15.57 -6.01 -32.27
N ARG I 658 -16.50 -5.89 -33.22
CA ARG I 658 -16.21 -5.18 -34.46
C ARG I 658 -17.10 -3.97 -34.78
N GLU I 660 -19.55 -2.22 -32.65
CA GLU I 660 -19.54 -1.20 -31.61
C GLU I 660 -18.32 -0.28 -31.77
N PRO I 661 -17.11 -0.85 -31.79
CA PRO I 661 -15.90 -0.04 -31.93
C PRO I 661 -15.95 0.82 -33.18
N ALA I 662 -16.50 0.26 -34.25
CA ALA I 662 -16.62 1.01 -35.50
C ALA I 662 -17.57 2.17 -35.24
N ILE I 663 -18.77 1.83 -34.78
CA ILE I 663 -19.78 2.83 -34.48
C ILE I 663 -19.25 3.92 -33.56
N ASP I 664 -18.66 3.54 -32.44
CA ASP I 664 -18.17 4.57 -31.52
C ASP I 664 -17.11 5.45 -32.14
N ARG I 665 -16.18 4.87 -32.88
CA ARG I 665 -15.15 5.68 -33.53
C ARG I 665 -15.87 6.72 -34.35
N GLY I 666 -16.77 6.22 -35.20
CA GLY I 666 -17.58 7.06 -36.07
C GLY I 666 -18.30 8.19 -35.35
N PHE I 667 -19.10 7.87 -34.34
CA PHE I 667 -19.80 8.92 -33.62
C PHE I 667 -18.86 9.93 -32.97
N ARG I 668 -17.68 9.48 -32.55
CA ARG I 668 -16.72 10.39 -31.92
C ARG I 668 -16.24 11.43 -32.93
N GLU I 669 -16.09 11.01 -34.18
CA GLU I 669 -15.65 11.92 -35.22
C GLU I 669 -16.70 13.01 -35.40
N CYS I 671 -18.90 14.06 -33.23
CA CYS I 671 -18.87 14.98 -32.09
C CYS I 671 -17.78 16.02 -32.28
N GLU I 672 -16.64 15.58 -32.83
CA GLU I 672 -15.54 16.49 -33.04
C GLU I 672 -15.87 17.43 -34.19
N TYR I 673 -16.56 16.89 -35.18
CA TYR I 673 -16.98 17.64 -36.36
C TYR I 673 -17.95 18.76 -35.98
N ASN I 675 -18.25 19.94 -33.08
CA ASN I 675 -17.60 20.59 -31.93
C ASN I 675 -18.50 20.60 -30.69
N ASN I 676 -19.17 19.47 -30.46
CA ASN I 676 -20.08 19.37 -29.35
C ASN I 676 -19.42 19.45 -27.99
N LYS I 677 -20.23 19.75 -26.99
CA LYS I 677 -19.76 19.88 -25.62
C LYS I 677 -19.38 18.54 -25.00
N GLN I 678 -19.97 17.45 -25.49
CA GLN I 678 -19.67 16.13 -24.94
C GLN I 678 -20.25 14.99 -25.77
N HIS I 679 -19.45 13.94 -25.98
CA HIS I 679 -19.87 12.77 -26.75
C HIS I 679 -20.88 11.92 -25.98
N LEU I 680 -22.11 11.87 -26.45
CA LEU I 680 -23.14 11.08 -25.78
C LEU I 680 -23.94 10.17 -26.71
N PHE I 682 -24.61 6.88 -28.11
CA PHE I 682 -24.33 5.48 -27.82
C PHE I 682 -25.35 4.48 -28.38
N ASP I 684 -26.47 0.32 -29.12
CA ASP I 684 -26.40 -1.00 -28.50
C ASP I 684 -27.05 -2.00 -29.45
N ARG I 685 -26.52 -3.21 -29.52
CA ARG I 685 -27.12 -4.21 -30.39
C ARG I 685 -28.48 -4.56 -29.81
N GLU I 686 -29.52 -4.55 -30.63
CA GLU I 686 -30.84 -4.87 -30.12
C GLU I 686 -31.28 -6.28 -30.41
N ALA I 687 -31.60 -6.54 -31.67
CA ALA I 687 -32.05 -7.87 -32.04
C ALA I 687 -31.17 -8.51 -33.08
N ILE I 688 -31.31 -9.82 -33.19
CA ILE I 688 -30.59 -10.64 -34.15
C ILE I 688 -31.65 -11.58 -34.70
N ALA I 689 -31.93 -11.47 -35.99
CA ALA I 689 -32.94 -12.33 -36.59
C ALA I 689 -32.40 -13.14 -37.76
N GLY I 690 -33.08 -14.24 -38.05
CA GLY I 690 -32.70 -15.11 -39.13
C GLY I 690 -33.61 -16.32 -39.12
N PRO I 691 -33.56 -17.15 -40.17
CA PRO I 691 -34.41 -18.34 -40.18
C PRO I 691 -33.71 -19.49 -39.47
N PRO I 692 -34.46 -20.54 -39.11
CA PRO I 692 -33.86 -21.70 -38.43
C PRO I 692 -32.81 -22.31 -39.34
N LEU I 693 -31.61 -22.55 -38.81
CA LEU I 693 -30.52 -23.14 -39.62
C LEU I 693 -30.96 -24.42 -40.36
N GLY I 694 -30.79 -24.41 -41.68
CA GLY I 694 -31.16 -25.56 -42.47
C GLY I 694 -32.65 -25.66 -42.69
N SER I 695 -33.32 -24.51 -42.78
CA SER I 695 -34.75 -24.47 -43.00
C SER I 695 -35.05 -23.60 -44.20
N LYS I 696 -36.01 -24.01 -45.00
CA LYS I 696 -36.38 -23.27 -46.21
C LYS I 696 -37.08 -21.93 -45.88
N GLY I 697 -37.06 -21.55 -44.60
CA GLY I 697 -37.70 -20.31 -44.21
C GLY I 697 -36.82 -19.11 -44.49
N ILE I 698 -37.44 -17.97 -44.76
CA ILE I 698 -36.71 -16.73 -45.04
C ILE I 698 -36.47 -15.96 -43.74
N GLY I 699 -35.49 -15.07 -43.75
CA GLY I 699 -35.23 -14.33 -42.54
C GLY I 699 -36.49 -13.60 -42.07
N GLY I 700 -36.75 -12.47 -42.72
CA GLY I 700 -37.92 -11.67 -42.42
C GLY I 700 -38.22 -10.87 -43.67
N PHE I 701 -39.14 -9.92 -43.57
CA PHE I 701 -39.45 -9.12 -44.73
C PHE I 701 -39.91 -7.72 -44.38
N TRP I 702 -39.66 -6.80 -45.30
CA TRP I 702 -40.06 -5.42 -45.13
C TRP I 702 -41.01 -5.05 -46.23
N THR I 703 -42.17 -4.55 -45.87
CA THR I 703 -43.16 -4.12 -46.85
C THR I 703 -42.85 -2.68 -47.16
N GLY I 704 -42.84 -1.85 -46.13
CA GLY I 704 -42.54 -0.43 -46.30
C GLY I 704 -42.20 0.20 -44.96
N LYS I 705 -42.01 1.53 -44.94
CA LYS I 705 -41.70 2.22 -43.70
C LYS I 705 -42.67 1.76 -42.63
N LYS I 706 -42.13 1.51 -41.44
CA LYS I 706 -42.90 1.07 -40.29
C LYS I 706 -43.58 -0.27 -40.49
N ARG I 707 -43.36 -0.94 -41.63
CA ARG I 707 -44.01 -2.23 -41.86
C ARG I 707 -43.04 -3.37 -42.16
N TYR I 708 -42.94 -4.32 -41.23
CA TYR I 708 -42.06 -5.48 -41.42
C TYR I 708 -42.27 -6.62 -40.44
N ALA I 709 -41.40 -7.62 -40.52
CA ALA I 709 -41.45 -8.78 -39.64
C ALA I 709 -40.07 -9.42 -39.58
N LEU I 710 -39.71 -9.87 -38.38
CA LEU I 710 -38.42 -10.54 -38.14
C LEU I 710 -38.62 -11.74 -37.25
N ASN I 711 -37.69 -12.69 -37.33
CA ASN I 711 -37.72 -13.88 -36.51
C ASN I 711 -36.48 -13.72 -35.64
N VAL I 712 -36.67 -13.24 -34.42
CA VAL I 712 -35.56 -12.99 -33.50
C VAL I 712 -35.22 -14.11 -32.53
N TRP I 713 -33.92 -14.21 -32.24
CA TRP I 713 -33.39 -15.21 -31.34
C TRP I 713 -32.75 -14.57 -30.13
N ASP I 714 -32.02 -13.47 -30.35
CA ASP I 714 -31.37 -12.79 -29.24
C ASP I 714 -31.66 -11.29 -29.16
N GLU I 716 -30.84 -8.21 -27.12
CA GLU I 716 -29.99 -7.52 -26.16
C GLU I 716 -29.27 -8.49 -25.21
N GLY I 717 -28.68 -9.54 -25.77
CA GLY I 717 -27.97 -10.51 -24.95
C GLY I 717 -28.85 -11.63 -24.42
N THR I 718 -30.17 -11.49 -24.55
CA THR I 718 -31.11 -12.50 -24.08
C THR I 718 -31.53 -13.51 -25.16
N ARG I 719 -30.89 -14.68 -25.16
CA ARG I 719 -31.22 -15.72 -26.12
C ARG I 719 -32.55 -16.41 -25.80
N TYR I 720 -33.40 -16.59 -26.80
CA TYR I 720 -34.69 -17.25 -26.58
C TYR I 720 -34.61 -18.74 -26.88
N ALA I 721 -35.36 -19.53 -26.13
CA ALA I 721 -35.40 -20.98 -26.33
C ALA I 721 -36.19 -21.22 -27.60
N GLU I 722 -37.17 -20.35 -27.82
CA GLU I 722 -38.01 -20.40 -29.00
C GLU I 722 -37.95 -19.03 -29.65
N PRO I 723 -37.71 -18.98 -30.97
CA PRO I 723 -37.64 -17.69 -31.64
C PRO I 723 -38.98 -16.98 -31.55
N LYS I 724 -38.95 -15.68 -31.28
CA LYS I 724 -40.16 -14.89 -31.18
C LYS I 724 -40.34 -13.97 -32.40
N LEU I 725 -41.51 -14.04 -33.02
CA LEU I 725 -41.81 -13.23 -34.19
C LEU I 725 -41.95 -11.78 -33.76
N LYS I 726 -41.22 -10.89 -34.43
CA LYS I 726 -41.31 -9.47 -34.12
C LYS I 726 -42.01 -8.79 -35.31
N ILE I 727 -43.34 -8.83 -35.34
CA ILE I 727 -44.13 -8.23 -36.42
C ILE I 727 -44.45 -6.76 -36.15
N GLY I 729 -46.13 -3.15 -37.66
CA GLY I 729 -46.91 -2.42 -38.64
C GLY I 729 -47.85 -3.29 -39.45
N LEU I 730 -47.52 -4.57 -39.62
CA LEU I 730 -48.40 -5.41 -40.42
C LEU I 730 -49.80 -5.52 -39.84
N GLU I 731 -50.69 -6.13 -40.60
CA GLU I 731 -52.09 -6.25 -40.20
C GLU I 731 -52.39 -7.23 -39.09
N THR I 732 -51.35 -7.71 -38.41
CA THR I 732 -51.55 -8.64 -37.31
C THR I 732 -51.82 -7.84 -36.04
N GLN I 733 -51.33 -6.60 -36.06
CA GLN I 733 -51.48 -5.66 -34.95
C GLN I 733 -52.72 -4.80 -35.18
N LYS I 734 -53.41 -5.03 -36.30
CA LYS I 734 -54.60 -4.26 -36.66
C LYS I 734 -55.84 -4.83 -35.97
N SER I 735 -56.27 -4.15 -34.90
CA SER I 735 -57.45 -4.56 -34.14
C SER I 735 -58.67 -4.75 -35.02
N SER I 736 -58.69 -4.06 -36.14
CA SER I 736 -59.79 -4.13 -37.09
C SER I 736 -59.85 -5.44 -37.85
N THR I 737 -58.83 -6.27 -37.67
CA THR I 737 -58.76 -7.55 -38.33
C THR I 737 -59.47 -8.62 -37.51
N PRO I 738 -60.47 -9.29 -38.11
CA PRO I 738 -61.17 -10.33 -37.34
C PRO I 738 -60.21 -11.40 -36.79
N LYS I 739 -60.49 -11.87 -35.59
CA LYS I 739 -59.67 -12.87 -34.90
C LYS I 739 -59.17 -13.96 -35.83
N ALA I 740 -60.08 -14.82 -36.26
CA ALA I 740 -59.75 -15.93 -37.16
C ALA I 740 -58.74 -15.52 -38.22
N VAL I 741 -58.88 -14.30 -38.72
CA VAL I 741 -57.99 -13.80 -39.76
C VAL I 741 -56.66 -13.35 -39.19
N GLN I 742 -56.70 -12.37 -38.29
CA GLN I 742 -55.45 -11.88 -37.71
C GLN I 742 -54.65 -13.05 -37.16
N LYS I 743 -55.33 -14.08 -36.69
CA LYS I 743 -54.63 -15.25 -36.18
C LYS I 743 -53.93 -15.89 -37.36
N ALA I 744 -54.73 -16.28 -38.34
CA ALA I 744 -54.25 -16.95 -39.54
C ALA I 744 -53.14 -16.17 -40.23
N LEU I 745 -53.03 -14.89 -39.93
CA LEU I 745 -52.00 -14.07 -40.55
C LEU I 745 -50.65 -14.29 -39.87
N LYS I 746 -50.64 -14.27 -38.55
CA LYS I 746 -49.40 -14.49 -37.78
C LYS I 746 -48.83 -15.88 -38.15
N GLU I 747 -49.69 -16.89 -38.20
CA GLU I 747 -49.27 -18.23 -38.57
C GLU I 747 -48.77 -18.27 -40.02
N CYS I 748 -49.34 -17.42 -40.86
CA CYS I 748 -48.91 -17.34 -42.25
C CYS I 748 -47.50 -16.76 -42.21
N ILE I 749 -47.33 -15.69 -41.45
CA ILE I 749 -46.03 -15.06 -41.32
C ILE I 749 -45.00 -16.03 -40.72
N ARG I 750 -45.35 -16.66 -39.62
CA ARG I 750 -44.44 -17.59 -38.97
C ARG I 750 -43.96 -18.64 -39.96
N ARG I 751 -44.89 -19.24 -40.69
CA ARG I 751 -44.50 -20.26 -41.65
C ARG I 751 -43.57 -19.68 -42.69
N LEU I 753 -41.34 -17.14 -42.29
CA LEU I 753 -40.04 -16.86 -41.73
C LEU I 753 -39.27 -18.05 -41.18
N GLN I 754 -39.96 -19.11 -40.80
CA GLN I 754 -39.27 -20.27 -40.22
C GLN I 754 -39.40 -21.56 -41.00
N GLU I 755 -40.37 -21.63 -41.91
CA GLU I 755 -40.59 -22.84 -42.68
C GLU I 755 -40.43 -22.72 -44.19
N GLY I 756 -40.80 -21.57 -44.75
CA GLY I 756 -40.66 -21.39 -46.18
C GLY I 756 -41.95 -21.39 -46.99
N GLU I 757 -41.81 -21.06 -48.26
CA GLU I 757 -42.92 -20.95 -49.19
C GLU I 757 -43.93 -22.09 -49.18
N GLU I 758 -43.46 -23.29 -49.47
CA GLU I 758 -44.29 -24.49 -49.53
C GLU I 758 -45.18 -24.68 -48.29
N SER I 759 -44.64 -24.37 -47.11
CA SER I 759 -45.39 -24.50 -45.87
C SER I 759 -46.56 -23.52 -45.90
N LEU I 760 -46.24 -22.27 -46.24
CA LEU I 760 -47.24 -21.23 -46.32
C LEU I 760 -48.35 -21.64 -47.28
N GLN I 761 -47.98 -22.18 -48.42
CA GLN I 761 -48.97 -22.60 -49.41
C GLN I 761 -49.90 -23.65 -48.82
N GLU I 762 -49.31 -24.64 -48.16
CA GLU I 762 -50.07 -25.72 -47.52
C GLU I 762 -51.12 -25.16 -46.56
N TYR I 763 -50.77 -24.10 -45.84
CA TYR I 763 -51.67 -23.48 -44.87
C TYR I 763 -52.78 -22.71 -45.54
N PHE I 764 -52.40 -21.86 -46.46
CA PHE I 764 -53.35 -21.06 -47.20
C PHE I 764 -54.43 -21.94 -47.83
N LYS I 765 -54.01 -22.96 -48.56
CA LYS I 765 -54.95 -23.87 -49.20
C LYS I 765 -55.88 -24.49 -48.17
N GLU I 766 -55.36 -24.72 -46.97
CA GLU I 766 -56.15 -25.32 -45.90
C GLU I 766 -57.15 -24.33 -45.33
N PHE I 767 -56.66 -23.16 -44.97
CA PHE I 767 -57.49 -22.12 -44.40
C PHE I 767 -58.70 -21.77 -45.31
N GLU I 768 -58.48 -21.70 -46.62
CA GLU I 768 -59.57 -21.39 -47.54
C GLU I 768 -60.60 -22.52 -47.59
N LYS I 769 -60.12 -23.75 -47.52
CA LYS I 769 -60.97 -24.92 -47.58
C LYS I 769 -61.84 -25.03 -46.32
N GLU I 770 -61.32 -24.51 -45.21
CA GLU I 770 -62.01 -24.56 -43.93
C GLU I 770 -62.37 -23.16 -43.44
N PHE I 771 -62.94 -22.34 -44.31
CA PHE I 771 -63.30 -20.97 -43.96
C PHE I 771 -64.78 -20.83 -43.60
N ARG I 772 -65.63 -21.43 -44.42
CA ARG I 772 -67.08 -21.38 -44.20
C ARG I 772 -67.40 -21.96 -42.83
N GLN I 773 -66.69 -23.01 -42.47
CA GLN I 773 -66.89 -23.70 -41.20
C GLN I 773 -66.32 -22.98 -40.00
N LEU I 774 -66.10 -21.68 -40.14
CA LEU I 774 -65.57 -20.86 -39.07
C LEU I 774 -66.70 -20.00 -38.57
N ASN I 775 -66.65 -19.66 -37.28
CA ASN I 775 -67.68 -18.84 -36.66
C ASN I 775 -67.81 -17.46 -37.31
N TYR I 776 -69.06 -17.04 -37.53
CA TYR I 776 -69.33 -15.75 -38.17
C TYR I 776 -68.87 -14.54 -37.34
N ILE I 777 -68.77 -14.68 -36.04
CA ILE I 777 -68.32 -13.56 -35.22
C ILE I 777 -66.80 -13.50 -35.32
N SER I 778 -66.18 -14.67 -35.37
CA SER I 778 -64.72 -14.75 -35.45
C SER I 778 -64.15 -14.22 -36.76
N ILE I 779 -64.83 -14.49 -37.87
CA ILE I 779 -64.36 -14.03 -39.17
C ILE I 779 -64.95 -12.69 -39.57
N ALA I 780 -65.29 -11.87 -38.59
CA ALA I 780 -65.88 -10.57 -38.88
C ALA I 780 -64.95 -9.42 -38.51
N SER I 781 -64.89 -8.44 -39.40
CA SER I 781 -64.05 -7.27 -39.22
C SER I 781 -64.67 -6.25 -38.28
N VAL I 782 -63.90 -5.83 -37.29
CA VAL I 782 -64.39 -4.86 -36.32
C VAL I 782 -64.09 -3.45 -36.76
N SER I 783 -65.03 -2.55 -36.49
CA SER I 783 -64.89 -1.16 -36.86
C SER I 783 -65.66 -0.26 -35.89
N SER I 784 -65.15 0.95 -35.69
CA SER I 784 -65.79 1.93 -34.81
C SER I 784 -66.60 2.89 -35.69
N ALA I 785 -67.88 3.08 -35.35
CA ALA I 785 -68.74 3.96 -36.13
C ALA I 785 -68.84 5.38 -35.60
N ASN I 786 -68.22 6.32 -36.33
CA ASN I 786 -68.22 7.73 -35.94
C ASN I 786 -69.03 8.52 -36.96
N ASN I 787 -69.79 9.51 -36.48
CA ASN I 787 -70.60 10.36 -37.33
C ASN I 787 -71.38 9.52 -38.33
N ILE I 788 -72.47 8.90 -37.89
CA ILE I 788 -73.28 8.06 -38.77
C ILE I 788 -74.36 8.87 -39.48
N ALA I 789 -75.09 9.68 -38.71
CA ALA I 789 -76.16 10.51 -39.25
C ALA I 789 -75.70 11.45 -40.37
N LYS I 790 -74.40 11.73 -40.43
CA LYS I 790 -73.84 12.60 -41.45
C LYS I 790 -73.95 11.98 -42.84
N TYR I 791 -74.05 10.65 -42.88
CA TYR I 791 -74.17 9.92 -44.15
C TYR I 791 -75.46 9.11 -44.17
N ASP I 792 -76.37 9.44 -43.25
CA ASP I 792 -77.65 8.74 -43.12
C ASP I 792 -78.83 9.56 -43.65
N VAL I 793 -78.99 9.56 -44.97
CA VAL I 793 -80.08 10.29 -45.60
C VAL I 793 -81.38 9.50 -45.58
N GLY I 794 -82.05 9.49 -44.43
CA GLY I 794 -83.31 8.80 -44.29
C GLY I 794 -83.22 7.28 -44.23
N GLY I 795 -82.14 6.78 -43.63
CA GLY I 795 -81.96 5.34 -43.53
C GLY I 795 -81.11 4.79 -44.65
N PHE I 796 -80.56 5.68 -45.46
CA PHE I 796 -79.71 5.26 -46.57
C PHE I 796 -78.41 6.07 -46.62
N PRO I 797 -77.34 5.47 -47.17
CA PRO I 797 -76.02 6.11 -47.28
C PRO I 797 -76.02 7.48 -47.95
N GLY I 798 -75.35 8.44 -47.32
CA GLY I 798 -75.29 9.79 -47.84
C GLY I 798 -74.14 10.14 -48.76
N PRO I 799 -73.36 11.18 -48.41
CA PRO I 799 -72.20 11.66 -49.18
C PRO I 799 -71.01 10.70 -49.17
N LYS I 800 -71.01 9.72 -50.07
CA LYS I 800 -69.93 8.76 -50.11
C LYS I 800 -69.82 8.04 -48.76
N CYS I 801 -70.94 7.49 -48.31
CA CYS I 801 -71.02 6.78 -47.04
C CYS I 801 -70.07 5.59 -46.92
N PRO I 802 -69.21 5.60 -45.88
CA PRO I 802 -68.23 4.53 -45.61
C PRO I 802 -68.87 3.15 -45.59
N PHE I 803 -68.06 2.12 -45.82
CA PHE I 803 -68.55 0.74 -45.86
C PHE I 803 -69.16 0.28 -44.56
N HIS I 804 -68.51 0.63 -43.45
CA HIS I 804 -68.99 0.25 -42.12
C HIS I 804 -70.18 1.09 -41.67
N ILE I 805 -70.29 2.30 -42.20
CA ILE I 805 -71.39 3.17 -41.85
C ILE I 805 -72.61 2.80 -42.67
N ARG I 806 -72.37 2.11 -43.78
CA ARG I 806 -73.46 1.66 -44.65
C ARG I 806 -74.19 0.51 -43.98
N GLY I 807 -73.46 -0.56 -43.69
CA GLY I 807 -74.05 -1.72 -43.04
C GLY I 807 -74.89 -1.36 -41.82
N ILE I 808 -74.49 -0.30 -41.13
CA ILE I 808 -75.23 0.15 -39.96
C ILE I 808 -76.64 0.55 -40.38
N LEU I 809 -76.73 1.15 -41.57
CA LEU I 809 -78.00 1.58 -42.13
C LEU I 809 -78.88 0.36 -42.43
N THR I 810 -78.30 -0.60 -43.13
CA THR I 810 -79.01 -1.82 -43.48
C THR I 810 -79.49 -2.53 -42.21
N TYR I 811 -78.77 -2.30 -41.12
CA TYR I 811 -79.10 -2.90 -39.83
C TYR I 811 -80.21 -2.10 -39.11
N ASN I 812 -80.05 -0.78 -39.04
CA ASN I 812 -81.04 0.04 -38.38
C ASN I 812 -82.42 -0.19 -38.99
N ARG I 813 -82.44 -0.55 -40.28
CA ARG I 813 -83.69 -0.82 -40.97
C ARG I 813 -84.23 -2.21 -40.64
N ALA I 814 -83.40 -3.22 -40.85
CA ALA I 814 -83.80 -4.61 -40.59
C ALA I 814 -84.41 -4.83 -39.21
N ILE I 815 -84.08 -3.96 -38.25
CA ILE I 815 -84.63 -4.06 -36.90
C ILE I 815 -85.40 -2.80 -36.53
N LYS I 816 -85.73 -1.98 -37.53
CA LYS I 816 -86.45 -0.73 -37.30
C LYS I 816 -87.86 -0.99 -36.78
N GLY I 817 -88.05 -0.78 -35.48
CA GLY I 817 -89.34 -1.00 -34.86
C GLY I 817 -89.25 -2.06 -33.78
N ASN I 818 -88.08 -2.16 -33.16
CA ASN I 818 -87.84 -3.13 -32.11
C ASN I 818 -86.90 -2.59 -31.04
N ILE I 819 -87.34 -2.65 -29.78
CA ILE I 819 -86.55 -2.16 -28.66
C ILE I 819 -85.68 -3.26 -28.06
N ASP I 820 -86.05 -4.51 -28.30
CA ASP I 820 -85.30 -5.64 -27.77
C ASP I 820 -84.04 -5.89 -28.60
N ALA I 821 -83.96 -5.21 -29.75
CA ALA I 821 -82.80 -5.36 -30.64
C ALA I 821 -81.63 -4.52 -30.13
N PRO I 822 -80.42 -5.12 -30.08
CA PRO I 822 -79.25 -4.39 -29.62
C PRO I 822 -79.06 -3.10 -30.41
N GLN I 823 -79.10 -1.98 -29.70
CA GLN I 823 -78.96 -0.66 -30.30
C GLN I 823 -77.52 -0.26 -30.62
N VAL I 824 -77.30 0.17 -31.86
CA VAL I 824 -75.98 0.59 -32.29
C VAL I 824 -75.76 2.05 -31.90
N VAL I 825 -75.02 2.25 -30.80
CA VAL I 825 -74.73 3.58 -30.28
C VAL I 825 -73.54 4.29 -30.91
N GLU I 826 -73.79 5.54 -31.31
CA GLU I 826 -72.78 6.39 -31.92
C GLU I 826 -71.54 6.48 -31.05
N GLY I 827 -70.37 6.43 -31.67
CA GLY I 827 -69.13 6.52 -30.92
C GLY I 827 -68.64 5.19 -30.39
N GLU I 828 -69.28 4.11 -30.82
CA GLU I 828 -68.91 2.77 -30.38
C GLU I 828 -68.48 1.94 -31.58
N LYS I 829 -68.06 0.71 -31.32
CA LYS I 829 -67.61 -0.17 -32.39
C LYS I 829 -68.67 -1.20 -32.77
N VAL I 830 -68.60 -1.65 -34.03
CA VAL I 830 -69.52 -2.64 -34.55
C VAL I 830 -68.84 -3.70 -35.44
N TYR I 831 -69.48 -4.86 -35.51
CA TYR I 831 -69.02 -5.98 -36.33
C TYR I 831 -69.54 -5.73 -37.74
N VAL I 832 -68.76 -6.08 -38.76
CA VAL I 832 -69.20 -5.87 -40.13
C VAL I 832 -69.07 -7.14 -40.95
N LEU I 833 -70.02 -7.36 -41.85
CA LEU I 833 -70.04 -8.55 -42.71
C LEU I 833 -70.64 -8.22 -44.08
N PRO I 834 -70.03 -8.73 -45.16
CA PRO I 834 -70.56 -8.45 -46.50
C PRO I 834 -71.77 -9.35 -46.79
N LEU I 835 -72.61 -8.94 -47.73
CA LEU I 835 -73.79 -9.73 -48.10
C LEU I 835 -73.89 -9.88 -49.61
N ARG I 836 -74.31 -11.06 -50.06
CA ARG I 836 -74.46 -11.34 -51.48
C ARG I 836 -75.73 -10.70 -52.03
N GLU I 837 -75.67 -10.26 -53.28
CA GLU I 837 -76.82 -9.63 -53.92
C GLU I 837 -78.06 -10.50 -53.78
N GLY I 838 -79.22 -9.85 -53.86
CA GLY I 838 -80.47 -10.56 -53.74
C GLY I 838 -80.87 -10.69 -52.29
N ASN I 839 -79.99 -10.28 -51.39
CA ASN I 839 -80.27 -10.36 -49.95
C ASN I 839 -81.43 -9.47 -49.55
N PRO I 840 -82.33 -9.98 -48.69
CA PRO I 840 -83.50 -9.26 -48.21
C PRO I 840 -83.16 -8.19 -47.18
N PHE I 841 -82.05 -7.50 -47.39
CA PHE I 841 -81.60 -6.46 -46.46
C PHE I 841 -81.40 -5.11 -47.11
N GLY I 842 -81.24 -5.09 -48.43
CA GLY I 842 -81.06 -3.85 -49.14
C GLY I 842 -79.65 -3.54 -49.57
N ASP I 843 -78.72 -3.48 -48.62
CA ASP I 843 -77.32 -3.19 -48.92
C ASP I 843 -76.43 -4.41 -49.07
N LYS I 844 -75.21 -4.17 -49.53
CA LYS I 844 -74.21 -5.23 -49.74
C LYS I 844 -73.44 -5.59 -48.47
N CYS I 845 -73.83 -5.01 -47.35
CA CYS I 845 -73.18 -5.30 -46.08
C CYS I 845 -74.06 -4.91 -44.90
N ILE I 846 -73.81 -5.52 -43.74
CA ILE I 846 -74.57 -5.21 -42.52
C ILE I 846 -73.62 -5.19 -41.32
N ALA I 847 -73.86 -4.29 -40.38
CA ALA I 847 -73.00 -4.19 -39.20
C ALA I 847 -73.83 -4.02 -37.92
N TRP I 848 -73.46 -4.74 -36.86
CA TRP I 848 -74.16 -4.64 -35.58
C TRP I 848 -73.16 -4.40 -34.45
N PRO I 849 -73.64 -4.06 -33.24
CA PRO I 849 -72.73 -3.81 -32.11
C PRO I 849 -71.66 -4.89 -31.92
N SER I 850 -70.59 -4.53 -31.22
CA SER I 850 -69.49 -5.47 -30.95
C SER I 850 -69.63 -6.23 -29.65
N GLY I 851 -68.95 -7.37 -29.57
CA GLY I 851 -69.01 -8.21 -28.38
C GLY I 851 -70.34 -8.89 -28.22
N THR I 852 -71.28 -8.58 -29.11
CA THR I 852 -72.61 -9.15 -29.06
C THR I 852 -72.94 -9.87 -30.36
N GLU I 853 -73.76 -10.91 -30.28
CA GLU I 853 -74.18 -11.65 -31.47
C GLU I 853 -75.38 -10.97 -32.11
N ILE I 854 -75.52 -11.13 -33.42
CA ILE I 854 -76.62 -10.52 -34.15
C ILE I 854 -77.96 -10.94 -33.58
N THR I 855 -78.84 -9.95 -33.35
CA THR I 855 -80.18 -10.18 -32.81
C THR I 855 -80.88 -11.31 -33.56
N ASP I 856 -81.54 -12.20 -32.83
CA ASP I 856 -82.24 -13.33 -33.43
C ASP I 856 -83.37 -12.93 -34.36
N LEU I 857 -83.56 -11.62 -34.53
CA LEU I 857 -84.59 -11.11 -35.40
C LEU I 857 -84.15 -11.19 -36.88
N ILE I 858 -82.84 -11.08 -37.13
CA ILE I 858 -82.32 -11.16 -38.49
C ILE I 858 -81.03 -11.98 -38.56
N LYS I 859 -80.68 -12.64 -37.46
CA LYS I 859 -79.49 -13.46 -37.39
C LYS I 859 -79.48 -14.57 -38.42
N ASP I 860 -80.56 -15.34 -38.48
CA ASP I 860 -80.68 -16.44 -39.42
C ASP I 860 -80.35 -16.08 -40.86
N ASP I 861 -81.04 -15.09 -41.40
CA ASP I 861 -80.79 -14.68 -42.78
C ASP I 861 -79.38 -14.15 -42.99
N VAL I 862 -78.86 -13.37 -42.03
CA VAL I 862 -77.52 -12.81 -42.11
C VAL I 862 -76.52 -13.95 -42.27
N LEU I 863 -76.69 -14.98 -41.46
CA LEU I 863 -75.82 -16.15 -41.50
C LEU I 863 -76.08 -17.00 -42.72
N HIS I 864 -77.01 -16.56 -43.56
CA HIS I 864 -77.34 -17.29 -44.77
C HIS I 864 -76.96 -16.49 -46.01
N TRP I 865 -76.83 -15.18 -45.83
CA TRP I 865 -76.49 -14.31 -46.96
C TRP I 865 -75.11 -13.66 -46.88
N ASP I 867 -71.68 -12.85 -47.61
CA ASP I 867 -70.85 -13.19 -48.75
C ASP I 867 -69.52 -13.73 -48.25
N TYR I 868 -69.32 -15.04 -48.34
CA TYR I 868 -68.06 -15.61 -47.86
C TYR I 868 -66.85 -15.24 -48.70
N THR I 869 -67.01 -15.33 -50.02
CA THR I 869 -65.91 -14.97 -50.92
C THR I 869 -65.42 -13.56 -50.67
N VAL I 870 -66.31 -12.58 -50.81
CA VAL I 870 -65.97 -11.17 -50.60
C VAL I 870 -65.28 -10.94 -49.25
N LEU I 871 -65.68 -11.69 -48.24
CA LEU I 871 -65.13 -11.51 -46.91
C LEU I 871 -63.64 -11.86 -46.80
N LEU I 872 -63.31 -13.08 -47.25
CA LEU I 872 -61.94 -13.58 -47.20
C LEU I 872 -61.02 -12.70 -48.04
N GLU I 873 -61.41 -12.51 -49.29
CA GLU I 873 -60.66 -11.72 -50.24
C GLU I 873 -60.20 -10.36 -49.69
N LYS I 874 -61.06 -9.69 -48.93
CA LYS I 874 -60.74 -8.37 -48.42
C LYS I 874 -59.92 -8.30 -47.14
N THR I 875 -60.06 -9.30 -46.28
CA THR I 875 -59.36 -9.29 -45.01
C THR I 875 -58.17 -10.25 -44.85
N PHE I 876 -58.14 -11.30 -45.66
CA PHE I 876 -57.04 -12.27 -45.59
C PHE I 876 -56.17 -12.22 -46.84
N ILE I 877 -56.74 -12.62 -47.97
CA ILE I 877 -56.02 -12.65 -49.22
C ILE I 877 -55.35 -11.32 -49.57
N LYS I 878 -56.14 -10.27 -49.70
CA LYS I 878 -55.59 -8.96 -50.04
C LYS I 878 -54.37 -8.56 -49.20
N PRO I 879 -54.42 -8.74 -47.87
CA PRO I 879 -53.24 -8.37 -47.07
C PRO I 879 -52.06 -9.35 -47.12
N LEU I 880 -52.36 -10.64 -47.28
CA LEU I 880 -51.32 -11.65 -47.38
C LEU I 880 -50.56 -11.36 -48.68
N GLU I 881 -51.33 -10.99 -49.70
CA GLU I 881 -50.77 -10.63 -51.01
C GLU I 881 -49.73 -9.52 -50.77
N GLY I 882 -49.99 -8.69 -49.79
CA GLY I 882 -49.07 -7.62 -49.51
C GLY I 882 -47.76 -8.17 -48.99
N PHE I 883 -47.84 -9.18 -48.12
CA PHE I 883 -46.64 -9.75 -47.53
C PHE I 883 -45.82 -10.57 -48.52
N THR I 884 -46.48 -11.53 -49.16
CA THR I 884 -45.83 -12.42 -50.12
C THR I 884 -45.19 -11.69 -51.29
N SER I 885 -45.80 -10.59 -51.71
CA SER I 885 -45.27 -9.83 -52.82
C SER I 885 -43.90 -9.25 -52.47
N ALA I 886 -43.83 -8.61 -51.30
CA ALA I 886 -42.60 -8.00 -50.82
C ALA I 886 -41.56 -9.06 -50.49
N ALA I 887 -42.02 -10.15 -49.91
CA ALA I 887 -41.12 -11.23 -49.53
C ALA I 887 -40.67 -12.03 -50.73
N LYS I 888 -41.34 -11.84 -51.86
CA LYS I 888 -41.01 -12.57 -53.09
C LYS I 888 -41.37 -14.06 -52.98
N LEU I 889 -42.57 -14.33 -52.48
CA LEU I 889 -43.07 -15.69 -52.33
C LEU I 889 -44.50 -15.79 -52.85
N ASP I 890 -44.96 -17.01 -53.08
CA ASP I 890 -46.32 -17.25 -53.53
C ASP I 890 -47.07 -18.00 -52.43
N TYR I 891 -48.33 -17.64 -52.20
CA TYR I 891 -49.12 -18.33 -51.20
C TYR I 891 -50.07 -19.26 -51.95
N GLU I 892 -49.85 -19.37 -53.25
CA GLU I 892 -50.69 -20.22 -54.10
C GLU I 892 -49.85 -20.68 -55.29
N LYS I 893 -49.71 -21.98 -55.45
CA LYS I 893 -48.92 -22.51 -56.55
C LYS I 893 -49.48 -22.08 -57.90
N LYS I 894 -48.73 -22.39 -58.95
CA LYS I 894 -49.10 -22.08 -60.34
C LYS I 894 -49.34 -20.59 -60.62
N ALA I 895 -49.15 -19.74 -59.61
CA ALA I 895 -49.34 -18.31 -59.78
C ALA I 895 -48.52 -17.79 -60.98
N SER I 896 -48.80 -16.56 -61.40
CA SER I 896 -48.10 -15.98 -62.55
C SER I 896 -46.85 -15.18 -62.20
N LEU I 897 -45.84 -15.32 -63.06
CA LEU I 897 -44.58 -14.63 -62.88
C LEU I 897 -44.63 -13.21 -63.43
N PHE I 898 -45.44 -13.02 -64.47
CA PHE I 898 -45.55 -11.71 -65.10
C PHE I 898 -46.48 -10.76 -64.33
N ASP I 899 -47.08 -11.25 -63.25
CA ASP I 899 -47.98 -10.45 -62.43
C ASP I 899 -47.20 -9.31 -61.78
N PHE I 901 -45.27 -7.51 -62.90
CA PHE I 901 -45.22 -6.40 -63.85
C PHE I 901 -46.64 -5.98 -64.20
N ASP I 902 -46.82 -4.72 -64.55
CA ASP I 902 -48.15 -4.19 -64.91
C ASP I 902 -49.21 -4.62 -63.90
N LYS J 2 23.55 -1.17 -54.59
CA LYS J 2 23.02 0.19 -54.64
C LYS J 2 24.19 1.12 -54.39
N GLU J 3 24.32 2.15 -55.22
CA GLU J 3 25.42 3.09 -55.06
C GLU J 3 25.27 4.01 -53.85
N PHE J 4 26.38 4.48 -53.33
CA PHE J 4 26.37 5.39 -52.20
C PHE J 4 27.62 6.25 -52.24
N TYR J 5 27.54 7.48 -51.73
CA TYR J 5 28.70 8.36 -51.76
C TYR J 5 29.70 8.15 -50.61
N LEU J 6 30.92 8.63 -50.83
CA LEU J 6 31.98 8.55 -49.84
C LEU J 6 32.29 9.96 -49.34
N THR J 7 32.49 10.88 -50.28
CA THR J 7 32.77 12.25 -49.91
C THR J 7 32.27 13.11 -51.03
N VAL J 8 31.72 14.25 -50.66
CA VAL J 8 31.21 15.23 -51.60
C VAL J 8 31.92 16.55 -51.25
N GLU J 9 32.07 17.42 -52.23
CA GLU J 9 32.80 18.66 -51.98
C GLU J 9 32.40 19.68 -53.02
N GLN J 10 32.59 20.96 -52.70
CA GLN J 10 32.27 22.01 -53.65
C GLN J 10 33.48 22.87 -53.92
N ILE J 11 33.80 23.04 -55.19
CA ILE J 11 34.92 23.86 -55.60
C ILE J 11 34.50 24.66 -56.84
N GLY J 12 34.01 25.87 -56.59
CA GLY J 12 33.58 26.71 -57.68
C GLY J 12 32.22 26.28 -58.18
N ASP J 13 32.10 26.05 -59.48
CA ASP J 13 30.84 25.65 -60.07
C ASP J 13 30.73 24.15 -60.20
N SER J 14 31.72 23.43 -59.69
CA SER J 14 31.64 21.98 -59.80
C SER J 14 31.60 21.25 -58.47
N ILE J 15 30.95 20.09 -58.49
CA ILE J 15 30.84 19.24 -57.33
C ILE J 15 31.81 18.07 -57.53
N PHE J 16 32.67 17.83 -56.55
CA PHE J 16 33.61 16.73 -56.64
C PHE J 16 33.13 15.66 -55.69
N GLU J 17 32.78 14.51 -56.24
CA GLU J 17 32.27 13.41 -55.45
C GLU J 17 33.06 12.13 -55.64
N ARG J 18 33.36 11.48 -54.51
CA ARG J 18 34.04 10.19 -54.53
C ARG J 18 32.91 9.26 -54.09
N TYR J 19 32.75 8.15 -54.78
CA TYR J 19 31.66 7.23 -54.43
C TYR J 19 31.89 5.78 -54.84
N ILE J 20 31.07 4.88 -54.31
CA ILE J 20 31.12 3.46 -54.65
C ILE J 20 29.99 3.22 -55.67
N ASP J 21 30.33 2.66 -56.84
CA ASP J 21 29.32 2.41 -57.88
C ASP J 21 28.59 1.08 -57.74
N SER J 22 27.78 0.78 -58.74
CA SER J 22 26.97 -0.44 -58.77
C SER J 22 27.81 -1.70 -58.81
N ASN J 23 29.06 -1.58 -59.22
CA ASN J 23 29.97 -2.74 -59.23
C ASN J 23 30.86 -2.74 -58.00
N GLY J 24 30.60 -1.86 -57.04
CA GLY J 24 31.40 -1.80 -55.83
C GLY J 24 32.78 -1.18 -56.02
N ARG J 25 32.97 -0.45 -57.09
CA ARG J 25 34.27 0.16 -57.34
C ARG J 25 34.28 1.63 -56.96
N GLU J 26 35.32 2.04 -56.22
CA GLU J 26 35.47 3.43 -55.82
C GLU J 26 35.70 4.29 -57.06
N ARG J 27 34.85 5.29 -57.24
CA ARG J 27 34.94 6.14 -58.42
C ARG J 27 34.96 7.59 -58.01
N THR J 28 35.29 8.45 -58.95
CA THR J 28 35.35 9.89 -58.67
C THR J 28 34.78 10.63 -59.89
N ARG J 29 34.05 11.71 -59.66
CA ARG J 29 33.45 12.45 -60.77
C ARG J 29 33.36 13.95 -60.49
N GLU J 30 33.45 14.75 -61.53
CA GLU J 30 33.33 16.18 -61.39
C GLU J 30 31.98 16.55 -61.98
N VAL J 31 31.15 17.24 -61.22
CA VAL J 31 29.84 17.59 -61.71
C VAL J 31 29.50 19.07 -61.67
N GLU J 32 28.99 19.57 -62.80
CA GLU J 32 28.59 20.96 -62.92
C GLU J 32 27.14 20.92 -62.44
N TYR J 33 26.96 20.86 -61.14
CA TYR J 33 25.65 20.79 -60.55
C TYR J 33 24.84 22.07 -60.68
N LYS J 34 23.69 21.95 -61.36
CA LYS J 34 22.79 23.06 -61.56
C LYS J 34 21.77 22.95 -60.43
N PRO J 35 21.88 23.83 -59.42
CA PRO J 35 21.00 23.86 -58.26
C PRO J 35 19.73 24.66 -58.48
N SER J 36 18.76 24.46 -57.59
CA SER J 36 17.48 25.18 -57.67
C SER J 36 17.14 25.86 -56.36
N LEU J 37 16.51 27.03 -56.45
CA LEU J 37 16.07 27.73 -55.25
C LEU J 37 14.63 28.13 -55.50
N PHE J 38 13.99 28.81 -54.55
CA PHE J 38 12.59 29.17 -54.74
C PHE J 38 12.16 30.53 -54.23
N ALA J 39 11.26 31.13 -54.99
CA ALA J 39 10.70 32.42 -54.65
C ALA J 39 9.19 32.26 -54.52
N HIS J 40 8.59 33.02 -53.61
CA HIS J 40 7.15 32.98 -53.43
C HIS J 40 6.51 33.50 -54.71
N CYS J 41 5.43 32.85 -55.13
CA CYS J 41 4.71 33.26 -56.34
C CYS J 41 3.26 33.49 -55.97
N PRO J 42 2.55 34.32 -56.76
CA PRO J 42 1.14 34.60 -56.48
C PRO J 42 0.24 33.39 -56.67
N GLU J 43 -0.97 33.45 -56.11
CA GLU J 43 -1.92 32.35 -56.19
C GLU J 43 -2.11 31.79 -57.60
N SER J 44 -2.35 32.67 -58.56
CA SER J 44 -2.58 32.24 -59.93
C SER J 44 -1.50 31.30 -60.47
N GLN J 45 -0.23 31.67 -60.29
CA GLN J 45 0.87 30.86 -60.80
C GLN J 45 0.91 29.44 -60.25
N ALA J 46 0.12 28.55 -60.88
CA ALA J 46 0.05 27.16 -60.47
C ALA J 46 1.45 26.58 -60.27
N THR J 47 1.58 25.73 -59.26
CA THR J 47 2.86 25.11 -58.96
C THR J 47 2.62 23.95 -57.99
N LYS J 48 3.58 23.05 -57.90
CA LYS J 48 3.46 21.90 -57.00
C LYS J 48 4.26 22.15 -55.73
N TYR J 49 4.99 23.26 -55.69
CA TYR J 49 5.85 23.60 -54.57
C TYR J 49 5.24 24.57 -53.56
N PHE J 50 5.37 24.26 -52.28
CA PHE J 50 4.86 25.13 -51.21
C PHE J 50 5.83 25.25 -50.04
N ASP J 51 5.87 26.42 -49.40
CA ASP J 51 6.74 26.61 -48.24
C ASP J 51 6.04 25.99 -47.03
N ILE J 52 6.74 25.80 -45.92
CA ILE J 52 6.11 25.16 -44.77
C ILE J 52 4.91 25.92 -44.21
N TYR J 53 4.66 27.10 -44.77
CA TYR J 53 3.54 27.91 -44.33
C TYR J 53 2.34 27.78 -45.28
N GLY J 54 2.43 26.89 -46.25
CA GLY J 54 1.33 26.69 -47.19
C GLY J 54 1.38 27.63 -48.38
N LYS J 55 2.35 28.54 -48.39
CA LYS J 55 2.49 29.48 -49.49
C LYS J 55 3.16 28.85 -50.74
N PRO J 56 2.57 29.10 -51.92
CA PRO J 56 3.10 28.56 -53.19
C PRO J 56 4.41 29.22 -53.66
N CYS J 57 5.32 28.40 -54.16
CA CYS J 57 6.61 28.91 -54.61
C CYS J 57 6.94 28.46 -56.01
N THR J 58 7.88 29.18 -56.63
CA THR J 58 8.35 28.84 -57.97
C THR J 58 9.78 28.33 -57.90
N ARG J 59 10.07 27.29 -58.66
CA ARG J 59 11.42 26.72 -58.68
C ARG J 59 12.24 27.54 -59.66
N LYS J 60 13.43 27.92 -59.23
CA LYS J 60 14.33 28.71 -60.06
C LYS J 60 15.58 27.84 -60.21
N LEU J 61 15.83 27.41 -61.44
CA LEU J 61 16.96 26.56 -61.77
C LEU J 61 18.09 27.48 -62.21
N PHE J 62 19.28 27.31 -61.62
CA PHE J 62 20.44 28.14 -61.96
C PHE J 62 21.44 27.44 -62.86
N ALA J 63 22.16 28.23 -63.64
CA ALA J 63 23.15 27.66 -64.55
C ALA J 63 24.27 26.99 -63.77
N ASN J 64 24.69 27.63 -62.68
CA ASN J 64 25.75 27.12 -61.83
C ASN J 64 25.51 27.55 -60.37
N ARG J 66 27.36 29.32 -58.42
CA ARG J 66 27.78 30.70 -58.17
C ARG J 66 26.59 31.63 -58.38
N ASP J 67 25.91 31.44 -59.50
CA ASP J 67 24.75 32.27 -59.81
C ASP J 67 23.74 32.17 -58.70
N ALA J 68 23.59 30.96 -58.16
CA ALA J 68 22.63 30.70 -57.10
C ALA J 68 22.93 31.54 -55.87
N SER J 69 24.15 31.40 -55.37
CA SER J 69 24.52 32.16 -54.18
C SER J 69 24.30 33.65 -54.37
N GLN J 70 24.76 34.15 -55.51
CA GLN J 70 24.63 35.57 -55.83
C GLN J 70 23.19 35.99 -55.83
N TRP J 71 22.35 35.10 -56.36
CA TRP J 71 20.93 35.38 -56.41
C TRP J 71 20.45 35.53 -54.98
N ILE J 72 20.87 34.62 -54.10
CA ILE J 72 20.45 34.72 -52.70
C ILE J 72 20.79 36.08 -52.09
N LYS J 73 21.99 36.56 -52.41
CA LYS J 73 22.48 37.84 -51.92
C LYS J 73 21.61 39.01 -52.39
N ARG J 74 21.34 39.05 -53.69
CA ARG J 74 20.49 40.10 -54.27
C ARG J 74 19.09 40.05 -53.70
N GLU J 76 18.06 38.93 -50.98
CA GLU J 76 18.00 39.33 -49.57
C GLU J 76 18.20 40.82 -49.40
N ASP J 77 18.98 41.43 -50.28
CA ASP J 77 19.19 42.87 -50.23
C ASP J 77 17.87 43.59 -50.59
N ILE J 78 17.14 43.06 -51.56
CA ILE J 78 15.89 43.65 -52.05
C ILE J 78 14.67 43.39 -51.17
N GLY J 79 14.78 42.45 -50.22
CA GLY J 79 13.66 42.19 -49.34
C GLY J 79 12.75 41.03 -49.68
N LEU J 80 13.16 40.13 -50.58
CA LEU J 80 12.35 38.96 -50.97
C LEU J 80 12.99 37.68 -50.48
N GLU J 81 12.19 36.80 -49.90
CA GLU J 81 12.73 35.56 -49.35
C GLU J 81 13.32 34.59 -50.36
N ALA J 82 14.58 34.20 -50.18
CA ALA J 82 15.20 33.22 -51.07
C ALA J 82 15.09 31.85 -50.38
N LEU J 83 14.08 31.08 -50.77
CA LEU J 83 13.85 29.78 -50.17
C LEU J 83 14.65 28.68 -50.81
N GLY J 84 14.76 27.56 -50.12
CA GLY J 84 15.51 26.44 -50.65
C GLY J 84 16.79 26.15 -49.89
N ASP J 86 20.40 26.21 -49.36
CA ASP J 86 21.54 27.01 -49.79
C ASP J 86 22.91 26.36 -49.64
N ASP J 87 22.94 25.13 -49.14
CA ASP J 87 24.18 24.37 -49.00
C ASP J 87 24.06 23.36 -50.16
N PHE J 88 24.49 23.78 -51.34
CA PHE J 88 24.39 22.97 -52.54
C PHE J 88 24.95 21.55 -52.43
N LYS J 89 25.86 21.34 -51.50
CA LYS J 89 26.45 20.01 -51.32
C LYS J 89 25.33 19.06 -50.89
N LEU J 90 24.58 19.49 -49.88
CA LEU J 90 23.48 18.70 -49.35
C LEU J 90 22.38 18.50 -50.39
N ALA J 91 22.22 19.48 -51.27
CA ALA J 91 21.20 19.37 -52.28
C ALA J 91 21.62 18.31 -53.31
N TYR J 92 22.88 18.37 -53.73
CA TYR J 92 23.42 17.42 -54.70
C TYR J 92 23.31 15.99 -54.19
N LEU J 93 23.59 15.78 -52.91
CA LEU J 93 23.52 14.44 -52.34
C LEU J 93 22.06 13.99 -52.35
N SER J 94 21.16 14.95 -52.14
CA SER J 94 19.74 14.67 -52.11
C SER J 94 19.26 14.16 -53.45
N ASP J 95 19.59 14.91 -54.49
CA ASP J 95 19.21 14.57 -55.86
C ASP J 95 19.89 13.32 -56.35
N THR J 96 21.15 13.14 -55.99
CA THR J 96 21.94 12.00 -56.44
C THR J 96 21.59 10.70 -55.73
N TYR J 97 21.08 10.79 -54.52
CA TYR J 97 20.72 9.61 -53.75
C TYR J 97 19.33 9.80 -53.21
N ASN J 98 18.34 9.59 -54.08
CA ASN J 98 16.94 9.77 -53.68
C ASN J 98 16.33 8.49 -53.16
N TYR J 99 17.00 7.89 -52.18
CA TYR J 99 16.51 6.67 -51.56
C TYR J 99 17.25 6.48 -50.25
N GLU J 100 16.80 5.53 -49.45
CA GLU J 100 17.45 5.26 -48.18
C GLU J 100 18.81 4.69 -48.56
N ILE J 101 19.85 5.28 -48.03
CA ILE J 101 21.18 4.83 -48.35
C ILE J 101 21.60 3.57 -47.64
N LYS J 102 22.05 2.61 -48.44
CA LYS J 102 22.51 1.33 -47.93
C LYS J 102 23.99 1.29 -48.31
N TYR J 103 24.86 1.31 -47.30
CA TYR J 103 26.29 1.29 -47.56
C TYR J 103 26.98 0.04 -47.07
N ASP J 104 28.14 -0.23 -47.66
CA ASP J 104 28.96 -1.38 -47.31
C ASP J 104 30.31 -0.86 -46.76
N HIS J 105 30.44 -0.83 -45.44
CA HIS J 105 31.65 -0.33 -44.82
C HIS J 105 32.95 -0.92 -45.35
N THR J 106 32.92 -2.19 -45.76
CA THR J 106 34.12 -2.84 -46.26
C THR J 106 34.58 -2.23 -47.58
N LYS J 107 33.79 -1.32 -48.12
CA LYS J 107 34.15 -0.68 -49.36
C LYS J 107 34.71 0.70 -49.07
N ILE J 108 34.46 1.19 -47.85
CA ILE J 108 34.93 2.51 -47.43
C ILE J 108 36.32 2.43 -46.84
N ARG J 109 37.26 3.17 -47.41
CA ARG J 109 38.62 3.15 -46.90
C ARG J 109 38.84 4.06 -45.68
N VAL J 110 39.02 3.47 -44.49
CA VAL J 110 39.25 4.23 -43.26
C VAL J 110 40.73 4.16 -42.88
N ALA J 111 41.41 5.29 -42.96
CA ALA J 111 42.83 5.33 -42.65
C ALA J 111 43.08 5.82 -41.26
N ASN J 112 43.91 5.07 -40.53
CA ASN J 112 44.28 5.36 -39.15
C ASN J 112 45.81 5.55 -39.11
N PHE J 113 46.30 6.78 -38.89
CA PHE J 113 47.76 6.93 -38.85
C PHE J 113 48.34 7.77 -37.73
N ASP J 114 49.67 7.70 -37.61
CA ASP J 114 50.40 8.40 -36.56
C ASP J 114 51.86 8.58 -36.97
N ILE J 115 52.40 9.78 -36.77
CA ILE J 115 53.78 10.07 -37.14
C ILE J 115 54.66 10.34 -35.92
N GLU J 116 55.98 10.27 -36.15
CA GLU J 116 56.97 10.52 -35.10
C GLU J 116 57.97 11.55 -35.60
N VAL J 117 58.24 12.57 -34.78
CA VAL J 117 59.18 13.63 -35.12
C VAL J 117 60.16 13.92 -33.96
N THR J 118 61.45 13.65 -34.18
CA THR J 118 62.47 13.91 -33.16
C THR J 118 62.76 15.41 -33.09
N SER J 119 62.56 16.00 -31.92
CA SER J 119 62.81 17.43 -31.75
C SER J 119 63.79 17.70 -30.62
N PRO J 120 65.02 18.10 -30.98
CA PRO J 120 66.08 18.41 -30.02
C PRO J 120 65.65 19.46 -29.00
N ASP J 121 64.97 20.50 -29.48
CA ASP J 121 64.49 21.58 -28.62
C ASP J 121 63.10 21.29 -28.07
N GLY J 122 62.20 22.27 -28.18
CA GLY J 122 60.85 22.09 -27.67
C GLY J 122 59.95 21.27 -28.59
N PHE J 123 58.65 21.29 -28.32
CA PHE J 123 57.67 20.57 -29.13
C PHE J 123 57.77 21.04 -30.61
N PRO J 124 57.65 20.10 -31.58
CA PRO J 124 57.74 20.47 -32.99
C PRO J 124 56.46 21.08 -33.54
N GLU J 125 56.36 22.40 -33.47
CA GLU J 125 55.18 23.09 -33.96
C GLU J 125 54.92 22.69 -35.39
N PRO J 126 53.73 22.13 -35.67
CA PRO J 126 53.34 21.69 -37.01
C PRO J 126 53.23 22.81 -38.03
N SER J 127 53.04 24.04 -37.57
CA SER J 127 52.91 25.16 -38.50
C SER J 127 54.28 25.51 -39.07
N GLN J 128 55.33 25.10 -38.38
CA GLN J 128 56.70 25.36 -38.80
C GLN J 128 57.34 24.15 -39.50
N ALA J 129 57.07 22.95 -38.98
CA ALA J 129 57.59 21.71 -39.55
C ALA J 129 59.07 21.87 -39.86
N LYS J 130 59.86 22.23 -38.86
CA LYS J 130 61.28 22.43 -39.07
C LYS J 130 62.11 21.17 -38.83
N HIS J 131 61.46 20.10 -38.38
CA HIS J 131 62.19 18.86 -38.16
C HIS J 131 61.70 17.78 -39.12
N PRO J 132 62.59 16.84 -39.44
CA PRO J 132 62.23 15.76 -40.36
C PRO J 132 61.36 14.70 -39.71
N ILE J 133 60.41 14.18 -40.48
CA ILE J 133 59.50 13.13 -40.04
C ILE J 133 60.33 11.85 -40.14
N ASP J 134 60.61 11.23 -39.01
CA ASP J 134 61.42 10.02 -39.04
C ASP J 134 60.62 8.76 -38.88
N ALA J 135 59.30 8.90 -38.77
CA ALA J 135 58.41 7.75 -38.65
C ALA J 135 56.93 8.04 -38.96
N ILE J 136 56.30 7.10 -39.67
CA ILE J 136 54.88 7.21 -40.01
C ILE J 136 54.31 5.79 -40.01
N THR J 137 53.17 5.60 -39.37
CA THR J 137 52.52 4.30 -39.39
C THR J 137 51.08 4.55 -39.81
N HIS J 138 50.76 4.10 -41.02
CA HIS J 138 49.45 4.31 -41.59
C HIS J 138 48.66 2.99 -41.81
N TYR J 139 47.64 2.78 -40.99
CA TYR J 139 46.81 1.58 -41.08
C TYR J 139 45.66 1.76 -42.07
N ASP J 140 45.58 0.87 -43.06
CA ASP J 140 44.53 0.95 -44.07
C ASP J 140 43.45 -0.11 -43.83
N SER J 141 42.22 0.35 -43.60
CA SER J 141 41.11 -0.54 -43.30
C SER J 141 40.81 -1.61 -44.33
N ILE J 142 40.82 -1.24 -45.62
CA ILE J 142 40.52 -2.21 -46.66
C ILE J 142 41.62 -3.27 -46.83
N ASP J 143 42.86 -2.90 -46.51
CA ASP J 143 44.01 -3.81 -46.59
C ASP J 143 44.28 -4.51 -45.26
N ASP J 144 43.79 -3.91 -44.18
CA ASP J 144 43.99 -4.44 -42.83
C ASP J 144 45.48 -4.67 -42.57
N ARG J 145 46.29 -3.74 -43.05
CA ARG J 145 47.72 -3.82 -42.88
C ARG J 145 48.24 -2.50 -42.30
N PHE J 146 49.25 -2.61 -41.45
CA PHE J 146 49.87 -1.43 -40.86
C PHE J 146 51.10 -1.12 -41.69
N TYR J 147 51.09 0.01 -42.36
CA TYR J 147 52.26 0.39 -43.17
C TYR J 147 53.16 1.28 -42.33
N VAL J 148 54.43 0.90 -42.23
CA VAL J 148 55.41 1.65 -41.45
C VAL J 148 56.52 2.23 -42.29
N PHE J 149 56.60 3.55 -42.33
CA PHE J 149 57.64 4.25 -43.10
C PHE J 149 58.69 4.68 -42.09
N ASP J 150 59.87 4.08 -42.20
CA ASP J 150 60.95 4.35 -41.26
C ASP J 150 62.18 5.04 -41.82
N LEU J 151 62.55 6.17 -41.22
CA LEU J 151 63.73 6.91 -41.65
C LEU J 151 64.90 6.38 -40.83
N LEU J 152 65.96 5.98 -41.52
CA LEU J 152 67.15 5.43 -40.88
C LEU J 152 68.20 6.51 -40.62
N ASN J 153 68.39 7.37 -41.61
CA ASN J 153 69.36 8.45 -41.53
C ASN J 153 68.65 9.79 -41.36
N SER J 154 69.23 10.66 -40.52
CA SER J 154 68.66 11.96 -40.26
C SER J 154 69.64 12.86 -39.54
N PRO J 155 69.41 14.19 -39.59
CA PRO J 155 70.30 15.14 -38.91
C PRO J 155 70.45 14.81 -37.43
N TYR J 156 69.51 14.08 -36.85
CA TYR J 156 69.61 13.72 -35.43
C TYR J 156 70.03 12.28 -35.24
N GLY J 157 70.84 11.79 -36.16
CA GLY J 157 71.33 10.43 -36.01
C GLY J 157 70.93 9.45 -37.09
N ASN J 158 71.69 8.37 -37.17
CA ASN J 158 71.45 7.32 -38.13
C ASN J 158 71.31 6.03 -37.37
N VAL J 159 70.29 5.24 -37.72
CA VAL J 159 70.02 3.99 -37.02
C VAL J 159 69.98 2.77 -37.92
N GLU J 160 69.61 1.65 -37.31
CA GLU J 160 69.50 0.37 -37.99
C GLU J 160 68.02 0.06 -38.24
N GLU J 161 67.77 -0.88 -39.13
CA GLU J 161 66.40 -1.25 -39.44
C GLU J 161 65.74 -1.83 -38.20
N TRP J 162 64.44 -1.61 -38.10
CA TRP J 162 63.63 -2.10 -37.01
C TRP J 162 63.52 -3.61 -37.21
N SER J 163 63.26 -4.34 -36.13
CA SER J 163 63.14 -5.79 -36.21
C SER J 163 61.79 -6.28 -35.74
N ILE J 164 61.05 -6.88 -36.67
CA ILE J 164 59.73 -7.40 -36.36
C ILE J 164 59.88 -8.51 -35.33
N GLU J 165 60.92 -9.30 -35.49
CA GLU J 165 61.18 -10.42 -34.61
C GLU J 165 61.39 -9.91 -33.18
N ILE J 166 62.30 -8.96 -33.02
CA ILE J 166 62.59 -8.40 -31.71
C ILE J 166 61.34 -7.72 -31.15
N ALA J 167 60.62 -7.03 -32.02
CA ALA J 167 59.40 -6.32 -31.64
C ALA J 167 58.32 -7.28 -31.13
N ALA J 168 58.36 -8.52 -31.60
CA ALA J 168 57.36 -9.50 -31.18
C ALA J 168 57.73 -10.17 -29.87
N LYS J 169 59.04 -10.20 -29.56
CA LYS J 169 59.53 -10.83 -28.34
C LYS J 169 58.94 -10.20 -27.07
N LEU J 170 58.83 -11.01 -26.02
CA LEU J 170 58.27 -10.56 -24.75
C LEU J 170 59.07 -9.43 -24.11
N GLN J 171 58.48 -8.83 -23.09
CA GLN J 171 59.10 -7.72 -22.35
C GLN J 171 60.45 -8.15 -21.78
N GLU J 172 60.41 -9.19 -20.94
CA GLU J 172 61.59 -9.74 -20.28
C GLU J 172 62.73 -10.05 -21.25
N GLN J 173 62.41 -10.77 -22.31
CA GLN J 173 63.41 -11.14 -23.31
C GLN J 173 63.86 -9.97 -24.20
N GLY J 174 63.85 -8.77 -23.64
CA GLY J 174 64.27 -7.59 -24.39
C GLY J 174 63.47 -7.27 -25.64
N GLY J 175 62.17 -7.56 -25.61
CA GLY J 175 61.32 -7.30 -26.76
C GLY J 175 60.44 -6.06 -26.62
N ASP J 176 59.71 -5.74 -27.69
CA ASP J 176 58.84 -4.58 -27.69
C ASP J 176 57.40 -5.01 -27.48
N GLU J 177 56.79 -4.51 -26.41
CA GLU J 177 55.41 -4.82 -26.08
C GLU J 177 54.98 -6.22 -26.50
N VAL J 178 53.68 -6.37 -26.76
CA VAL J 178 53.11 -7.64 -27.17
C VAL J 178 52.14 -7.50 -28.35
N PRO J 179 52.56 -6.81 -29.42
CA PRO J 179 51.67 -6.66 -30.57
C PRO J 179 51.53 -8.01 -31.27
N SER J 180 50.54 -8.80 -30.85
CA SER J 180 50.35 -10.13 -31.43
C SER J 180 49.58 -10.25 -32.74
N GLU J 181 48.25 -10.12 -32.66
CA GLU J 181 47.38 -10.23 -33.82
C GLU J 181 47.68 -9.26 -34.96
N ILE J 182 48.67 -8.40 -34.80
CA ILE J 182 49.00 -7.45 -35.86
C ILE J 182 50.42 -7.63 -36.37
N ILE J 183 51.16 -8.54 -35.75
CA ILE J 183 52.56 -8.79 -36.13
C ILE J 183 52.68 -9.15 -37.61
N ASP J 184 51.84 -10.04 -38.08
CA ASP J 184 51.89 -10.45 -39.46
C ASP J 184 51.13 -9.52 -40.42
N LYS J 185 50.65 -8.40 -39.89
CA LYS J 185 49.91 -7.44 -40.70
C LYS J 185 50.66 -6.14 -40.91
N ILE J 186 51.96 -6.15 -40.65
CA ILE J 186 52.81 -4.97 -40.79
C ILE J 186 53.69 -5.02 -42.03
N ILE J 187 53.74 -3.92 -42.78
CA ILE J 187 54.59 -3.83 -43.96
C ILE J 187 55.63 -2.77 -43.59
N TYR J 188 56.86 -3.23 -43.37
CA TYR J 188 57.97 -2.35 -42.98
C TYR J 188 58.71 -1.76 -44.16
N PRO J 190 61.89 0.79 -44.69
CA PRO J 190 62.95 1.68 -44.23
C PRO J 190 63.42 2.56 -45.36
N PHE J 191 63.80 3.79 -45.04
CA PHE J 191 64.28 4.73 -46.04
C PHE J 191 65.59 5.36 -45.61
N ASP J 192 66.48 5.57 -46.56
CA ASP J 192 67.77 6.15 -46.22
C ASP J 192 67.76 7.65 -46.47
N ASN J 193 66.58 8.26 -46.41
CA ASN J 193 66.46 9.69 -46.68
C ASN J 193 65.03 10.15 -46.51
N GLU J 194 64.83 11.24 -45.79
CA GLU J 194 63.49 11.79 -45.56
C GLU J 194 62.75 12.17 -46.83
N LYS J 195 63.41 12.85 -47.76
CA LYS J 195 62.76 13.25 -49.00
C LYS J 195 62.22 12.02 -49.75
N GLU J 196 62.98 10.92 -49.73
CA GLU J 196 62.55 9.70 -50.40
C GLU J 196 61.38 9.07 -49.66
N LEU J 197 61.40 9.16 -48.33
CA LEU J 197 60.33 8.61 -47.50
C LEU J 197 59.00 9.30 -47.77
N LEU J 198 58.99 10.62 -47.62
CA LEU J 198 57.79 11.41 -47.84
C LEU J 198 57.29 11.21 -49.26
N GLU J 200 57.48 8.74 -51.05
CA GLU J 200 56.82 7.44 -51.17
C GLU J 200 55.51 7.35 -50.42
N TYR J 201 55.44 8.01 -49.26
CA TYR J 201 54.22 8.02 -48.48
C TYR J 201 53.19 8.72 -49.38
N LEU J 202 53.65 9.75 -50.07
CA LEU J 202 52.78 10.51 -50.96
C LEU J 202 52.27 9.63 -52.09
N ASN J 203 53.17 8.89 -52.74
CA ASN J 203 52.75 8.04 -53.83
C ASN J 203 51.75 7.03 -53.29
N PHE J 204 52.12 6.41 -52.17
CA PHE J 204 51.28 5.42 -51.50
C PHE J 204 49.89 5.99 -51.24
N TRP J 205 49.86 7.23 -50.79
CA TRP J 205 48.62 7.91 -50.45
C TRP J 205 47.73 8.11 -51.67
N GLN J 206 48.34 8.27 -52.86
CA GLN J 206 47.56 8.44 -54.08
C GLN J 206 46.87 7.12 -54.46
N GLN J 207 47.51 5.99 -54.13
CA GLN J 207 47.01 4.64 -54.43
C GLN J 207 45.99 4.13 -53.40
N LYS J 208 46.01 4.68 -52.21
CA LYS J 208 45.09 4.24 -51.16
C LYS J 208 44.57 5.46 -50.42
N THR J 209 44.10 6.43 -51.21
CA THR J 209 43.57 7.66 -50.65
C THR J 209 42.47 7.44 -49.60
N PRO J 210 42.74 7.84 -48.36
CA PRO J 210 41.77 7.68 -47.28
C PRO J 210 40.44 8.36 -47.63
N VAL J 211 39.34 7.81 -47.13
CA VAL J 211 38.03 8.39 -47.33
C VAL J 211 37.80 8.96 -45.95
N ILE J 212 37.84 8.08 -44.96
CA ILE J 212 37.72 8.49 -43.56
C ILE J 212 39.15 8.48 -43.00
N LEU J 213 39.61 9.62 -42.50
CA LEU J 213 40.94 9.72 -41.91
C LEU J 213 40.80 9.96 -40.42
N THR J 214 41.31 9.02 -39.63
CA THR J 214 41.22 9.12 -38.18
C THR J 214 42.57 8.92 -37.50
N GLY J 215 42.53 8.80 -36.18
CA GLY J 215 43.74 8.65 -35.40
C GLY J 215 43.52 9.45 -34.13
N TRP J 216 44.59 9.89 -33.48
CA TRP J 216 44.49 10.66 -32.25
C TRP J 216 45.23 12.00 -32.42
N ASN J 217 44.51 13.11 -32.30
CA ASN J 217 45.10 14.45 -32.46
C ASN J 217 45.66 14.64 -33.85
N VAL J 218 45.30 13.71 -34.72
CA VAL J 218 45.71 13.68 -36.12
C VAL J 218 45.31 14.96 -36.85
N GLU J 219 44.25 15.60 -36.41
CA GLU J 219 43.81 16.82 -37.07
C GLU J 219 44.59 18.04 -36.58
N SER J 220 45.09 17.98 -35.35
CA SER J 220 45.83 19.12 -34.83
C SER J 220 47.34 18.96 -34.97
N PHE J 221 47.81 17.73 -35.15
CA PHE J 221 49.24 17.55 -35.31
C PHE J 221 49.70 16.90 -36.61
N ALA J 222 49.52 15.58 -36.68
CA ALA J 222 49.92 14.78 -37.84
C ALA J 222 49.66 15.39 -39.23
N ILE J 223 48.38 15.57 -39.56
CA ILE J 223 48.01 16.12 -40.86
C ILE J 223 48.73 17.45 -41.13
N PRO J 224 48.57 18.42 -40.24
CA PRO J 224 49.22 19.73 -40.39
C PRO J 224 50.73 19.59 -40.57
N TYR J 225 51.34 18.76 -39.73
CA TYR J 225 52.78 18.57 -39.81
C TYR J 225 53.21 18.01 -41.16
N VAL J 226 52.57 16.92 -41.59
CA VAL J 226 52.90 16.29 -42.85
C VAL J 226 52.70 17.25 -44.00
N TYR J 227 51.60 18.01 -43.95
CA TYR J 227 51.33 18.95 -45.03
C TYR J 227 52.42 20.00 -45.03
N ASN J 228 52.65 20.62 -43.88
CA ASN J 228 53.68 21.65 -43.82
C ASN J 228 55.09 21.13 -44.08
N ARG J 229 55.40 19.91 -43.62
CA ARG J 229 56.73 19.36 -43.86
C ARG J 229 56.95 19.17 -45.37
N ILE J 230 55.97 18.57 -46.04
CA ILE J 230 56.08 18.35 -47.48
C ILE J 230 56.05 19.69 -48.22
N LYS J 231 55.19 20.61 -47.78
CA LYS J 231 55.09 21.90 -48.43
C LYS J 231 56.46 22.55 -48.41
N ASN J 232 57.07 22.58 -47.22
CA ASN J 232 58.39 23.17 -47.05
C ASN J 232 59.47 22.51 -47.91
N ILE J 233 59.52 21.19 -47.91
CA ILE J 233 60.54 20.52 -48.71
C ILE J 233 60.30 20.55 -50.21
N PHE J 234 59.12 20.17 -50.67
CA PHE J 234 58.87 20.12 -52.11
C PHE J 234 58.02 21.22 -52.70
N GLY J 235 57.46 22.08 -51.87
CA GLY J 235 56.63 23.15 -52.41
C GLY J 235 55.15 22.85 -52.27
N GLU J 236 54.34 23.91 -52.21
CA GLU J 236 52.89 23.79 -52.03
C GLU J 236 52.23 22.75 -52.94
N SER J 237 52.51 22.81 -54.24
CA SER J 237 51.92 21.87 -55.17
C SER J 237 52.00 20.45 -54.65
N THR J 238 53.21 19.91 -54.59
CA THR J 238 53.40 18.56 -54.10
C THR J 238 52.54 18.24 -52.88
N ALA J 239 52.49 19.15 -51.91
CA ALA J 239 51.71 18.91 -50.71
C ALA J 239 50.21 18.82 -51.02
N LYS J 240 49.76 19.59 -52.00
CA LYS J 240 48.36 19.57 -52.36
C LYS J 240 47.92 18.16 -52.76
N ARG J 241 48.89 17.34 -53.14
CA ARG J 241 48.61 15.97 -53.54
C ARG J 241 47.97 15.18 -52.42
N LEU J 242 48.09 15.66 -51.19
CA LEU J 242 47.47 14.96 -50.07
C LEU J 242 45.95 15.03 -50.21
N SER J 243 45.49 15.90 -51.10
CA SER J 243 44.05 16.03 -51.39
C SER J 243 43.77 15.40 -52.74
N PRO J 244 42.74 14.54 -52.82
CA PRO J 244 42.44 13.90 -54.09
C PRO J 244 42.00 14.87 -55.17
N HIS J 245 41.69 16.11 -54.79
CA HIS J 245 41.28 17.09 -55.79
C HIS J 245 42.27 18.23 -55.76
N ARG J 246 43.44 17.95 -55.18
CA ARG J 246 44.54 18.91 -55.07
C ARG J 246 44.02 20.25 -54.58
N LYS J 247 43.17 20.22 -53.57
CA LYS J 247 42.60 21.43 -53.02
C LYS J 247 42.61 21.38 -51.49
N THR J 248 43.24 22.37 -50.87
CA THR J 248 43.33 22.41 -49.42
C THR J 248 42.98 23.81 -48.97
N ARG J 249 42.60 23.94 -47.71
CA ARG J 249 42.25 25.23 -47.16
C ARG J 249 42.70 25.33 -45.71
N VAL J 250 43.24 26.49 -45.33
CA VAL J 250 43.68 26.71 -43.96
C VAL J 250 42.51 27.28 -43.16
N LYS J 251 42.27 26.68 -42.00
CA LYS J 251 41.17 27.11 -41.14
C LYS J 251 41.72 27.54 -39.78
N VAL J 252 41.71 28.84 -39.51
CA VAL J 252 42.18 29.37 -38.23
C VAL J 252 40.99 29.48 -37.30
N ILE J 253 40.67 28.36 -36.64
CA ILE J 253 39.49 28.29 -35.77
C ILE J 253 39.44 29.11 -34.48
N GLU J 254 38.32 29.00 -33.76
CA GLU J 254 38.19 29.69 -32.51
C GLU J 254 37.38 28.99 -31.42
N ASN J 255 37.69 29.48 -30.22
CA ASN J 255 37.09 29.27 -28.92
C ASN J 255 37.36 30.67 -28.41
N TYR J 257 39.39 31.73 -26.12
CA TYR J 257 40.81 32.01 -25.88
C TYR J 257 41.69 31.88 -27.17
N GLY J 258 41.69 30.67 -27.74
CA GLY J 258 42.55 30.32 -28.85
C GLY J 258 41.94 30.46 -30.22
N SER J 259 42.86 30.42 -31.18
CA SER J 259 42.68 30.51 -32.63
C SER J 259 43.89 29.71 -33.15
N ARG J 260 43.64 28.45 -33.52
CA ARG J 260 44.67 27.53 -34.01
C ARG J 260 44.49 27.15 -35.47
N GLU J 261 45.62 26.99 -36.16
CA GLU J 261 45.68 26.64 -37.58
C GLU J 261 45.42 25.16 -37.81
N ILE J 262 44.48 24.86 -38.68
CA ILE J 262 44.18 23.47 -39.03
C ILE J 262 44.03 23.41 -40.55
N ILE J 263 44.44 22.31 -41.16
CA ILE J 263 44.37 22.15 -42.60
C ILE J 263 43.22 21.24 -43.02
N THR J 264 42.51 21.58 -44.07
CA THR J 264 41.45 20.70 -44.50
C THR J 264 41.83 20.20 -45.86
N LEU J 265 41.64 18.90 -46.05
CA LEU J 265 41.97 18.25 -47.31
C LEU J 265 40.68 17.96 -48.04
N PHE J 266 40.46 18.63 -49.17
CA PHE J 266 39.23 18.42 -49.91
C PHE J 266 39.17 17.02 -50.48
N GLY J 267 38.05 16.36 -50.27
CA GLY J 267 37.87 15.02 -50.78
C GLY J 267 38.11 13.96 -49.74
N ILE J 268 38.33 14.41 -48.51
CA ILE J 268 38.57 13.51 -47.40
C ILE J 268 37.77 14.00 -46.20
N SER J 269 37.32 13.06 -45.38
CA SER J 269 36.56 13.40 -44.19
C SER J 269 37.41 13.00 -43.01
N VAL J 270 37.81 13.99 -42.21
CA VAL J 270 38.65 13.74 -41.07
C VAL J 270 37.85 13.63 -39.80
N LEU J 271 38.02 12.51 -39.12
CA LEU J 271 37.31 12.28 -37.87
C LEU J 271 38.33 11.91 -36.81
N ASP J 272 38.94 12.94 -36.24
CA ASP J 272 39.93 12.76 -35.21
C ASP J 272 39.24 12.02 -34.08
N TYR J 273 39.78 10.86 -33.70
CA TYR J 273 39.16 10.07 -32.64
C TYR J 273 39.12 10.79 -31.28
N ILE J 274 40.08 11.69 -31.04
CA ILE J 274 40.09 12.39 -29.78
C ILE J 274 38.82 13.23 -29.71
N ASP J 275 38.45 13.78 -30.87
CA ASP J 275 37.24 14.59 -31.00
C ASP J 275 36.02 13.67 -30.95
N LEU J 276 36.10 12.53 -31.63
CA LEU J 276 34.99 11.60 -31.61
C LEU J 276 34.79 11.12 -30.17
N TYR J 277 35.89 10.81 -29.51
CA TYR J 277 35.88 10.30 -28.14
C TYR J 277 35.20 11.30 -27.19
N LYS J 278 35.66 12.54 -27.22
CA LYS J 278 35.11 13.60 -26.37
C LYS J 278 33.63 13.84 -26.65
N LYS J 279 33.27 13.71 -27.91
CA LYS J 279 31.91 13.91 -28.38
C LYS J 279 30.96 12.80 -27.95
N PHE J 280 31.34 11.56 -28.21
CA PHE J 280 30.47 10.43 -27.88
C PHE J 280 30.69 9.70 -26.56
N SER J 281 31.79 9.99 -25.85
CA SER J 281 32.02 9.36 -24.56
C SER J 281 31.36 10.26 -23.54
N PHE J 282 30.48 9.69 -22.72
CA PHE J 282 29.81 10.52 -21.73
C PHE J 282 30.57 10.55 -20.40
N THR J 283 31.88 10.76 -20.48
CA THR J 283 32.72 10.80 -19.29
C THR J 283 33.96 11.69 -19.45
N ASN J 284 33.98 12.78 -18.69
CA ASN J 284 35.06 13.76 -18.71
C ASN J 284 36.28 13.12 -18.07
N GLN J 285 37.40 13.09 -18.80
CA GLN J 285 38.62 12.47 -18.31
C GLN J 285 39.66 13.53 -17.84
N PRO J 286 40.55 13.17 -16.89
CA PRO J 286 41.56 14.13 -16.40
C PRO J 286 42.77 14.33 -17.31
N SER J 287 42.79 13.59 -18.42
CA SER J 287 43.85 13.68 -19.41
C SER J 287 43.36 13.00 -20.68
N TYR J 288 43.56 13.64 -21.82
CA TYR J 288 43.14 13.02 -23.06
C TYR J 288 44.31 12.57 -23.90
N SER J 289 45.27 11.91 -23.26
CA SER J 289 46.42 11.39 -23.98
C SER J 289 46.07 9.97 -24.41
N LEU J 290 46.64 9.51 -25.51
CA LEU J 290 46.35 8.16 -25.97
C LEU J 290 46.65 7.13 -24.89
N ASP J 291 47.81 7.26 -24.24
CA ASP J 291 48.18 6.30 -23.21
C ASP J 291 47.17 6.29 -22.07
N TYR J 292 46.66 7.47 -21.72
CA TYR J 292 45.70 7.58 -20.63
C TYR J 292 44.33 7.01 -20.97
N ILE J 293 43.89 7.23 -22.20
CA ILE J 293 42.60 6.72 -22.61
C ILE J 293 42.66 5.21 -22.86
N SER J 294 43.77 4.73 -23.45
CA SER J 294 43.95 3.31 -23.71
C SER J 294 43.93 2.53 -22.40
N GLU J 295 44.44 3.17 -21.35
CA GLU J 295 44.51 2.54 -20.04
C GLU J 295 43.12 2.46 -19.46
N PHE J 296 42.34 3.51 -19.73
CA PHE J 296 40.97 3.59 -19.24
C PHE J 296 40.05 2.63 -19.96
N GLU J 297 40.25 2.47 -21.26
CA GLU J 297 39.41 1.60 -22.06
C GLU J 297 39.96 0.19 -22.24
N LEU J 298 41.19 0.07 -22.71
CA LEU J 298 41.78 -1.24 -22.95
C LEU J 298 42.61 -1.76 -21.78
N ASN J 299 42.69 -0.99 -20.71
CA ASN J 299 43.48 -1.37 -19.54
C ASN J 299 44.89 -1.80 -19.96
N VAL J 300 45.48 -1.06 -20.90
CA VAL J 300 46.81 -1.40 -21.39
C VAL J 300 47.68 -0.17 -21.65
N GLY J 301 47.17 0.78 -22.43
CA GLY J 301 47.95 1.97 -22.74
C GLY J 301 49.06 1.72 -23.75
N LYS J 302 49.91 2.71 -23.96
CA LYS J 302 51.01 2.61 -24.91
C LYS J 302 52.20 1.82 -24.33
N LEU J 303 53.42 2.17 -24.75
CA LEU J 303 54.63 1.51 -24.28
C LEU J 303 55.23 2.22 -23.06
N LYS J 304 56.28 1.64 -22.50
CA LYS J 304 56.95 2.21 -21.33
C LYS J 304 58.44 2.44 -21.58
N TYR J 305 58.76 3.39 -22.46
CA TYR J 305 60.14 3.72 -22.80
C TYR J 305 60.86 4.46 -21.67
N ASP J 306 62.18 4.56 -21.79
CA ASP J 306 63.00 5.25 -20.78
C ASP J 306 63.62 6.53 -21.34
N GLY J 307 64.02 7.42 -20.42
CA GLY J 307 64.61 8.68 -20.83
C GLY J 307 63.61 9.54 -21.59
N PRO J 308 64.00 10.75 -22.00
CA PRO J 308 63.09 11.62 -22.74
C PRO J 308 62.76 11.09 -24.14
N ILE J 309 61.48 11.16 -24.49
CA ILE J 309 60.99 10.72 -25.79
C ILE J 309 61.81 11.36 -26.91
N SER J 310 62.24 12.60 -26.69
CA SER J 310 63.02 13.33 -27.67
C SER J 310 64.41 12.76 -27.92
N LYS J 311 64.77 11.72 -27.16
CA LYS J 311 66.07 11.10 -27.30
C LYS J 311 65.91 9.59 -27.31
N LEU J 312 64.79 9.15 -27.86
CA LEU J 312 64.48 7.73 -27.94
C LEU J 312 64.92 7.13 -29.26
N ARG J 313 64.61 7.81 -30.37
CA ARG J 313 64.97 7.32 -31.68
C ARG J 313 66.44 6.99 -31.81
N GLU J 314 67.30 7.76 -31.15
CA GLU J 314 68.73 7.53 -31.22
C GLU J 314 69.17 6.38 -30.33
N SER J 315 68.89 6.49 -29.03
CA SER J 315 69.27 5.45 -28.09
C SER J 315 68.69 4.08 -28.42
N ASN J 316 67.37 4.01 -28.49
CA ASN J 316 66.65 2.76 -28.78
C ASN J 316 65.67 2.90 -29.96
N HIS J 317 66.20 3.03 -31.19
CA HIS J 317 65.36 3.17 -32.38
C HIS J 317 64.35 2.05 -32.56
N GLN J 318 64.71 0.85 -32.08
CA GLN J 318 63.85 -0.32 -32.14
C GLN J 318 62.54 -0.01 -31.42
N ARG J 319 62.67 0.30 -30.13
CA ARG J 319 61.53 0.61 -29.29
C ARG J 319 60.75 1.79 -29.86
N TYR J 320 61.47 2.76 -30.41
CA TYR J 320 60.85 3.95 -31.00
C TYR J 320 59.77 3.66 -32.07
N ILE J 321 60.08 2.76 -33.00
CA ILE J 321 59.16 2.39 -34.06
C ILE J 321 58.00 1.53 -33.56
N SER J 322 58.32 0.55 -32.72
CA SER J 322 57.28 -0.31 -32.17
C SER J 322 56.31 0.56 -31.36
N TYR J 323 56.81 1.71 -30.94
CA TYR J 323 56.05 2.68 -30.16
C TYR J 323 55.01 3.27 -31.12
N ASN J 324 55.49 3.70 -32.28
CA ASN J 324 54.67 4.28 -33.31
C ASN J 324 53.54 3.31 -33.71
N ILE J 325 53.90 2.05 -33.99
CA ILE J 325 52.94 1.04 -34.38
C ILE J 325 51.83 0.79 -33.36
N ILE J 326 52.20 0.81 -32.07
CA ILE J 326 51.23 0.59 -31.02
C ILE J 326 50.23 1.74 -30.88
N ALA J 327 50.72 2.98 -31.10
CA ALA J 327 49.86 4.15 -31.01
C ALA J 327 48.67 3.97 -31.94
N VAL J 328 48.97 3.61 -33.19
CA VAL J 328 47.94 3.39 -34.18
C VAL J 328 47.00 2.26 -33.79
N TYR J 329 47.56 1.16 -33.27
CA TYR J 329 46.72 0.03 -32.91
C TYR J 329 45.86 0.34 -31.69
N ARG J 330 46.43 1.12 -30.76
CA ARG J 330 45.70 1.47 -29.55
C ARG J 330 44.39 2.18 -29.92
N VAL J 331 44.42 2.94 -31.01
CA VAL J 331 43.21 3.62 -31.44
C VAL J 331 42.27 2.59 -32.09
N LEU J 332 42.80 1.77 -33.00
CA LEU J 332 41.98 0.74 -33.63
C LEU J 332 41.29 -0.09 -32.57
N GLN J 333 41.94 -0.23 -31.43
CA GLN J 333 41.36 -1.01 -30.34
C GLN J 333 40.26 -0.24 -29.63
N ILE J 334 40.45 1.05 -29.45
CA ILE J 334 39.43 1.85 -28.79
C ILE J 334 38.18 1.91 -29.68
N ASP J 335 38.37 1.93 -30.99
CA ASP J 335 37.24 1.96 -31.90
C ASP J 335 36.56 0.59 -31.92
N ALA J 336 37.35 -0.47 -31.76
CA ALA J 336 36.81 -1.82 -31.75
C ALA J 336 35.76 -1.92 -30.65
N LYS J 337 36.06 -1.32 -29.50
CA LYS J 337 35.14 -1.33 -28.38
C LYS J 337 34.01 -0.30 -28.50
N ARG J 338 34.39 0.96 -28.74
CA ARG J 338 33.48 2.10 -28.86
C ARG J 338 32.66 2.22 -30.16
N GLN J 339 33.26 1.82 -31.27
CA GLN J 339 32.58 1.85 -32.57
C GLN J 339 32.15 3.26 -32.99
N PHE J 340 32.87 4.29 -32.55
CA PHE J 340 32.48 5.64 -32.92
C PHE J 340 32.55 5.92 -34.41
N ILE J 341 33.53 5.34 -35.10
CA ILE J 341 33.65 5.52 -36.55
C ILE J 341 32.40 4.95 -37.21
N ASN J 342 32.01 3.75 -36.82
CA ASN J 342 30.84 3.15 -37.42
C ASN J 342 29.58 3.96 -37.09
N LEU J 343 29.47 4.43 -35.85
CA LEU J 343 28.33 5.24 -35.44
C LEU J 343 28.22 6.44 -36.39
N SER J 344 29.37 7.07 -36.63
CA SER J 344 29.48 8.24 -37.50
C SER J 344 28.97 7.97 -38.88
N LEU J 345 29.39 6.86 -39.48
CA LEU J 345 28.95 6.54 -40.83
C LEU J 345 27.43 6.34 -40.91
N ASP J 346 26.85 5.65 -39.93
CA ASP J 346 25.43 5.43 -39.95
C ASP J 346 24.67 6.75 -39.85
N GLY J 348 25.78 9.81 -40.66
CA GLY J 348 26.01 10.63 -41.83
C GLY J 348 25.18 10.20 -43.01
N TYR J 349 25.20 8.90 -43.29
CA TYR J 349 24.42 8.38 -44.40
C TYR J 349 22.93 8.50 -44.17
N TYR J 350 22.52 8.49 -42.91
CA TYR J 350 21.12 8.61 -42.55
C TYR J 350 20.61 10.02 -42.92
N ALA J 351 21.40 11.02 -42.52
CA ALA J 351 21.06 12.41 -42.76
C ALA J 351 21.32 12.82 -44.19
N LYS J 352 22.37 12.22 -44.76
CA LYS J 352 22.83 12.53 -46.12
C LYS J 352 23.66 13.81 -46.04
N ILE J 353 24.70 13.76 -45.23
CA ILE J 353 25.60 14.87 -45.04
C ILE J 353 27.00 14.32 -45.15
N GLN J 354 27.99 15.19 -45.16
CA GLN J 354 29.36 14.72 -45.20
C GLN J 354 29.53 14.04 -43.85
N ILE J 355 30.22 12.91 -43.83
CA ILE J 355 30.38 12.23 -42.55
C ILE J 355 30.94 13.18 -41.50
N GLN J 356 31.97 13.95 -41.84
CA GLN J 356 32.52 14.86 -40.85
C GLN J 356 31.49 15.80 -40.21
N SER J 357 30.29 15.89 -40.77
CA SER J 357 29.28 16.79 -40.20
C SER J 357 28.46 16.21 -39.04
N VAL J 358 28.65 14.95 -38.70
CA VAL J 358 27.90 14.37 -37.60
C VAL J 358 28.21 15.08 -36.28
N PHE J 359 29.34 15.77 -36.20
CA PHE J 359 29.68 16.50 -34.98
C PHE J 359 28.68 17.63 -34.77
N SER J 360 27.93 17.97 -35.82
CA SER J 360 27.00 19.08 -35.74
C SER J 360 25.49 18.80 -35.71
N PRO J 361 24.84 19.05 -34.56
CA PRO J 361 23.38 18.82 -34.47
C PRO J 361 22.64 19.65 -35.52
N ILE J 362 23.06 20.90 -35.67
CA ILE J 362 22.47 21.83 -36.62
C ILE J 362 22.49 21.35 -38.07
N LYS J 363 23.68 21.04 -38.58
CA LYS J 363 23.77 20.56 -39.95
C LYS J 363 22.99 19.26 -40.12
N THR J 364 23.13 18.34 -39.18
CA THR J 364 22.47 17.04 -39.24
C THR J 364 20.96 17.15 -39.42
N TRP J 365 20.31 17.82 -38.48
CA TRP J 365 18.87 17.98 -38.57
C TRP J 365 18.47 18.80 -39.78
N ASP J 366 19.27 19.79 -40.16
CA ASP J 366 18.92 20.58 -41.33
C ASP J 366 18.79 19.63 -42.53
N ALA J 367 19.72 18.69 -42.64
CA ALA J 367 19.73 17.74 -43.74
C ALA J 367 18.53 16.82 -43.64
N ILE J 368 18.30 16.32 -42.44
CA ILE J 368 17.19 15.43 -42.18
C ILE J 368 15.85 16.05 -42.57
N ILE J 369 15.54 17.22 -42.04
CA ILE J 369 14.28 17.89 -42.36
C ILE J 369 14.20 18.28 -43.86
N PHE J 370 15.30 18.79 -44.41
CA PHE J 370 15.32 19.16 -45.81
C PHE J 370 14.84 17.98 -46.65
N ASN J 371 15.57 16.86 -46.56
CA ASN J 371 15.23 15.67 -47.34
C ASN J 371 13.77 15.25 -47.18
N SER J 372 13.28 15.27 -45.95
CA SER J 372 11.91 14.89 -45.65
C SER J 372 10.89 15.83 -46.31
N LEU J 373 11.11 17.14 -46.19
CA LEU J 373 10.21 18.10 -46.79
C LEU J 373 10.25 18.05 -48.31
N LYS J 374 11.42 17.81 -48.86
CA LYS J 374 11.58 17.79 -50.29
C LYS J 374 10.81 16.62 -50.90
N GLU J 375 10.70 15.51 -50.17
CA GLU J 375 10.00 14.35 -50.70
C GLU J 375 8.52 14.67 -50.85
N GLN J 376 8.06 15.71 -50.17
CA GLN J 376 6.66 16.09 -50.23
C GLN J 376 6.51 17.35 -51.05
N ASN J 377 7.49 17.58 -51.92
CA ASN J 377 7.51 18.76 -52.78
C ASN J 377 7.47 20.08 -52.01
N LYS J 378 7.88 20.06 -50.75
CA LYS J 378 7.88 21.26 -49.90
C LYS J 378 9.24 21.97 -49.91
N VAL J 379 9.25 23.26 -49.57
CA VAL J 379 10.50 24.02 -49.59
C VAL J 379 10.85 24.64 -48.24
N ILE J 380 12.07 24.38 -47.78
CA ILE J 380 12.53 24.90 -46.50
C ILE J 380 12.67 26.42 -46.48
N PRO J 381 12.51 27.04 -45.32
CA PRO J 381 12.62 28.50 -45.22
C PRO J 381 14.06 29.01 -45.40
N GLN J 382 14.15 30.27 -45.81
CA GLN J 382 15.44 30.92 -45.96
C GLN J 382 16.02 31.03 -44.56
N GLY J 383 17.33 30.85 -44.45
CA GLY J 383 17.99 30.98 -43.17
C GLY J 383 17.94 32.45 -42.81
N ARG J 384 17.45 32.76 -41.61
CA ARG J 384 17.33 34.15 -41.15
C ARG J 384 18.31 34.45 -40.03
N SER J 385 18.70 35.71 -39.94
CA SER J 385 19.62 36.14 -38.91
C SER J 385 18.89 36.51 -37.61
N HIS J 386 19.42 36.05 -36.47
CA HIS J 386 18.81 36.36 -35.17
C HIS J 386 19.89 36.69 -34.14
N PRO J 387 19.59 37.63 -33.24
CA PRO J 387 20.55 38.00 -32.21
C PRO J 387 20.57 36.89 -31.17
N VAL J 388 21.74 36.58 -30.60
CA VAL J 388 21.80 35.56 -29.57
C VAL J 388 21.14 36.13 -28.31
N GLN J 389 20.04 35.53 -27.88
CA GLN J 389 19.35 36.03 -26.71
C GLN J 389 19.05 34.99 -25.65
N PRO J 390 19.43 35.27 -24.39
CA PRO J 390 19.21 34.35 -23.27
C PRO J 390 17.72 34.04 -23.13
N TYR J 391 17.41 32.82 -22.71
CA TYR J 391 16.01 32.42 -22.48
C TYR J 391 15.94 31.47 -21.29
N PRO J 392 14.80 31.42 -20.62
CA PRO J 392 14.60 30.57 -19.44
C PRO J 392 14.95 29.12 -19.66
N GLY J 393 15.32 28.44 -18.58
CA GLY J 393 15.67 27.04 -18.68
C GLY J 393 14.75 26.17 -17.84
N ALA J 394 15.34 25.19 -17.16
CA ALA J 394 14.58 24.27 -16.36
C ALA J 394 14.39 24.71 -14.89
N PHE J 395 13.41 24.09 -14.24
CA PHE J 395 13.17 24.36 -12.85
C PHE J 395 13.94 23.34 -12.02
N VAL J 396 14.62 23.83 -10.99
CA VAL J 396 15.39 22.95 -10.11
C VAL J 396 14.91 23.30 -8.72
N LYS J 397 14.37 22.32 -8.00
CA LYS J 397 13.89 22.58 -6.65
C LYS J 397 15.02 22.66 -5.62
N GLU J 398 14.95 23.68 -4.76
CA GLU J 398 15.93 23.90 -3.71
C GLU J 398 15.60 22.91 -2.63
N PRO J 399 16.41 21.86 -2.46
CA PRO J 399 16.14 20.85 -1.43
C PRO J 399 16.64 21.21 -0.03
N ILE J 400 15.95 20.73 0.99
CA ILE J 400 16.37 20.96 2.38
C ILE J 400 17.46 19.92 2.63
N PRO J 401 18.71 20.37 2.85
CA PRO J 401 19.84 19.46 3.10
C PRO J 401 19.53 18.50 4.23
N ASN J 402 19.72 17.21 4.00
CA ASN J 402 19.38 16.25 5.02
C ASN J 402 19.59 14.82 4.56
N ARG J 403 19.32 13.89 5.47
CA ARG J 403 19.41 12.49 5.13
C ARG J 403 17.96 12.18 4.73
N TYR J 404 17.78 11.23 3.84
CA TYR J 404 16.44 10.84 3.37
C TYR J 404 16.45 9.35 3.25
N LYS J 405 15.75 8.68 4.15
CA LYS J 405 15.71 7.22 4.13
C LYS J 405 14.56 6.88 3.20
N TYR J 406 14.74 5.89 2.34
CA TYR J 406 13.65 5.51 1.43
C TYR J 406 13.24 6.64 0.48
N VAL J 407 13.53 6.44 -0.80
CA VAL J 407 13.18 7.43 -1.81
C VAL J 407 12.84 6.78 -3.13
N SER J 409 11.92 7.71 -7.30
CA SER J 409 12.01 8.78 -8.28
C SER J 409 11.24 8.42 -9.54
N PHE J 410 10.80 9.44 -10.27
CA PHE J 410 10.04 9.26 -11.49
C PHE J 410 10.53 10.26 -12.55
N ASP J 411 10.85 9.77 -13.74
CA ASP J 411 11.31 10.64 -14.81
C ASP J 411 10.34 10.68 -15.96
N LEU J 412 10.25 11.85 -16.59
CA LEU J 412 9.39 12.02 -17.75
C LEU J 412 10.22 11.55 -18.95
N THR J 413 9.54 10.96 -19.93
CA THR J 413 10.18 10.44 -21.13
C THR J 413 10.53 11.53 -22.14
N SER J 414 11.79 11.62 -22.53
CA SER J 414 12.27 12.61 -23.49
C SER J 414 11.46 13.88 -23.36
N LEU J 415 11.58 14.52 -22.21
CA LEU J 415 10.80 15.70 -21.94
C LEU J 415 10.65 16.67 -23.09
N TYR J 416 11.73 17.30 -23.50
CA TYR J 416 11.65 18.29 -24.56
C TYR J 416 11.10 17.81 -25.89
N PRO J 417 11.59 16.66 -26.39
CA PRO J 417 11.00 16.26 -27.67
C PRO J 417 9.50 15.93 -27.49
N SER J 418 9.13 15.41 -26.33
CA SER J 418 7.74 15.08 -26.03
C SER J 418 6.90 16.36 -25.97
N ILE J 419 7.43 17.38 -25.32
CA ILE J 419 6.74 18.66 -25.19
C ILE J 419 6.53 19.29 -26.58
N ILE J 420 7.53 19.18 -27.46
CA ILE J 420 7.38 19.75 -28.78
C ILE J 420 6.20 19.07 -29.46
N ARG J 421 6.16 17.76 -29.27
CA ARG J 421 5.13 16.94 -29.86
C ARG J 421 3.74 17.21 -29.27
N GLN J 422 3.66 17.32 -27.94
CA GLN J 422 2.39 17.56 -27.26
C GLN J 422 1.75 18.89 -27.62
N VAL J 423 2.53 19.95 -27.47
CA VAL J 423 2.10 21.30 -27.75
C VAL J 423 2.05 21.53 -29.26
N ASN J 424 2.83 20.77 -30.00
CA ASN J 424 2.88 20.90 -31.45
C ASN J 424 3.63 22.19 -31.79
N ILE J 425 4.81 22.33 -31.18
CA ILE J 425 5.63 23.52 -31.39
C ILE J 425 6.53 23.43 -32.60
N SER J 426 6.39 24.43 -33.46
CA SER J 426 7.13 24.54 -34.69
C SER J 426 6.91 25.94 -35.23
N PRO J 427 7.93 26.51 -35.90
CA PRO J 427 7.79 27.86 -36.45
C PRO J 427 6.49 28.11 -37.22
N GLU J 428 6.06 27.17 -38.04
CA GLU J 428 4.85 27.42 -38.81
C GLU J 428 3.52 27.12 -38.10
N THR J 429 3.56 26.71 -36.84
CA THR J 429 2.31 26.41 -36.15
C THR J 429 1.96 27.45 -35.11
N ILE J 430 2.74 28.53 -35.08
CA ILE J 430 2.50 29.63 -34.15
C ILE J 430 1.19 30.35 -34.48
N ALA J 431 0.17 30.09 -33.67
CA ALA J 431 -1.13 30.70 -33.89
C ALA J 431 -1.16 32.11 -33.31
N GLY J 432 -0.72 32.25 -32.07
CA GLY J 432 -0.72 33.57 -31.46
C GLY J 432 -0.20 33.62 -30.03
N THR J 433 -0.81 34.50 -29.23
CA THR J 433 -0.42 34.66 -27.84
C THR J 433 -1.63 34.85 -26.98
N PHE J 434 -1.42 34.95 -25.67
CA PHE J 434 -2.53 35.15 -24.76
C PHE J 434 -2.07 35.86 -23.51
N LYS J 435 -3.04 36.34 -22.72
CA LYS J 435 -2.73 37.04 -21.47
C LYS J 435 -2.08 36.01 -20.55
N VAL J 436 -0.79 36.17 -20.31
CA VAL J 436 -0.10 35.22 -19.46
C VAL J 436 -0.01 35.61 -18.00
N ALA J 437 -0.45 34.69 -17.15
CA ALA J 437 -0.42 34.88 -15.71
C ALA J 437 0.90 34.33 -15.24
N PRO J 438 1.32 34.69 -14.02
CA PRO J 438 2.60 34.18 -13.50
C PRO J 438 2.56 32.66 -13.47
N LEU J 439 3.67 32.03 -13.88
CA LEU J 439 3.78 30.58 -13.95
C LEU J 439 3.19 29.86 -12.75
N HIS J 440 3.21 30.55 -11.62
CA HIS J 440 2.68 30.02 -10.36
C HIS J 440 1.19 29.73 -10.46
N ASP J 441 0.42 30.66 -11.02
CA ASP J 441 -1.02 30.47 -11.18
C ASP J 441 -1.42 29.31 -12.10
N TYR J 442 -0.58 28.98 -13.09
CA TYR J 442 -0.89 27.87 -13.98
C TYR J 442 -0.57 26.59 -13.24
N ILE J 443 0.53 26.60 -12.49
CA ILE J 443 0.92 25.41 -11.77
C ILE J 443 -0.20 24.94 -10.85
N ASN J 444 -0.76 25.87 -10.10
CA ASN J 444 -1.84 25.53 -9.18
C ASN J 444 -3.19 25.43 -9.89
N ALA J 445 -3.20 25.69 -11.20
CA ALA J 445 -4.43 25.61 -11.98
C ALA J 445 -5.47 26.61 -11.55
N VAL J 446 -5.03 27.77 -11.08
CA VAL J 446 -5.94 28.81 -10.63
C VAL J 446 -6.04 29.93 -11.66
N ALA J 447 -5.25 29.81 -12.73
CA ALA J 447 -5.26 30.82 -13.79
C ALA J 447 -6.30 30.41 -14.81
N GLU J 448 -6.81 31.39 -15.55
CA GLU J 448 -7.80 31.12 -16.57
C GLU J 448 -7.22 30.27 -17.69
N ARG J 449 -8.03 29.40 -18.26
CA ARG J 449 -7.59 28.54 -19.36
C ARG J 449 -7.25 29.43 -20.55
N PRO J 450 -6.00 29.37 -21.02
CA PRO J 450 -5.49 30.14 -22.15
C PRO J 450 -6.35 30.13 -23.41
N SER J 451 -6.73 28.96 -23.86
CA SER J 451 -7.51 28.87 -25.09
C SER J 451 -8.29 27.55 -25.24
N ASP J 452 -9.41 27.60 -25.94
CA ASP J 452 -10.17 26.39 -26.14
C ASP J 452 -10.09 26.05 -27.61
N VAL J 453 -9.23 26.78 -28.31
CA VAL J 453 -9.03 26.61 -29.75
C VAL J 453 -7.60 26.19 -30.09
N TYR J 454 -6.62 26.75 -29.39
CA TYR J 454 -5.23 26.42 -29.68
C TYR J 454 -4.51 25.68 -28.56
N SER J 455 -3.41 25.02 -28.93
CA SER J 455 -2.56 24.28 -27.99
C SER J 455 -1.69 25.37 -27.39
N CYS J 456 -1.55 25.36 -26.07
CA CYS J 456 -0.81 26.43 -25.42
C CYS J 456 0.34 26.09 -24.53
N SER J 457 1.16 27.12 -24.30
CA SER J 457 2.31 26.99 -23.44
C SER J 457 2.33 28.14 -22.43
N PRO J 458 2.65 27.83 -21.16
CA PRO J 458 2.74 28.78 -20.04
C PRO J 458 3.46 30.09 -20.36
N ASN J 459 4.33 30.11 -21.35
CA ASN J 459 5.03 31.37 -21.66
C ASN J 459 4.11 32.29 -22.44
N GLY J 460 2.94 31.78 -22.80
CA GLY J 460 1.98 32.59 -23.52
C GLY J 460 1.85 32.37 -25.01
N TYR J 463 -0.44 27.51 -30.36
CA TYR J 463 -0.16 26.84 -31.62
C TYR J 463 -1.39 26.14 -32.19
N TYR J 464 -1.43 26.02 -33.51
CA TYR J 464 -2.52 25.36 -34.22
C TYR J 464 -2.61 23.87 -33.84
N LYS J 465 -3.80 23.29 -33.96
CA LYS J 465 -3.98 21.87 -33.64
C LYS J 465 -4.49 21.10 -34.86
N ASP J 466 -5.20 21.80 -35.72
CA ASP J 466 -5.78 21.23 -36.92
C ASP J 466 -4.72 20.73 -37.88
N ARG J 467 -3.45 20.89 -37.51
CA ARG J 467 -2.37 20.47 -38.39
C ARG J 467 -1.16 19.89 -37.68
N ASP J 468 -0.27 19.32 -38.46
CA ASP J 468 0.94 18.76 -37.90
C ASP J 468 2.10 19.73 -38.16
N GLY J 469 3.01 19.83 -37.21
CA GLY J 469 4.14 20.71 -37.38
C GLY J 469 5.32 19.96 -37.98
N VAL J 470 6.18 20.68 -38.71
CA VAL J 470 7.35 20.06 -39.32
C VAL J 470 8.30 19.44 -38.28
N VAL J 471 8.66 20.22 -37.27
CA VAL J 471 9.54 19.73 -36.23
C VAL J 471 8.88 18.56 -35.51
N PRO J 472 7.71 18.82 -34.92
CA PRO J 472 7.07 17.69 -34.23
C PRO J 472 6.89 16.42 -35.13
N THR J 473 6.51 16.60 -36.38
CA THR J 473 6.35 15.45 -37.27
C THR J 473 7.69 14.75 -37.45
N GLU J 474 8.75 15.52 -37.68
CA GLU J 474 10.07 14.93 -37.86
C GLU J 474 10.56 14.19 -36.65
N ILE J 475 10.42 14.79 -35.47
CA ILE J 475 10.89 14.08 -34.29
C ILE J 475 10.03 12.83 -34.08
N THR J 476 8.71 12.94 -34.24
CA THR J 476 7.85 11.76 -34.09
C THR J 476 8.35 10.66 -35.03
N LYS J 477 8.65 11.06 -36.26
CA LYS J 477 9.13 10.14 -37.28
C LYS J 477 10.35 9.40 -36.76
N VAL J 478 11.27 10.12 -36.12
CA VAL J 478 12.47 9.45 -35.61
C VAL J 478 12.08 8.48 -34.49
N PHE J 479 11.07 8.85 -33.70
CA PHE J 479 10.60 8.00 -32.61
C PHE J 479 10.09 6.66 -33.15
N ASN J 480 9.23 6.69 -34.16
CA ASN J 480 8.70 5.45 -34.71
C ASN J 480 9.84 4.57 -35.22
N GLN J 481 10.79 5.15 -35.94
CA GLN J 481 11.92 4.37 -36.46
C GLN J 481 12.59 3.60 -35.33
N ARG J 482 12.80 4.27 -34.21
CA ARG J 482 13.43 3.66 -33.07
C ARG J 482 12.67 2.39 -32.64
N LYS J 483 11.34 2.43 -32.68
CA LYS J 483 10.54 1.27 -32.29
C LYS J 483 10.70 0.14 -33.31
N GLU J 484 10.88 0.50 -34.58
CA GLU J 484 11.04 -0.49 -35.63
C GLU J 484 12.26 -1.33 -35.37
N HIS J 485 13.42 -0.67 -35.33
CA HIS J 485 14.68 -1.37 -35.11
C HIS J 485 14.64 -2.11 -33.77
N LYS J 486 13.78 -1.64 -32.87
CA LYS J 486 13.64 -2.29 -31.58
C LYS J 486 13.02 -3.65 -31.86
N GLY J 487 11.87 -3.63 -32.52
CA GLY J 487 11.18 -4.86 -32.84
C GLY J 487 12.06 -5.81 -33.62
N TYR J 488 12.94 -5.27 -34.45
CA TYR J 488 13.83 -6.11 -35.23
C TYR J 488 14.78 -6.86 -34.33
N LEU J 490 14.55 -7.33 -31.31
CA LEU J 490 13.76 -8.15 -30.38
C LEU J 490 13.46 -9.47 -31.06
N ALA J 491 13.26 -9.40 -32.38
CA ALA J 491 12.97 -10.59 -33.17
C ALA J 491 14.26 -11.37 -33.33
N ALA J 492 15.35 -10.66 -33.58
CA ALA J 492 16.66 -11.30 -33.73
C ALA J 492 16.98 -12.11 -32.48
N GLN J 493 16.42 -11.68 -31.35
CA GLN J 493 16.63 -12.39 -30.10
C GLN J 493 15.67 -13.56 -30.09
N ARG J 494 14.46 -13.35 -30.60
CA ARG J 494 13.47 -14.41 -30.65
C ARG J 494 13.91 -15.49 -31.64
N ASN J 495 14.65 -15.09 -32.66
CA ASN J 495 15.15 -16.03 -33.67
C ASN J 495 16.60 -16.45 -33.32
N GLY J 496 16.90 -16.48 -32.02
CA GLY J 496 18.22 -16.85 -31.57
C GLY J 496 18.18 -17.68 -30.30
N GLU J 497 17.17 -17.42 -29.47
CA GLU J 497 17.01 -18.15 -28.21
C GLU J 497 16.43 -19.53 -28.54
N ILE J 498 15.12 -19.58 -28.76
CA ILE J 498 14.48 -20.85 -29.09
C ILE J 498 15.13 -21.41 -30.36
N ILE J 499 15.79 -20.53 -31.11
CA ILE J 499 16.48 -20.93 -32.34
C ILE J 499 17.98 -21.01 -32.06
N LYS J 500 18.39 -22.09 -31.38
CA LYS J 500 19.79 -22.30 -31.04
C LYS J 500 20.01 -23.71 -30.49
N ASP J 515 18.24 -18.19 -47.74
CA ASP J 515 18.35 -16.95 -46.99
C ASP J 515 17.07 -16.69 -46.20
N VAL J 516 17.19 -15.92 -45.12
CA VAL J 516 16.05 -15.59 -44.28
C VAL J 516 16.24 -14.18 -43.72
N ASP J 517 15.16 -13.39 -43.71
CA ASP J 517 15.25 -12.04 -43.17
C ASP J 517 15.42 -12.12 -41.66
N TYR J 518 16.62 -11.79 -41.19
CA TYR J 518 16.94 -11.85 -39.77
C TYR J 518 16.18 -10.84 -38.91
N ARG J 519 15.04 -10.38 -39.40
CA ARG J 519 14.24 -9.42 -38.66
C ARG J 519 12.95 -10.03 -38.11
N PHE J 520 11.88 -9.26 -38.06
CA PHE J 520 10.61 -9.74 -37.52
C PHE J 520 10.35 -11.24 -37.72
N ASP J 521 9.79 -11.87 -36.70
CA ASP J 521 9.48 -13.30 -36.71
C ASP J 521 8.80 -13.74 -38.00
N PHE J 522 9.37 -14.78 -38.61
CA PHE J 522 8.84 -15.35 -39.85
C PHE J 522 7.63 -16.26 -39.59
N SER J 523 7.18 -16.95 -40.63
CA SER J 523 6.02 -17.84 -40.49
C SER J 523 6.43 -19.09 -39.73
N ASP J 524 5.50 -20.03 -39.63
CA ASP J 524 5.73 -21.29 -38.92
C ASP J 524 6.03 -22.45 -39.87
N GLU J 525 6.09 -22.13 -41.17
CA GLU J 525 6.36 -23.13 -42.20
C GLU J 525 7.83 -23.13 -42.62
N ILE J 526 8.67 -22.46 -41.84
CA ILE J 526 10.10 -22.38 -42.14
C ILE J 526 10.90 -22.95 -40.97
N LYS J 527 10.20 -23.59 -40.05
CA LYS J 527 10.84 -24.18 -38.87
C LYS J 527 11.47 -25.53 -39.20
N GLU J 528 11.19 -26.04 -40.39
CA GLU J 528 11.73 -27.32 -40.82
C GLU J 528 13.00 -27.12 -41.65
N LYS J 529 12.93 -26.22 -42.63
CA LYS J 529 14.07 -25.95 -43.50
C LYS J 529 15.28 -25.46 -42.70
N ILE J 530 15.15 -25.45 -41.39
CA ILE J 530 16.22 -25.01 -40.50
C ILE J 530 16.72 -26.12 -39.58
N LYS J 531 15.95 -26.42 -38.53
CA LYS J 531 16.31 -27.47 -37.58
C LYS J 531 16.29 -28.84 -38.25
N LYS J 532 15.66 -28.92 -39.41
CA LYS J 532 15.56 -30.17 -40.15
C LYS J 532 15.98 -30.05 -41.61
N LEU J 533 17.15 -29.46 -41.84
CA LEU J 533 17.67 -29.29 -43.19
C LEU J 533 19.20 -29.26 -43.16
N SER J 534 19.76 -29.12 -41.96
CA SER J 534 21.20 -29.07 -41.76
C SER J 534 21.56 -29.15 -40.27
N ALA J 535 22.76 -29.62 -39.99
CA ALA J 535 23.27 -29.74 -38.62
C ALA J 535 24.63 -29.06 -38.58
N LYS J 536 25.09 -28.64 -39.75
CA LYS J 536 26.36 -27.97 -39.93
C LYS J 536 26.14 -26.73 -40.81
N SER J 537 25.27 -26.89 -41.80
CA SER J 537 24.92 -25.81 -42.72
C SER J 537 23.74 -25.04 -42.13
N LEU J 538 23.58 -25.16 -40.81
CA LEU J 538 22.51 -24.51 -40.07
C LEU J 538 23.08 -23.55 -39.03
N ASN J 539 23.97 -24.06 -38.20
CA ASN J 539 24.60 -23.27 -37.15
C ASN J 539 25.30 -22.05 -37.74
N GLU J 540 25.83 -22.22 -38.95
CA GLU J 540 26.54 -21.16 -39.65
C GLU J 540 25.61 -20.00 -40.05
N LEU J 542 23.22 -18.95 -37.86
CA LEU J 542 22.80 -18.33 -36.61
C LEU J 542 23.63 -17.07 -36.38
N PHE J 543 24.56 -16.83 -37.30
CA PHE J 543 25.42 -15.66 -37.24
C PHE J 543 24.60 -14.45 -37.67
N ARG J 544 23.73 -14.64 -38.66
CA ARG J 544 22.88 -13.59 -39.19
C ARG J 544 21.86 -13.10 -38.16
N ALA J 545 21.47 -13.97 -37.24
CA ALA J 545 20.51 -13.62 -36.21
C ALA J 545 21.07 -12.53 -35.30
N GLN J 546 22.41 -12.43 -35.24
CA GLN J 546 23.08 -11.43 -34.43
C GLN J 546 23.66 -10.31 -35.30
N ARG J 547 24.14 -10.67 -36.49
CA ARG J 547 24.71 -9.69 -37.41
C ARG J 547 23.66 -8.65 -37.71
N THR J 548 22.41 -8.99 -37.40
CA THR J 548 21.27 -8.10 -37.61
C THR J 548 20.85 -7.53 -36.26
N GLU J 549 21.05 -8.31 -35.21
CA GLU J 549 20.69 -7.87 -33.87
C GLU J 549 21.71 -6.82 -33.41
N VAL J 550 22.55 -6.39 -34.34
CA VAL J 550 23.57 -5.38 -34.08
C VAL J 550 23.29 -4.16 -34.95
N ALA J 551 22.86 -4.40 -36.18
CA ALA J 551 22.56 -3.30 -37.09
C ALA J 551 21.32 -2.58 -36.55
N GLY J 552 20.47 -3.33 -35.85
CA GLY J 552 19.25 -2.77 -35.31
C GLY J 552 19.41 -2.14 -33.93
N THR J 554 22.71 -0.22 -33.21
CA THR J 554 23.45 0.96 -33.63
C THR J 554 22.51 1.98 -34.27
N ALA J 555 21.43 1.47 -34.83
CA ALA J 555 20.43 2.31 -35.49
C ALA J 555 19.39 2.78 -34.48
N GLN J 556 19.06 1.93 -33.52
CA GLN J 556 18.09 2.30 -32.51
C GLN J 556 18.76 3.33 -31.61
N ILE J 557 20.05 3.15 -31.40
CA ILE J 557 20.84 4.06 -30.56
C ILE J 557 21.14 5.36 -31.30
N ASN J 558 21.46 5.29 -32.58
CA ASN J 558 21.74 6.48 -33.35
C ASN J 558 20.52 7.42 -33.31
N ARG J 559 19.32 6.84 -33.36
CA ARG J 559 18.07 7.59 -33.29
C ARG J 559 17.95 8.30 -31.93
N LYS J 560 18.32 7.60 -30.86
CA LYS J 560 18.25 8.18 -29.55
C LYS J 560 19.13 9.43 -29.51
N LEU J 561 20.30 9.33 -30.15
CA LEU J 561 21.23 10.46 -30.21
C LEU J 561 20.61 11.68 -30.90
N LEU J 562 20.05 11.47 -32.10
CA LEU J 562 19.41 12.56 -32.84
C LEU J 562 18.36 13.23 -31.99
N ILE J 563 17.48 12.41 -31.42
CA ILE J 563 16.40 12.89 -30.59
C ILE J 563 16.87 13.82 -29.50
N ASN J 564 17.98 13.47 -28.85
CA ASN J 564 18.49 14.29 -27.76
C ASN J 564 19.26 15.51 -28.22
N SER J 565 19.77 15.51 -29.43
CA SER J 565 20.52 16.66 -29.90
C SER J 565 19.65 17.73 -30.52
N LEU J 566 18.36 17.44 -30.68
CA LEU J 566 17.44 18.37 -31.31
C LEU J 566 17.23 19.68 -30.59
N TYR J 567 16.82 19.61 -29.34
CA TYR J 567 16.57 20.81 -28.56
C TYR J 567 17.75 21.77 -28.72
N GLY J 568 18.96 21.27 -28.53
CA GLY J 568 20.15 22.08 -28.68
C GLY J 568 20.13 22.89 -29.96
N ALA J 569 19.82 22.24 -31.08
CA ALA J 569 19.75 22.94 -32.35
C ALA J 569 18.63 23.97 -32.28
N LEU J 570 17.46 23.54 -31.78
CA LEU J 570 16.32 24.45 -31.65
C LEU J 570 16.62 25.64 -30.76
N GLY J 571 17.62 25.51 -29.89
CA GLY J 571 17.96 26.59 -29.00
C GLY J 571 19.09 27.43 -29.57
N ASN J 572 19.55 27.06 -30.76
CA ASN J 572 20.67 27.73 -31.40
C ASN J 572 20.27 28.63 -32.55
N VAL J 573 20.67 29.88 -32.43
CA VAL J 573 20.35 30.92 -33.40
C VAL J 573 20.70 30.69 -34.88
N TRP J 574 21.62 29.78 -35.15
CA TRP J 574 22.03 29.48 -36.50
C TRP J 574 21.20 28.36 -37.13
N PHE J 575 20.29 27.79 -36.36
CA PHE J 575 19.44 26.71 -36.85
C PHE J 575 18.29 27.32 -37.66
N ARG J 576 18.02 26.76 -38.83
CA ARG J 576 16.98 27.25 -39.74
C ARG J 576 15.57 27.30 -39.16
N TYR J 577 15.30 26.50 -38.13
CA TYR J 577 13.97 26.47 -37.52
C TYR J 577 13.98 27.09 -36.13
N TYR J 578 15.07 27.78 -35.82
CA TYR J 578 15.20 28.41 -34.53
C TYR J 578 14.16 29.48 -34.34
N ASP J 579 13.69 29.61 -33.11
CA ASP J 579 12.74 30.65 -32.76
C ASP J 579 12.78 30.88 -31.25
N LEU J 580 13.12 32.10 -30.84
CA LEU J 580 13.18 32.40 -29.41
C LEU J 580 11.85 32.04 -28.72
N ARG J 581 10.72 32.37 -29.35
CA ARG J 581 9.42 32.07 -28.76
C ARG J 581 9.21 30.58 -28.56
N ASN J 582 9.56 29.78 -29.57
CA ASN J 582 9.41 28.34 -29.44
C ASN J 582 10.35 27.72 -28.42
N ALA J 583 11.60 28.18 -28.35
CA ALA J 583 12.53 27.64 -27.37
C ALA J 583 11.94 27.87 -25.98
N THR J 584 11.62 29.12 -25.71
CA THR J 584 11.05 29.48 -24.43
C THR J 584 9.81 28.67 -24.10
N ALA J 585 8.95 28.49 -25.11
CA ALA J 585 7.71 27.74 -24.94
C ALA J 585 8.01 26.35 -24.44
N ILE J 586 9.05 25.75 -24.99
CA ILE J 586 9.43 24.41 -24.60
C ILE J 586 9.86 24.37 -23.16
N THR J 587 10.75 25.28 -22.79
CA THR J 587 11.26 25.28 -21.43
C THR J 587 10.23 25.66 -20.40
N THR J 588 9.56 26.78 -20.61
CA THR J 588 8.56 27.20 -19.65
C THR J 588 7.59 26.05 -19.41
N PHE J 589 7.03 25.49 -20.47
CA PHE J 589 6.11 24.38 -20.31
C PHE J 589 6.75 23.31 -19.45
N GLY J 590 8.01 23.00 -19.71
CA GLY J 590 8.67 21.99 -18.90
C GLY J 590 8.66 22.30 -17.41
N GLN J 591 8.81 23.59 -17.08
CA GLN J 591 8.82 24.00 -15.68
C GLN J 591 7.46 23.80 -15.04
N ALA J 593 5.24 21.73 -16.15
CA ALA J 593 5.01 20.32 -16.13
C ALA J 593 5.53 19.73 -14.82
N LEU J 594 6.82 19.94 -14.58
CA LEU J 594 7.48 19.41 -13.42
C LEU J 594 6.87 19.88 -12.12
N GLN J 595 6.54 21.16 -12.03
CA GLN J 595 5.98 21.65 -10.79
C GLN J 595 4.51 21.33 -10.60
N TRP J 596 3.89 20.84 -11.67
CA TRP J 596 2.48 20.48 -11.65
C TRP J 596 2.32 19.12 -11.00
N ILE J 597 3.05 18.10 -11.47
CA ILE J 597 2.92 16.80 -10.83
C ILE J 597 3.48 16.83 -9.41
N GLU J 598 4.42 17.74 -9.15
CA GLU J 598 4.95 17.84 -7.80
C GLU J 598 3.76 18.13 -6.88
N ARG J 599 2.95 19.10 -7.26
CA ARG J 599 1.77 19.48 -6.51
C ARG J 599 0.82 18.28 -6.46
N LYS J 600 0.64 17.63 -7.60
CA LYS J 600 -0.25 16.47 -7.69
C LYS J 600 0.22 15.29 -6.84
N VAL J 601 1.49 14.97 -6.92
CA VAL J 601 2.04 13.87 -6.13
C VAL J 601 1.87 14.18 -4.64
N ASN J 602 2.10 15.44 -4.27
CA ASN J 602 1.96 15.84 -2.86
C ASN J 602 0.51 15.72 -2.39
N GLU J 603 -0.42 16.10 -3.25
CA GLU J 603 -1.82 16.01 -2.89
C GLU J 603 -2.23 14.56 -2.79
N TYR J 604 -1.84 13.76 -3.78
CA TYR J 604 -2.22 12.37 -3.75
C TYR J 604 -1.74 11.68 -2.49
N LEU J 605 -0.43 11.73 -2.25
CA LEU J 605 0.14 11.07 -1.08
C LEU J 605 -0.44 11.57 0.24
N ASN J 606 -0.62 12.88 0.38
CA ASN J 606 -1.17 13.42 1.61
C ASN J 606 -2.52 12.77 1.89
N GLU J 607 -3.29 12.52 0.84
CA GLU J 607 -4.61 11.90 0.99
C GLU J 607 -4.55 10.41 1.32
N VAL J 608 -3.69 9.69 0.61
CA VAL J 608 -3.55 8.26 0.82
C VAL J 608 -2.96 7.96 2.18
N CYS J 609 -2.03 8.83 2.63
CA CYS J 609 -1.37 8.65 3.91
C CYS J 609 -2.09 9.32 5.06
N GLY J 610 -3.14 10.09 4.76
CA GLY J 610 -3.89 10.76 5.80
C GLY J 610 -3.28 12.07 6.27
N THR J 611 -1.99 12.27 6.00
CA THR J 611 -1.29 13.49 6.40
C THR J 611 -2.05 14.74 5.93
N GLU J 612 -1.62 15.89 6.45
CA GLU J 612 -2.26 17.15 6.11
C GLU J 612 -1.62 17.79 4.88
N GLY J 613 -0.49 18.46 5.08
CA GLY J 613 0.20 19.08 3.96
C GLY J 613 1.67 18.73 3.95
N GLU J 614 1.96 17.44 4.03
CA GLU J 614 3.34 16.95 4.06
C GLU J 614 4.03 17.12 2.71
N ALA J 615 5.35 17.35 2.76
CA ALA J 615 6.16 17.53 1.55
C ALA J 615 6.79 16.20 1.12
N PHE J 616 6.05 15.40 0.36
CA PHE J 616 6.56 14.12 -0.10
C PHE J 616 7.61 14.29 -1.20
N VAL J 617 7.39 15.25 -2.10
CA VAL J 617 8.34 15.48 -3.17
C VAL J 617 9.43 16.33 -2.54
N LEU J 618 10.63 15.75 -2.43
CA LEU J 618 11.72 16.46 -1.78
C LEU J 618 12.68 17.17 -2.72
N TYR J 619 12.69 16.77 -3.98
CA TYR J 619 13.60 17.41 -4.92
C TYR J 619 13.16 17.15 -6.34
N GLY J 620 13.56 18.02 -7.25
CA GLY J 620 13.20 17.86 -8.64
C GLY J 620 14.17 18.65 -9.47
N ASP J 621 14.41 18.16 -10.69
CA ASP J 621 15.32 18.83 -11.59
C ASP J 621 14.99 18.56 -13.04
N THR J 622 14.45 19.56 -13.72
CA THR J 622 14.16 19.43 -15.14
C THR J 622 13.03 18.46 -15.49
N ASP J 623 13.28 17.18 -15.30
CA ASP J 623 12.27 16.19 -15.63
C ASP J 623 12.13 15.03 -14.65
N SER J 624 12.69 15.19 -13.46
CA SER J 624 12.62 14.13 -12.45
C SER J 624 12.22 14.67 -11.11
N ILE J 625 11.55 13.83 -10.32
CA ILE J 625 11.16 14.21 -8.99
C ILE J 625 11.56 13.07 -8.07
N TYR J 626 11.89 13.40 -6.83
CA TYR J 626 12.25 12.39 -5.85
C TYR J 626 11.30 12.51 -4.68
N VAL J 627 10.62 11.40 -4.41
CA VAL J 627 9.63 11.38 -3.34
C VAL J 627 10.13 10.58 -2.14
N SER J 628 9.73 11.02 -0.97
CA SER J 628 10.10 10.38 0.29
C SER J 628 9.11 9.25 0.52
N ALA J 629 9.61 8.03 0.71
CA ALA J 629 8.70 6.91 0.93
C ALA J 629 8.55 6.60 2.42
N ASP J 630 9.22 7.39 3.26
CA ASP J 630 9.17 7.21 4.71
C ASP J 630 7.76 6.91 5.19
N LYS J 631 6.87 7.88 5.02
CA LYS J 631 5.46 7.75 5.43
C LYS J 631 4.80 6.53 4.78
N ILE J 632 5.25 6.16 3.59
CA ILE J 632 4.68 5.01 2.92
C ILE J 632 5.09 3.78 3.72
N ILE J 633 6.40 3.57 3.81
CA ILE J 633 6.97 2.44 4.54
C ILE J 633 6.33 2.24 5.91
N ASP J 634 6.10 3.34 6.61
CA ASP J 634 5.51 3.31 7.94
C ASP J 634 4.12 2.68 7.96
N LYS J 635 3.32 2.96 6.93
CA LYS J 635 1.97 2.42 6.85
C LYS J 635 1.99 0.91 7.06
N VAL J 636 3.06 0.26 6.62
CA VAL J 636 3.19 -1.17 6.78
C VAL J 636 3.98 -1.51 8.04
N GLY J 637 5.00 -0.71 8.34
CA GLY J 637 5.83 -0.95 9.50
C GLY J 637 7.11 -1.64 9.07
N GLU J 638 8.23 -0.94 9.18
CA GLU J 638 9.51 -1.51 8.77
C GLU J 638 9.72 -2.94 9.25
N SER J 639 9.56 -3.14 10.55
CA SER J 639 9.75 -4.47 11.13
C SER J 639 8.82 -5.54 10.55
N LYS J 640 7.68 -5.13 10.00
CA LYS J 640 6.74 -6.09 9.42
C LYS J 640 7.31 -6.65 8.10
N PHE J 641 8.46 -6.14 7.69
CA PHE J 641 9.08 -6.58 6.45
C PHE J 641 10.06 -7.72 6.67
N ARG J 642 9.96 -8.74 5.81
CA ARG J 642 10.85 -9.89 5.90
C ARG J 642 12.30 -9.50 5.69
N ASP J 643 12.57 -8.82 4.58
CA ASP J 643 13.92 -8.40 4.25
C ASP J 643 13.94 -7.14 3.38
N THR J 644 15.12 -6.74 2.94
CA THR J 644 15.26 -5.54 2.12
C THR J 644 14.40 -5.70 0.86
N ASN J 645 14.60 -6.81 0.16
CA ASN J 645 13.88 -7.09 -1.08
C ASN J 645 12.37 -6.99 -0.93
N HIS J 646 11.91 -7.20 0.29
CA HIS J 646 10.50 -7.16 0.62
C HIS J 646 9.88 -5.75 0.58
N TRP J 647 10.56 -4.74 1.14
CA TRP J 647 9.99 -3.39 1.11
C TRP J 647 10.22 -2.79 -0.26
N VAL J 648 11.24 -3.29 -0.95
CA VAL J 648 11.54 -2.86 -2.32
C VAL J 648 10.35 -3.28 -3.19
N ASP J 649 9.84 -4.48 -2.94
CA ASP J 649 8.70 -4.99 -3.69
C ASP J 649 7.44 -4.20 -3.33
N PHE J 650 7.31 -3.82 -2.06
CA PHE J 650 6.17 -3.06 -1.61
C PHE J 650 6.10 -1.71 -2.32
N LEU J 651 7.19 -0.97 -2.29
CA LEU J 651 7.24 0.32 -2.95
C LEU J 651 7.04 0.19 -4.45
N ASP J 652 7.70 -0.81 -5.06
CA ASP J 652 7.56 -1.01 -6.50
C ASP J 652 6.11 -1.17 -6.95
N LYS J 653 5.36 -1.96 -6.21
CA LYS J 653 3.97 -2.24 -6.50
C LYS J 653 3.12 -1.01 -6.21
N PHE J 654 3.50 -0.28 -5.16
CA PHE J 654 2.76 0.92 -4.80
C PHE J 654 2.86 1.98 -5.90
N ALA J 655 4.07 2.16 -6.41
CA ALA J 655 4.29 3.14 -7.47
C ALA J 655 3.55 2.73 -8.73
N ARG J 656 3.62 1.43 -9.05
CA ARG J 656 2.97 0.92 -10.25
C ARG J 656 1.44 0.95 -10.21
N GLU J 657 0.85 0.53 -9.11
CA GLU J 657 -0.61 0.49 -9.02
C GLU J 657 -1.28 1.71 -8.37
N ARG J 658 -0.52 2.45 -7.57
CA ARG J 658 -1.09 3.61 -6.89
C ARG J 658 -0.62 4.96 -7.41
N GLU J 660 1.62 5.65 -10.21
CA GLU J 660 1.58 5.80 -11.66
C GLU J 660 0.22 6.31 -12.13
N PRO J 661 -0.86 5.66 -11.71
CA PRO J 661 -2.19 6.11 -12.14
C PRO J 661 -2.50 7.56 -11.75
N ALA J 662 -2.13 7.96 -10.53
CA ALA J 662 -2.39 9.33 -10.07
C ALA J 662 -1.60 10.31 -10.93
N ILE J 663 -0.34 10.00 -11.17
CA ILE J 663 0.52 10.84 -11.97
C ILE J 663 -0.04 10.98 -13.38
N ASP J 664 -0.64 9.92 -13.90
CA ASP J 664 -1.21 9.97 -15.23
C ASP J 664 -2.46 10.85 -15.26
N ARG J 665 -3.26 10.77 -14.21
CA ARG J 665 -4.47 11.57 -14.14
C ARG J 665 -4.07 13.05 -14.13
N GLY J 666 -3.11 13.37 -13.27
CA GLY J 666 -2.63 14.73 -13.15
C GLY J 666 -2.19 15.30 -14.48
N PHE J 667 -1.44 14.52 -15.25
CA PHE J 667 -1.00 15.02 -16.52
C PHE J 667 -2.10 15.14 -17.54
N ARG J 668 -3.00 14.14 -17.60
CA ARG J 668 -4.11 14.24 -18.54
C ARG J 668 -4.90 15.51 -18.25
N GLU J 669 -5.01 15.87 -16.98
CA GLU J 669 -5.74 17.09 -16.65
C GLU J 669 -5.01 18.34 -17.20
N CYS J 671 -2.92 18.49 -19.61
CA CYS J 671 -3.02 18.45 -21.07
C CYS J 671 -4.29 19.18 -21.55
N GLU J 672 -5.42 18.93 -20.87
CA GLU J 672 -6.68 19.56 -21.23
C GLU J 672 -6.64 21.02 -20.86
N TYR J 673 -5.96 21.30 -19.74
CA TYR J 673 -5.84 22.66 -19.24
C TYR J 673 -5.13 23.54 -20.24
N ASN J 675 -4.91 22.67 -23.27
CA ASN J 675 -5.59 22.33 -24.51
C ASN J 675 -4.60 21.86 -25.57
N ASN J 676 -3.64 21.06 -25.15
CA ASN J 676 -2.65 20.57 -26.08
C ASN J 676 -3.23 19.59 -27.07
N LYS J 677 -2.49 19.39 -28.16
CA LYS J 677 -2.88 18.51 -29.24
C LYS J 677 -2.88 17.03 -28.87
N GLN J 678 -1.98 16.64 -27.97
CA GLN J 678 -1.86 15.25 -27.58
C GLN J 678 -1.09 15.05 -26.26
N HIS J 679 -1.60 14.16 -25.42
CA HIS J 679 -0.97 13.88 -24.14
C HIS J 679 0.25 12.96 -24.27
N LEU J 680 1.42 13.50 -23.96
CA LEU J 680 2.65 12.74 -24.08
C LEU J 680 3.51 12.90 -22.83
N PHE J 682 4.54 11.44 -20.05
CA PHE J 682 4.69 10.13 -19.39
C PHE J 682 5.82 10.09 -18.38
N ASP J 684 7.52 7.40 -15.72
CA ASP J 684 7.59 6.09 -15.07
C ASP J 684 8.57 6.13 -13.90
N ARG J 685 8.28 5.36 -12.86
CA ARG J 685 9.14 5.34 -11.68
C ARG J 685 10.53 4.88 -12.09
N GLU J 686 11.55 5.58 -11.61
CA GLU J 686 12.93 5.26 -11.95
C GLU J 686 13.64 4.42 -10.88
N ALA J 687 14.07 5.05 -9.80
CA ALA J 687 14.79 4.30 -8.78
C ALA J 687 14.11 4.19 -7.44
N ILE J 688 14.38 3.07 -6.75
CA ILE J 688 13.86 2.83 -5.40
C ILE J 688 15.11 2.75 -4.56
N ALA J 689 15.29 3.69 -3.64
CA ALA J 689 16.48 3.68 -2.82
C ALA J 689 16.15 3.65 -1.33
N GLY J 690 17.08 3.10 -0.56
CA GLY J 690 16.86 3.02 0.87
C GLY J 690 18.05 2.31 1.48
N PRO J 691 18.08 2.17 2.82
CA PRO J 691 19.18 1.48 3.48
C PRO J 691 18.84 0.01 3.65
N PRO J 692 19.85 -0.85 3.80
CA PRO J 692 19.63 -2.29 3.98
C PRO J 692 18.74 -2.53 5.21
N LEU J 693 17.72 -3.36 5.08
CA LEU J 693 16.86 -3.61 6.22
C LEU J 693 17.70 -4.18 7.36
N GLY J 694 17.61 -3.54 8.52
CA GLY J 694 18.37 -4.00 9.67
C GLY J 694 19.70 -3.31 9.88
N SER J 695 20.08 -2.45 8.94
CA SER J 695 21.35 -1.73 9.02
C SER J 695 21.20 -0.42 9.78
N LYS J 696 22.33 0.24 10.04
CA LYS J 696 22.28 1.53 10.71
C LYS J 696 22.57 2.59 9.65
N GLY J 697 22.67 2.15 8.40
CA GLY J 697 22.92 3.08 7.31
C GLY J 697 21.73 4.01 7.14
N ILE J 698 21.94 5.10 6.39
CA ILE J 698 20.87 6.06 6.14
C ILE J 698 20.35 5.87 4.72
N GLY J 699 19.19 6.42 4.41
CA GLY J 699 18.67 6.24 3.07
C GLY J 699 19.66 6.75 2.03
N GLY J 700 19.72 8.07 1.95
CA GLY J 700 20.61 8.74 1.03
C GLY J 700 20.65 10.14 1.59
N PHE J 701 21.33 11.06 0.91
CA PHE J 701 21.38 12.43 1.41
C PHE J 701 21.53 13.42 0.29
N TRP J 702 21.09 14.65 0.56
CA TRP J 702 21.16 15.76 -0.37
C TRP J 702 21.89 16.87 0.38
N THR J 703 22.81 17.57 -0.28
CA THR J 703 23.51 18.67 0.38
C THR J 703 22.96 19.96 -0.20
N GLY J 704 22.57 19.90 -1.47
CA GLY J 704 22.00 21.05 -2.17
C GLY J 704 21.55 20.66 -3.58
N LYS J 705 21.30 21.63 -4.44
CA LYS J 705 20.88 21.33 -5.81
C LYS J 705 22.00 20.63 -6.56
N LYS J 706 21.64 19.64 -7.38
CA LYS J 706 22.59 18.89 -8.20
C LYS J 706 23.62 18.06 -7.43
N ARG J 707 23.41 17.87 -6.12
CA ARG J 707 24.35 17.04 -5.37
C ARG J 707 23.67 16.21 -4.30
N TYR J 708 23.72 14.91 -4.50
CA TYR J 708 23.09 13.96 -3.61
C TYR J 708 23.59 12.55 -3.87
N ALA J 709 23.14 11.61 -3.07
CA ALA J 709 23.55 10.22 -3.21
C ALA J 709 22.46 9.32 -2.68
N LEU J 710 22.16 8.25 -3.42
CA LEU J 710 21.14 7.29 -3.03
C LEU J 710 21.67 5.86 -3.15
N ASN J 711 21.27 5.00 -2.22
CA ASN J 711 21.65 3.58 -2.25
C ASN J 711 20.48 2.92 -2.98
N VAL J 712 20.69 2.66 -4.27
CA VAL J 712 19.67 2.11 -5.15
C VAL J 712 19.61 0.59 -5.26
N TRP J 713 18.40 0.05 -5.14
CA TRP J 713 18.18 -1.39 -5.22
C TRP J 713 17.50 -1.79 -6.52
N ASP J 714 16.69 -0.90 -7.06
CA ASP J 714 15.98 -1.21 -8.30
C ASP J 714 15.87 0.00 -9.22
N GLU J 716 13.99 1.08 -12.79
CA GLU J 716 13.01 0.79 -13.83
C GLU J 716 12.60 -0.68 -13.93
N GLY J 717 12.40 -1.33 -12.78
CA GLY J 717 12.02 -2.73 -12.81
C GLY J 717 13.20 -3.66 -12.61
N THR J 718 14.37 -3.30 -13.14
CA THR J 718 15.54 -4.14 -12.95
C THR J 718 15.96 -4.13 -11.48
N ARG J 719 15.88 -5.30 -10.84
CA ARG J 719 16.26 -5.43 -9.44
C ARG J 719 17.73 -5.83 -9.39
N TYR J 720 18.57 -4.91 -8.93
CA TYR J 720 20.02 -5.12 -8.85
C TYR J 720 20.44 -6.37 -8.07
N ALA J 721 21.58 -6.95 -8.48
CA ALA J 721 22.12 -8.14 -7.82
C ALA J 721 22.68 -7.74 -6.46
N GLU J 722 23.26 -6.54 -6.41
CA GLU J 722 23.83 -5.96 -5.21
C GLU J 722 23.47 -4.49 -5.28
N PRO J 723 23.21 -3.84 -4.13
CA PRO J 723 22.85 -2.42 -4.18
C PRO J 723 23.90 -1.53 -4.85
N LYS J 724 23.42 -0.55 -5.59
CA LYS J 724 24.30 0.38 -6.30
C LYS J 724 24.17 1.81 -5.76
N LEU J 725 25.28 2.52 -5.77
CA LEU J 725 25.25 3.90 -5.29
C LEU J 725 24.99 4.87 -6.44
N LYS J 726 23.93 5.65 -6.32
CA LYS J 726 23.64 6.65 -7.34
C LYS J 726 24.11 7.98 -6.75
N ILE J 727 25.28 8.43 -7.19
CA ILE J 727 25.82 9.69 -6.69
C ILE J 727 25.87 10.74 -7.79
N GLY J 729 26.67 14.83 -8.79
CA GLY J 729 27.33 16.07 -8.40
C GLY J 729 28.45 16.07 -7.38
N LEU J 730 28.33 15.28 -6.32
CA LEU J 730 29.37 15.25 -5.30
C LEU J 730 30.78 15.05 -5.90
N GLU J 731 31.78 15.54 -5.18
CA GLU J 731 33.16 15.46 -5.61
C GLU J 731 33.56 14.07 -6.11
N THR J 732 32.92 13.06 -5.55
CA THR J 732 33.20 11.69 -5.92
C THR J 732 32.92 11.51 -7.39
N GLN J 733 31.89 12.22 -7.86
CA GLN J 733 31.47 12.16 -9.24
C GLN J 733 32.41 12.85 -10.17
N LYS J 734 32.23 12.62 -11.47
CA LYS J 734 33.08 13.21 -12.48
C LYS J 734 33.69 14.46 -11.82
N SER J 735 34.98 14.42 -11.54
CA SER J 735 35.56 15.57 -10.90
C SER J 735 37.06 15.63 -10.89
N SER J 736 37.53 16.86 -10.74
CA SER J 736 38.92 17.25 -10.66
C SER J 736 39.49 16.72 -9.35
N THR J 737 38.67 16.01 -8.59
CA THR J 737 39.12 15.47 -7.31
C THR J 737 40.05 14.27 -7.52
N PRO J 738 41.09 14.15 -6.67
CA PRO J 738 42.08 13.07 -6.75
C PRO J 738 41.46 11.67 -6.82
N LYS J 739 42.00 10.85 -7.71
CA LYS J 739 41.56 9.48 -7.91
C LYS J 739 41.37 8.77 -6.57
N ALA J 740 42.45 8.67 -5.78
CA ALA J 740 42.36 8.02 -4.49
C ALA J 740 41.29 8.66 -3.58
N VAL J 741 41.03 9.94 -3.75
CA VAL J 741 40.04 10.61 -2.90
C VAL J 741 38.61 10.30 -3.38
N GLN J 742 38.47 10.07 -4.68
CA GLN J 742 37.17 9.73 -5.22
C GLN J 742 36.77 8.40 -4.55
N LYS J 743 37.74 7.48 -4.49
CA LYS J 743 37.52 6.17 -3.89
C LYS J 743 37.24 6.30 -2.39
N ALA J 744 38.16 6.92 -1.67
CA ALA J 744 37.99 7.09 -0.23
C ALA J 744 36.60 7.70 0.06
N LEU J 745 36.26 8.77 -0.67
CA LEU J 745 34.98 9.45 -0.50
C LEU J 745 33.82 8.55 -0.86
N LYS J 746 33.97 7.80 -1.95
CA LYS J 746 32.89 6.92 -2.37
C LYS J 746 32.62 5.91 -1.28
N GLU J 747 33.68 5.42 -0.65
CA GLU J 747 33.54 4.45 0.42
C GLU J 747 32.84 5.06 1.62
N CYS J 748 33.08 6.34 1.90
CA CYS J 748 32.42 6.98 3.03
C CYS J 748 30.92 7.05 2.77
N ILE J 749 30.56 7.48 1.58
CA ILE J 749 29.16 7.58 1.20
C ILE J 749 28.53 6.19 1.28
N ARG J 750 29.31 5.22 0.83
CA ARG J 750 28.90 3.84 0.82
C ARG J 750 28.57 3.42 2.25
N ARG J 751 29.48 3.70 3.18
CA ARG J 751 29.24 3.32 4.56
C ARG J 751 28.09 4.13 5.16
N LEU J 753 25.47 5.34 3.80
CA LEU J 753 24.18 4.85 3.32
C LEU J 753 23.84 3.40 3.66
N GLN J 754 24.83 2.53 3.74
CA GLN J 754 24.57 1.12 4.02
C GLN J 754 24.88 0.62 5.41
N GLU J 755 26.02 1.02 5.96
CA GLU J 755 26.40 0.56 7.28
C GLU J 755 26.06 1.54 8.40
N GLY J 756 26.54 2.77 8.30
CA GLY J 756 26.22 3.74 9.34
C GLY J 756 27.37 4.60 9.79
N GLU J 757 27.12 5.38 10.84
CA GLU J 757 28.09 6.30 11.41
C GLU J 757 29.35 5.65 11.94
N GLU J 758 29.19 4.57 12.72
CA GLU J 758 30.34 3.89 13.29
C GLU J 758 31.20 3.31 12.19
N SER J 759 30.57 2.88 11.10
CA SER J 759 31.31 2.33 9.98
C SER J 759 32.10 3.46 9.32
N LEU J 760 31.50 4.64 9.25
CA LEU J 760 32.14 5.81 8.65
C LEU J 760 33.33 6.24 9.48
N GLN J 761 33.06 6.51 10.75
CA GLN J 761 34.07 6.95 11.70
C GLN J 761 35.25 5.98 11.66
N GLU J 762 34.94 4.70 11.46
CA GLU J 762 35.98 3.71 11.36
C GLU J 762 36.81 3.97 10.09
N TYR J 763 36.15 3.94 8.94
CA TYR J 763 36.84 4.14 7.67
C TYR J 763 37.61 5.45 7.61
N PHE J 764 37.07 6.48 8.24
CA PHE J 764 37.77 7.77 8.23
C PHE J 764 39.17 7.62 8.83
N LYS J 765 39.26 6.90 9.95
CA LYS J 765 40.54 6.69 10.60
C LYS J 765 41.45 5.88 9.66
N GLU J 766 40.90 4.82 9.09
CA GLU J 766 41.66 3.96 8.20
C GLU J 766 42.33 4.77 7.10
N PHE J 767 41.51 5.41 6.27
CA PHE J 767 42.03 6.19 5.16
C PHE J 767 42.97 7.30 5.59
N GLU J 768 42.73 7.84 6.77
CA GLU J 768 43.57 8.92 7.26
C GLU J 768 44.97 8.41 7.58
N LYS J 769 45.09 7.12 7.88
CA LYS J 769 46.38 6.50 8.22
C LYS J 769 47.21 6.03 7.03
N GLU J 770 46.56 5.72 5.92
CA GLU J 770 47.26 5.23 4.74
C GLU J 770 47.38 6.33 3.70
N PHE J 771 46.79 7.48 4.00
CA PHE J 771 46.83 8.60 3.08
C PHE J 771 48.25 8.96 2.66
N ARG J 772 49.09 9.25 3.65
CA ARG J 772 50.47 9.66 3.37
C ARG J 772 51.33 8.62 2.66
N GLN J 773 50.78 7.42 2.44
CA GLN J 773 51.54 6.38 1.75
C GLN J 773 51.08 6.22 0.29
N LEU J 774 49.98 6.89 -0.06
CA LEU J 774 49.42 6.80 -1.40
C LEU J 774 50.33 7.42 -2.48
N ASN J 775 50.25 6.88 -3.70
CA ASN J 775 51.03 7.39 -4.82
C ASN J 775 50.69 8.86 -5.00
N TYR J 776 51.70 9.69 -5.30
CA TYR J 776 51.45 11.12 -5.43
C TYR J 776 50.43 11.47 -6.51
N ILE J 777 50.55 10.86 -7.68
CA ILE J 777 49.61 11.14 -8.75
C ILE J 777 48.15 10.83 -8.37
N SER J 778 47.94 9.79 -7.56
CA SER J 778 46.59 9.43 -7.18
C SER J 778 45.95 10.40 -6.21
N ILE J 779 46.75 11.16 -5.48
CA ILE J 779 46.17 12.09 -4.54
C ILE J 779 46.20 13.53 -5.02
N ALA J 780 46.68 13.74 -6.24
CA ALA J 780 46.76 15.07 -6.83
C ALA J 780 45.43 15.48 -7.46
N SER J 781 45.18 16.78 -7.50
CA SER J 781 43.95 17.30 -8.10
C SER J 781 44.19 17.51 -9.58
N VAL J 782 43.10 17.66 -10.32
CA VAL J 782 43.18 17.87 -11.76
C VAL J 782 42.46 19.13 -12.15
N SER J 783 42.89 19.76 -13.24
CA SER J 783 42.25 20.97 -13.72
C SER J 783 42.70 21.42 -15.09
N SER J 784 41.78 22.03 -15.82
CA SER J 784 42.05 22.56 -17.15
C SER J 784 42.73 23.91 -16.94
N ALA J 785 43.77 24.19 -17.72
CA ALA J 785 44.49 25.45 -17.62
C ALA J 785 44.21 26.28 -18.86
N ASN J 786 43.29 27.24 -18.73
CA ASN J 786 42.89 28.06 -19.86
C ASN J 786 43.35 29.50 -19.91
N ASN J 787 44.12 29.95 -18.93
CA ASN J 787 44.56 31.33 -18.93
C ASN J 787 46.03 31.43 -18.52
N ILE J 788 46.81 30.43 -18.87
CA ILE J 788 48.21 30.41 -18.51
C ILE J 788 48.86 31.74 -18.84
N ALA J 789 48.19 32.54 -19.66
CA ALA J 789 48.68 33.85 -20.09
C ALA J 789 48.81 34.88 -18.96
N LYS J 790 48.58 34.48 -17.71
CA LYS J 790 48.73 35.40 -16.57
C LYS J 790 50.20 35.54 -16.24
N TYR J 791 51.02 35.40 -17.29
CA TYR J 791 52.46 35.52 -17.19
C TYR J 791 52.78 37.00 -17.21
N ASP J 792 53.40 37.48 -16.15
CA ASP J 792 53.76 38.88 -16.07
C ASP J 792 55.14 39.05 -15.46
N VAL J 793 55.27 38.69 -14.18
CA VAL J 793 56.56 38.84 -13.51
C VAL J 793 57.52 37.77 -13.99
N GLY J 794 57.59 37.61 -15.32
CA GLY J 794 58.48 36.64 -15.91
C GLY J 794 58.03 35.22 -15.64
N GLY J 795 57.15 35.06 -14.66
CA GLY J 795 56.67 33.75 -14.31
C GLY J 795 56.05 33.71 -12.93
N PHE J 796 55.44 34.82 -12.54
CA PHE J 796 54.80 34.91 -11.23
C PHE J 796 53.33 35.23 -11.38
N PRO J 797 52.50 34.80 -10.41
CA PRO J 797 51.06 35.03 -10.41
C PRO J 797 50.57 36.47 -10.53
N GLY J 798 49.71 36.70 -11.52
CA GLY J 798 49.15 38.03 -11.74
C GLY J 798 48.00 38.28 -10.78
N PRO J 799 47.28 39.39 -10.95
CA PRO J 799 46.16 39.67 -10.04
C PRO J 799 44.98 38.73 -10.31
N LYS J 800 44.37 38.24 -9.22
CA LYS J 800 43.24 37.30 -9.25
C LYS J 800 43.57 35.95 -9.89
N CYS J 801 44.85 35.64 -9.99
CA CYS J 801 45.34 34.40 -10.58
C CYS J 801 44.67 33.18 -9.96
N PRO J 802 44.29 32.19 -10.78
CA PRO J 802 43.66 30.98 -10.26
C PRO J 802 44.72 30.10 -9.58
N PHE J 803 44.29 29.30 -8.60
CA PHE J 803 45.20 28.44 -7.86
C PHE J 803 45.97 27.46 -8.76
N HIS J 804 45.26 26.78 -9.67
CA HIS J 804 45.92 25.83 -10.54
C HIS J 804 46.87 26.53 -11.50
N ILE J 805 46.50 27.75 -11.90
CA ILE J 805 47.34 28.53 -12.82
C ILE J 805 48.62 28.99 -12.12
N ARG J 806 48.50 29.34 -10.84
CA ARG J 806 49.64 29.76 -10.04
C ARG J 806 50.60 28.57 -9.98
N GLY J 807 50.01 27.37 -9.87
CA GLY J 807 50.82 26.16 -9.82
C GLY J 807 51.63 25.94 -11.09
N ILE J 808 51.05 26.32 -12.22
CA ILE J 808 51.71 26.19 -13.52
C ILE J 808 52.93 27.11 -13.58
N LEU J 809 52.75 28.34 -13.12
CA LEU J 809 53.83 29.33 -13.11
C LEU J 809 55.00 28.83 -12.26
N THR J 810 54.69 28.23 -11.10
CA THR J 810 55.71 27.68 -10.22
C THR J 810 56.52 26.67 -11.01
N TYR J 811 55.81 25.82 -11.74
CA TYR J 811 56.43 24.79 -12.56
C TYR J 811 57.34 25.35 -13.64
N ASN J 812 56.87 26.37 -14.35
CA ASN J 812 57.68 26.95 -15.41
C ASN J 812 58.98 27.57 -14.86
N ARG J 813 58.91 28.21 -13.69
CA ARG J 813 60.12 28.81 -13.11
C ARG J 813 61.05 27.69 -12.66
N ALA J 814 60.48 26.60 -12.17
CA ALA J 814 61.28 25.47 -11.71
C ALA J 814 61.91 24.72 -12.87
N ILE J 815 61.32 24.79 -14.06
CA ILE J 815 61.90 24.09 -15.19
C ILE J 815 62.33 25.02 -16.31
N LYS J 816 62.54 26.30 -15.99
CA LYS J 816 62.98 27.25 -17.00
C LYS J 816 64.39 26.84 -17.41
N GLY J 817 64.61 26.65 -18.71
CA GLY J 817 65.91 26.24 -19.16
C GLY J 817 66.10 24.78 -19.54
N ASN J 818 65.02 24.00 -19.55
CA ASN J 818 65.15 22.60 -19.97
C ASN J 818 64.16 22.40 -21.10
N ILE J 819 64.67 22.37 -22.33
CA ILE J 819 63.80 22.22 -23.49
C ILE J 819 63.26 20.81 -23.66
N ASP J 820 63.96 19.83 -23.11
CA ASP J 820 63.50 18.46 -23.20
C ASP J 820 62.58 18.20 -22.01
N ALA J 821 62.14 19.28 -21.37
CA ALA J 821 61.24 19.17 -20.23
C ALA J 821 59.82 19.34 -20.73
N PRO J 822 58.90 18.45 -20.30
CA PRO J 822 57.50 18.51 -20.72
C PRO J 822 56.86 19.86 -20.35
N GLN J 823 56.25 20.49 -21.35
CA GLN J 823 55.63 21.79 -21.15
C GLN J 823 54.13 21.64 -20.88
N VAL J 824 53.53 22.71 -20.39
CA VAL J 824 52.11 22.70 -20.10
C VAL J 824 51.42 23.33 -21.29
N VAL J 825 50.60 22.53 -21.98
CA VAL J 825 49.89 22.99 -23.17
C VAL J 825 48.59 23.72 -22.84
N GLU J 826 48.55 25.01 -23.15
CA GLU J 826 47.38 25.84 -22.91
C GLU J 826 46.08 25.14 -23.31
N GLY J 827 45.09 25.19 -22.42
CA GLY J 827 43.80 24.56 -22.69
C GLY J 827 43.71 23.12 -22.24
N GLU J 828 44.84 22.48 -22.01
CA GLU J 828 44.85 21.10 -21.57
C GLU J 828 44.76 21.04 -20.04
N LYS J 829 44.59 19.83 -19.49
CA LYS J 829 44.47 19.66 -18.04
C LYS J 829 45.82 19.45 -17.36
N VAL J 830 45.86 19.56 -16.03
CA VAL J 830 47.11 19.38 -15.28
C VAL J 830 46.91 18.83 -13.88
N TYR J 831 47.95 18.24 -13.32
CA TYR J 831 47.88 17.74 -11.95
C TYR J 831 48.33 18.92 -11.11
N VAL J 832 47.74 19.05 -9.92
CA VAL J 832 48.10 20.14 -9.02
C VAL J 832 48.33 19.59 -7.62
N LEU J 833 49.38 20.08 -6.96
CA LEU J 833 49.70 19.65 -5.60
C LEU J 833 50.17 20.80 -4.73
N PRO J 834 49.70 20.85 -3.48
CA PRO J 834 50.11 21.92 -2.55
C PRO J 834 51.52 21.71 -2.00
N LEU J 835 52.17 22.81 -1.62
CA LEU J 835 53.51 22.76 -1.08
C LEU J 835 53.58 23.49 0.26
N ARG J 836 54.44 22.97 1.15
CA ARG J 836 54.64 23.56 2.48
C ARG J 836 55.48 24.82 2.33
N GLU J 837 55.33 25.76 3.25
CA GLU J 837 56.10 27.02 3.23
C GLU J 837 57.59 26.75 3.42
N GLY J 838 58.41 27.34 2.56
CA GLY J 838 59.85 27.14 2.67
C GLY J 838 60.45 26.27 1.58
N ASN J 839 59.62 25.82 0.65
CA ASN J 839 60.09 24.98 -0.44
C ASN J 839 60.90 25.77 -1.46
N PRO J 840 61.72 25.08 -2.26
CA PRO J 840 62.55 25.71 -3.29
C PRO J 840 61.72 26.37 -4.36
N PHE J 841 60.56 25.77 -4.62
CA PHE J 841 59.65 26.24 -5.66
C PHE J 841 59.03 27.62 -5.38
N GLY J 842 59.41 28.20 -4.25
CA GLY J 842 58.92 29.51 -3.88
C GLY J 842 57.45 29.83 -4.09
N ASP J 843 56.57 29.06 -3.45
CA ASP J 843 55.14 29.28 -3.58
C ASP J 843 54.36 28.20 -2.86
N LYS J 844 53.04 28.29 -2.90
CA LYS J 844 52.21 27.32 -2.18
C LYS J 844 51.70 26.12 -2.96
N CYS J 845 52.04 26.03 -4.25
CA CYS J 845 51.58 24.91 -5.05
C CYS J 845 52.24 24.87 -6.41
N ILE J 846 52.27 23.66 -6.98
CA ILE J 846 52.85 23.43 -8.29
C ILE J 846 51.96 22.48 -9.10
N ALA J 847 51.91 22.68 -10.41
CA ALA J 847 51.10 21.85 -11.29
C ALA J 847 51.99 21.29 -12.39
N TRP J 848 51.45 20.36 -13.18
CA TRP J 848 52.22 19.78 -14.27
C TRP J 848 51.29 18.98 -15.18
N PRO J 849 51.72 18.72 -16.44
CA PRO J 849 50.92 17.98 -17.43
C PRO J 849 50.21 16.78 -16.82
N SER J 850 48.88 16.75 -16.90
CA SER J 850 48.11 15.64 -16.33
C SER J 850 48.32 14.38 -17.15
N GLY J 851 48.13 13.24 -16.49
CA GLY J 851 48.30 11.97 -17.15
C GLY J 851 49.76 11.64 -17.31
N THR J 852 50.60 12.36 -16.58
CA THR J 852 52.06 12.14 -16.65
C THR J 852 52.74 12.24 -15.29
N GLU J 853 53.89 11.58 -15.17
CA GLU J 853 54.68 11.64 -13.94
C GLU J 853 55.43 12.95 -14.09
N ILE J 854 55.57 13.70 -13.00
CA ILE J 854 56.27 14.97 -13.07
C ILE J 854 57.76 14.71 -13.23
N THR J 855 58.36 15.30 -14.26
CA THR J 855 59.78 15.12 -14.58
C THR J 855 60.69 14.96 -13.37
N ASP J 856 61.66 14.05 -13.51
CA ASP J 856 62.60 13.77 -12.43
C ASP J 856 63.46 14.98 -12.10
N LEU J 857 63.52 15.89 -13.05
CA LEU J 857 64.29 17.12 -12.90
C LEU J 857 63.92 17.84 -11.60
N ILE J 858 62.69 17.63 -11.12
CA ILE J 858 62.22 18.26 -9.89
C ILE J 858 61.35 17.30 -9.08
N LYS J 859 61.14 16.10 -9.63
CA LYS J 859 60.30 15.10 -8.99
C LYS J 859 60.60 14.84 -7.51
N ASP J 860 61.87 14.63 -7.20
CA ASP J 860 62.28 14.34 -5.83
C ASP J 860 62.00 15.47 -4.85
N ASP J 861 62.15 16.71 -5.30
CA ASP J 861 61.89 17.85 -4.43
C ASP J 861 60.39 18.09 -4.27
N VAL J 862 59.64 17.89 -5.35
CA VAL J 862 58.19 18.03 -5.29
C VAL J 862 57.68 17.02 -4.28
N LEU J 863 58.04 15.76 -4.53
CA LEU J 863 57.64 14.64 -3.70
C LEU J 863 58.09 14.77 -2.25
N HIS J 864 58.87 15.81 -1.96
CA HIS J 864 59.39 16.05 -0.62
C HIS J 864 58.69 17.20 0.08
N TRP J 865 58.26 18.20 -0.70
CA TRP J 865 57.60 19.38 -0.13
C TRP J 865 56.07 19.47 -0.27
N ASP J 867 52.36 19.39 0.45
CA ASP J 867 51.67 19.51 1.74
C ASP J 867 50.59 18.45 1.91
N TYR J 868 50.91 17.38 2.61
CA TYR J 868 49.94 16.31 2.83
C TYR J 868 48.77 16.76 3.70
N THR J 869 49.06 17.54 4.73
CA THR J 869 48.00 17.99 5.62
C THR J 869 46.98 18.84 4.86
N VAL J 870 47.46 19.87 4.18
CA VAL J 870 46.59 20.75 3.42
C VAL J 870 45.83 19.95 2.35
N LEU J 871 46.54 19.12 1.60
CA LEU J 871 45.94 18.30 0.55
C LEU J 871 44.77 17.47 1.06
N LEU J 872 44.97 16.77 2.17
CA LEU J 872 43.92 15.93 2.77
C LEU J 872 42.70 16.75 3.24
N GLU J 873 42.97 17.95 3.73
CA GLU J 873 41.93 18.83 4.24
C GLU J 873 41.04 19.40 3.14
N LYS J 874 41.65 19.81 2.05
CA LYS J 874 40.93 20.41 0.94
C LYS J 874 40.26 19.43 -0.02
N THR J 875 40.87 18.27 -0.22
CA THR J 875 40.31 17.31 -1.15
C THR J 875 39.45 16.23 -0.51
N PHE J 876 39.77 15.87 0.73
CA PHE J 876 39.06 14.82 1.45
C PHE J 876 38.16 15.28 2.60
N ILE J 877 38.77 15.92 3.60
CA ILE J 877 38.02 16.39 4.75
C ILE J 877 36.94 17.40 4.38
N LYS J 878 37.32 18.44 3.63
CA LYS J 878 36.40 19.47 3.19
C LYS J 878 35.07 18.90 2.66
N PRO J 879 35.12 18.11 1.59
CA PRO J 879 33.89 17.53 1.03
C PRO J 879 33.15 16.64 2.01
N LEU J 880 33.87 15.72 2.65
CA LEU J 880 33.28 14.82 3.63
C LEU J 880 32.52 15.61 4.69
N GLU J 881 33.11 16.71 5.15
CA GLU J 881 32.47 17.55 6.15
C GLU J 881 31.12 18.02 5.59
N GLY J 882 31.08 18.19 4.28
CA GLY J 882 29.85 18.63 3.64
C GLY J 882 28.75 17.57 3.63
N PHE J 883 29.12 16.35 3.24
CA PHE J 883 28.15 15.27 3.20
C PHE J 883 27.61 15.05 4.62
N THR J 884 28.53 14.91 5.57
CA THR J 884 28.18 14.68 6.97
C THR J 884 27.26 15.71 7.56
N SER J 885 27.61 16.98 7.44
CA SER J 885 26.76 18.02 7.99
C SER J 885 25.36 17.93 7.41
N ALA J 886 25.28 17.65 6.11
CA ALA J 886 24.01 17.51 5.40
C ALA J 886 23.22 16.31 5.89
N ALA J 887 23.91 15.18 6.01
CA ALA J 887 23.27 13.96 6.46
C ALA J 887 23.09 13.94 7.97
N LYS J 888 23.64 14.96 8.64
CA LYS J 888 23.57 15.04 10.10
C LYS J 888 24.23 13.79 10.70
N LEU J 889 25.51 13.65 10.38
CA LEU J 889 26.34 12.53 10.83
C LEU J 889 27.72 13.03 11.19
N ASP J 890 28.41 12.29 12.06
CA ASP J 890 29.75 12.63 12.47
C ASP J 890 30.74 11.64 11.89
N TYR J 891 31.81 12.14 11.28
CA TYR J 891 32.82 11.23 10.73
C TYR J 891 33.93 11.00 11.76
N GLU J 892 33.92 11.79 12.83
CA GLU J 892 34.89 11.66 13.89
C GLU J 892 34.09 11.51 15.16
N LYS J 893 34.49 10.59 16.03
CA LYS J 893 33.78 10.41 17.28
C LYS J 893 33.90 11.69 18.12
N LYS J 894 32.86 11.98 18.88
CA LYS J 894 32.84 13.15 19.74
C LYS J 894 31.53 13.22 20.54
N ALA J 895 31.56 13.97 21.64
CA ALA J 895 30.39 14.12 22.52
C ALA J 895 30.04 15.58 22.80
N SER J 896 29.40 16.22 21.82
CA SER J 896 28.99 17.61 21.94
C SER J 896 28.16 17.99 20.71
N LEU J 897 26.90 17.59 20.71
CA LEU J 897 26.02 17.87 19.60
C LEU J 897 25.96 19.38 19.32
N PHE J 898 26.28 20.18 20.33
CA PHE J 898 26.23 21.63 20.18
C PHE J 898 27.08 22.15 19.03
N ASP J 899 27.79 21.25 18.36
CA ASP J 899 28.63 21.64 17.25
C ASP J 899 27.84 21.64 15.93
N PHE J 901 25.00 23.42 15.40
CA PHE J 901 24.45 24.75 15.13
C PHE J 901 25.36 25.82 15.71
N ASP J 902 24.77 26.90 16.21
CA ASP J 902 25.55 27.99 16.79
C ASP J 902 26.49 28.62 15.77
N LYS K 2 40.34 -39.59 26.37
CA LYS K 2 40.11 -38.34 25.67
C LYS K 2 38.62 -38.11 25.54
N GLU K 3 38.16 -36.89 25.79
CA GLU K 3 36.73 -36.63 25.68
C GLU K 3 36.31 -36.53 24.21
N PHE K 4 35.09 -36.96 23.94
CA PHE K 4 34.54 -36.89 22.60
C PHE K 4 33.04 -36.64 22.68
N TYR K 5 32.50 -35.96 21.67
CA TYR K 5 31.08 -35.62 21.63
C TYR K 5 30.17 -36.76 21.14
N LEU K 6 28.88 -36.58 21.43
CA LEU K 6 27.84 -37.53 21.04
C LEU K 6 26.91 -36.80 20.09
N THR K 7 26.36 -35.69 20.55
CA THR K 7 25.46 -34.89 19.72
C THR K 7 25.60 -33.41 20.04
N VAL K 8 25.39 -32.58 19.01
CA VAL K 8 25.46 -31.14 19.18
C VAL K 8 24.29 -30.49 18.44
N GLU K 9 23.66 -29.53 19.11
CA GLU K 9 22.53 -28.83 18.52
C GLU K 9 22.59 -27.37 18.90
N GLN K 10 22.15 -26.51 17.99
CA GLN K 10 22.15 -25.08 18.22
C GLN K 10 20.71 -24.63 18.42
N ILE K 11 20.37 -24.25 19.64
CA ILE K 11 19.04 -23.78 19.96
C ILE K 11 19.17 -22.34 20.46
N GLY K 12 18.61 -21.39 19.72
CA GLY K 12 18.70 -20.01 20.12
C GLY K 12 20.17 -19.65 20.21
N ASP K 13 20.56 -18.97 21.28
CA ASP K 13 21.95 -18.56 21.43
C ASP K 13 22.86 -19.52 22.19
N SER K 14 22.37 -20.72 22.46
CA SER K 14 23.22 -21.67 23.16
C SER K 14 23.29 -22.98 22.37
N ILE K 15 24.44 -23.65 22.43
CA ILE K 15 24.59 -24.92 21.75
C ILE K 15 24.52 -26.01 22.84
N PHE K 16 23.64 -26.98 22.65
CA PHE K 16 23.49 -28.07 23.62
C PHE K 16 24.33 -29.26 23.15
N GLU K 17 25.30 -29.65 23.96
CA GLU K 17 26.18 -30.77 23.60
C GLU K 17 26.18 -31.98 24.54
N ARG K 18 25.92 -33.16 23.97
CA ARG K 18 25.94 -34.40 24.74
C ARG K 18 27.30 -35.00 24.45
N TYR K 19 28.06 -35.32 25.47
CA TYR K 19 29.41 -35.88 25.23
C TYR K 19 29.86 -36.88 26.28
N ILE K 20 31.05 -37.44 26.09
CA ILE K 20 31.61 -38.36 27.06
C ILE K 20 32.79 -37.62 27.69
N ASP K 21 32.86 -37.59 29.02
CA ASP K 21 33.96 -36.88 29.68
C ASP K 21 35.21 -37.75 29.85
N SER K 22 36.29 -37.15 30.34
CA SER K 22 37.54 -37.88 30.53
C SER K 22 37.37 -39.09 31.43
N ASN K 23 36.36 -39.06 32.30
CA ASN K 23 36.09 -40.18 33.19
C ASN K 23 35.30 -41.25 32.44
N GLY K 24 34.98 -40.95 31.18
CA GLY K 24 34.25 -41.90 30.35
C GLY K 24 32.74 -41.91 30.49
N ARG K 25 32.16 -40.92 31.16
CA ARG K 25 30.72 -40.93 31.30
C ARG K 25 30.01 -39.94 30.36
N GLU K 26 28.69 -40.11 30.26
CA GLU K 26 27.89 -39.25 29.41
C GLU K 26 27.35 -38.06 30.19
N ARG K 27 27.68 -36.87 29.71
CA ARG K 27 27.22 -35.65 30.34
C ARG K 27 26.73 -34.70 29.26
N THR K 28 25.83 -33.79 29.63
CA THR K 28 25.31 -32.86 28.65
C THR K 28 25.38 -31.45 29.23
N ARG K 29 25.98 -30.54 28.47
CA ARG K 29 26.12 -29.16 28.92
C ARG K 29 25.55 -28.17 27.92
N GLU K 30 25.33 -26.95 28.39
CA GLU K 30 24.83 -25.89 27.53
C GLU K 30 25.93 -24.83 27.46
N VAL K 31 26.19 -24.34 26.26
CA VAL K 31 27.24 -23.34 26.11
C VAL K 31 26.78 -22.15 25.29
N GLU K 32 26.97 -20.95 25.83
CA GLU K 32 26.61 -19.73 25.11
C GLU K 32 27.81 -19.49 24.21
N TYR K 33 27.90 -20.28 23.14
CA TYR K 33 29.01 -20.17 22.21
C TYR K 33 29.11 -18.80 21.56
N LYS K 34 30.32 -18.27 21.49
CA LYS K 34 30.55 -16.97 20.89
C LYS K 34 31.34 -17.21 19.61
N PRO K 35 30.64 -17.28 18.48
CA PRO K 35 31.27 -17.52 17.18
C PRO K 35 32.10 -16.35 16.66
N SER K 36 32.98 -16.65 15.72
CA SER K 36 33.81 -15.64 15.10
C SER K 36 33.72 -15.81 13.60
N LEU K 37 33.71 -14.69 12.89
CA LEU K 37 33.65 -14.69 11.45
C LEU K 37 34.75 -13.74 10.99
N PHE K 38 34.97 -13.64 9.70
CA PHE K 38 36.02 -12.75 9.24
C PHE K 38 35.56 -11.87 8.10
N ALA K 39 36.35 -10.84 7.84
CA ALA K 39 36.06 -9.90 6.77
C ALA K 39 37.38 -9.45 6.20
N HIS K 40 37.39 -9.12 4.93
CA HIS K 40 38.62 -8.66 4.31
C HIS K 40 39.01 -7.33 4.99
N CYS K 41 40.30 -7.18 5.26
CA CYS K 41 40.79 -5.97 5.89
C CYS K 41 41.95 -5.42 5.09
N PRO K 42 42.20 -4.11 5.21
CA PRO K 42 43.30 -3.49 4.47
C PRO K 42 44.66 -4.05 4.90
N GLU K 43 45.58 -4.14 3.94
CA GLU K 43 46.92 -4.66 4.18
C GLU K 43 47.56 -4.06 5.42
N SER K 44 47.07 -2.90 5.85
CA SER K 44 47.59 -2.25 7.05
C SER K 44 47.30 -3.17 8.23
N GLN K 45 46.03 -3.19 8.64
CA GLN K 45 45.57 -4.00 9.77
C GLN K 45 46.25 -5.35 9.78
N ALA K 46 47.18 -5.50 10.72
CA ALA K 46 47.94 -6.74 10.84
C ALA K 46 47.15 -7.83 11.56
N THR K 47 47.28 -9.05 11.04
CA THR K 47 46.63 -10.22 11.62
C THR K 47 47.36 -11.46 11.11
N LYS K 48 46.95 -12.61 11.64
CA LYS K 48 47.53 -13.89 11.23
C LYS K 48 46.52 -14.67 10.41
N TYR K 49 45.40 -14.03 10.10
CA TYR K 49 44.33 -14.67 9.33
C TYR K 49 44.31 -14.25 7.86
N PHE K 50 44.35 -15.23 6.97
CA PHE K 50 44.35 -15.00 5.54
C PHE K 50 43.39 -15.96 4.83
N ASP K 51 42.65 -15.46 3.84
CA ASP K 51 41.74 -16.34 3.12
C ASP K 51 42.57 -17.23 2.17
N ILE K 52 41.98 -18.27 1.62
CA ILE K 52 42.75 -19.17 0.77
C ILE K 52 43.44 -18.44 -0.36
N TYR K 53 42.92 -17.27 -0.69
CA TYR K 53 43.47 -16.46 -1.76
C TYR K 53 44.70 -15.64 -1.39
N GLY K 54 45.10 -15.70 -0.12
CA GLY K 54 46.27 -14.93 0.30
C GLY K 54 45.89 -13.59 0.94
N LYS K 55 44.69 -13.11 0.68
CA LYS K 55 44.22 -11.84 1.25
C LYS K 55 44.04 -11.87 2.76
N PRO K 56 44.38 -10.76 3.43
CA PRO K 56 44.25 -10.63 4.89
C PRO K 56 42.82 -10.35 5.36
N CYS K 57 42.50 -10.89 6.52
CA CYS K 57 41.18 -10.75 7.14
C CYS K 57 41.28 -10.37 8.61
N THR K 58 40.15 -9.99 9.18
CA THR K 58 40.10 -9.63 10.58
C THR K 58 39.06 -10.49 11.27
N ARG K 59 39.46 -11.09 12.39
CA ARG K 59 38.57 -11.95 13.16
C ARG K 59 37.47 -11.07 13.76
N LYS K 60 36.24 -11.54 13.75
CA LYS K 60 35.15 -10.76 14.29
C LYS K 60 34.38 -11.62 15.30
N LEU K 61 34.64 -11.42 16.59
CA LEU K 61 33.98 -12.20 17.64
C LEU K 61 32.64 -11.59 18.00
N PHE K 62 31.59 -12.40 18.00
CA PHE K 62 30.27 -11.90 18.33
C PHE K 62 29.83 -12.28 19.73
N ALA K 63 28.87 -11.52 20.27
CA ALA K 63 28.35 -11.76 21.60
C ALA K 63 27.64 -13.11 21.65
N ASN K 64 26.71 -13.32 20.72
CA ASN K 64 25.97 -14.57 20.66
C ASN K 64 25.92 -15.05 19.21
N ARG K 66 22.99 -15.29 17.41
CA ARG K 66 21.98 -14.55 16.68
C ARG K 66 22.71 -13.39 15.98
N ASP K 67 23.59 -12.72 16.70
CA ASP K 67 24.34 -11.59 16.15
C ASP K 67 25.18 -11.92 14.92
N ALA K 68 25.89 -13.04 14.97
CA ALA K 68 26.73 -13.46 13.86
C ALA K 68 25.89 -13.74 12.62
N SER K 69 24.77 -14.43 12.79
CA SER K 69 23.93 -14.74 11.65
C SER K 69 23.37 -13.46 11.03
N GLN K 70 22.91 -12.53 11.87
CA GLN K 70 22.40 -11.26 11.36
C GLN K 70 23.49 -10.56 10.55
N TRP K 71 24.69 -10.48 11.12
CA TRP K 71 25.84 -9.85 10.46
C TRP K 71 26.10 -10.48 9.09
N ILE K 72 25.98 -11.80 9.02
CA ILE K 72 26.17 -12.53 7.77
C ILE K 72 25.12 -12.05 6.77
N LYS K 73 23.86 -12.03 7.21
CA LYS K 73 22.77 -11.60 6.35
C LYS K 73 23.03 -10.18 5.84
N ARG K 74 23.37 -9.27 6.74
CA ARG K 74 23.64 -7.89 6.37
C ARG K 74 24.76 -7.81 5.33
N GLU K 76 25.77 -9.94 3.31
CA GLU K 76 25.30 -10.49 2.05
C GLU K 76 24.31 -9.55 1.37
N ASP K 77 23.58 -8.76 2.16
CA ASP K 77 22.60 -7.83 1.64
C ASP K 77 23.25 -6.71 0.83
N ILE K 78 24.54 -6.47 1.08
CA ILE K 78 25.26 -5.40 0.39
C ILE K 78 26.51 -5.90 -0.30
N GLY K 79 26.49 -7.16 -0.69
CA GLY K 79 27.63 -7.73 -1.39
C GLY K 79 28.99 -7.86 -0.74
N LEU K 80 29.13 -7.67 0.56
CA LEU K 80 30.44 -7.82 1.20
C LEU K 80 30.64 -9.28 1.63
N GLU K 81 31.76 -9.88 1.24
CA GLU K 81 31.99 -11.27 1.58
C GLU K 81 32.14 -11.52 3.07
N ALA K 82 31.31 -12.44 3.58
CA ALA K 82 31.36 -12.83 4.98
C ALA K 82 32.11 -14.17 5.06
N LEU K 83 33.40 -14.11 5.40
CA LEU K 83 34.25 -15.30 5.50
C LEU K 83 34.07 -16.07 6.81
N GLY K 84 34.35 -17.37 6.80
CA GLY K 84 34.23 -18.18 8.01
C GLY K 84 33.21 -19.31 7.98
N ASP K 86 30.06 -20.72 8.62
CA ASP K 86 28.74 -20.21 8.97
C ASP K 86 27.91 -21.15 9.83
N ASP K 87 28.26 -22.44 9.82
CA ASP K 87 27.54 -23.43 10.64
C ASP K 87 28.27 -23.47 12.00
N PHE K 88 27.75 -22.71 12.95
CA PHE K 88 28.39 -22.62 14.25
C PHE K 88 28.58 -23.95 14.98
N LYS K 89 27.63 -24.86 14.85
CA LYS K 89 27.77 -26.15 15.51
C LYS K 89 29.14 -26.72 15.16
N LEU K 90 29.52 -26.57 13.90
CA LEU K 90 30.78 -27.09 13.40
C LEU K 90 31.97 -26.29 13.87
N ALA K 91 31.72 -25.02 14.15
CA ALA K 91 32.79 -24.15 14.62
C ALA K 91 33.06 -24.56 16.06
N TYR K 92 31.99 -24.82 16.79
CA TYR K 92 32.08 -25.23 18.18
C TYR K 92 32.90 -26.52 18.33
N LEU K 93 32.41 -27.59 17.71
CA LEU K 93 33.08 -28.88 17.75
C LEU K 93 34.57 -28.70 17.50
N SER K 94 34.90 -27.98 16.42
CA SER K 94 36.29 -27.76 16.05
C SER K 94 37.10 -27.10 17.16
N ASP K 95 36.44 -26.19 17.89
CA ASP K 95 37.09 -25.46 18.98
C ASP K 95 37.15 -26.33 20.22
N THR K 96 36.05 -27.04 20.48
CA THR K 96 35.94 -27.89 21.64
C THR K 96 36.79 -29.15 21.50
N TYR K 97 37.18 -29.51 20.28
CA TYR K 97 38.01 -30.70 20.07
C TYR K 97 39.11 -30.48 19.04
N ASN K 98 40.03 -29.57 19.33
CA ASN K 98 41.13 -29.29 18.41
C ASN K 98 42.22 -30.37 18.44
N TYR K 99 41.81 -31.60 18.15
CA TYR K 99 42.69 -32.76 18.11
C TYR K 99 41.97 -33.92 17.46
N GLU K 100 42.71 -34.92 16.99
CA GLU K 100 42.11 -36.08 16.36
C GLU K 100 41.27 -36.83 17.40
N ILE K 101 39.97 -36.85 17.18
CA ILE K 101 39.07 -37.51 18.12
C ILE K 101 39.22 -39.02 18.14
N LYS K 102 39.15 -39.59 19.33
CA LYS K 102 39.26 -41.03 19.52
C LYS K 102 38.02 -41.38 20.34
N TYR K 103 37.07 -42.08 19.73
CA TYR K 103 35.83 -42.43 20.44
C TYR K 103 35.80 -43.87 20.98
N ASP K 104 34.80 -44.12 21.81
CA ASP K 104 34.62 -45.43 22.44
C ASP K 104 33.16 -45.83 22.22
N HIS K 105 32.90 -46.55 21.13
CA HIS K 105 31.55 -46.98 20.78
C HIS K 105 30.83 -47.58 21.97
N THR K 106 31.62 -48.21 22.83
CA THR K 106 31.07 -48.84 24.02
C THR K 106 30.33 -47.86 24.91
N LYS K 107 30.73 -46.59 24.86
CA LYS K 107 30.09 -45.57 25.67
C LYS K 107 28.92 -44.94 24.92
N ILE K 108 28.93 -45.06 23.60
CA ILE K 108 27.87 -44.50 22.76
C ILE K 108 26.62 -45.38 22.77
N ARG K 109 25.50 -44.82 23.25
CA ARG K 109 24.24 -45.55 23.31
C ARG K 109 23.60 -45.62 21.93
N VAL K 110 23.62 -46.79 21.31
CA VAL K 110 23.03 -47.00 20.00
C VAL K 110 21.74 -47.80 20.15
N ALA K 111 20.61 -47.24 19.73
CA ALA K 111 19.34 -47.96 19.87
C ALA K 111 18.51 -48.07 18.60
N ASN K 112 17.90 -49.23 18.41
CA ASN K 112 17.00 -49.40 17.29
C ASN K 112 15.76 -50.08 17.81
N PHE K 113 14.61 -49.59 17.39
CA PHE K 113 13.35 -50.13 17.84
C PHE K 113 12.39 -50.34 16.69
N ASP K 114 11.22 -50.85 17.03
CA ASP K 114 10.18 -51.13 16.06
C ASP K 114 8.87 -51.14 16.83
N ILE K 115 7.78 -50.74 16.19
CA ILE K 115 6.50 -50.74 16.85
C ILE K 115 5.49 -51.42 15.94
N GLU K 116 4.43 -51.91 16.54
CA GLU K 116 3.38 -52.55 15.78
C GLU K 116 2.13 -51.76 16.08
N VAL K 117 1.32 -51.57 15.04
CA VAL K 117 0.08 -50.81 15.16
C VAL K 117 -1.02 -51.45 14.33
N THR K 118 -1.98 -52.07 15.01
CA THR K 118 -3.08 -52.69 14.29
C THR K 118 -3.94 -51.61 13.66
N SER K 119 -4.27 -51.77 12.38
CA SER K 119 -5.09 -50.79 11.70
C SER K 119 -6.07 -51.42 10.75
N PRO K 120 -7.36 -51.43 11.10
CA PRO K 120 -8.41 -52.01 10.25
C PRO K 120 -8.74 -51.19 9.00
N ASP K 121 -8.48 -49.88 9.04
CA ASP K 121 -8.80 -49.04 7.88
C ASP K 121 -7.64 -48.73 6.96
N GLY K 122 -6.70 -49.66 6.85
CA GLY K 122 -5.57 -49.44 5.96
C GLY K 122 -4.30 -49.12 6.71
N PHE K 123 -3.35 -48.49 6.02
CA PHE K 123 -2.08 -48.13 6.65
C PHE K 123 -2.28 -47.01 7.67
N PRO K 124 -1.60 -47.10 8.82
CA PRO K 124 -1.72 -46.08 9.85
C PRO K 124 -0.79 -44.89 9.65
N GLU K 125 -1.23 -43.89 8.90
CA GLU K 125 -0.41 -42.71 8.64
C GLU K 125 0.14 -42.09 9.92
N PRO K 126 1.46 -42.17 10.13
CA PRO K 126 2.13 -41.63 11.31
C PRO K 126 1.82 -40.18 11.66
N SER K 127 1.42 -39.39 10.66
CA SER K 127 1.09 -38.01 10.92
C SER K 127 -0.29 -37.92 11.60
N GLN K 128 -1.11 -38.94 11.40
CA GLN K 128 -2.43 -38.98 12.02
C GLN K 128 -2.40 -39.79 13.32
N ALA K 129 -1.82 -41.00 13.25
CA ALA K 129 -1.70 -41.88 14.42
C ALA K 129 -3.03 -42.05 15.14
N LYS K 130 -4.07 -42.33 14.36
CA LYS K 130 -5.41 -42.50 14.91
C LYS K 130 -5.56 -43.78 15.69
N HIS K 131 -4.75 -44.78 15.34
CA HIS K 131 -4.83 -46.05 16.03
C HIS K 131 -3.75 -46.16 17.09
N PRO K 132 -4.01 -46.96 18.12
CA PRO K 132 -3.07 -47.17 19.24
C PRO K 132 -1.86 -48.01 18.91
N ILE K 133 -0.82 -47.83 19.72
CA ILE K 133 0.42 -48.57 19.58
C ILE K 133 0.24 -49.80 20.45
N ASP K 134 0.17 -50.98 19.82
CA ASP K 134 -0.03 -52.19 20.60
C ASP K 134 1.20 -53.05 20.86
N ALA K 135 2.38 -52.56 20.47
CA ALA K 135 3.61 -53.31 20.69
C ALA K 135 4.83 -52.46 20.36
N ILE K 136 5.89 -52.63 21.14
CA ILE K 136 7.13 -51.89 20.93
C ILE K 136 8.31 -52.73 21.39
N THR K 137 9.32 -52.86 20.54
CA THR K 137 10.51 -53.59 20.91
C THR K 137 11.66 -52.64 20.64
N HIS K 138 12.34 -52.21 21.71
CA HIS K 138 13.44 -51.26 21.63
C HIS K 138 14.71 -51.88 22.20
N TYR K 139 15.77 -51.90 21.40
CA TYR K 139 17.05 -52.47 21.82
C TYR K 139 18.11 -51.43 22.21
N ASP K 140 18.77 -51.64 23.34
CA ASP K 140 19.81 -50.74 23.81
C ASP K 140 21.21 -51.33 23.67
N SER K 141 22.08 -50.69 22.88
CA SER K 141 23.42 -51.23 22.66
C SER K 141 24.32 -51.31 23.90
N ILE K 142 23.94 -50.65 24.98
CA ILE K 142 24.75 -50.67 26.19
C ILE K 142 24.29 -51.76 27.13
N ASP K 143 22.97 -51.90 27.27
CA ASP K 143 22.38 -52.92 28.14
C ASP K 143 22.34 -54.25 27.38
N ASP K 144 22.46 -54.17 26.06
CA ASP K 144 22.43 -55.36 25.23
C ASP K 144 21.14 -56.11 25.53
N ARG K 145 20.04 -55.38 25.68
CA ARG K 145 18.76 -55.97 26.01
C ARG K 145 17.66 -55.53 25.05
N PHE K 146 16.67 -56.39 24.83
CA PHE K 146 15.57 -56.05 23.93
C PHE K 146 14.33 -55.72 24.77
N TYR K 147 14.20 -54.50 25.25
CA TYR K 147 13.03 -54.17 26.05
C TYR K 147 11.78 -54.28 25.19
N VAL K 148 10.75 -54.94 25.72
CA VAL K 148 9.51 -55.14 24.98
C VAL K 148 8.28 -54.58 25.69
N PHE K 149 7.45 -53.85 24.97
CA PHE K 149 6.25 -53.25 25.55
C PHE K 149 5.01 -53.80 24.86
N ASP K 150 4.32 -54.72 25.55
CA ASP K 150 3.12 -55.38 25.04
C ASP K 150 1.82 -54.75 25.52
N LEU K 151 0.89 -54.51 24.59
CA LEU K 151 -0.40 -53.93 24.94
C LEU K 151 -1.42 -55.06 24.97
N LEU K 152 -1.75 -55.52 26.17
CA LEU K 152 -2.69 -56.61 26.35
C LEU K 152 -4.13 -56.26 25.98
N ASN K 153 -4.58 -55.05 26.30
CA ASN K 153 -5.96 -54.64 25.99
C ASN K 153 -6.06 -53.40 25.14
N SER K 154 -6.85 -53.47 24.08
CA SER K 154 -7.03 -52.33 23.18
C SER K 154 -8.38 -52.43 22.50
N PRO K 155 -8.89 -51.30 21.98
CA PRO K 155 -10.20 -51.34 21.31
C PRO K 155 -10.26 -52.35 20.17
N TYR K 156 -9.17 -53.07 19.94
CA TYR K 156 -9.13 -54.07 18.88
C TYR K 156 -8.95 -55.48 19.42
N GLY K 157 -9.28 -55.67 20.69
CA GLY K 157 -9.16 -57.00 21.29
C GLY K 157 -8.23 -57.09 22.48
N ASN K 158 -8.62 -57.93 23.44
CA ASN K 158 -7.83 -58.18 24.65
C ASN K 158 -7.10 -59.50 24.46
N VAL K 159 -5.81 -59.52 24.76
CA VAL K 159 -5.03 -60.73 24.57
C VAL K 159 -4.24 -61.16 25.80
N GLU K 160 -3.78 -62.39 25.78
CA GLU K 160 -2.99 -62.92 26.89
C GLU K 160 -1.53 -62.56 26.69
N GLU K 161 -0.79 -62.53 27.79
CA GLU K 161 0.62 -62.19 27.73
C GLU K 161 1.38 -63.08 26.77
N TRP K 162 2.44 -62.51 26.20
CA TRP K 162 3.32 -63.18 25.25
C TRP K 162 4.04 -64.28 26.02
N SER K 163 4.27 -65.42 25.35
CA SER K 163 4.97 -66.54 25.97
C SER K 163 6.35 -66.69 25.34
N ILE K 164 7.38 -66.48 26.17
CA ILE K 164 8.75 -66.59 25.71
C ILE K 164 9.12 -68.06 25.61
N GLU K 165 8.44 -68.90 26.39
CA GLU K 165 8.69 -70.34 26.35
C GLU K 165 8.27 -70.85 24.99
N ILE K 166 7.08 -70.45 24.58
CA ILE K 166 6.54 -70.83 23.27
C ILE K 166 7.32 -70.13 22.19
N ALA K 167 7.61 -68.85 22.40
CA ALA K 167 8.36 -68.08 21.42
C ALA K 167 9.70 -68.72 21.07
N ALA K 168 10.28 -69.44 22.03
CA ALA K 168 11.56 -70.11 21.83
C ALA K 168 11.43 -71.40 21.03
N LYS K 169 10.24 -72.01 21.09
CA LYS K 169 9.95 -73.28 20.40
C LYS K 169 9.95 -73.17 18.87
N LEU K 170 9.95 -74.31 18.18
CA LEU K 170 9.97 -74.34 16.73
C LEU K 170 8.57 -74.24 16.14
N GLN K 171 8.52 -74.01 14.82
CA GLN K 171 7.26 -73.89 14.09
C GLN K 171 6.43 -75.16 14.17
N GLU K 172 7.04 -76.30 13.82
CA GLU K 172 6.36 -77.59 13.85
C GLU K 172 5.85 -77.97 15.24
N GLN K 173 6.00 -77.08 16.22
CA GLN K 173 5.55 -77.37 17.58
C GLN K 173 4.77 -76.23 18.20
N GLY K 174 5.00 -75.01 17.73
CA GLY K 174 4.29 -73.88 18.30
C GLY K 174 4.80 -72.56 17.75
N GLY K 175 5.18 -72.56 16.48
CA GLY K 175 5.67 -71.35 15.83
C GLY K 175 6.67 -70.53 16.63
N ASP K 176 6.84 -69.27 16.23
CA ASP K 176 7.76 -68.33 16.88
C ASP K 176 9.17 -68.91 16.94
N GLU K 177 9.94 -68.76 15.88
CA GLU K 177 11.29 -69.29 15.90
C GLU K 177 12.27 -68.21 16.31
N VAL K 178 12.08 -67.71 17.53
CA VAL K 178 12.90 -66.66 18.10
C VAL K 178 14.30 -67.16 18.40
N PRO K 179 15.31 -66.60 17.73
CA PRO K 179 16.71 -67.00 17.92
C PRO K 179 17.03 -67.22 19.39
N SER K 180 17.77 -68.28 19.67
CA SER K 180 18.15 -68.59 21.04
C SER K 180 19.24 -67.66 21.56
N GLU K 181 20.00 -67.05 20.65
CA GLU K 181 21.09 -66.14 21.05
C GLU K 181 20.59 -64.91 21.81
N ILE K 182 19.36 -64.48 21.52
CA ILE K 182 18.79 -63.31 22.16
C ILE K 182 17.65 -63.64 23.12
N ILE K 183 17.35 -64.93 23.26
CA ILE K 183 16.27 -65.36 24.13
C ILE K 183 16.51 -64.92 25.58
N ASP K 184 17.78 -64.96 26.02
CA ASP K 184 18.12 -64.56 27.38
C ASP K 184 18.47 -63.10 27.51
N LYS K 185 17.94 -62.27 26.62
CA LYS K 185 18.22 -60.84 26.64
C LYS K 185 16.94 -60.05 26.50
N ILE K 186 15.82 -60.77 26.49
CA ILE K 186 14.51 -60.17 26.34
C ILE K 186 13.83 -59.83 27.67
N ILE K 187 13.53 -58.55 27.88
CA ILE K 187 12.86 -58.11 29.09
C ILE K 187 11.41 -57.76 28.76
N TYR K 188 10.50 -58.68 29.05
CA TYR K 188 9.09 -58.52 28.74
C TYR K 188 8.35 -57.58 29.70
N PRO K 190 4.22 -56.44 30.04
CA PRO K 190 2.82 -56.31 29.65
C PRO K 190 2.15 -55.07 30.25
N PHE K 191 1.16 -54.54 29.54
CA PHE K 191 0.44 -53.35 29.98
C PHE K 191 -1.07 -53.48 29.86
N ASP K 192 -1.78 -52.91 30.83
CA ASP K 192 -3.23 -52.98 30.85
C ASP K 192 -3.89 -52.01 29.87
N ASN K 193 -3.27 -50.85 29.68
CA ASN K 193 -3.80 -49.84 28.76
C ASN K 193 -2.65 -49.19 27.98
N GLU K 194 -2.97 -48.39 26.98
CA GLU K 194 -1.94 -47.74 26.19
C GLU K 194 -1.18 -46.65 26.94
N LYS K 195 -1.91 -45.80 27.66
CA LYS K 195 -1.28 -44.72 28.41
C LYS K 195 -0.12 -45.21 29.26
N GLU K 196 -0.32 -46.33 29.94
CA GLU K 196 0.72 -46.92 30.78
C GLU K 196 1.95 -47.25 29.96
N LEU K 197 1.73 -47.89 28.81
CA LEU K 197 2.82 -48.29 27.91
C LEU K 197 3.60 -47.09 27.44
N LEU K 198 2.89 -46.11 26.91
CA LEU K 198 3.53 -44.90 26.40
C LEU K 198 4.32 -44.15 27.46
N GLU K 200 5.49 -45.33 30.26
CA GLU K 200 6.58 -46.16 30.73
C GLU K 200 7.74 -46.07 29.73
N TYR K 201 7.45 -46.39 28.47
CA TYR K 201 8.46 -46.33 27.42
C TYR K 201 9.14 -44.97 27.51
N LEU K 202 8.31 -43.94 27.59
CA LEU K 202 8.75 -42.55 27.65
C LEU K 202 9.68 -42.26 28.83
N ASN K 203 9.44 -42.91 29.96
CA ASN K 203 10.29 -42.72 31.13
C ASN K 203 11.54 -43.57 30.95
N PHE K 204 11.36 -44.69 30.26
CA PHE K 204 12.46 -45.60 29.97
C PHE K 204 13.42 -44.84 29.05
N TRP K 205 12.82 -44.07 28.14
CA TRP K 205 13.54 -43.27 27.16
C TRP K 205 14.40 -42.23 27.89
N GLN K 206 13.82 -41.62 28.93
CA GLN K 206 14.51 -40.61 29.72
C GLN K 206 15.70 -41.22 30.42
N GLN K 207 15.55 -42.48 30.83
CA GLN K 207 16.59 -43.19 31.55
C GLN K 207 17.67 -43.76 30.62
N LYS K 208 17.30 -44.07 29.39
CA LYS K 208 18.26 -44.61 28.43
C LYS K 208 18.16 -43.84 27.11
N THR K 209 18.26 -42.51 27.17
CA THR K 209 18.15 -41.66 25.99
C THR K 209 19.09 -42.02 24.84
N PRO K 210 18.51 -42.39 23.70
CA PRO K 210 19.27 -42.78 22.51
C PRO K 210 20.20 -41.70 21.95
N VAL K 211 21.42 -42.10 21.57
CA VAL K 211 22.34 -41.15 20.96
C VAL K 211 22.19 -41.35 19.46
N ILE K 212 22.38 -42.58 19.02
CA ILE K 212 22.23 -42.96 17.63
C ILE K 212 20.94 -43.77 17.63
N LEU K 213 19.93 -43.33 16.90
CA LEU K 213 18.66 -44.04 16.85
C LEU K 213 18.48 -44.60 15.44
N THR K 214 18.48 -45.93 15.34
CA THR K 214 18.34 -46.59 14.04
C THR K 214 17.14 -47.54 13.96
N GLY K 215 17.11 -48.33 12.89
CA GLY K 215 16.03 -49.26 12.68
C GLY K 215 15.72 -49.31 11.19
N TRP K 216 14.52 -49.74 10.84
CA TRP K 216 14.12 -49.81 9.44
C TRP K 216 12.88 -48.95 9.23
N ASN K 217 13.09 -47.76 8.68
CA ASN K 217 12.04 -46.78 8.42
C ASN K 217 11.68 -46.10 9.72
N VAL K 218 12.58 -46.26 10.68
CA VAL K 218 12.34 -45.66 11.96
C VAL K 218 12.01 -44.17 11.75
N GLU K 219 12.75 -43.51 10.85
CA GLU K 219 12.56 -42.10 10.57
C GLU K 219 11.31 -41.70 9.77
N SER K 220 10.80 -42.59 8.94
CA SER K 220 9.62 -42.25 8.16
C SER K 220 8.32 -42.71 8.79
N PHE K 221 8.42 -43.67 9.69
CA PHE K 221 7.24 -44.18 10.36
C PHE K 221 7.34 -44.24 11.88
N ALA K 222 8.13 -45.18 12.39
CA ALA K 222 8.30 -45.36 13.83
C ALA K 222 8.40 -44.06 14.62
N ILE K 223 9.52 -43.33 14.49
CA ILE K 223 9.67 -42.10 15.25
C ILE K 223 8.45 -41.18 15.19
N PRO K 224 7.99 -40.83 13.97
CA PRO K 224 6.83 -39.95 13.83
C PRO K 224 5.56 -40.52 14.46
N TYR K 225 5.39 -41.83 14.40
CA TYR K 225 4.18 -42.41 14.96
C TYR K 225 4.13 -42.31 16.49
N VAL K 226 5.21 -42.74 17.13
CA VAL K 226 5.30 -42.69 18.58
C VAL K 226 5.21 -41.24 19.05
N TYR K 227 5.64 -40.31 18.20
CA TYR K 227 5.59 -38.90 18.56
C TYR K 227 4.16 -38.37 18.56
N ASN K 228 3.52 -38.37 17.39
CA ASN K 228 2.16 -37.87 17.31
C ASN K 228 1.25 -38.63 18.25
N ARG K 229 1.55 -39.91 18.46
CA ARG K 229 0.69 -40.70 19.33
C ARG K 229 0.71 -40.08 20.72
N ILE K 230 1.89 -39.96 21.30
CA ILE K 230 2.02 -39.36 22.61
C ILE K 230 1.44 -37.95 22.60
N LYS K 231 1.74 -37.19 21.56
CA LYS K 231 1.25 -35.82 21.43
C LYS K 231 -0.28 -35.75 21.43
N ASN K 232 -0.92 -36.75 20.82
CA ASN K 232 -2.38 -36.75 20.76
C ASN K 232 -3.02 -37.19 22.08
N ILE K 233 -2.42 -38.15 22.74
CA ILE K 233 -2.94 -38.66 24.01
C ILE K 233 -2.62 -37.74 25.20
N PHE K 234 -1.44 -37.13 25.19
CA PHE K 234 -1.05 -36.25 26.28
C PHE K 234 -1.02 -34.80 25.83
N GLY K 235 0.05 -34.41 25.13
CA GLY K 235 0.18 -33.04 24.67
C GLY K 235 1.55 -32.76 24.10
N GLU K 236 1.62 -31.87 23.12
CA GLU K 236 2.88 -31.51 22.47
C GLU K 236 4.05 -31.50 23.43
N SER K 237 3.84 -30.87 24.59
CA SER K 237 4.88 -30.77 25.61
C SER K 237 5.42 -32.11 26.06
N THR K 238 4.53 -33.06 26.32
CA THR K 238 4.92 -34.39 26.78
C THR K 238 5.71 -35.08 25.69
N ALA K 239 5.18 -35.00 24.47
CA ALA K 239 5.84 -35.61 23.34
C ALA K 239 7.24 -35.05 23.16
N LYS K 240 7.39 -33.74 23.23
CA LYS K 240 8.71 -33.14 23.02
C LYS K 240 9.77 -33.68 23.99
N ARG K 241 9.37 -34.61 24.86
CA ARG K 241 10.29 -35.20 25.81
C ARG K 241 11.16 -36.29 25.15
N LEU K 242 10.81 -36.64 23.92
CA LEU K 242 11.56 -37.63 23.16
C LEU K 242 12.91 -37.04 22.83
N SER K 243 13.04 -35.76 23.12
CA SER K 243 14.26 -35.02 22.89
C SER K 243 14.95 -34.69 24.20
N PRO K 244 16.22 -35.07 24.34
CA PRO K 244 16.91 -34.76 25.58
C PRO K 244 16.96 -33.26 25.87
N HIS K 245 16.43 -32.42 24.97
CA HIS K 245 16.44 -30.98 25.15
C HIS K 245 15.05 -30.43 24.99
N ARG K 246 14.06 -31.30 25.05
CA ARG K 246 12.66 -30.89 24.94
C ARG K 246 12.41 -30.00 23.74
N LYS K 247 13.04 -30.31 22.62
CA LYS K 247 12.84 -29.52 21.40
C LYS K 247 12.77 -30.41 20.16
N THR K 248 11.67 -30.32 19.43
CA THR K 248 11.50 -31.10 18.21
C THR K 248 11.16 -30.18 17.05
N ARG K 249 10.89 -30.78 15.89
CA ARG K 249 10.57 -30.01 14.70
C ARG K 249 10.09 -30.91 13.57
N VAL K 250 9.04 -30.47 12.86
CA VAL K 250 8.52 -31.22 11.73
C VAL K 250 9.28 -30.75 10.49
N LYS K 251 10.13 -31.62 9.96
CA LYS K 251 10.94 -31.29 8.79
C LYS K 251 10.38 -31.96 7.54
N VAL K 252 9.85 -31.14 6.62
CA VAL K 252 9.26 -31.65 5.39
C VAL K 252 10.30 -32.00 4.32
N ILE K 253 10.65 -33.28 4.25
CA ILE K 253 11.60 -33.76 3.26
C ILE K 253 10.90 -33.87 1.92
N GLU K 254 11.53 -33.30 0.89
CA GLU K 254 10.99 -33.35 -0.45
C GLU K 254 12.09 -33.24 -1.48
N ASN K 255 11.91 -33.98 -2.57
CA ASN K 255 12.85 -33.97 -3.67
C ASN K 255 12.01 -33.82 -4.93
N TYR K 257 9.84 -36.10 -7.40
CA TYR K 257 8.49 -36.61 -7.24
C TYR K 257 8.23 -37.04 -5.80
N GLY K 258 7.81 -36.11 -4.97
CA GLY K 258 7.52 -36.43 -3.59
C GLY K 258 7.67 -35.29 -2.60
N SER K 259 6.94 -35.39 -1.49
CA SER K 259 6.96 -34.40 -0.42
C SER K 259 6.30 -34.96 0.83
N ARG K 260 7.10 -35.59 1.70
CA ARG K 260 6.56 -36.16 2.93
C ARG K 260 7.14 -35.40 4.13
N GLU K 261 6.77 -35.82 5.34
CA GLU K 261 7.26 -35.15 6.56
C GLU K 261 7.79 -36.12 7.61
N ILE K 262 8.78 -35.65 8.37
CA ILE K 262 9.38 -36.45 9.43
C ILE K 262 9.65 -35.57 10.65
N ILE K 263 9.86 -36.19 11.79
CA ILE K 263 10.13 -35.46 13.03
C ILE K 263 11.60 -35.37 13.35
N THR K 264 12.06 -34.17 13.69
CA THR K 264 13.45 -33.97 14.08
C THR K 264 13.52 -33.83 15.59
N LEU K 265 14.31 -34.69 16.23
CA LEU K 265 14.48 -34.68 17.67
C LEU K 265 15.85 -34.09 18.03
N PHE K 266 15.87 -32.84 18.49
CA PHE K 266 17.14 -32.22 18.83
C PHE K 266 17.89 -33.01 19.90
N GLY K 267 19.18 -33.21 19.67
CA GLY K 267 19.97 -33.93 20.65
C GLY K 267 20.13 -35.41 20.35
N ILE K 268 19.56 -35.85 19.24
CA ILE K 268 19.69 -37.24 18.85
C ILE K 268 20.07 -37.33 17.39
N SER K 269 20.88 -38.31 17.05
CA SER K 269 21.28 -38.52 15.67
C SER K 269 20.59 -39.78 15.14
N VAL K 270 19.64 -39.59 14.22
CA VAL K 270 18.91 -40.69 13.64
C VAL K 270 19.58 -41.20 12.37
N LEU K 271 19.84 -42.49 12.30
CA LEU K 271 20.43 -43.08 11.11
C LEU K 271 19.59 -44.29 10.75
N ASP K 272 18.50 -44.04 10.04
CA ASP K 272 17.62 -45.11 9.61
C ASP K 272 18.47 -46.10 8.82
N TYR K 273 18.48 -47.37 9.24
CA TYR K 273 19.30 -48.34 8.54
C TYR K 273 18.95 -48.54 7.08
N ILE K 274 17.72 -48.21 6.71
CA ILE K 274 17.32 -48.37 5.31
C ILE K 274 18.05 -47.31 4.48
N ASP K 275 18.27 -46.15 5.08
CA ASP K 275 18.98 -45.06 4.42
C ASP K 275 20.46 -45.37 4.36
N LEU K 276 20.99 -45.87 5.47
CA LEU K 276 22.39 -46.24 5.52
C LEU K 276 22.59 -47.35 4.48
N TYR K 277 21.71 -48.35 4.50
CA TYR K 277 21.83 -49.46 3.56
C TYR K 277 21.80 -48.98 2.12
N LYS K 278 20.88 -48.08 1.80
CA LYS K 278 20.78 -47.56 0.44
C LYS K 278 22.00 -46.76 0.05
N LYS K 279 22.66 -46.16 1.04
CA LYS K 279 23.82 -45.36 0.74
C LYS K 279 25.12 -46.14 0.65
N PHE K 280 25.25 -47.18 1.45
CA PHE K 280 26.51 -47.92 1.46
C PHE K 280 26.57 -49.32 0.87
N SER K 281 25.44 -49.88 0.47
CA SER K 281 25.46 -51.25 -0.04
C SER K 281 25.97 -51.41 -1.45
N PHE K 282 25.87 -50.36 -2.26
CA PHE K 282 26.33 -50.40 -3.64
C PHE K 282 25.72 -51.56 -4.41
N THR K 283 24.39 -51.60 -4.44
CA THR K 283 23.65 -52.64 -5.14
C THR K 283 22.14 -52.35 -5.13
N ASN K 284 21.57 -52.12 -6.31
CA ASN K 284 20.16 -51.82 -6.44
C ASN K 284 19.30 -53.08 -6.26
N GLN K 285 18.56 -53.14 -5.16
CA GLN K 285 17.73 -54.29 -4.87
C GLN K 285 16.31 -54.16 -5.40
N PRO K 286 15.68 -55.28 -5.75
CA PRO K 286 14.30 -55.20 -6.25
C PRO K 286 13.35 -54.72 -5.17
N SER K 287 13.73 -54.89 -3.92
CA SER K 287 12.88 -54.45 -2.83
C SER K 287 13.69 -54.13 -1.59
N TYR K 288 13.29 -53.10 -0.86
CA TYR K 288 13.98 -52.72 0.35
C TYR K 288 13.15 -52.95 1.60
N SER K 289 12.42 -54.06 1.62
CA SER K 289 11.63 -54.38 2.80
C SER K 289 12.61 -55.13 3.71
N LEU K 290 12.48 -54.92 5.02
CA LEU K 290 13.35 -55.59 5.97
C LEU K 290 13.42 -57.09 5.73
N ASP K 291 12.29 -57.73 5.45
CA ASP K 291 12.31 -59.17 5.20
C ASP K 291 13.12 -59.48 3.95
N TYR K 292 12.90 -58.73 2.89
CA TYR K 292 13.63 -58.96 1.65
C TYR K 292 15.12 -58.79 1.86
N ILE K 293 15.52 -57.70 2.50
CA ILE K 293 16.93 -57.44 2.74
C ILE K 293 17.55 -58.45 3.71
N SER K 294 16.80 -58.86 4.73
CA SER K 294 17.33 -59.85 5.66
C SER K 294 17.58 -61.13 4.88
N GLU K 295 16.59 -61.56 4.12
CA GLU K 295 16.69 -62.76 3.32
C GLU K 295 17.94 -62.70 2.46
N PHE K 296 18.20 -61.54 1.86
CA PHE K 296 19.37 -61.36 1.02
C PHE K 296 20.67 -61.40 1.83
N GLU K 297 20.75 -60.56 2.86
CA GLU K 297 21.93 -60.48 3.70
C GLU K 297 22.17 -61.63 4.66
N LEU K 298 21.23 -61.87 5.56
CA LEU K 298 21.34 -62.94 6.54
C LEU K 298 20.89 -64.26 5.96
N ASN K 299 20.32 -64.20 4.76
CA ASN K 299 19.85 -65.41 4.11
C ASN K 299 18.84 -66.15 4.97
N VAL K 300 18.10 -65.39 5.77
CA VAL K 300 17.11 -65.99 6.64
C VAL K 300 15.73 -65.47 6.23
N GLY K 301 14.75 -66.37 6.24
CA GLY K 301 13.39 -66.01 5.87
C GLY K 301 12.46 -65.93 7.07
N LYS K 302 11.31 -65.30 6.89
CA LYS K 302 10.34 -65.16 7.97
C LYS K 302 9.22 -66.18 7.84
N LEU K 303 8.81 -66.75 8.97
CA LEU K 303 7.75 -67.76 8.96
C LEU K 303 6.45 -67.17 8.43
N LYS K 304 5.81 -67.92 7.54
CA LYS K 304 4.55 -67.49 6.96
C LYS K 304 3.44 -67.63 8.00
N TYR K 305 2.71 -66.54 8.23
CA TYR K 305 1.60 -66.53 9.18
C TYR K 305 0.30 -66.31 8.39
N ASP K 306 -0.71 -67.13 8.64
CA ASP K 306 -1.96 -66.98 7.92
C ASP K 306 -2.71 -65.74 8.39
N GLY K 307 -3.57 -65.21 7.53
CA GLY K 307 -4.34 -64.04 7.89
C GLY K 307 -3.57 -62.76 7.70
N PRO K 308 -4.28 -61.65 7.40
CA PRO K 308 -3.67 -60.33 7.18
C PRO K 308 -3.01 -59.73 8.43
N ILE K 309 -2.18 -58.71 8.21
CA ILE K 309 -1.46 -58.02 9.28
C ILE K 309 -2.44 -57.42 10.27
N SER K 310 -3.47 -56.80 9.73
CA SER K 310 -4.49 -56.15 10.54
C SER K 310 -5.11 -57.11 11.54
N LYS K 311 -5.44 -58.31 11.07
CA LYS K 311 -6.07 -59.33 11.90
C LYS K 311 -5.11 -60.32 12.57
N LEU K 312 -3.81 -60.03 12.59
CA LEU K 312 -2.86 -60.96 13.21
C LEU K 312 -2.83 -60.91 14.74
N ARG K 313 -2.84 -59.70 15.30
CA ARG K 313 -2.81 -59.53 16.75
C ARG K 313 -3.94 -60.30 17.43
N GLU K 314 -5.13 -60.20 16.85
CA GLU K 314 -6.31 -60.86 17.39
C GLU K 314 -6.17 -62.37 17.21
N SER K 315 -6.12 -62.83 15.97
CA SER K 315 -6.03 -64.25 15.67
C SER K 315 -4.85 -64.96 16.34
N ASN K 316 -3.71 -64.27 16.46
CA ASN K 316 -2.55 -64.88 17.08
C ASN K 316 -1.64 -63.82 17.67
N HIS K 317 -1.83 -63.51 18.93
CA HIS K 317 -1.02 -62.50 19.59
C HIS K 317 0.40 -63.03 19.87
N GLN K 318 0.52 -64.32 20.13
CA GLN K 318 1.81 -64.94 20.42
C GLN K 318 2.83 -64.61 19.33
N ARG K 319 2.47 -64.95 18.10
CA ARG K 319 3.32 -64.72 16.94
C ARG K 319 3.55 -63.22 16.72
N TYR K 320 2.46 -62.46 16.77
CA TYR K 320 2.49 -61.02 16.58
C TYR K 320 3.59 -60.32 17.37
N ILE K 321 3.74 -60.64 18.65
CA ILE K 321 4.78 -60.03 19.46
C ILE K 321 6.14 -60.56 19.06
N SER K 322 6.18 -61.81 18.62
CA SER K 322 7.44 -62.40 18.20
C SER K 322 8.00 -61.72 16.95
N TYR K 323 7.16 -61.48 15.94
CA TYR K 323 7.63 -60.83 14.72
C TYR K 323 8.33 -59.51 15.05
N ASN K 324 7.75 -58.78 16.01
CA ASN K 324 8.29 -57.50 16.45
C ASN K 324 9.72 -57.62 16.98
N ILE K 325 9.94 -58.55 17.91
CA ILE K 325 11.26 -58.73 18.48
C ILE K 325 12.28 -59.14 17.42
N ILE K 326 11.83 -60.03 16.51
CA ILE K 326 12.69 -60.52 15.44
C ILE K 326 13.07 -59.36 14.48
N ALA K 327 12.09 -58.51 14.19
CA ALA K 327 12.30 -57.38 13.30
C ALA K 327 13.44 -56.50 13.81
N VAL K 328 13.51 -56.35 15.12
CA VAL K 328 14.56 -55.53 15.72
C VAL K 328 15.88 -56.27 15.63
N TYR K 329 15.86 -57.56 15.91
CA TYR K 329 17.07 -58.37 15.85
C TYR K 329 17.66 -58.41 14.43
N ARG K 330 16.80 -58.35 13.41
CA ARG K 330 17.26 -58.39 12.02
C ARG K 330 18.23 -57.25 11.69
N VAL K 331 17.82 -56.02 11.97
CA VAL K 331 18.65 -54.86 11.70
C VAL K 331 20.01 -55.07 12.40
N LEU K 332 19.98 -55.44 13.68
CA LEU K 332 21.22 -55.69 14.43
C LEU K 332 22.12 -56.67 13.67
N GLN K 333 21.52 -57.74 13.16
CA GLN K 333 22.28 -58.75 12.41
C GLN K 333 22.81 -58.17 11.10
N ILE K 334 22.00 -57.40 10.40
CA ILE K 334 22.47 -56.81 9.16
C ILE K 334 23.64 -55.89 9.50
N ASP K 335 23.49 -55.07 10.55
CA ASP K 335 24.56 -54.16 10.94
C ASP K 335 25.80 -54.94 11.33
N ALA K 336 25.59 -56.05 12.01
CA ALA K 336 26.68 -56.89 12.44
C ALA K 336 27.47 -57.33 11.22
N LYS K 337 26.79 -57.49 10.10
CA LYS K 337 27.47 -57.90 8.89
C LYS K 337 28.00 -56.74 8.08
N ARG K 338 27.21 -55.67 7.95
CA ARG K 338 27.62 -54.51 7.15
C ARG K 338 28.39 -53.47 7.92
N GLN K 339 28.09 -53.34 9.21
CA GLN K 339 28.79 -52.39 10.07
C GLN K 339 28.69 -50.95 9.63
N PHE K 340 27.54 -50.54 9.11
CA PHE K 340 27.43 -49.17 8.63
C PHE K 340 27.34 -48.13 9.75
N ILE K 341 26.81 -48.51 10.91
CA ILE K 341 26.71 -47.56 12.00
C ILE K 341 28.10 -47.21 12.51
N ASN K 342 28.95 -48.20 12.61
CA ASN K 342 30.30 -47.95 13.06
C ASN K 342 31.02 -47.11 12.01
N LEU K 343 30.75 -47.39 10.75
CA LEU K 343 31.38 -46.65 9.65
C LEU K 343 30.98 -45.19 9.70
N SER K 344 29.78 -44.91 10.21
CA SER K 344 29.26 -43.55 10.30
C SER K 344 29.89 -42.81 11.45
N LEU K 345 30.14 -43.51 12.55
CA LEU K 345 30.79 -42.89 13.70
C LEU K 345 32.23 -42.56 13.29
N ASP K 346 32.87 -43.48 12.59
CA ASP K 346 34.24 -43.23 12.20
C ASP K 346 34.35 -42.00 11.31
N GLY K 348 32.08 -39.56 10.92
CA GLY K 348 31.65 -38.36 11.60
C GLY K 348 32.67 -37.73 12.53
N TYR K 349 33.39 -38.55 13.28
CA TYR K 349 34.39 -38.04 14.23
C TYR K 349 35.63 -37.61 13.48
N TYR K 350 35.81 -38.17 12.29
CA TYR K 350 36.96 -37.80 11.49
C TYR K 350 36.79 -36.36 11.01
N ALA K 351 35.67 -36.10 10.32
CA ALA K 351 35.36 -34.79 9.79
C ALA K 351 34.85 -33.82 10.87
N LYS K 352 34.43 -34.37 12.00
CA LYS K 352 33.94 -33.55 13.11
C LYS K 352 32.59 -32.92 12.78
N ILE K 353 31.65 -33.74 12.36
CA ILE K 353 30.32 -33.23 12.03
C ILE K 353 29.31 -34.03 12.80
N GLN K 354 28.03 -33.66 12.69
CA GLN K 354 27.03 -34.44 13.39
C GLN K 354 27.07 -35.77 12.65
N ILE K 355 26.80 -36.87 13.36
CA ILE K 355 26.84 -38.18 12.73
C ILE K 355 25.81 -38.33 11.60
N GLN K 356 24.65 -37.67 11.70
CA GLN K 356 23.65 -37.78 10.62
C GLN K 356 24.20 -37.16 9.34
N SER K 357 25.11 -36.23 9.48
CA SER K 357 25.66 -35.56 8.30
C SER K 357 26.52 -36.42 7.37
N VAL K 358 26.91 -37.61 7.82
CA VAL K 358 27.74 -38.48 6.98
C VAL K 358 27.05 -38.79 5.66
N PHE K 359 25.74 -38.66 5.62
CA PHE K 359 25.01 -38.92 4.39
C PHE K 359 25.38 -37.90 3.32
N SER K 360 25.76 -36.70 3.72
CA SER K 360 26.11 -35.64 2.78
C SER K 360 27.61 -35.42 2.51
N PRO K 361 28.05 -35.73 1.27
CA PRO K 361 29.46 -35.59 0.87
C PRO K 361 29.90 -34.13 1.01
N ILE K 362 28.98 -33.22 0.72
CA ILE K 362 29.26 -31.79 0.80
C ILE K 362 29.60 -31.38 2.24
N LYS K 363 28.73 -31.73 3.17
CA LYS K 363 28.93 -31.37 4.58
C LYS K 363 30.17 -32.00 5.19
N THR K 364 30.47 -33.22 4.77
CA THR K 364 31.61 -33.93 5.28
C THR K 364 32.91 -33.30 4.81
N TRP K 365 32.99 -33.04 3.50
CA TRP K 365 34.20 -32.44 2.98
C TRP K 365 34.40 -31.01 3.49
N ASP K 366 33.30 -30.27 3.62
CA ASP K 366 33.39 -28.90 4.09
C ASP K 366 34.14 -28.92 5.43
N ALA K 367 33.64 -29.73 6.35
CA ALA K 367 34.24 -29.84 7.68
C ALA K 367 35.70 -30.22 7.62
N ILE K 368 36.02 -31.25 6.85
CA ILE K 368 37.38 -31.72 6.73
C ILE K 368 38.30 -30.59 6.31
N ILE K 369 37.93 -29.89 5.25
CA ILE K 369 38.71 -28.76 4.75
C ILE K 369 38.72 -27.62 5.78
N PHE K 370 37.56 -27.36 6.39
CA PHE K 370 37.46 -26.32 7.42
C PHE K 370 38.51 -26.51 8.53
N ASN K 371 38.40 -27.63 9.25
CA ASN K 371 39.33 -27.96 10.33
C ASN K 371 40.78 -27.92 9.85
N SER K 372 41.00 -28.33 8.61
CA SER K 372 42.35 -28.35 8.08
C SER K 372 42.88 -26.94 7.92
N LEU K 373 42.13 -26.09 7.21
CA LEU K 373 42.55 -24.72 7.01
C LEU K 373 42.56 -23.97 8.34
N LYS K 374 41.52 -24.17 9.14
CA LYS K 374 41.43 -23.51 10.43
C LYS K 374 42.68 -23.77 11.25
N GLU K 375 43.28 -24.93 11.07
CA GLU K 375 44.46 -25.27 11.83
C GLU K 375 45.64 -24.47 11.31
N GLN K 376 45.55 -23.99 10.07
CA GLN K 376 46.63 -23.20 9.48
C GLN K 376 46.33 -21.71 9.58
N ASN K 377 45.45 -21.34 10.51
CA ASN K 377 45.08 -19.94 10.67
C ASN K 377 44.59 -19.32 9.36
N LYS K 378 43.97 -20.13 8.52
CA LYS K 378 43.42 -19.65 7.27
C LYS K 378 41.90 -19.53 7.40
N VAL K 379 41.29 -18.69 6.57
CA VAL K 379 39.85 -18.47 6.62
C VAL K 379 39.17 -19.07 5.40
N ILE K 380 38.02 -19.71 5.60
CA ILE K 380 37.34 -20.33 4.48
C ILE K 380 36.41 -19.35 3.77
N PRO K 381 36.18 -19.57 2.46
CA PRO K 381 35.32 -18.75 1.60
C PRO K 381 33.87 -18.74 2.04
N GLN K 382 33.16 -17.67 1.74
CA GLN K 382 31.75 -17.61 2.09
C GLN K 382 31.02 -18.49 1.08
N GLY K 383 29.95 -19.14 1.50
CA GLY K 383 29.20 -19.95 0.56
C GLY K 383 28.51 -19.06 -0.47
N ARG K 384 28.67 -19.39 -1.75
CA ARG K 384 28.06 -18.62 -2.83
C ARG K 384 26.95 -19.39 -3.54
N SER K 385 25.94 -18.68 -4.03
CA SER K 385 24.84 -19.33 -4.73
C SER K 385 25.00 -19.20 -6.24
N HIS K 386 25.39 -20.28 -6.89
CA HIS K 386 25.56 -20.28 -8.34
C HIS K 386 24.40 -20.95 -9.03
N PRO K 387 24.18 -20.63 -10.31
CA PRO K 387 23.08 -21.24 -11.04
C PRO K 387 23.47 -22.66 -11.48
N VAL K 388 22.51 -23.57 -11.48
CA VAL K 388 22.75 -24.92 -11.91
C VAL K 388 23.05 -24.95 -13.40
N GLN K 389 24.33 -25.02 -13.75
CA GLN K 389 24.73 -25.05 -15.15
C GLN K 389 25.29 -26.43 -15.47
N PRO K 390 24.83 -27.04 -16.56
CA PRO K 390 25.36 -28.36 -16.90
C PRO K 390 26.76 -28.22 -17.46
N TYR K 391 27.51 -29.31 -17.47
CA TYR K 391 28.85 -29.28 -18.02
C TYR K 391 29.21 -30.62 -18.63
N PRO K 392 30.23 -30.64 -19.50
CA PRO K 392 30.69 -31.86 -20.17
C PRO K 392 31.17 -32.95 -19.22
N GLY K 393 30.82 -34.20 -19.52
CA GLY K 393 31.22 -35.31 -18.68
C GLY K 393 32.37 -36.10 -19.26
N ALA K 394 32.36 -37.42 -19.05
CA ALA K 394 33.42 -38.27 -19.55
C ALA K 394 33.25 -38.68 -21.02
N PHE K 395 34.35 -39.13 -21.61
CA PHE K 395 34.38 -39.57 -22.99
C PHE K 395 34.08 -41.06 -23.03
N VAL K 396 33.35 -41.49 -24.06
CA VAL K 396 33.04 -42.91 -24.20
C VAL K 396 33.14 -43.25 -25.67
N LYS K 397 34.11 -44.08 -26.02
CA LYS K 397 34.31 -44.51 -27.40
C LYS K 397 33.14 -45.36 -27.92
N GLU K 398 32.71 -45.12 -29.16
CA GLU K 398 31.61 -45.90 -29.75
C GLU K 398 32.22 -47.14 -30.37
N PRO K 399 32.08 -48.29 -29.69
CA PRO K 399 32.59 -49.60 -30.11
C PRO K 399 31.84 -50.22 -31.27
N ILE K 400 32.54 -51.08 -32.01
CA ILE K 400 31.96 -51.78 -33.16
C ILE K 400 31.33 -53.03 -32.60
N PRO K 401 30.00 -53.16 -32.71
CA PRO K 401 29.33 -54.35 -32.19
C PRO K 401 30.00 -55.58 -32.76
N ASN K 402 30.48 -56.46 -31.89
CA ASN K 402 31.14 -57.63 -32.38
C ASN K 402 31.60 -58.52 -31.25
N ARG K 403 32.06 -59.71 -31.61
CA ARG K 403 32.63 -60.59 -30.63
C ARG K 403 34.09 -60.08 -30.63
N TYR K 404 34.82 -60.38 -29.55
CA TYR K 404 36.21 -59.98 -29.40
C TYR K 404 36.88 -61.11 -28.66
N LYS K 405 37.69 -61.89 -29.38
CA LYS K 405 38.36 -63.05 -28.82
C LYS K 405 39.32 -62.82 -27.65
N TYR K 406 40.35 -61.98 -27.82
CA TYR K 406 41.30 -61.74 -26.73
C TYR K 406 41.28 -60.27 -26.34
N VAL K 407 41.15 -59.99 -25.05
CA VAL K 407 41.06 -58.62 -24.63
C VAL K 407 41.82 -58.35 -23.36
N SER K 409 42.53 -55.05 -20.64
CA SER K 409 42.08 -53.73 -20.25
C SER K 409 43.03 -53.10 -19.25
N PHE K 410 43.00 -51.76 -19.17
CA PHE K 410 43.82 -50.96 -18.26
C PHE K 410 42.98 -49.81 -17.69
N ASP K 411 43.06 -49.57 -16.39
CA ASP K 411 42.30 -48.48 -15.79
C ASP K 411 43.23 -47.43 -15.17
N LEU K 412 42.81 -46.17 -15.22
CA LEU K 412 43.59 -45.12 -14.60
C LEU K 412 43.21 -45.07 -13.12
N THR K 413 44.20 -45.04 -12.25
CA THR K 413 44.02 -44.97 -10.80
C THR K 413 43.31 -43.65 -10.39
N SER K 414 42.20 -43.74 -9.66
CA SER K 414 41.46 -42.56 -9.19
C SER K 414 41.55 -41.40 -10.18
N LEU K 415 41.16 -41.62 -11.43
CA LEU K 415 41.29 -40.57 -12.42
C LEU K 415 41.06 -39.13 -11.94
N TYR K 416 39.81 -38.76 -11.72
CA TYR K 416 39.52 -37.39 -11.31
C TYR K 416 40.32 -36.87 -10.12
N PRO K 417 40.36 -37.63 -9.02
CA PRO K 417 41.14 -37.12 -7.89
C PRO K 417 42.61 -36.95 -8.29
N SER K 418 43.10 -37.84 -9.13
CA SER K 418 44.50 -37.79 -9.56
C SER K 418 44.73 -36.60 -10.46
N ILE K 419 43.71 -36.26 -11.25
CA ILE K 419 43.80 -35.13 -12.16
C ILE K 419 43.88 -33.84 -11.36
N ILE K 420 43.05 -33.74 -10.31
CA ILE K 420 43.06 -32.57 -9.47
C ILE K 420 44.46 -32.33 -8.93
N ARG K 421 45.15 -33.43 -8.59
CA ARG K 421 46.50 -33.32 -8.07
C ARG K 421 47.52 -33.01 -9.15
N GLN K 422 47.41 -33.72 -10.27
CA GLN K 422 48.32 -33.53 -11.39
C GLN K 422 48.34 -32.11 -11.94
N VAL K 423 47.15 -31.53 -12.12
CA VAL K 423 47.02 -30.19 -12.67
C VAL K 423 46.92 -29.12 -11.57
N ASN K 424 46.93 -29.56 -10.31
CA ASN K 424 46.83 -28.67 -9.16
C ASN K 424 45.59 -27.76 -9.22
N ILE K 425 44.46 -28.33 -9.65
CA ILE K 425 43.22 -27.57 -9.78
C ILE K 425 42.58 -27.23 -8.44
N SER K 426 42.23 -25.97 -8.27
CA SER K 426 41.63 -25.53 -7.02
C SER K 426 41.03 -24.17 -7.34
N PRO K 427 40.20 -23.62 -6.45
CA PRO K 427 39.63 -22.31 -6.77
C PRO K 427 40.62 -21.14 -6.63
N GLU K 428 41.60 -21.28 -5.74
CA GLU K 428 42.59 -20.24 -5.53
C GLU K 428 43.92 -20.43 -6.25
N THR K 429 43.96 -21.36 -7.20
CA THR K 429 45.18 -21.60 -7.95
C THR K 429 44.99 -21.24 -9.41
N ILE K 430 43.80 -20.72 -9.72
CA ILE K 430 43.48 -20.31 -11.08
C ILE K 430 44.41 -19.19 -11.57
N ALA K 431 45.13 -19.46 -12.66
CA ALA K 431 46.06 -18.48 -13.23
C ALA K 431 45.42 -17.53 -14.24
N GLY K 432 44.92 -18.05 -15.37
CA GLY K 432 44.31 -17.14 -16.33
C GLY K 432 43.77 -17.63 -17.65
N THR K 433 43.63 -18.93 -17.82
CA THR K 433 43.10 -19.48 -19.07
C THR K 433 43.98 -19.21 -20.29
N PHE K 434 43.44 -19.54 -21.47
CA PHE K 434 44.11 -19.34 -22.75
C PHE K 434 43.19 -19.74 -23.89
N LYS K 435 43.59 -19.45 -25.13
CA LYS K 435 42.79 -19.78 -26.31
C LYS K 435 42.82 -21.30 -26.48
N VAL K 436 41.64 -21.91 -26.38
CA VAL K 436 41.51 -23.36 -26.50
C VAL K 436 41.36 -23.89 -27.93
N ALA K 437 42.12 -24.93 -28.24
CA ALA K 437 42.06 -25.55 -29.56
C ALA K 437 41.25 -26.82 -29.40
N PRO K 438 40.66 -27.32 -30.50
CA PRO K 438 39.84 -28.55 -30.45
C PRO K 438 40.53 -29.66 -29.65
N LEU K 439 39.75 -30.46 -28.93
CA LEU K 439 40.34 -31.53 -28.12
C LEU K 439 41.31 -32.36 -28.95
N HIS K 440 40.84 -32.84 -30.09
CA HIS K 440 41.68 -33.66 -30.97
C HIS K 440 43.08 -33.10 -31.14
N ASP K 441 43.19 -31.82 -31.44
CA ASP K 441 44.48 -31.19 -31.63
C ASP K 441 45.41 -31.47 -30.45
N TYR K 442 44.89 -31.44 -29.23
CA TYR K 442 45.71 -31.72 -28.05
C TYR K 442 45.90 -33.22 -27.91
N ILE K 443 44.86 -33.98 -28.26
CA ILE K 443 44.94 -35.42 -28.15
C ILE K 443 45.99 -35.97 -29.08
N ASN K 444 46.12 -35.35 -30.26
CA ASN K 444 47.12 -35.78 -31.24
C ASN K 444 48.46 -35.08 -31.06
N ALA K 445 48.52 -34.18 -30.09
CA ALA K 445 49.71 -33.43 -29.77
C ALA K 445 50.16 -32.48 -30.89
N VAL K 446 49.21 -32.04 -31.71
CA VAL K 446 49.53 -31.13 -32.80
C VAL K 446 49.39 -29.67 -32.38
N ALA K 447 48.75 -29.44 -31.24
CA ALA K 447 48.57 -28.07 -30.75
C ALA K 447 49.85 -27.63 -30.07
N GLU K 448 49.98 -26.33 -29.79
CA GLU K 448 51.19 -25.82 -29.15
C GLU K 448 51.04 -25.76 -27.63
N ARG K 449 52.13 -26.06 -26.93
CA ARG K 449 52.14 -26.04 -25.47
C ARG K 449 51.31 -24.84 -25.02
N PRO K 450 50.15 -25.10 -24.39
CA PRO K 450 49.26 -24.03 -23.93
C PRO K 450 49.94 -22.96 -23.05
N SER K 451 50.94 -23.38 -22.28
CA SER K 451 51.67 -22.48 -21.40
C SER K 451 52.98 -23.12 -20.95
N ASP K 452 54.04 -22.31 -20.96
CA ASP K 452 55.37 -22.79 -20.59
C ASP K 452 55.73 -22.37 -19.17
N VAL K 453 54.72 -22.01 -18.38
CA VAL K 453 54.93 -21.60 -17.00
C VAL K 453 53.95 -22.21 -16.03
N TYR K 454 52.69 -22.32 -16.44
CA TYR K 454 51.64 -22.86 -15.60
C TYR K 454 51.01 -24.17 -16.08
N SER K 455 50.52 -24.96 -15.13
CA SER K 455 49.86 -26.24 -15.43
C SER K 455 48.49 -25.89 -16.01
N CYS K 456 48.14 -26.50 -17.14
CA CYS K 456 46.87 -26.19 -17.78
C CYS K 456 45.95 -27.39 -18.03
N SER K 457 44.85 -27.13 -18.72
CA SER K 457 43.86 -28.15 -19.04
C SER K 457 43.06 -27.82 -20.30
N PRO K 458 42.98 -28.78 -21.22
CA PRO K 458 42.30 -28.75 -22.51
C PRO K 458 41.04 -27.89 -22.64
N ASN K 459 40.49 -27.42 -21.54
CA ASN K 459 39.28 -26.58 -21.62
C ASN K 459 39.68 -25.11 -21.59
N GLY K 460 40.99 -24.88 -21.58
CA GLY K 460 41.52 -23.54 -21.54
C GLY K 460 41.47 -23.03 -20.13
N TYR K 463 46.86 -23.17 -14.03
CA TYR K 463 46.99 -23.20 -12.59
C TYR K 463 48.42 -23.03 -12.11
N TYR K 464 48.61 -22.46 -10.93
CA TYR K 464 49.94 -22.24 -10.38
C TYR K 464 50.66 -23.53 -10.02
N LYS K 465 51.96 -23.57 -10.28
CA LYS K 465 52.77 -24.74 -9.97
C LYS K 465 53.65 -24.46 -8.76
N ASP K 466 53.54 -23.25 -8.22
CA ASP K 466 54.33 -22.88 -7.06
C ASP K 466 53.77 -23.53 -5.80
N ARG K 467 52.69 -22.96 -5.29
CA ARG K 467 52.05 -23.48 -4.08
C ARG K 467 50.96 -24.50 -4.43
N ASP K 468 50.79 -25.50 -3.58
CA ASP K 468 49.77 -26.52 -3.80
C ASP K 468 48.43 -25.95 -3.37
N GLY K 469 47.41 -26.11 -4.20
CA GLY K 469 46.09 -25.62 -3.87
C GLY K 469 45.51 -26.32 -2.67
N VAL K 470 44.42 -25.77 -2.15
CA VAL K 470 43.77 -26.35 -0.99
C VAL K 470 43.15 -27.71 -1.28
N VAL K 471 42.39 -27.83 -2.37
CA VAL K 471 41.76 -29.10 -2.69
C VAL K 471 42.82 -30.16 -3.00
N PRO K 472 43.85 -29.80 -3.79
CA PRO K 472 44.90 -30.79 -4.10
C PRO K 472 45.59 -31.33 -2.85
N THR K 473 45.82 -30.48 -1.86
CA THR K 473 46.48 -30.91 -0.64
C THR K 473 45.59 -31.78 0.23
N GLU K 474 44.32 -31.39 0.38
CA GLU K 474 43.39 -32.17 1.18
C GLU K 474 43.18 -33.55 0.61
N ILE K 475 43.02 -33.63 -0.70
CA ILE K 475 42.83 -34.93 -1.30
C ILE K 475 44.10 -35.75 -1.10
N THR K 476 45.26 -35.12 -1.22
CA THR K 476 46.52 -35.82 -1.03
C THR K 476 46.66 -36.35 0.39
N LYS K 477 46.24 -35.55 1.35
CA LYS K 477 46.34 -35.96 2.73
C LYS K 477 45.46 -37.18 2.94
N VAL K 478 44.33 -37.21 2.23
CA VAL K 478 43.40 -38.33 2.36
C VAL K 478 43.98 -39.56 1.68
N PHE K 479 44.64 -39.35 0.54
CA PHE K 479 45.25 -40.45 -0.18
C PHE K 479 46.24 -41.17 0.72
N ASN K 480 47.10 -40.39 1.38
CA ASN K 480 48.10 -40.98 2.25
C ASN K 480 47.47 -41.68 3.45
N GLN K 481 46.52 -41.01 4.09
CA GLN K 481 45.87 -41.61 5.25
C GLN K 481 45.39 -43.01 4.93
N ARG K 482 45.03 -43.26 3.67
CA ARG K 482 44.58 -44.59 3.30
C ARG K 482 45.83 -45.42 3.08
N LYS K 483 46.77 -44.89 2.30
CA LYS K 483 48.02 -45.58 2.03
C LYS K 483 48.82 -45.63 3.34
N GLU K 484 48.09 -45.51 4.45
CA GLU K 484 48.68 -45.51 5.78
C GLU K 484 47.88 -46.40 6.71
N HIS K 485 46.55 -46.24 6.72
CA HIS K 485 45.69 -47.05 7.58
C HIS K 485 45.52 -48.47 7.05
N LYS K 486 46.21 -48.76 5.95
CA LYS K 486 46.19 -50.11 5.37
C LYS K 486 47.19 -50.92 6.19
N GLY K 487 48.33 -50.30 6.49
CA GLY K 487 49.35 -50.95 7.27
C GLY K 487 48.84 -51.23 8.66
N TYR K 488 48.20 -50.23 9.26
CA TYR K 488 47.63 -50.34 10.61
C TYR K 488 46.75 -51.57 10.81
N LEU K 490 46.67 -54.38 8.87
CA LEU K 490 47.50 -55.56 8.66
C LEU K 490 48.37 -55.88 9.88
N ALA K 491 48.99 -54.86 10.45
CA ALA K 491 49.83 -55.05 11.62
C ALA K 491 48.99 -55.57 12.78
N ALA K 492 47.82 -54.97 12.98
CA ALA K 492 46.91 -55.40 14.05
C ALA K 492 46.42 -56.80 13.73
N GLN K 493 46.38 -57.10 12.43
CA GLN K 493 45.93 -58.39 11.93
C GLN K 493 47.00 -59.48 12.11
N ARG K 494 48.24 -59.13 11.76
CA ARG K 494 49.36 -60.07 11.89
C ARG K 494 49.76 -60.23 13.36
N ASN K 495 49.55 -59.17 14.14
CA ASN K 495 49.89 -59.17 15.56
C ASN K 495 48.87 -59.97 16.37
N GLY K 496 47.60 -59.91 15.96
CA GLY K 496 46.58 -60.65 16.67
C GLY K 496 46.90 -62.14 16.59
N GLU K 497 47.13 -62.61 15.37
CA GLU K 497 47.48 -64.00 15.11
C GLU K 497 48.48 -64.50 16.14
N ILE K 498 49.67 -63.90 16.15
CA ILE K 498 50.74 -64.28 17.07
C ILE K 498 50.25 -64.31 18.53
N ILE K 499 49.27 -63.48 18.86
CA ILE K 499 48.74 -63.43 20.22
C ILE K 499 47.96 -64.72 20.54
N LYS K 500 47.24 -65.22 19.55
CA LYS K 500 46.45 -66.44 19.70
C LYS K 500 47.35 -67.68 19.67
N GLU K 501 48.58 -67.49 19.20
CA GLU K 501 49.54 -68.58 19.13
C GLU K 501 50.00 -68.88 20.55
N ALA K 502 49.89 -67.88 21.41
CA ALA K 502 50.25 -68.02 22.82
C ALA K 502 49.11 -68.73 23.53
N LEU K 503 48.14 -69.17 22.73
CA LEU K 503 46.95 -69.89 23.20
C LEU K 503 46.87 -71.27 22.53
N HIS K 504 47.56 -71.42 21.41
CA HIS K 504 47.60 -72.69 20.68
C HIS K 504 48.38 -73.69 21.55
N ASN K 505 49.28 -73.15 22.36
CA ASN K 505 50.10 -73.93 23.29
C ASN K 505 50.57 -72.96 24.39
N PRO K 506 49.63 -72.52 25.25
CA PRO K 506 49.85 -71.59 26.37
C PRO K 506 50.99 -71.94 27.33
N ASN K 507 51.18 -71.07 28.31
CA ASN K 507 52.22 -71.23 29.33
C ASN K 507 51.59 -70.94 30.69
N LEU K 508 52.29 -70.21 31.54
CA LEU K 508 51.77 -69.87 32.87
C LEU K 508 52.41 -68.60 33.42
N SER K 509 51.58 -67.77 34.04
CA SER K 509 52.04 -66.50 34.63
C SER K 509 50.90 -65.83 35.42
N VAL K 510 51.00 -64.51 35.58
CA VAL K 510 49.99 -63.75 36.31
C VAL K 510 49.16 -62.88 35.34
N ASP K 511 47.90 -62.63 35.70
CA ASP K 511 47.00 -61.85 34.86
C ASP K 511 47.11 -60.33 35.04
N GLU K 512 47.50 -59.65 33.96
CA GLU K 512 47.65 -58.20 33.95
C GLU K 512 47.96 -57.73 32.53
N PRO K 513 46.92 -57.34 31.76
CA PRO K 513 47.05 -56.87 30.38
C PRO K 513 48.24 -55.93 30.14
N LEU K 514 49.04 -56.24 29.13
CA LEU K 514 50.21 -55.45 28.76
C LEU K 514 49.81 -54.35 27.77
N ASP K 515 50.30 -53.13 27.98
CA ASP K 515 49.97 -52.04 27.07
C ASP K 515 51.02 -51.87 25.97
N VAL K 516 50.57 -51.95 24.72
CA VAL K 516 51.44 -51.81 23.57
C VAL K 516 50.69 -51.13 22.41
N ASP K 517 51.33 -51.04 21.26
CA ASP K 517 50.71 -50.42 20.09
C ASP K 517 50.37 -51.52 19.09
N TYR K 518 49.08 -51.83 18.99
CA TYR K 518 48.60 -52.87 18.09
C TYR K 518 48.54 -52.43 16.62
N ARG K 519 48.69 -51.14 16.36
CA ARG K 519 48.66 -50.61 14.99
C ARG K 519 50.00 -50.85 14.31
N PHE K 520 50.98 -51.26 15.11
CA PHE K 520 52.33 -51.52 14.63
C PHE K 520 52.76 -52.94 14.97
N ASP K 521 53.06 -53.70 13.93
CA ASP K 521 53.49 -55.08 14.09
C ASP K 521 54.58 -55.15 15.16
N PHE K 522 54.53 -56.20 15.98
CA PHE K 522 55.48 -56.38 17.07
C PHE K 522 56.84 -56.89 16.60
N SER K 523 57.88 -56.50 17.32
CA SER K 523 59.26 -56.87 17.03
C SER K 523 59.54 -58.37 17.12
N ASP K 524 60.46 -58.84 16.30
CA ASP K 524 60.84 -60.25 16.29
C ASP K 524 61.29 -60.62 17.69
N GLU K 525 61.68 -59.60 18.46
CA GLU K 525 62.14 -59.78 19.82
C GLU K 525 60.98 -60.15 20.73
N ILE K 526 59.96 -59.30 20.73
CA ILE K 526 58.77 -59.50 21.55
C ILE K 526 57.79 -60.49 20.89
N LYS K 527 58.28 -61.26 19.91
CA LYS K 527 57.45 -62.23 19.21
C LYS K 527 57.51 -63.66 19.77
N GLU K 528 58.70 -64.12 20.14
CA GLU K 528 58.85 -65.47 20.68
C GLU K 528 58.69 -65.49 22.20
N LYS K 529 57.91 -64.54 22.71
CA LYS K 529 57.66 -64.43 24.14
C LYS K 529 56.42 -65.21 24.59
N ILE K 530 56.56 -66.53 24.71
CA ILE K 530 55.45 -67.39 25.12
C ILE K 530 55.23 -67.29 26.62
N LYS K 531 56.23 -66.75 27.32
CA LYS K 531 56.16 -66.59 28.78
C LYS K 531 55.38 -65.33 29.17
N LYS K 532 54.35 -65.02 28.39
CA LYS K 532 53.52 -63.84 28.66
C LYS K 532 52.70 -64.04 29.94
N LEU K 533 51.78 -63.09 30.17
CA LEU K 533 50.91 -63.12 31.34
C LEU K 533 50.00 -64.35 31.31
N SER K 534 48.99 -64.37 32.17
CA SER K 534 48.05 -65.49 32.23
C SER K 534 47.08 -65.44 31.05
N ALA K 535 46.20 -66.43 30.97
CA ALA K 535 45.21 -66.50 29.89
C ALA K 535 44.28 -65.29 29.95
N LYS K 536 44.08 -64.75 31.15
CA LYS K 536 43.20 -63.60 31.34
C LYS K 536 43.69 -62.44 30.47
N SER K 537 45.01 -62.33 30.36
CA SER K 537 45.63 -61.26 29.56
C SER K 537 45.85 -61.66 28.10
N LEU K 538 46.29 -62.89 27.88
CA LEU K 538 46.53 -63.40 26.53
C LEU K 538 45.27 -63.22 25.66
N ASN K 539 44.11 -63.49 26.27
CA ASN K 539 42.83 -63.36 25.57
C ASN K 539 42.49 -61.93 25.21
N GLU K 540 42.48 -61.04 26.20
CA GLU K 540 42.16 -59.64 25.96
C GLU K 540 43.25 -58.92 25.17
N LEU K 542 44.32 -60.17 22.51
CA LEU K 542 43.98 -60.55 21.13
C LEU K 542 42.72 -59.77 20.76
N PHE K 543 41.86 -59.58 21.74
CA PHE K 543 40.62 -58.85 21.57
C PHE K 543 40.96 -57.43 21.12
N ARG K 544 42.00 -56.86 21.72
CA ARG K 544 42.46 -55.51 21.38
C ARG K 544 43.15 -55.52 20.02
N ALA K 545 43.84 -56.62 19.72
CA ALA K 545 44.55 -56.77 18.45
C ALA K 545 43.56 -56.81 17.31
N GLN K 546 42.40 -57.42 17.57
CA GLN K 546 41.36 -57.54 16.56
C GLN K 546 40.49 -56.28 16.57
N ARG K 547 40.40 -55.63 17.73
CA ARG K 547 39.62 -54.41 17.84
C ARG K 547 40.36 -53.32 17.09
N THR K 548 41.69 -53.39 17.11
CA THR K 548 42.50 -52.40 16.41
C THR K 548 42.51 -52.72 14.92
N GLU K 549 42.20 -53.96 14.59
CA GLU K 549 42.18 -54.42 13.21
C GLU K 549 40.90 -53.90 12.50
N VAL K 550 39.81 -53.86 13.27
CA VAL K 550 38.51 -53.41 12.76
C VAL K 550 38.50 -51.89 12.59
N ALA K 551 39.22 -51.20 13.48
CA ALA K 551 39.30 -49.76 13.40
C ALA K 551 40.14 -49.44 12.17
N GLY K 552 41.18 -50.23 11.94
CA GLY K 552 42.04 -50.03 10.78
C GLY K 552 41.25 -50.14 9.51
N THR K 554 37.71 -49.93 9.10
CA THR K 554 36.72 -48.86 9.06
C THR K 554 37.29 -47.56 8.49
N ALA K 555 38.41 -47.12 9.04
CA ALA K 555 39.07 -45.89 8.61
C ALA K 555 39.57 -45.90 7.16
N GLN K 556 40.17 -47.01 6.73
CA GLN K 556 40.69 -47.11 5.37
C GLN K 556 39.57 -47.10 4.31
N ILE K 557 38.45 -47.74 4.64
CA ILE K 557 37.31 -47.78 3.72
C ILE K 557 36.78 -46.35 3.58
N ASN K 558 36.60 -45.68 4.71
CA ASN K 558 36.13 -44.31 4.71
C ASN K 558 37.04 -43.40 3.89
N ARG K 559 38.35 -43.58 4.01
CA ARG K 559 39.26 -42.76 3.24
C ARG K 559 38.87 -42.89 1.77
N LYS K 560 38.69 -44.13 1.33
CA LYS K 560 38.32 -44.39 -0.05
C LYS K 560 37.00 -43.69 -0.38
N LEU K 561 36.01 -43.79 0.49
CA LEU K 561 34.72 -43.14 0.27
C LEU K 561 34.86 -41.64 0.05
N LEU K 562 35.67 -40.99 0.89
CA LEU K 562 35.89 -39.55 0.76
C LEU K 562 36.54 -39.28 -0.59
N ILE K 563 37.61 -40.01 -0.89
CA ILE K 563 38.29 -39.80 -2.13
C ILE K 563 37.30 -39.83 -3.28
N ASN K 564 36.49 -40.87 -3.33
CA ASN K 564 35.53 -41.01 -4.43
C ASN K 564 34.29 -40.13 -4.41
N SER K 565 34.09 -39.35 -3.37
CA SER K 565 32.92 -38.49 -3.29
C SER K 565 33.23 -37.02 -3.55
N LEU K 566 34.51 -36.66 -3.44
CA LEU K 566 34.95 -35.29 -3.65
C LEU K 566 34.49 -34.66 -4.95
N TYR K 567 34.72 -35.36 -6.06
CA TYR K 567 34.35 -34.82 -7.35
C TYR K 567 32.88 -34.45 -7.40
N GLY K 568 32.03 -35.34 -6.88
CA GLY K 568 30.60 -35.10 -6.89
C GLY K 568 30.29 -33.81 -6.15
N ALA K 569 31.04 -33.57 -5.08
CA ALA K 569 30.89 -32.38 -4.27
C ALA K 569 31.40 -31.14 -5.03
N LEU K 570 32.50 -31.30 -5.76
CA LEU K 570 33.06 -30.20 -6.53
C LEU K 570 32.16 -29.78 -7.68
N GLY K 571 31.31 -30.70 -8.14
CA GLY K 571 30.43 -30.37 -9.24
C GLY K 571 29.07 -29.93 -8.76
N ASN K 572 28.91 -29.70 -7.46
CA ASN K 572 27.62 -29.28 -6.91
C ASN K 572 27.63 -27.79 -6.56
N VAL K 573 26.60 -27.06 -6.99
CA VAL K 573 26.53 -25.62 -6.73
C VAL K 573 26.49 -25.23 -5.27
N TRP K 574 26.13 -26.18 -4.40
CA TRP K 574 26.05 -25.87 -2.98
C TRP K 574 27.35 -26.07 -2.22
N PHE K 575 28.33 -26.70 -2.86
CA PHE K 575 29.63 -26.94 -2.21
C PHE K 575 30.38 -25.62 -2.12
N ARG K 576 30.97 -25.36 -0.96
CA ARG K 576 31.72 -24.14 -0.72
C ARG K 576 32.86 -23.88 -1.72
N TYR K 577 33.49 -24.95 -2.21
CA TYR K 577 34.61 -24.83 -3.15
C TYR K 577 34.25 -25.14 -4.61
N TYR K 578 32.96 -25.13 -4.92
CA TYR K 578 32.49 -25.42 -6.27
C TYR K 578 32.99 -24.37 -7.26
N ASP K 579 33.20 -24.78 -8.51
CA ASP K 579 33.64 -23.88 -9.55
C ASP K 579 33.43 -24.51 -10.92
N LEU K 580 32.39 -24.05 -11.62
CA LEU K 580 32.06 -24.58 -12.94
C LEU K 580 33.30 -24.78 -13.81
N ARG K 581 34.09 -23.73 -13.96
CA ARG K 581 35.29 -23.82 -14.78
C ARG K 581 36.18 -24.97 -14.31
N ASN K 582 36.32 -25.12 -13.01
CA ASN K 582 37.16 -26.17 -12.47
C ASN K 582 36.58 -27.57 -12.66
N ALA K 583 35.25 -27.68 -12.62
CA ALA K 583 34.59 -28.97 -12.84
C ALA K 583 34.96 -29.43 -14.26
N THR K 584 34.73 -28.53 -15.22
CA THR K 584 35.03 -28.79 -16.62
C THR K 584 36.53 -29.05 -16.83
N ALA K 585 37.37 -28.39 -16.06
CA ALA K 585 38.79 -28.63 -16.23
C ALA K 585 39.06 -30.12 -16.05
N ILE K 586 38.47 -30.70 -15.01
CA ILE K 586 38.66 -32.11 -14.71
C ILE K 586 38.10 -32.99 -15.80
N THR K 587 36.85 -32.73 -16.14
CA THR K 587 36.16 -33.48 -17.16
C THR K 587 36.95 -33.51 -18.47
N THR K 588 37.22 -32.34 -19.03
CA THR K 588 37.93 -32.25 -20.29
C THR K 588 39.34 -32.82 -20.21
N PHE K 589 39.99 -32.70 -19.07
CA PHE K 589 41.34 -33.23 -18.97
C PHE K 589 41.31 -34.75 -19.06
N GLY K 590 40.33 -35.36 -18.39
CA GLY K 590 40.20 -36.81 -18.42
C GLY K 590 39.96 -37.27 -19.83
N GLN K 591 39.08 -36.58 -20.55
CA GLN K 591 38.80 -36.96 -21.92
C GLN K 591 40.08 -37.04 -22.74
N ALA K 593 43.17 -37.24 -21.52
CA ALA K 593 44.03 -38.27 -20.94
C ALA K 593 43.71 -39.63 -21.51
N LEU K 594 42.42 -39.93 -21.65
CA LEU K 594 42.03 -41.24 -22.15
C LEU K 594 42.34 -41.42 -23.63
N GLN K 595 41.82 -40.53 -24.46
CA GLN K 595 42.04 -40.61 -25.90
C GLN K 595 43.51 -40.52 -26.30
N TRP K 596 44.26 -39.73 -25.55
CA TRP K 596 45.67 -39.56 -25.78
C TRP K 596 46.36 -40.90 -25.64
N ILE K 597 46.19 -41.55 -24.50
CA ILE K 597 46.83 -42.84 -24.26
C ILE K 597 46.33 -43.91 -25.20
N GLU K 598 45.14 -43.69 -25.76
CA GLU K 598 44.57 -44.63 -26.70
C GLU K 598 45.54 -44.61 -27.87
N ARG K 599 45.63 -43.43 -28.48
CA ARG K 599 46.52 -43.21 -29.59
C ARG K 599 47.88 -43.82 -29.26
N LYS K 600 48.44 -43.42 -28.13
CA LYS K 600 49.74 -43.93 -27.74
C LYS K 600 49.84 -45.45 -27.75
N VAL K 601 48.81 -46.10 -27.23
CA VAL K 601 48.81 -47.57 -27.21
C VAL K 601 48.68 -48.12 -28.61
N ASN K 602 47.84 -47.50 -29.44
CA ASN K 602 47.69 -47.96 -30.82
C ASN K 602 49.05 -47.88 -31.52
N GLU K 603 49.71 -46.73 -31.40
CA GLU K 603 51.01 -46.53 -32.01
C GLU K 603 51.97 -47.62 -31.58
N TYR K 604 52.16 -47.79 -30.27
CA TYR K 604 53.08 -48.80 -29.78
C TYR K 604 52.79 -50.21 -30.30
N LEU K 605 51.56 -50.68 -30.13
CA LEU K 605 51.19 -52.02 -30.59
C LEU K 605 51.39 -52.21 -32.10
N ASN K 606 51.01 -51.22 -32.88
CA ASN K 606 51.22 -51.32 -34.31
C ASN K 606 52.72 -51.47 -34.59
N GLU K 607 53.52 -50.74 -33.83
CA GLU K 607 54.95 -50.81 -33.97
C GLU K 607 55.41 -52.23 -33.67
N VAL K 608 55.21 -52.67 -32.44
CA VAL K 608 55.64 -54.01 -32.05
C VAL K 608 54.99 -55.14 -32.85
N CYS K 609 53.88 -54.84 -33.54
CA CYS K 609 53.23 -55.87 -34.34
C CYS K 609 53.61 -55.79 -35.80
N GLY K 610 54.23 -54.67 -36.18
CA GLY K 610 54.65 -54.49 -37.57
C GLY K 610 53.45 -54.30 -38.47
N THR K 611 52.65 -53.27 -38.16
CA THR K 611 51.46 -52.99 -38.95
C THR K 611 51.25 -51.50 -38.89
N GLU K 612 50.19 -51.02 -39.54
CA GLU K 612 49.90 -49.59 -39.57
C GLU K 612 48.41 -49.31 -39.62
N GLY K 613 47.95 -48.38 -38.79
CA GLY K 613 46.55 -48.01 -38.77
C GLY K 613 45.61 -49.05 -38.18
N GLU K 614 46.19 -50.05 -37.51
CA GLU K 614 45.40 -51.11 -36.88
C GLU K 614 44.91 -50.62 -35.52
N ALA K 615 43.59 -50.62 -35.35
CA ALA K 615 42.99 -50.16 -34.10
C ALA K 615 43.00 -51.26 -33.04
N PHE K 616 43.89 -51.14 -32.06
CA PHE K 616 43.98 -52.13 -31.01
C PHE K 616 43.05 -51.79 -29.86
N VAL K 617 42.86 -50.49 -29.61
CA VAL K 617 41.97 -50.06 -28.54
C VAL K 617 40.55 -50.10 -29.10
N LEU K 618 39.76 -51.08 -28.65
CA LEU K 618 38.41 -51.25 -29.16
C LEU K 618 37.33 -50.49 -28.43
N TYR K 619 37.62 -50.09 -27.21
CA TYR K 619 36.64 -49.38 -26.42
C TYR K 619 37.31 -48.63 -25.28
N GLY K 620 36.65 -47.58 -24.83
CA GLY K 620 37.18 -46.78 -23.74
C GLY K 620 36.02 -46.07 -23.10
N ASP K 621 36.03 -45.97 -21.77
CA ASP K 621 34.97 -45.29 -21.07
C ASP K 621 35.54 -44.62 -19.83
N THR K 622 35.56 -43.29 -19.86
CA THR K 622 36.07 -42.49 -18.77
C THR K 622 37.55 -42.69 -18.41
N ASP K 623 37.83 -43.75 -17.67
CA ASP K 623 39.20 -44.01 -17.24
C ASP K 623 39.75 -45.36 -17.70
N SER K 624 39.06 -45.99 -18.64
CA SER K 624 39.51 -47.30 -19.08
C SER K 624 39.59 -47.56 -20.57
N ILE K 625 40.54 -48.39 -20.95
CA ILE K 625 40.66 -48.75 -22.35
C ILE K 625 40.66 -50.28 -22.40
N TYR K 626 40.10 -50.81 -23.47
CA TYR K 626 40.06 -52.24 -23.66
C TYR K 626 40.85 -52.52 -24.91
N VAL K 627 41.94 -53.26 -24.76
CA VAL K 627 42.79 -53.53 -25.90
C VAL K 627 42.60 -54.94 -26.41
N SER K 628 42.55 -55.06 -27.72
CA SER K 628 42.38 -56.34 -28.35
C SER K 628 43.74 -56.99 -28.45
N ALA K 629 43.86 -58.25 -28.03
CA ALA K 629 45.14 -58.93 -28.07
C ALA K 629 45.22 -59.98 -29.17
N ASP K 630 44.26 -59.98 -30.07
CA ASP K 630 44.28 -60.96 -31.16
C ASP K 630 45.61 -61.00 -31.91
N LYS K 631 46.01 -59.87 -32.47
CA LYS K 631 47.27 -59.77 -33.22
C LYS K 631 48.47 -60.10 -32.36
N ILE K 632 48.38 -59.79 -31.08
CA ILE K 632 49.48 -60.11 -30.20
C ILE K 632 49.57 -61.63 -30.10
N ILE K 633 48.43 -62.28 -29.88
CA ILE K 633 48.42 -63.74 -29.80
C ILE K 633 48.76 -64.39 -31.14
N ASP K 634 48.21 -63.87 -32.24
CA ASP K 634 48.50 -64.48 -33.52
C ASP K 634 49.94 -64.29 -33.93
N LYS K 635 50.59 -63.28 -33.35
CA LYS K 635 51.98 -63.03 -33.66
C LYS K 635 52.80 -64.25 -33.27
N VAL K 636 52.69 -64.68 -32.01
CA VAL K 636 53.43 -65.84 -31.54
C VAL K 636 52.81 -67.10 -32.10
N GLY K 637 51.50 -67.07 -32.29
CA GLY K 637 50.79 -68.23 -32.78
C GLY K 637 50.17 -68.99 -31.60
N GLU K 638 48.86 -69.18 -31.67
CA GLU K 638 48.12 -69.86 -30.64
C GLU K 638 48.59 -71.29 -30.42
N SER K 639 49.07 -71.93 -31.49
CA SER K 639 49.52 -73.31 -31.38
C SER K 639 50.65 -73.47 -30.39
N LYS K 640 51.37 -72.38 -30.09
CA LYS K 640 52.48 -72.46 -29.16
C LYS K 640 52.13 -72.52 -27.66
N PHE K 641 50.84 -72.49 -27.33
CA PHE K 641 50.45 -72.52 -25.92
C PHE K 641 49.90 -73.87 -25.51
N ARG K 642 50.46 -74.44 -24.46
CA ARG K 642 50.03 -75.76 -23.99
C ARG K 642 48.67 -75.72 -23.30
N ASP K 643 48.29 -74.56 -22.82
CA ASP K 643 47.00 -74.44 -22.17
C ASP K 643 46.60 -72.99 -22.02
N THR K 644 45.44 -72.76 -21.41
CA THR K 644 44.93 -71.43 -21.21
C THR K 644 45.87 -70.60 -20.35
N ASN K 645 46.15 -71.10 -19.15
CA ASN K 645 47.01 -70.37 -18.24
C ASN K 645 48.30 -69.85 -18.88
N HIS K 646 48.80 -70.59 -19.86
CA HIS K 646 50.02 -70.18 -20.53
C HIS K 646 49.87 -68.95 -21.40
N TRP K 647 48.80 -68.87 -22.18
CA TRP K 647 48.66 -67.66 -22.99
C TRP K 647 48.27 -66.51 -22.07
N VAL K 648 47.74 -66.86 -20.90
CA VAL K 648 47.37 -65.84 -19.93
C VAL K 648 48.66 -65.29 -19.32
N ASP K 649 49.60 -66.18 -18.97
CA ASP K 649 50.89 -65.77 -18.42
C ASP K 649 51.56 -64.88 -19.47
N PHE K 650 51.55 -65.32 -20.72
CA PHE K 650 52.15 -64.55 -21.80
C PHE K 650 51.62 -63.12 -21.88
N LEU K 651 50.31 -62.96 -22.06
CA LEU K 651 49.73 -61.63 -22.15
C LEU K 651 49.98 -60.82 -20.89
N ASP K 652 50.05 -61.49 -19.74
CA ASP K 652 50.32 -60.79 -18.49
C ASP K 652 51.72 -60.16 -18.53
N LYS K 653 52.70 -60.97 -18.91
CA LYS K 653 54.09 -60.53 -18.99
C LYS K 653 54.22 -59.50 -20.11
N PHE K 654 53.52 -59.72 -21.21
CA PHE K 654 53.61 -58.77 -22.29
C PHE K 654 53.23 -57.39 -21.79
N ALA K 655 52.04 -57.29 -21.22
CA ALA K 655 51.50 -56.04 -20.73
C ALA K 655 52.39 -55.34 -19.72
N ARG K 656 52.86 -56.10 -18.74
CA ARG K 656 53.73 -55.55 -17.71
C ARG K 656 55.08 -55.02 -18.19
N GLU K 657 55.76 -55.82 -19.02
CA GLU K 657 57.08 -55.43 -19.49
C GLU K 657 57.17 -54.61 -20.76
N ARG K 658 56.15 -54.67 -21.61
CA ARG K 658 56.20 -53.92 -22.87
C ARG K 658 55.19 -52.80 -22.98
N GLU K 660 53.11 -51.39 -20.20
CA GLU K 660 53.19 -50.49 -19.06
C GLU K 660 54.25 -49.42 -19.30
N PRO K 661 55.49 -49.83 -19.58
CA PRO K 661 56.56 -48.86 -19.83
C PRO K 661 56.15 -47.90 -20.93
N ALA K 662 55.70 -48.43 -22.05
CA ALA K 662 55.27 -47.63 -23.18
C ALA K 662 54.13 -46.68 -22.78
N ILE K 663 53.23 -47.14 -21.93
CA ILE K 663 52.11 -46.31 -21.49
C ILE K 663 52.63 -45.17 -20.62
N ASP K 664 53.31 -45.53 -19.56
CA ASP K 664 53.86 -44.57 -18.62
C ASP K 664 54.68 -43.54 -19.37
N ARG K 665 55.57 -44.02 -20.24
CA ARG K 665 56.44 -43.16 -21.03
C ARG K 665 55.57 -42.23 -21.87
N GLY K 666 54.42 -42.73 -22.29
CA GLY K 666 53.52 -41.92 -23.08
C GLY K 666 52.75 -40.90 -22.26
N PHE K 667 52.61 -41.15 -20.95
CA PHE K 667 51.89 -40.21 -20.10
C PHE K 667 52.76 -39.09 -19.58
N ARG K 668 54.01 -39.39 -19.25
CA ARG K 668 54.93 -38.37 -18.77
C ARG K 668 55.04 -37.28 -19.84
N GLU K 669 54.97 -37.71 -21.09
CA GLU K 669 55.05 -36.79 -22.21
C GLU K 669 53.86 -35.85 -22.19
N CYS K 671 52.43 -34.98 -19.48
CA CYS K 671 52.64 -34.16 -18.30
C CYS K 671 53.43 -32.94 -18.73
N GLU K 672 54.40 -33.17 -19.61
CA GLU K 672 55.23 -32.09 -20.15
C GLU K 672 54.36 -31.16 -20.99
N TYR K 673 53.72 -31.73 -21.98
CA TYR K 673 52.85 -30.99 -22.89
C TYR K 673 51.91 -30.03 -22.17
N ASN K 675 52.46 -29.26 -19.04
CA ASN K 675 53.29 -28.65 -18.01
C ASN K 675 52.63 -28.81 -16.65
N ASN K 676 51.93 -29.92 -16.47
CA ASN K 676 51.25 -30.18 -15.21
C ASN K 676 52.20 -30.16 -14.01
N LYS K 677 51.68 -29.73 -12.87
CA LYS K 677 52.49 -29.67 -11.66
C LYS K 677 53.11 -31.00 -11.28
N GLN K 678 52.43 -32.10 -11.61
CA GLN K 678 52.96 -33.41 -11.26
C GLN K 678 52.39 -34.52 -12.14
N HIS K 679 53.13 -35.61 -12.27
CA HIS K 679 52.68 -36.74 -13.08
C HIS K 679 52.05 -37.81 -12.19
N LEU K 680 50.74 -37.97 -12.31
CA LEU K 680 50.00 -38.94 -11.51
C LEU K 680 49.00 -39.78 -12.32
N PHE K 682 48.37 -42.77 -13.63
CA PHE K 682 48.82 -44.15 -13.57
C PHE K 682 47.75 -45.11 -14.09
N ASP K 684 47.38 -49.11 -14.57
CA ASP K 684 47.86 -50.49 -14.42
C ASP K 684 46.92 -51.52 -15.08
N ARG K 685 47.52 -52.63 -15.51
CA ARG K 685 46.75 -53.69 -16.17
C ARG K 685 45.66 -54.22 -15.28
N GLU K 686 44.46 -54.31 -15.83
CA GLU K 686 43.30 -54.79 -15.08
C GLU K 686 42.93 -56.23 -15.49
N ALA K 687 42.05 -56.37 -16.46
CA ALA K 687 41.61 -57.69 -16.86
C ALA K 687 42.27 -58.30 -18.08
N ILE K 688 42.32 -59.63 -18.08
CA ILE K 688 42.83 -60.42 -19.20
C ILE K 688 41.70 -61.41 -19.48
N ALA K 689 41.11 -61.33 -20.67
CA ALA K 689 40.00 -62.19 -21.04
C ALA K 689 40.20 -62.92 -22.34
N GLY K 690 39.56 -64.08 -22.46
CA GLY K 690 39.66 -64.86 -23.66
C GLY K 690 38.91 -66.18 -23.49
N PRO K 691 38.75 -66.93 -24.58
CA PRO K 691 38.06 -68.22 -24.54
C PRO K 691 38.94 -69.32 -24.01
N PRO K 692 38.34 -70.36 -23.44
CA PRO K 692 39.23 -71.43 -22.96
C PRO K 692 40.01 -71.94 -24.18
N LEU K 693 41.30 -72.18 -24.02
CA LEU K 693 42.09 -72.65 -25.15
C LEU K 693 41.48 -73.89 -25.75
N GLY K 694 41.36 -73.93 -27.08
CA GLY K 694 40.82 -75.10 -27.74
C GLY K 694 39.31 -75.20 -27.85
N SER K 695 38.62 -74.33 -27.15
CA SER K 695 37.16 -74.34 -27.16
C SER K 695 36.65 -73.49 -28.34
N LYS K 696 35.33 -73.48 -28.53
CA LYS K 696 34.72 -72.66 -29.57
C LYS K 696 34.10 -71.41 -28.93
N GLY K 697 34.55 -71.06 -27.73
CA GLY K 697 34.03 -69.88 -27.05
C GLY K 697 34.45 -68.62 -27.79
N ILE K 698 33.72 -67.53 -27.64
CA ILE K 698 34.10 -66.31 -28.34
C ILE K 698 34.93 -65.35 -27.47
N GLY K 699 35.10 -65.67 -26.19
CA GLY K 699 35.88 -64.80 -25.32
C GLY K 699 35.12 -63.59 -24.75
N GLY K 700 34.59 -62.77 -25.65
CA GLY K 700 33.85 -61.59 -25.21
C GLY K 700 33.10 -60.94 -26.36
N PHE K 701 32.25 -59.96 -26.04
CA PHE K 701 31.52 -59.24 -27.08
C PHE K 701 31.05 -57.89 -26.55
N TRP K 702 30.78 -56.98 -27.48
CA TRP K 702 30.29 -55.64 -27.17
C TRP K 702 29.00 -55.42 -27.97
N THR K 703 27.95 -54.88 -27.36
CA THR K 703 26.72 -54.61 -28.11
C THR K 703 26.62 -53.12 -28.43
N GLY K 704 27.20 -52.30 -27.56
CA GLY K 704 27.20 -50.87 -27.76
C GLY K 704 27.91 -50.19 -26.59
N LYS K 705 27.91 -48.87 -26.55
CA LYS K 705 28.54 -48.19 -25.42
C LYS K 705 28.01 -48.80 -24.12
N LYS K 706 28.89 -48.93 -23.12
CA LYS K 706 28.51 -49.45 -21.81
C LYS K 706 27.79 -50.79 -21.77
N ARG K 707 28.06 -51.66 -22.74
CA ARG K 707 27.40 -52.96 -22.74
C ARG K 707 28.32 -54.05 -23.27
N TYR K 708 28.82 -54.90 -22.37
CA TYR K 708 29.72 -55.94 -22.83
C TYR K 708 29.94 -57.08 -21.84
N ALA K 709 30.53 -58.16 -22.34
CA ALA K 709 30.81 -59.30 -21.51
C ALA K 709 32.16 -59.89 -21.88
N LEU K 710 32.96 -60.21 -20.88
CA LEU K 710 34.28 -60.80 -21.09
C LEU K 710 34.53 -62.01 -20.20
N ASN K 711 35.19 -63.02 -20.75
CA ASN K 711 35.53 -64.21 -19.97
C ASN K 711 36.94 -63.97 -19.40
N VAL K 712 36.98 -63.45 -18.16
CA VAL K 712 38.19 -63.07 -17.44
C VAL K 712 38.93 -64.16 -16.69
N TRP K 713 40.25 -64.23 -16.92
CA TRP K 713 41.10 -65.23 -16.28
C TRP K 713 41.99 -64.60 -15.21
N ASP K 714 42.27 -63.32 -15.37
CA ASP K 714 43.12 -62.63 -14.42
C ASP K 714 42.67 -61.20 -14.21
N GLU K 716 43.94 -57.86 -12.29
CA GLU K 716 45.02 -57.16 -11.59
C GLU K 716 46.07 -58.07 -10.99
N GLY K 717 46.35 -59.18 -11.66
CA GLY K 717 47.34 -60.10 -11.15
C GLY K 717 46.75 -61.23 -10.35
N THR K 718 45.41 -61.32 -10.26
CA THR K 718 44.78 -62.42 -9.53
C THR K 718 44.31 -63.46 -10.53
N ARG K 719 45.00 -64.59 -10.54
CA ARG K 719 44.69 -65.68 -11.45
C ARG K 719 43.59 -66.56 -10.90
N TYR K 720 42.40 -66.48 -11.48
CA TYR K 720 41.25 -67.27 -11.03
C TYR K 720 41.39 -68.75 -11.34
N ALA K 721 40.84 -69.58 -10.47
CA ALA K 721 40.86 -71.02 -10.62
C ALA K 721 39.90 -71.36 -11.77
N GLU K 722 38.76 -70.69 -11.77
CA GLU K 722 37.75 -70.86 -12.80
C GLU K 722 37.55 -69.47 -13.39
N PRO K 723 37.36 -69.38 -14.72
CA PRO K 723 37.16 -68.07 -15.32
C PRO K 723 35.92 -67.36 -14.80
N LYS K 724 36.02 -66.04 -14.59
CA LYS K 724 34.92 -65.20 -14.11
C LYS K 724 34.33 -64.34 -15.24
N LEU K 725 33.00 -64.28 -15.32
CA LEU K 725 32.34 -63.48 -16.34
C LEU K 725 32.28 -62.05 -15.85
N LYS K 726 32.72 -61.11 -16.67
CA LYS K 726 32.64 -59.71 -16.30
C LYS K 726 31.59 -59.21 -17.26
N ILE K 727 30.44 -58.82 -16.70
CA ILE K 727 29.33 -58.34 -17.50
C ILE K 727 28.94 -56.95 -17.05
N GLY K 729 26.53 -53.62 -17.77
CA GLY K 729 25.35 -53.05 -18.40
C GLY K 729 24.30 -53.96 -18.97
N LEU K 730 24.64 -55.20 -19.28
CA LEU K 730 23.63 -56.08 -19.84
C LEU K 730 22.58 -56.43 -18.79
N GLU K 731 21.44 -56.92 -19.28
CA GLU K 731 20.28 -57.30 -18.47
C GLU K 731 20.59 -58.16 -17.25
N THR K 732 21.62 -58.99 -17.34
CA THR K 732 22.00 -59.83 -16.21
C THR K 732 22.35 -58.94 -15.04
N GLN K 733 22.78 -57.72 -15.32
CA GLN K 733 23.17 -56.81 -14.25
C GLN K 733 22.09 -55.89 -13.70
N LYS K 734 20.95 -55.81 -14.38
CA LYS K 734 19.86 -54.92 -13.95
C LYS K 734 18.79 -55.51 -13.01
N SER K 735 18.49 -54.78 -11.93
CA SER K 735 17.49 -55.20 -10.95
C SER K 735 16.08 -55.33 -11.55
N SER K 736 15.90 -54.73 -12.72
CA SER K 736 14.61 -54.78 -13.37
C SER K 736 14.38 -56.12 -14.04
N THR K 737 15.46 -56.85 -14.31
CA THR K 737 15.34 -58.15 -14.97
C THR K 737 14.95 -59.25 -13.97
N PRO K 738 13.95 -60.07 -14.29
CA PRO K 738 13.58 -61.14 -13.34
C PRO K 738 14.76 -62.06 -12.96
N LYS K 739 14.76 -62.51 -11.70
CA LYS K 739 15.79 -63.39 -11.20
C LYS K 739 16.12 -64.55 -12.14
N ALA K 740 15.11 -65.34 -12.48
CA ALA K 740 15.30 -66.48 -13.37
C ALA K 740 15.95 -66.08 -14.67
N VAL K 741 15.46 -64.98 -15.25
CA VAL K 741 16.00 -64.50 -16.51
C VAL K 741 17.44 -64.02 -16.36
N GLN K 742 17.76 -63.38 -15.25
CA GLN K 742 19.14 -62.96 -15.03
C GLN K 742 20.07 -64.18 -15.12
N LYS K 743 19.67 -65.29 -14.48
CA LYS K 743 20.47 -66.50 -14.50
C LYS K 743 20.55 -67.16 -15.86
N ALA K 744 19.43 -67.19 -16.57
CA ALA K 744 19.40 -67.82 -17.88
C ALA K 744 20.27 -67.06 -18.86
N LEU K 745 20.15 -65.73 -18.86
CA LEU K 745 20.96 -64.91 -19.74
C LEU K 745 22.43 -65.11 -19.39
N LYS K 746 22.69 -65.25 -18.08
CA LYS K 746 24.07 -65.47 -17.64
C LYS K 746 24.62 -66.77 -18.21
N GLU K 747 23.85 -67.87 -18.13
CA GLU K 747 24.31 -69.14 -18.72
C GLU K 747 24.50 -68.91 -20.21
N CYS K 748 23.58 -68.18 -20.82
CA CYS K 748 23.69 -67.92 -22.25
C CYS K 748 25.01 -67.27 -22.56
N ILE K 749 25.33 -66.19 -21.87
CA ILE K 749 26.60 -65.50 -22.08
C ILE K 749 27.78 -66.44 -21.77
N ARG K 750 27.67 -67.18 -20.67
CA ARG K 750 28.70 -68.10 -20.27
C ARG K 750 29.00 -69.06 -21.44
N ARG K 751 27.95 -69.54 -22.09
CA ARG K 751 28.17 -70.46 -23.19
C ARG K 751 28.76 -69.78 -24.39
N LEU K 753 30.63 -67.28 -24.54
CA LEU K 753 32.03 -66.98 -24.29
C LEU K 753 32.97 -68.16 -24.06
N GLN K 754 32.48 -69.21 -23.40
CA GLN K 754 33.37 -70.33 -23.11
C GLN K 754 33.19 -71.57 -23.96
N GLU K 755 31.98 -71.85 -24.41
CA GLU K 755 31.75 -73.09 -25.16
C GLU K 755 31.41 -72.98 -26.64
N GLY K 756 30.70 -71.93 -27.02
CA GLY K 756 30.38 -71.77 -28.42
C GLY K 756 28.91 -71.74 -28.76
N GLU K 757 28.67 -71.52 -30.05
CA GLU K 757 27.34 -71.43 -30.60
C GLU K 757 26.47 -72.65 -30.35
N GLU K 758 27.06 -73.84 -30.54
CA GLU K 758 26.27 -75.03 -30.36
C GLU K 758 25.78 -75.12 -28.94
N SER K 759 26.69 -74.88 -28.00
CA SER K 759 26.35 -74.92 -26.59
C SER K 759 25.19 -73.97 -26.25
N LEU K 760 25.21 -72.80 -26.87
CA LEU K 760 24.18 -71.79 -26.66
C LEU K 760 22.81 -72.32 -27.12
N GLN K 761 22.76 -72.75 -28.38
CA GLN K 761 21.53 -73.26 -28.95
C GLN K 761 20.90 -74.34 -28.10
N GLU K 762 21.72 -75.13 -27.42
CA GLU K 762 21.18 -76.18 -26.55
C GLU K 762 20.54 -75.57 -25.33
N TYR K 763 21.29 -74.77 -24.62
CA TYR K 763 20.73 -74.19 -23.42
C TYR K 763 19.45 -73.43 -23.71
N PHE K 764 19.43 -72.66 -24.80
CA PHE K 764 18.24 -71.89 -25.17
C PHE K 764 17.00 -72.81 -25.21
N LYS K 765 17.13 -73.95 -25.89
CA LYS K 765 16.02 -74.88 -25.95
C LYS K 765 15.67 -75.33 -24.53
N GLU K 766 16.67 -75.68 -23.75
CA GLU K 766 16.43 -76.11 -22.38
C GLU K 766 15.64 -75.08 -21.55
N PHE K 767 16.08 -73.83 -21.60
CA PHE K 767 15.42 -72.80 -20.82
C PHE K 767 13.98 -72.53 -21.26
N GLU K 768 13.73 -72.58 -22.56
CA GLU K 768 12.39 -72.31 -23.04
C GLU K 768 11.37 -73.31 -22.55
N LYS K 769 11.68 -74.61 -22.61
CA LYS K 769 10.69 -75.58 -22.15
C LYS K 769 10.53 -75.74 -20.67
N GLU K 770 11.40 -75.13 -19.87
CA GLU K 770 11.29 -75.25 -18.43
C GLU K 770 10.72 -73.95 -17.88
N PHE K 771 10.68 -72.93 -18.73
CA PHE K 771 10.20 -71.61 -18.36
C PHE K 771 8.84 -71.55 -17.69
N ARG K 772 7.87 -72.30 -18.21
CA ARG K 772 6.54 -72.27 -17.62
C ARG K 772 6.44 -73.00 -16.29
N GLN K 773 7.49 -73.71 -15.90
CA GLN K 773 7.47 -74.41 -14.62
C GLN K 773 8.04 -73.52 -13.51
N LEU K 774 8.61 -72.38 -13.88
CA LEU K 774 9.21 -71.48 -12.90
C LEU K 774 8.23 -70.70 -12.02
N ASN K 775 8.67 -70.43 -10.80
CA ASN K 775 7.89 -69.70 -9.81
C ASN K 775 7.61 -68.30 -10.35
N TYR K 776 6.34 -67.90 -10.33
CA TYR K 776 5.99 -66.62 -10.91
C TYR K 776 6.78 -65.40 -10.44
N ILE K 777 7.19 -65.38 -9.18
CA ILE K 777 7.96 -64.25 -8.70
C ILE K 777 9.36 -64.23 -9.31
N SER K 778 9.90 -65.40 -9.62
CA SER K 778 11.24 -65.45 -10.18
C SER K 778 11.31 -65.03 -11.64
N ILE K 779 10.15 -64.92 -12.29
CA ILE K 779 10.11 -64.53 -13.70
C ILE K 779 9.40 -63.21 -13.88
N ALA K 780 9.08 -62.56 -12.78
CA ALA K 780 8.43 -61.28 -12.84
C ALA K 780 9.47 -60.17 -13.01
N SER K 781 9.14 -59.16 -13.82
CA SER K 781 10.02 -58.03 -14.02
C SER K 781 9.86 -57.17 -12.78
N VAL K 782 10.71 -56.15 -12.65
CA VAL K 782 10.64 -55.26 -11.51
C VAL K 782 10.82 -53.83 -11.97
N SER K 783 10.22 -52.89 -11.25
CA SER K 783 10.33 -51.49 -11.62
C SER K 783 10.00 -50.55 -10.49
N SER K 784 10.57 -49.35 -10.53
CA SER K 784 10.30 -48.34 -9.52
C SER K 784 8.95 -47.73 -9.89
N ALA K 785 8.20 -47.28 -8.90
CA ALA K 785 6.88 -46.68 -9.15
C ALA K 785 6.82 -45.22 -8.75
N ASN K 786 7.04 -44.34 -9.71
CA ASN K 786 6.98 -42.92 -9.45
C ASN K 786 5.92 -42.23 -10.26
N ASN K 787 5.32 -41.20 -9.64
CA ASN K 787 4.29 -40.41 -10.25
C ASN K 787 3.14 -41.27 -10.72
N ILE K 788 2.63 -42.09 -9.80
CA ILE K 788 1.53 -42.97 -10.10
C ILE K 788 0.30 -42.11 -10.40
N ALA K 789 -0.02 -41.23 -9.46
CA ALA K 789 -1.17 -40.33 -9.58
C ALA K 789 -1.19 -39.54 -10.89
N LYS K 790 -0.04 -38.95 -11.25
CA LYS K 790 0.10 -38.17 -12.46
C LYS K 790 -0.50 -38.87 -13.68
N TYR K 791 -0.52 -40.20 -13.66
CA TYR K 791 -1.06 -40.93 -14.79
C TYR K 791 -2.39 -41.61 -14.47
N ASP K 792 -2.86 -41.40 -13.24
CA ASP K 792 -4.13 -42.00 -12.84
C ASP K 792 -5.31 -41.12 -13.20
N VAL K 793 -6.15 -41.60 -14.11
CA VAL K 793 -7.30 -40.82 -14.52
C VAL K 793 -8.59 -41.60 -14.30
N GLY K 794 -9.14 -41.49 -13.09
CA GLY K 794 -10.36 -42.20 -12.78
C GLY K 794 -10.09 -43.68 -12.65
N GLY K 795 -8.92 -44.00 -12.09
CA GLY K 795 -8.54 -45.39 -11.92
C GLY K 795 -8.03 -46.02 -13.20
N PHE K 796 -7.87 -45.21 -14.24
CA PHE K 796 -7.38 -45.70 -15.51
C PHE K 796 -6.17 -44.90 -15.96
N PRO K 797 -5.31 -45.50 -16.79
CA PRO K 797 -4.10 -44.84 -17.28
C PRO K 797 -4.34 -43.59 -18.13
N GLY K 798 -3.70 -42.50 -17.72
CA GLY K 798 -3.82 -41.26 -18.47
C GLY K 798 -2.98 -41.24 -19.75
N PRO K 799 -2.81 -40.07 -20.38
CA PRO K 799 -2.01 -40.04 -21.60
C PRO K 799 -0.55 -40.37 -21.36
N LYS K 800 0.02 -41.18 -22.25
CA LYS K 800 1.43 -41.58 -22.18
C LYS K 800 1.78 -42.25 -20.86
N CYS K 801 0.84 -43.00 -20.29
CA CYS K 801 1.08 -43.70 -19.04
C CYS K 801 2.13 -44.79 -19.22
N PRO K 802 3.12 -44.83 -18.32
CA PRO K 802 4.18 -45.83 -18.40
C PRO K 802 3.61 -47.24 -18.20
N PHE K 803 4.22 -48.24 -18.83
CA PHE K 803 3.74 -49.62 -18.72
C PHE K 803 3.54 -50.15 -17.31
N HIS K 804 4.55 -50.01 -16.46
CA HIS K 804 4.42 -50.53 -15.12
C HIS K 804 3.37 -49.75 -14.37
N ILE K 805 3.30 -48.44 -14.62
CA ILE K 805 2.31 -47.60 -13.93
C ILE K 805 0.92 -48.07 -14.28
N ARG K 806 0.77 -48.49 -15.53
CA ARG K 806 -0.52 -48.98 -15.99
C ARG K 806 -0.84 -50.20 -15.14
N GLY K 807 0.07 -51.17 -15.12
CA GLY K 807 -0.12 -52.37 -14.34
C GLY K 807 -0.48 -52.09 -12.89
N ILE K 808 0.01 -50.99 -12.34
CA ILE K 808 -0.31 -50.65 -10.95
C ILE K 808 -1.80 -50.27 -10.87
N LEU K 809 -2.25 -49.46 -11.82
CA LEU K 809 -3.63 -49.05 -11.87
C LEU K 809 -4.53 -50.28 -12.04
N THR K 810 -4.05 -51.28 -12.77
CA THR K 810 -4.83 -52.49 -12.97
C THR K 810 -4.97 -53.20 -11.63
N TYR K 811 -3.89 -53.20 -10.86
CA TYR K 811 -3.92 -53.85 -9.57
C TYR K 811 -4.88 -53.09 -8.63
N ASN K 812 -4.77 -51.77 -8.64
CA ASN K 812 -5.61 -50.91 -7.81
C ASN K 812 -7.10 -51.11 -8.07
N ARG K 813 -7.48 -51.32 -9.33
CA ARG K 813 -8.89 -51.56 -9.62
C ARG K 813 -9.24 -52.93 -9.09
N ALA K 814 -8.41 -53.92 -9.39
CA ALA K 814 -8.66 -55.28 -8.93
C ALA K 814 -8.79 -55.37 -7.41
N ILE K 815 -8.18 -54.45 -6.67
CA ILE K 815 -8.27 -54.50 -5.22
C ILE K 815 -9.09 -53.35 -4.65
N LYS K 816 -9.74 -52.60 -5.53
CA LYS K 816 -10.59 -51.49 -5.09
C LYS K 816 -11.61 -52.05 -4.11
N GLY K 817 -11.66 -51.48 -2.91
CA GLY K 817 -12.61 -51.96 -1.92
C GLY K 817 -11.99 -52.68 -0.73
N ASN K 818 -11.19 -53.71 -0.97
CA ASN K 818 -10.58 -54.45 0.13
C ASN K 818 -9.44 -53.66 0.81
N ILE K 819 -9.71 -53.20 2.02
CA ILE K 819 -8.76 -52.38 2.77
C ILE K 819 -7.55 -53.15 3.27
N ASP K 820 -7.74 -54.43 3.55
CA ASP K 820 -6.65 -55.28 4.03
C ASP K 820 -5.67 -55.62 2.90
N ALA K 821 -6.00 -55.22 1.68
CA ALA K 821 -5.16 -55.48 0.52
C ALA K 821 -3.97 -54.56 0.55
N PRO K 822 -2.75 -55.10 0.36
CA PRO K 822 -1.51 -54.31 0.36
C PRO K 822 -1.47 -53.26 -0.75
N GLN K 823 -1.17 -52.03 -0.38
CA GLN K 823 -1.13 -50.93 -1.34
C GLN K 823 0.26 -50.68 -1.90
N VAL K 824 0.30 -50.24 -3.16
CA VAL K 824 1.55 -49.93 -3.82
C VAL K 824 1.97 -48.52 -3.43
N VAL K 825 2.99 -48.40 -2.59
CA VAL K 825 3.43 -47.07 -2.18
C VAL K 825 4.23 -46.31 -3.25
N GLU K 826 3.83 -45.06 -3.45
CA GLU K 826 4.47 -44.17 -4.41
C GLU K 826 5.93 -44.10 -4.01
N GLY K 827 6.80 -44.13 -5.02
CA GLY K 827 8.23 -44.08 -4.74
C GLY K 827 8.86 -45.44 -4.50
N GLU K 828 8.05 -46.49 -4.39
CA GLU K 828 8.60 -47.81 -4.14
C GLU K 828 8.66 -48.67 -5.39
N LYS K 829 8.97 -49.96 -5.23
CA LYS K 829 9.09 -50.84 -6.38
C LYS K 829 7.97 -51.86 -6.52
N VAL K 830 7.74 -52.32 -7.74
CA VAL K 830 6.70 -53.28 -7.98
C VAL K 830 7.14 -54.40 -8.94
N TYR K 831 6.56 -55.58 -8.75
CA TYR K 831 6.81 -56.70 -9.62
C TYR K 831 5.85 -56.39 -10.74
N VAL K 832 6.13 -56.84 -11.96
CA VAL K 832 5.25 -56.54 -13.07
C VAL K 832 5.14 -57.74 -13.97
N LEU K 833 3.91 -58.04 -14.36
CA LEU K 833 3.66 -59.17 -15.23
C LEU K 833 2.67 -58.83 -16.31
N PRO K 834 2.85 -59.39 -17.49
CA PRO K 834 1.93 -59.13 -18.61
C PRO K 834 0.74 -60.09 -18.53
N LEU K 835 -0.44 -59.60 -18.90
CA LEU K 835 -1.69 -60.39 -18.90
C LEU K 835 -2.19 -60.73 -20.28
N ARG K 836 -2.71 -61.94 -20.48
CA ARG K 836 -3.23 -62.29 -21.80
C ARG K 836 -4.52 -61.51 -22.03
N GLU K 837 -4.73 -61.07 -23.26
CA GLU K 837 -5.92 -60.30 -23.56
C GLU K 837 -7.18 -61.12 -23.34
N GLY K 838 -8.23 -60.43 -22.89
CA GLY K 838 -9.49 -61.09 -22.61
C GLY K 838 -9.54 -61.46 -21.14
N ASN K 839 -8.58 -60.95 -20.39
CA ASN K 839 -8.49 -61.27 -18.97
C ASN K 839 -9.43 -60.43 -18.12
N PRO K 840 -9.83 -60.96 -16.95
CA PRO K 840 -10.74 -60.32 -15.99
C PRO K 840 -10.22 -59.06 -15.34
N PHE K 841 -9.00 -58.66 -15.67
CA PHE K 841 -8.44 -57.45 -15.05
C PHE K 841 -8.58 -56.20 -15.90
N GLY K 842 -8.89 -56.40 -17.18
CA GLY K 842 -9.08 -55.26 -18.05
C GLY K 842 -7.85 -54.58 -18.63
N ASP K 843 -6.71 -55.24 -18.65
CA ASP K 843 -5.54 -54.61 -19.24
C ASP K 843 -4.47 -55.62 -19.60
N LYS K 844 -3.39 -55.14 -20.20
CA LYS K 844 -2.32 -56.03 -20.65
C LYS K 844 -1.23 -56.35 -19.62
N CYS K 845 -1.39 -55.85 -18.40
CA CYS K 845 -0.40 -56.12 -17.37
C CYS K 845 -0.92 -55.71 -16.02
N ILE K 846 -0.32 -56.26 -14.97
CA ILE K 846 -0.69 -55.96 -13.59
C ILE K 846 0.62 -55.82 -12.80
N ALA K 847 0.57 -55.19 -11.64
CA ALA K 847 1.77 -55.00 -10.85
C ALA K 847 1.49 -54.93 -9.36
N TRP K 848 2.35 -55.52 -8.55
CA TRP K 848 2.11 -55.47 -7.12
C TRP K 848 3.36 -55.11 -6.36
N PRO K 849 3.22 -54.74 -5.06
CA PRO K 849 4.40 -54.37 -4.26
C PRO K 849 5.49 -55.42 -4.43
N SER K 850 6.70 -54.98 -4.74
CA SER K 850 7.81 -55.92 -4.91
C SER K 850 8.22 -56.43 -3.55
N GLY K 851 8.86 -57.60 -3.56
CA GLY K 851 9.32 -58.20 -2.33
C GLY K 851 8.23 -58.96 -1.63
N THR K 852 7.13 -59.22 -2.33
CA THR K 852 6.01 -59.94 -1.72
C THR K 852 5.26 -60.87 -2.65
N GLU K 853 4.43 -61.70 -2.03
CA GLU K 853 3.58 -62.64 -2.76
C GLU K 853 2.34 -61.79 -3.07
N ILE K 854 1.78 -61.97 -4.26
CA ILE K 854 0.59 -61.21 -4.63
C ILE K 854 -0.62 -61.70 -3.82
N THR K 855 -1.40 -60.77 -3.29
CA THR K 855 -2.58 -61.10 -2.48
C THR K 855 -3.42 -62.27 -3.01
N ASP K 856 -3.97 -63.05 -2.08
CA ASP K 856 -4.78 -64.22 -2.45
C ASP K 856 -6.06 -63.88 -3.19
N LEU K 857 -6.50 -62.64 -3.04
CA LEU K 857 -7.70 -62.18 -3.72
C LEU K 857 -7.57 -62.44 -5.20
N ILE K 858 -6.51 -61.90 -5.79
CA ILE K 858 -6.30 -62.04 -7.23
C ILE K 858 -5.20 -63.01 -7.70
N LYS K 859 -4.53 -63.66 -6.75
CA LYS K 859 -3.43 -64.56 -7.05
C LYS K 859 -3.70 -65.61 -8.11
N ASP K 860 -4.71 -66.45 -7.89
CA ASP K 860 -4.99 -67.49 -8.86
C ASP K 860 -5.33 -66.97 -10.26
N ASP K 861 -6.04 -65.85 -10.32
CA ASP K 861 -6.39 -65.28 -11.62
C ASP K 861 -5.11 -64.80 -12.29
N VAL K 862 -4.29 -64.09 -11.54
CA VAL K 862 -3.04 -63.60 -12.08
C VAL K 862 -2.23 -64.79 -12.61
N LEU K 863 -2.12 -65.87 -11.85
CA LEU K 863 -1.35 -67.00 -12.31
C LEU K 863 -1.96 -67.59 -13.57
N HIS K 864 -3.30 -67.55 -13.66
CA HIS K 864 -4.02 -68.10 -14.81
C HIS K 864 -3.95 -67.24 -16.06
N TRP K 865 -3.84 -65.93 -15.90
CA TRP K 865 -3.82 -65.05 -17.04
C TRP K 865 -2.48 -64.50 -17.49
N ASP K 867 0.77 -63.75 -19.22
CA ASP K 867 1.18 -64.11 -20.57
C ASP K 867 2.65 -64.56 -20.64
N TYR K 868 2.88 -65.86 -20.49
CA TYR K 868 4.24 -66.42 -20.56
C TYR K 868 4.95 -66.00 -21.84
N THR K 869 4.33 -66.26 -23.00
CA THR K 869 4.91 -65.93 -24.30
C THR K 869 5.41 -64.50 -24.37
N VAL K 870 4.56 -63.55 -24.00
CA VAL K 870 4.99 -62.16 -24.05
C VAL K 870 6.06 -61.89 -23.01
N LEU K 871 5.97 -62.54 -21.86
CA LEU K 871 6.94 -62.33 -20.81
C LEU K 871 8.32 -62.87 -21.22
N LEU K 872 8.34 -64.08 -21.76
CA LEU K 872 9.58 -64.71 -22.20
C LEU K 872 10.21 -63.94 -23.35
N GLU K 873 9.37 -63.30 -24.17
CA GLU K 873 9.85 -62.54 -25.31
C GLU K 873 10.48 -61.22 -24.89
N LYS K 874 9.80 -60.51 -24.02
CA LYS K 874 10.28 -59.21 -23.56
C LYS K 874 11.49 -59.22 -22.64
N THR K 875 11.59 -60.24 -21.79
CA THR K 875 12.69 -60.34 -20.83
C THR K 875 13.90 -61.21 -21.21
N PHE K 876 13.68 -62.26 -22.00
CA PHE K 876 14.77 -63.18 -22.32
C PHE K 876 15.21 -63.18 -23.78
N ILE K 877 14.25 -63.37 -24.68
CA ILE K 877 14.59 -63.43 -26.09
C ILE K 877 15.03 -62.09 -26.67
N LYS K 878 14.32 -61.04 -26.33
CA LYS K 878 14.68 -59.73 -26.88
C LYS K 878 16.13 -59.41 -26.57
N PRO K 879 16.52 -59.50 -25.30
CA PRO K 879 17.92 -59.18 -25.00
C PRO K 879 18.95 -60.19 -25.53
N LEU K 880 18.61 -61.47 -25.57
CA LEU K 880 19.52 -62.47 -26.08
C LEU K 880 19.81 -62.16 -27.56
N GLU K 881 18.77 -61.79 -28.31
CA GLU K 881 18.93 -61.45 -29.74
C GLU K 881 19.92 -60.29 -29.84
N GLY K 882 19.85 -59.40 -28.87
CA GLY K 882 20.76 -58.26 -28.87
C GLY K 882 22.19 -58.74 -28.77
N PHE K 883 22.46 -59.66 -27.84
CA PHE K 883 23.80 -60.19 -27.65
C PHE K 883 24.32 -60.95 -28.86
N THR K 884 23.56 -61.94 -29.27
CA THR K 884 23.94 -62.80 -30.39
C THR K 884 24.16 -62.06 -31.71
N SER K 885 23.29 -61.11 -32.03
CA SER K 885 23.42 -60.39 -33.28
C SER K 885 24.72 -59.59 -33.27
N ALA K 886 25.00 -58.94 -32.14
CA ALA K 886 26.23 -58.19 -31.97
C ALA K 886 27.45 -59.14 -32.04
N ALA K 887 27.32 -60.33 -31.43
CA ALA K 887 28.39 -61.33 -31.41
C ALA K 887 28.40 -62.15 -32.67
N LYS K 888 27.42 -61.88 -33.53
CA LYS K 888 27.28 -62.59 -34.80
C LYS K 888 27.11 -64.09 -34.62
N LEU K 889 26.29 -64.50 -33.66
CA LEU K 889 26.02 -65.93 -33.40
C LEU K 889 24.53 -66.18 -33.54
N ASP K 890 24.13 -67.45 -33.52
CA ASP K 890 22.70 -67.77 -33.62
C ASP K 890 22.24 -68.57 -32.41
N TYR K 891 21.13 -68.16 -31.81
CA TYR K 891 20.64 -68.89 -30.65
C TYR K 891 19.68 -70.01 -31.05
N GLU K 892 19.45 -70.14 -32.35
CA GLU K 892 18.62 -71.23 -32.86
C GLU K 892 19.31 -71.75 -34.11
N LYS K 893 19.54 -73.06 -34.16
CA LYS K 893 20.21 -73.67 -35.30
C LYS K 893 19.61 -73.20 -36.62
N LYS K 894 20.47 -72.83 -37.54
CA LYS K 894 20.03 -72.38 -38.86
C LYS K 894 20.27 -73.43 -39.93
N ALA K 895 19.42 -73.45 -40.94
CA ALA K 895 19.53 -74.41 -42.04
C ALA K 895 20.87 -74.32 -42.76
N SER K 896 21.34 -75.44 -43.26
CA SER K 896 22.61 -75.51 -43.97
C SER K 896 22.72 -76.79 -44.79
N LEU K 897 23.63 -76.82 -45.75
CA LEU K 897 23.79 -78.01 -46.56
C LEU K 897 24.62 -79.05 -45.81
N PHE K 898 24.12 -79.47 -44.64
CA PHE K 898 24.81 -80.46 -43.82
C PHE K 898 24.26 -81.87 -44.05
N ASP K 899 24.79 -82.54 -45.08
CA ASP K 899 24.40 -83.90 -45.44
C ASP K 899 24.90 -84.24 -46.85
N LYS L 2 8.91 37.56 75.81
CA LYS L 2 8.32 38.75 75.19
C LYS L 2 6.83 38.51 75.05
N GLU L 3 6.03 39.34 75.73
CA GLU L 3 4.57 39.18 75.64
C GLU L 3 4.05 39.59 74.27
N PHE L 4 3.10 38.81 73.76
CA PHE L 4 2.49 39.06 72.47
C PHE L 4 0.98 39.23 72.61
N TYR L 5 0.42 40.17 71.85
CA TYR L 5 -1.01 40.45 71.90
C TYR L 5 -1.79 39.30 71.30
N LEU L 6 -3.11 39.36 71.47
CA LEU L 6 -4.00 38.33 70.94
C LEU L 6 -5.06 39.00 70.08
N THR L 7 -5.83 39.88 70.70
CA THR L 7 -6.89 40.58 69.98
C THR L 7 -6.97 42.03 70.43
N VAL L 8 -7.38 42.90 69.50
CA VAL L 8 -7.52 44.31 69.80
C VAL L 8 -8.72 44.87 69.06
N GLU L 9 -9.53 45.64 69.76
CA GLU L 9 -10.72 46.24 69.20
C GLU L 9 -10.91 47.63 69.80
N GLN L 10 -11.16 48.62 68.94
CA GLN L 10 -11.39 49.99 69.40
C GLN L 10 -12.89 50.17 69.65
N ILE L 11 -13.30 49.98 70.90
CA ILE L 11 -14.71 50.13 71.24
C ILE L 11 -14.97 51.54 71.77
N GLY L 12 -15.67 52.34 70.96
CA GLY L 12 -15.96 53.71 71.35
C GLY L 12 -14.69 54.53 71.40
N ASP L 13 -14.54 55.32 72.46
CA ASP L 13 -13.35 56.15 72.63
C ASP L 13 -12.32 55.45 73.50
N SER L 14 -12.39 54.13 73.53
CA SER L 14 -11.44 53.34 74.32
C SER L 14 -11.12 52.07 73.55
N ILE L 15 -10.16 51.30 74.03
CA ILE L 15 -9.77 50.06 73.36
C ILE L 15 -9.49 48.91 74.32
N PHE L 16 -10.04 47.74 74.01
CA PHE L 16 -9.86 46.56 74.83
C PHE L 16 -8.92 45.56 74.14
N GLU L 17 -7.95 45.06 74.89
CA GLU L 17 -6.98 44.11 74.35
C GLU L 17 -6.79 42.84 75.18
N ARG L 18 -6.74 41.71 74.49
CA ARG L 18 -6.52 40.43 75.15
C ARG L 18 -5.10 40.02 74.77
N TYR L 19 -4.34 39.51 75.73
CA TYR L 19 -2.97 39.13 75.44
C TYR L 19 -2.36 38.09 76.38
N ILE L 20 -1.13 37.74 76.09
CA ILE L 20 -0.35 36.77 76.86
C ILE L 20 0.81 37.53 77.48
N ASP L 21 0.77 37.74 78.80
CA ASP L 21 1.83 38.47 79.46
C ASP L 21 3.17 37.79 79.38
N SER L 22 4.20 38.47 79.88
CA SER L 22 5.57 37.95 79.86
C SER L 22 5.67 36.59 80.55
N ASN L 23 4.62 36.22 81.28
CA ASN L 23 4.59 34.95 81.98
C ASN L 23 3.85 33.88 81.19
N GLY L 24 2.73 34.27 80.58
CA GLY L 24 1.94 33.34 79.81
C GLY L 24 0.46 33.42 80.12
N ARG L 25 0.12 34.21 81.14
CA ARG L 25 -1.27 34.37 81.54
C ARG L 25 -2.03 35.20 80.52
N GLU L 26 -3.24 34.75 80.17
CA GLU L 26 -4.08 35.45 79.20
C GLU L 26 -4.80 36.60 79.89
N ARG L 27 -4.10 37.70 80.05
CA ARG L 27 -4.65 38.88 80.70
C ARG L 27 -5.46 39.72 79.71
N THR L 28 -6.37 40.53 80.24
CA THR L 28 -7.21 41.40 79.43
C THR L 28 -7.19 42.79 80.04
N ARG L 29 -6.79 43.79 79.26
CA ARG L 29 -6.72 45.15 79.76
C ARG L 29 -7.42 46.17 78.88
N GLU L 30 -7.83 47.28 79.48
CA GLU L 30 -8.50 48.35 78.77
C GLU L 30 -7.65 49.60 78.90
N VAL L 31 -7.16 50.13 77.78
CA VAL L 31 -6.32 51.32 77.82
C VAL L 31 -6.91 52.46 76.98
N GLU L 32 -6.74 53.69 77.47
CA GLU L 32 -7.22 54.88 76.78
C GLU L 32 -6.00 55.39 75.99
N TYR L 33 -5.59 54.60 74.99
CA TYR L 33 -4.43 54.89 74.15
C TYR L 33 -4.11 56.35 73.90
N LYS L 34 -5.09 57.10 73.38
CA LYS L 34 -4.88 58.51 73.06
C LYS L 34 -3.90 58.54 71.90
N PRO L 35 -4.43 58.39 70.67
CA PRO L 35 -3.63 58.38 69.43
C PRO L 35 -2.83 59.65 69.20
N SER L 36 -2.20 59.71 68.04
CA SER L 36 -1.39 60.84 67.64
C SER L 36 -1.35 60.88 66.12
N LEU L 37 -1.67 62.02 65.54
CA LEU L 37 -1.64 62.17 64.08
C LEU L 37 -0.68 63.26 63.68
N PHE L 38 -0.53 63.48 62.38
CA PHE L 38 0.41 64.50 61.90
C PHE L 38 -0.21 65.42 60.86
N ALA L 39 0.41 66.58 60.68
CA ALA L 39 -0.03 67.56 59.70
C ALA L 39 1.19 68.32 59.22
N HIS L 40 1.18 68.71 57.96
CA HIS L 40 2.31 69.45 57.39
C HIS L 40 2.56 70.71 58.18
N CYS L 41 3.80 71.17 58.16
CA CYS L 41 4.17 72.38 58.89
C CYS L 41 5.19 73.18 58.08
N PRO L 42 5.41 74.44 58.46
CA PRO L 42 6.37 75.30 57.75
C PRO L 42 7.80 74.78 57.89
N GLU L 43 8.68 75.33 57.07
CA GLU L 43 10.09 74.94 57.07
C GLU L 43 10.75 75.33 58.38
N SER L 44 10.09 76.19 59.14
CA SER L 44 10.59 76.67 60.42
C SER L 44 10.68 75.54 61.44
N GLN L 45 10.03 75.75 62.59
CA GLN L 45 10.03 74.76 63.66
C GLN L 45 9.62 73.41 63.09
N ALA L 46 10.62 72.56 62.83
CA ALA L 46 10.39 71.23 62.30
C ALA L 46 10.97 70.21 63.28
N THR L 47 10.24 69.12 63.50
CA THR L 47 10.70 68.10 64.42
C THR L 47 11.51 67.04 63.70
N LYS L 48 11.41 65.80 64.18
CA LYS L 48 12.12 64.68 63.58
C LYS L 48 11.17 63.92 62.67
N TYR L 49 10.07 64.58 62.29
CA TYR L 49 9.07 63.97 61.44
C TYR L 49 8.98 64.54 60.03
N PHE L 50 9.00 63.67 59.03
CA PHE L 50 8.89 64.08 57.63
C PHE L 50 8.03 63.03 56.91
N ASP L 51 7.46 63.41 55.76
CA ASP L 51 6.63 62.49 54.99
C ASP L 51 7.48 61.82 53.91
N ILE L 52 6.90 60.86 53.18
CA ILE L 52 7.66 60.15 52.16
C ILE L 52 8.26 61.06 51.09
N TYR L 53 7.99 62.36 51.19
CA TYR L 53 8.54 63.30 50.22
C TYR L 53 9.58 64.21 50.86
N GLY L 54 9.68 64.13 52.18
CA GLY L 54 10.64 64.95 52.88
C GLY L 54 10.03 66.11 53.64
N LYS L 55 8.87 66.57 53.18
CA LYS L 55 8.18 67.68 53.82
C LYS L 55 8.06 67.45 55.33
N PRO L 56 8.44 68.44 56.15
CA PRO L 56 8.36 68.33 57.61
C PRO L 56 6.92 68.32 58.12
N CYS L 57 6.69 67.58 59.20
CA CYS L 57 5.36 67.46 59.78
C CYS L 57 5.38 67.67 61.29
N THR L 58 4.19 67.87 61.86
CA THR L 58 4.06 68.08 63.30
C THR L 58 3.11 67.08 63.96
N ARG L 59 3.64 66.37 64.95
CA ARG L 59 2.92 65.36 65.69
C ARG L 59 1.87 65.97 66.61
N LYS L 60 0.61 65.70 66.33
CA LYS L 60 -0.49 66.21 67.14
C LYS L 60 -1.02 65.09 68.06
N LEU L 61 -1.03 65.35 69.36
CA LEU L 61 -1.51 64.37 70.33
C LEU L 61 -2.94 64.74 70.73
N PHE L 62 -3.79 63.73 70.90
CA PHE L 62 -5.19 63.99 71.27
C PHE L 62 -5.58 63.38 72.62
N ALA L 63 -6.57 64.00 73.27
CA ALA L 63 -7.04 63.55 74.58
C ALA L 63 -7.55 62.11 74.53
N ASN L 64 -8.72 61.93 73.91
CA ASN L 64 -9.32 60.60 73.78
C ASN L 64 -8.96 59.99 72.44
N ARG L 66 -11.91 59.79 69.89
CA ARG L 66 -12.98 60.28 69.02
C ARG L 66 -12.64 61.68 68.53
N ASP L 67 -12.09 62.49 69.44
CA ASP L 67 -11.70 63.85 69.12
C ASP L 67 -10.67 63.77 68.00
N ALA L 68 -9.80 62.77 68.10
CA ALA L 68 -8.76 62.55 67.10
C ALA L 68 -9.45 62.14 65.80
N SER L 69 -10.52 61.37 65.92
CA SER L 69 -11.28 60.90 64.78
C SER L 69 -12.01 62.08 64.14
N GLN L 70 -12.57 62.95 64.98
CA GLN L 70 -13.28 64.13 64.51
C GLN L 70 -12.28 65.01 63.78
N TRP L 71 -11.08 65.14 64.36
CA TRP L 71 -10.02 65.95 63.78
C TRP L 71 -9.80 65.64 62.30
N ILE L 72 -9.58 64.37 61.99
CA ILE L 72 -9.37 63.94 60.62
C ILE L 72 -10.53 64.38 59.73
N LYS L 73 -11.75 64.32 60.27
CA LYS L 73 -12.93 64.72 59.51
C LYS L 73 -12.83 66.19 59.15
N ARG L 74 -12.61 67.03 60.16
CA ARG L 74 -12.49 68.47 59.97
C ARG L 74 -11.39 68.77 58.95
N GLU L 76 -9.89 67.05 56.75
CA GLU L 76 -10.20 66.61 55.40
C GLU L 76 -11.20 67.51 54.71
N ASP L 77 -12.17 68.02 55.45
CA ASP L 77 -13.16 68.91 54.86
C ASP L 77 -12.49 70.18 54.35
N ILE L 78 -11.60 70.72 55.18
CA ILE L 78 -10.85 71.93 54.83
C ILE L 78 -10.01 71.71 53.58
N GLY L 79 -9.44 70.51 53.47
CA GLY L 79 -8.61 70.19 52.32
C GLY L 79 -7.21 69.83 52.77
N LEU L 80 -6.90 70.16 54.02
CA LEU L 80 -5.60 69.86 54.59
C LEU L 80 -5.35 68.35 54.69
N GLU L 81 -4.25 67.90 54.10
CA GLU L 81 -3.89 66.49 54.11
C GLU L 81 -3.58 66.00 55.54
N ALA L 82 -4.47 65.20 56.10
CA ALA L 82 -4.30 64.66 57.45
C ALA L 82 -3.44 63.39 57.38
N LEU L 83 -2.19 63.51 57.81
CA LEU L 83 -1.25 62.40 57.76
C LEU L 83 -1.27 61.54 59.01
N GLY L 84 -0.74 60.33 58.89
CA GLY L 84 -0.68 59.41 60.02
C GLY L 84 -1.65 58.25 59.94
N ASP L 86 -4.57 56.21 60.53
CA ASP L 86 -5.92 56.48 60.99
C ASP L 86 -6.62 55.28 61.63
N ASP L 87 -6.13 54.08 61.36
CA ASP L 87 -6.70 52.88 61.95
C ASP L 87 -5.99 52.78 63.29
N PHE L 88 -6.53 53.47 64.29
CA PHE L 88 -5.94 53.51 65.62
C PHE L 88 -5.56 52.17 66.24
N LYS L 89 -6.29 51.12 65.88
CA LYS L 89 -6.00 49.79 66.40
C LYS L 89 -4.54 49.44 66.10
N LEU L 90 -4.17 49.61 64.83
CA LEU L 90 -2.82 49.35 64.36
C LEU L 90 -1.79 50.23 65.05
N ALA L 91 -2.11 51.52 65.16
CA ALA L 91 -1.22 52.48 65.81
C ALA L 91 -0.90 52.02 67.22
N TYR L 92 -1.92 51.59 67.94
CA TYR L 92 -1.72 51.12 69.31
C TYR L 92 -0.83 49.88 69.32
N LEU L 93 -1.23 48.87 68.57
CA LEU L 93 -0.48 47.62 68.50
C LEU L 93 1.00 47.86 68.23
N SER L 94 1.29 48.83 67.36
CA SER L 94 2.68 49.15 67.01
C SER L 94 3.47 49.78 68.15
N ASP L 95 2.76 50.48 69.04
CA ASP L 95 3.41 51.11 70.18
C ASP L 95 3.55 50.10 71.32
N THR L 96 2.46 49.42 71.60
CA THR L 96 2.40 48.41 72.66
C THR L 96 3.42 47.30 72.43
N TYR L 97 3.66 46.98 71.16
CA TYR L 97 4.62 45.96 70.80
C TYR L 97 5.62 46.45 69.76
N ASN L 98 6.40 47.46 70.14
CA ASN L 98 7.40 48.03 69.25
C ASN L 98 8.60 47.10 69.18
N TYR L 99 8.37 45.91 68.62
CA TYR L 99 9.44 44.93 68.48
C TYR L 99 8.95 43.71 67.71
N GLU L 100 9.89 42.82 67.38
CA GLU L 100 9.55 41.62 66.63
C GLU L 100 8.75 40.68 67.52
N ILE L 101 7.51 40.46 67.12
CA ILE L 101 6.59 39.61 67.86
C ILE L 101 6.92 38.13 67.73
N LYS L 102 6.98 37.45 68.86
CA LYS L 102 7.25 36.02 68.92
C LYS L 102 6.10 35.42 69.70
N TYR L 103 5.47 34.39 69.14
CA TYR L 103 4.33 33.75 69.78
C TYR L 103 4.42 32.23 69.80
N ASP L 104 3.61 31.61 70.66
CA ASP L 104 3.58 30.15 70.76
C ASP L 104 2.12 29.69 70.68
N HIS L 105 1.82 28.85 69.70
CA HIS L 105 0.47 28.34 69.49
C HIS L 105 -0.10 27.68 70.74
N THR L 106 0.77 27.34 71.69
CA THR L 106 0.38 26.68 72.93
C THR L 106 -0.21 27.62 73.98
N LYS L 107 -0.32 28.90 73.64
CA LYS L 107 -0.86 29.88 74.55
C LYS L 107 -2.12 30.54 73.98
N ILE L 108 -2.41 30.24 72.72
CA ILE L 108 -3.58 30.81 72.06
C ILE L 108 -4.71 29.79 71.89
N ARG L 109 -5.94 30.23 72.13
CA ARG L 109 -7.11 29.37 72.03
C ARG L 109 -7.70 29.27 70.62
N VAL L 110 -7.42 28.17 69.95
CA VAL L 110 -7.92 27.94 68.60
C VAL L 110 -9.15 27.04 68.68
N ALA L 111 -10.25 27.59 69.19
CA ALA L 111 -11.49 26.82 69.34
C ALA L 111 -12.39 26.84 68.10
N ASN L 112 -12.44 25.72 67.38
CA ASN L 112 -13.27 25.60 66.19
C ASN L 112 -14.47 24.71 66.51
N PHE L 113 -15.65 25.09 66.04
CA PHE L 113 -16.86 24.32 66.29
C PHE L 113 -17.86 24.39 65.15
N ASP L 114 -19.05 23.86 65.41
CA ASP L 114 -20.16 23.84 64.44
C ASP L 114 -21.43 23.36 65.12
N ILE L 115 -22.56 23.94 64.74
CA ILE L 115 -23.85 23.57 65.33
C ILE L 115 -24.78 22.82 64.39
N GLU L 116 -25.79 22.17 64.98
CA GLU L 116 -26.77 21.40 64.23
C GLU L 116 -28.16 21.68 64.82
N VAL L 117 -29.18 21.66 63.98
CA VAL L 117 -30.55 21.88 64.43
C VAL L 117 -31.51 20.98 63.67
N THR L 118 -32.37 20.31 64.43
CA THR L 118 -33.36 19.40 63.86
C THR L 118 -34.50 20.19 63.22
N SER L 119 -34.22 20.81 62.07
CA SER L 119 -35.22 21.59 61.37
C SER L 119 -35.87 20.78 60.25
N PRO L 120 -37.21 20.62 60.29
CA PRO L 120 -37.93 19.86 59.27
C PRO L 120 -37.68 20.38 57.86
N ASP L 121 -37.65 19.48 56.88
CA ASP L 121 -37.41 19.85 55.49
C ASP L 121 -36.14 20.69 55.31
N GLY L 122 -35.22 20.54 56.25
CA GLY L 122 -33.96 21.27 56.20
C GLY L 122 -34.06 22.74 55.88
N PHE L 123 -33.23 23.19 54.94
CA PHE L 123 -33.22 24.59 54.51
C PHE L 123 -33.21 25.50 55.74
N PRO L 124 -32.06 25.55 56.45
CA PRO L 124 -31.88 26.36 57.66
C PRO L 124 -31.76 27.86 57.40
N GLU L 125 -32.20 28.65 58.38
CA GLU L 125 -32.15 30.11 58.28
C GLU L 125 -31.77 30.75 59.61
N PRO L 126 -30.49 31.13 59.77
CA PRO L 126 -29.98 31.75 61.00
C PRO L 126 -30.52 33.16 61.22
N SER L 127 -31.17 33.71 60.20
CA SER L 127 -31.73 35.06 60.29
C SER L 127 -32.90 35.09 61.28
N GLN L 128 -34.11 34.90 60.76
CA GLN L 128 -35.30 34.90 61.61
C GLN L 128 -35.41 33.55 62.28
N ALA L 129 -34.26 32.94 62.56
CA ALA L 129 -34.21 31.63 63.20
C ALA L 129 -34.95 31.59 64.54
N LYS L 130 -35.72 30.53 64.75
CA LYS L 130 -36.50 30.37 65.98
C LYS L 130 -36.33 28.96 66.56
N HIS L 131 -36.09 27.98 65.69
CA HIS L 131 -35.91 26.60 66.14
C HIS L 131 -34.76 26.48 67.14
N PRO L 132 -34.96 25.68 68.20
CA PRO L 132 -33.92 25.48 69.22
C PRO L 132 -32.83 24.55 68.70
N ILE L 133 -31.60 24.80 69.10
CA ILE L 133 -30.48 23.97 68.65
C ILE L 133 -30.37 22.73 69.52
N ASP L 134 -29.60 21.75 69.07
CA ASP L 134 -29.39 20.52 69.82
C ASP L 134 -27.91 20.10 69.82
N ALA L 135 -27.38 19.71 68.66
CA ALA L 135 -26.00 19.28 68.55
C ALA L 135 -25.05 20.50 68.48
N ILE L 136 -23.98 20.45 69.25
CA ILE L 136 -23.01 21.54 69.30
C ILE L 136 -21.72 21.10 69.98
N THR L 137 -20.60 21.23 69.27
CA THR L 137 -19.30 20.85 69.80
C THR L 137 -18.44 22.09 70.06
N HIS L 138 -17.19 21.88 70.49
CA HIS L 138 -16.27 22.98 70.79
C HIS L 138 -14.93 22.35 71.11
N TYR L 139 -14.02 22.36 70.15
CA TYR L 139 -12.72 21.74 70.35
C TYR L 139 -11.76 22.38 71.37
N ASP L 140 -11.49 23.68 71.23
CA ASP L 140 -10.57 24.36 72.14
C ASP L 140 -9.22 23.64 72.18
N SER L 141 -8.28 24.14 71.39
CA SER L 141 -6.94 23.57 71.27
C SER L 141 -6.18 23.36 72.58
N ILE L 142 -6.23 24.36 73.46
CA ILE L 142 -5.52 24.28 74.73
C ILE L 142 -5.90 23.06 75.58
N ASP L 143 -7.17 22.68 75.53
CA ASP L 143 -7.64 21.52 76.29
C ASP L 143 -7.47 20.23 75.51
N ASP L 144 -7.55 20.33 74.18
CA ASP L 144 -7.41 19.15 73.34
C ASP L 144 -8.55 18.20 73.71
N ARG L 145 -9.71 18.79 74.03
CA ARG L 145 -10.90 18.03 74.42
C ARG L 145 -12.15 18.56 73.72
N PHE L 146 -12.85 17.69 73.00
CA PHE L 146 -14.08 18.06 72.28
C PHE L 146 -15.29 18.11 73.21
N TYR L 147 -15.59 19.29 73.74
CA TYR L 147 -16.72 19.45 74.66
C TYR L 147 -18.06 19.41 73.92
N VAL L 148 -18.73 18.25 73.97
CA VAL L 148 -20.02 18.07 73.30
C VAL L 148 -21.22 18.42 74.16
N PHE L 149 -22.05 19.34 73.65
CA PHE L 149 -23.25 19.77 74.35
C PHE L 149 -24.48 19.20 73.67
N ASP L 150 -24.77 17.93 73.94
CA ASP L 150 -25.92 17.25 73.33
C ASP L 150 -27.17 17.28 74.21
N LEU L 151 -28.32 17.48 73.58
CA LEU L 151 -29.60 17.53 74.29
C LEU L 151 -30.75 17.77 73.31
N LEU L 152 -31.86 17.09 73.56
CA LEU L 152 -33.05 17.20 72.72
C LEU L 152 -34.29 16.65 73.42
N ASN L 153 -34.93 17.49 74.23
CA ASN L 153 -36.14 17.10 74.95
C ASN L 153 -37.34 17.79 74.31
N SER L 154 -37.09 18.94 73.67
CA SER L 154 -38.13 19.71 73.02
C SER L 154 -38.71 18.91 71.85
N PRO L 155 -39.77 19.43 71.20
CA PRO L 155 -40.40 18.74 70.07
C PRO L 155 -39.47 18.45 68.90
N TYR L 156 -40.05 18.32 67.71
CA TYR L 156 -39.29 18.04 66.49
C TYR L 156 -38.68 16.64 66.55
N GLY L 157 -38.56 16.10 67.76
CA GLY L 157 -37.99 14.77 67.92
C GLY L 157 -38.07 14.25 69.35
N ASN L 158 -37.12 14.67 70.18
CA ASN L 158 -37.05 14.25 71.58
C ASN L 158 -36.70 12.76 71.68
N VAL L 159 -35.43 12.48 71.93
CA VAL L 159 -34.95 11.09 72.05
C VAL L 159 -33.76 11.01 73.02
N GLU L 160 -33.78 9.99 73.87
CA GLU L 160 -32.72 9.79 74.84
C GLU L 160 -31.44 9.30 74.16
N GLU L 161 -30.30 9.54 74.80
CA GLU L 161 -29.01 9.14 74.24
C GLU L 161 -27.87 9.38 75.21
N TRP L 162 -26.81 8.58 75.08
CA TRP L 162 -25.63 8.68 75.94
C TRP L 162 -24.45 8.01 75.25
N SER L 163 -23.62 7.31 76.01
CA SER L 163 -22.46 6.61 75.44
C SER L 163 -21.84 5.60 76.40
N ILE L 164 -22.43 4.41 76.44
CA ILE L 164 -21.94 3.34 77.29
C ILE L 164 -20.51 3.01 76.85
N GLU L 165 -20.33 3.02 75.53
CA GLU L 165 -19.05 2.74 74.91
C GLU L 165 -19.25 2.84 73.40
N ILE L 166 -20.46 3.24 73.01
CA ILE L 166 -20.82 3.38 71.61
C ILE L 166 -20.03 4.52 70.97
N ALA L 167 -18.83 4.20 70.51
CA ALA L 167 -17.96 5.19 69.89
C ALA L 167 -17.20 4.55 68.74
N ALA L 168 -16.41 3.52 69.06
CA ALA L 168 -15.62 2.82 68.06
C ALA L 168 -16.49 1.75 67.41
N LYS L 169 -17.78 1.76 67.73
CA LYS L 169 -18.73 0.80 67.18
C LYS L 169 -18.89 1.01 65.67
N LEU L 170 -18.07 0.32 64.89
CA LEU L 170 -18.09 0.43 63.44
C LEU L 170 -19.37 -0.17 62.83
N GLN L 171 -19.21 -0.98 61.80
CA GLN L 171 -20.33 -1.62 61.14
C GLN L 171 -20.63 -2.94 61.84
N GLU L 172 -19.59 -3.59 62.33
CA GLU L 172 -19.74 -4.86 63.03
C GLU L 172 -20.69 -4.72 64.20
N GLN L 173 -20.87 -3.48 64.67
CA GLN L 173 -21.78 -3.19 65.77
C GLN L 173 -22.78 -2.14 65.32
N GLY L 174 -22.30 -0.92 65.11
CA GLY L 174 -23.16 0.16 64.68
C GLY L 174 -23.15 1.33 65.64
N GLY L 175 -22.85 2.52 65.12
CA GLY L 175 -22.82 3.72 65.96
C GLY L 175 -21.95 4.84 65.41
N ASP L 176 -20.66 4.56 65.28
CA ASP L 176 -19.70 5.53 64.75
C ASP L 176 -18.33 4.88 64.69
N GLU L 177 -17.51 5.30 63.73
CA GLU L 177 -16.17 4.76 63.56
C GLU L 177 -15.10 5.74 64.02
N VAL L 178 -15.47 6.61 64.95
CA VAL L 178 -14.53 7.61 65.49
C VAL L 178 -13.27 6.92 65.98
N PRO L 179 -12.15 7.07 65.25
CA PRO L 179 -10.88 6.44 65.63
C PRO L 179 -10.44 6.75 67.06
N SER L 180 -9.20 6.40 67.39
CA SER L 180 -8.66 6.63 68.71
C SER L 180 -8.02 8.02 68.80
N GLU L 181 -7.38 8.30 69.92
CA GLU L 181 -6.72 9.58 70.12
C GLU L 181 -7.75 10.69 70.02
N ILE L 182 -9.00 10.36 70.31
CA ILE L 182 -10.08 11.33 70.26
C ILE L 182 -11.24 10.85 71.13
N ILE L 183 -11.35 9.54 71.28
CA ILE L 183 -12.40 8.94 72.08
C ILE L 183 -12.21 9.33 73.55
N ASP L 184 -10.97 9.26 74.01
CA ASP L 184 -10.66 9.61 75.40
C ASP L 184 -10.41 11.12 75.51
N LYS L 185 -10.60 11.83 74.41
CA LYS L 185 -10.42 13.29 74.38
C LYS L 185 -11.77 13.98 74.32
N ILE L 186 -12.78 13.24 73.90
CA ILE L 186 -14.13 13.79 73.80
C ILE L 186 -14.85 13.69 75.12
N ILE L 187 -15.43 14.79 75.57
CA ILE L 187 -16.17 14.83 76.82
C ILE L 187 -17.65 15.05 76.53
N TYR L 188 -18.50 14.33 77.25
CA TYR L 188 -19.95 14.44 77.06
C TYR L 188 -20.63 15.05 78.27
N PRO L 190 -24.74 15.99 78.70
CA PRO L 190 -26.14 16.19 78.31
C PRO L 190 -26.92 17.02 79.32
N PHE L 191 -28.04 17.59 78.89
CA PHE L 191 -28.87 18.41 79.76
C PHE L 191 -30.31 17.94 79.71
N ASP L 192 -31.23 18.80 80.12
CA ASP L 192 -32.65 18.47 80.11
C ASP L 192 -33.43 19.29 79.09
N ASN L 193 -33.50 20.60 79.32
CA ASN L 193 -34.23 21.49 78.42
C ASN L 193 -33.30 22.17 77.41
N GLU L 194 -33.89 22.93 76.49
CA GLU L 194 -33.12 23.63 75.47
C GLU L 194 -32.48 24.87 76.05
N LYS L 195 -33.16 25.48 77.02
CA LYS L 195 -32.65 26.69 77.69
C LYS L 195 -31.55 26.34 78.67
N GLU L 196 -31.27 25.04 78.81
CA GLU L 196 -30.24 24.57 79.72
C GLU L 196 -28.86 24.71 79.08
N LEU L 197 -28.80 24.51 77.77
CA LEU L 197 -27.54 24.64 77.03
C LEU L 197 -27.22 26.12 76.86
N LEU L 198 -28.26 26.92 76.66
CA LEU L 198 -28.12 28.36 76.48
C LEU L 198 -27.65 29.05 77.76
N GLU L 200 -24.90 26.89 80.05
CA GLU L 200 -23.67 26.16 80.31
C GLU L 200 -22.62 26.53 79.27
N TYR L 201 -23.02 26.54 78.00
CA TYR L 201 -22.11 26.88 76.92
C TYR L 201 -21.60 28.31 77.09
N LEU L 202 -22.50 29.23 77.47
CA LEU L 202 -22.12 30.62 77.67
C LEU L 202 -21.16 30.72 78.84
N ASN L 203 -21.49 30.01 79.91
CA ASN L 203 -20.64 30.00 81.10
C ASN L 203 -19.37 29.24 80.74
N PHE L 204 -19.43 28.47 79.65
CA PHE L 204 -18.27 27.72 79.18
C PHE L 204 -17.37 28.66 78.39
N TRP L 205 -17.99 29.53 77.60
CA TRP L 205 -17.26 30.51 76.81
C TRP L 205 -16.56 31.49 77.76
N GLN L 206 -17.32 32.04 78.69
CA GLN L 206 -16.78 32.99 79.66
C GLN L 206 -15.55 32.38 80.34
N GLN L 207 -15.60 31.08 80.58
CA GLN L 207 -14.50 30.36 81.23
C GLN L 207 -13.32 30.21 80.28
N LYS L 208 -13.51 29.41 79.23
CA LYS L 208 -12.46 29.18 78.24
C LYS L 208 -12.79 29.92 76.94
N THR L 209 -12.74 31.25 76.98
CA THR L 209 -13.04 32.08 75.82
C THR L 209 -11.99 31.91 74.72
N PRO L 210 -12.43 31.65 73.48
CA PRO L 210 -11.56 31.46 72.32
C PRO L 210 -10.89 32.73 71.81
N VAL L 211 -9.67 32.58 71.32
CA VAL L 211 -8.90 33.71 70.79
C VAL L 211 -9.05 33.73 69.27
N ILE L 212 -9.36 32.58 68.70
CA ILE L 212 -9.55 32.44 67.26
C ILE L 212 -10.69 31.46 66.99
N LEU L 213 -11.87 31.99 66.72
CA LEU L 213 -13.02 31.15 66.45
C LEU L 213 -13.02 30.71 64.98
N THR L 214 -13.02 29.41 64.75
CA THR L 214 -13.03 28.89 63.38
C THR L 214 -13.99 27.71 63.23
N GLY L 215 -13.78 26.91 62.19
CA GLY L 215 -14.64 25.78 61.94
C GLY L 215 -14.94 25.74 60.46
N TRP L 216 -16.22 25.71 60.11
CA TRP L 216 -16.61 25.70 58.70
C TRP L 216 -17.94 26.41 58.48
N ASN L 217 -17.86 27.58 57.84
CA ASN L 217 -19.04 28.39 57.58
C ASN L 217 -19.70 28.71 58.91
N VAL L 218 -18.88 29.17 59.85
CA VAL L 218 -19.36 29.50 61.19
C VAL L 218 -19.83 30.94 61.32
N GLU L 219 -19.07 31.89 60.77
CA GLU L 219 -19.49 33.28 60.86
C GLU L 219 -20.53 33.59 59.80
N SER L 220 -21.09 32.53 59.22
CA SER L 220 -22.10 32.68 58.19
C SER L 220 -23.18 31.61 58.34
N PHE L 221 -23.35 31.10 59.56
CA PHE L 221 -24.34 30.07 59.81
C PHE L 221 -24.40 29.66 61.29
N ALA L 222 -23.29 29.15 61.80
CA ALA L 222 -23.20 28.69 63.19
C ALA L 222 -23.35 29.84 64.18
N ILE L 223 -22.49 30.85 64.03
CA ILE L 223 -22.51 32.02 64.91
C ILE L 223 -23.83 32.80 64.79
N PRO L 224 -24.23 33.12 63.55
CA PRO L 224 -25.48 33.88 63.36
C PRO L 224 -26.68 33.20 64.03
N TYR L 225 -26.61 31.87 64.18
CA TYR L 225 -27.70 31.11 64.78
C TYR L 225 -27.56 31.10 66.30
N VAL L 226 -26.40 30.64 66.79
CA VAL L 226 -26.16 30.57 68.22
C VAL L 226 -26.44 31.92 68.88
N TYR L 227 -26.34 32.99 68.11
CA TYR L 227 -26.58 34.33 68.63
C TYR L 227 -28.09 34.63 68.67
N ASN L 228 -28.73 34.57 67.51
CA ASN L 228 -30.16 34.83 67.41
C ASN L 228 -31.00 33.87 68.26
N ARG L 229 -30.35 32.87 68.84
CA ARG L 229 -31.05 31.91 69.68
C ARG L 229 -30.99 32.31 71.14
N ILE L 230 -29.95 33.04 71.52
CA ILE L 230 -29.78 33.50 72.90
C ILE L 230 -30.68 34.71 73.16
N LYS L 231 -30.78 35.59 72.16
CA LYS L 231 -31.63 36.77 72.28
C LYS L 231 -33.09 36.37 72.22
N ASN L 232 -33.42 35.46 71.30
CA ASN L 232 -34.79 34.98 71.15
C ASN L 232 -35.14 33.98 72.24
N ILE L 233 -34.45 34.08 73.37
CA ILE L 233 -34.70 33.20 74.52
C ILE L 233 -34.43 33.95 75.82
N PHE L 234 -33.45 34.84 75.79
CA PHE L 234 -33.10 35.62 76.97
C PHE L 234 -33.49 37.08 76.82
N GLY L 235 -33.02 37.71 75.74
CA GLY L 235 -33.35 39.11 75.51
C GLY L 235 -32.63 39.68 74.32
N GLU L 236 -31.76 40.65 74.57
CA GLU L 236 -30.99 41.30 73.52
C GLU L 236 -29.54 41.42 73.98
N SER L 237 -29.31 42.28 74.97
CA SER L 237 -27.97 42.48 75.51
C SER L 237 -27.55 41.27 76.34
N THR L 238 -28.44 40.30 76.42
CA THR L 238 -28.18 39.08 77.17
C THR L 238 -27.51 38.05 76.26
N ALA L 239 -27.23 38.44 75.03
CA ALA L 239 -26.61 37.56 74.06
C ALA L 239 -25.19 38.04 73.73
N LYS L 240 -24.66 38.92 74.57
CA LYS L 240 -23.33 39.47 74.37
C LYS L 240 -22.28 38.73 75.22
N ARG L 241 -22.68 37.58 75.77
CA ARG L 241 -21.77 36.77 76.59
C ARG L 241 -20.67 36.21 75.70
N LEU L 242 -21.00 36.05 74.42
CA LEU L 242 -20.06 35.53 73.43
C LEU L 242 -18.88 36.49 73.26
N SER L 243 -19.15 37.76 73.49
CA SER L 243 -18.14 38.80 73.38
C SER L 243 -17.45 39.05 74.72
N PRO L 244 -16.14 38.79 74.80
CA PRO L 244 -15.41 39.02 76.05
C PRO L 244 -15.46 40.49 76.46
N HIS L 245 -16.06 41.31 75.61
CA HIS L 245 -16.19 42.73 75.86
C HIS L 245 -17.67 43.11 75.95
N ARG L 246 -18.53 42.13 75.69
CA ARG L 246 -19.97 42.33 75.74
C ARG L 246 -20.39 43.34 74.68
N LYS L 247 -20.07 43.05 73.42
CA LYS L 247 -20.40 43.94 72.31
C LYS L 247 -20.35 43.20 70.98
N THR L 248 -21.33 43.48 70.12
CA THR L 248 -21.42 42.85 68.81
C THR L 248 -22.15 43.76 67.83
N ARG L 249 -21.98 43.50 66.54
CA ARG L 249 -22.63 44.30 65.50
C ARG L 249 -22.99 43.45 64.29
N VAL L 250 -24.26 43.53 63.88
CA VAL L 250 -24.76 42.77 62.74
C VAL L 250 -24.74 43.63 61.47
N LYS L 251 -23.92 43.23 60.49
CA LYS L 251 -23.81 43.96 59.24
C LYS L 251 -24.55 43.23 58.11
N VAL L 252 -25.88 43.32 58.12
CA VAL L 252 -26.72 42.66 57.13
C VAL L 252 -26.15 42.72 55.70
N ILE L 253 -26.05 41.55 55.08
CA ILE L 253 -25.52 41.46 53.74
C ILE L 253 -24.82 40.14 53.52
N GLU L 261 -26.04 37.69 56.55
CA GLU L 261 -26.09 38.63 57.67
C GLU L 261 -24.69 38.86 58.23
N ILE L 262 -24.06 37.79 58.72
CA ILE L 262 -22.72 37.86 59.30
C ILE L 262 -22.58 38.85 60.44
N ILE L 263 -22.61 38.33 61.67
CA ILE L 263 -22.51 39.14 62.88
C ILE L 263 -21.10 39.01 63.48
N THR L 264 -20.37 40.12 63.51
CA THR L 264 -19.02 40.13 64.05
C THR L 264 -19.04 40.36 65.56
N LEU L 265 -18.37 39.47 66.31
CA LEU L 265 -18.31 39.60 67.76
C LEU L 265 -17.49 40.83 68.18
N PHE L 266 -16.49 40.63 69.03
CA PHE L 266 -15.66 41.73 69.49
C PHE L 266 -14.52 41.21 70.35
N GLY L 267 -13.34 41.06 69.75
CA GLY L 267 -12.20 40.58 70.49
C GLY L 267 -12.03 39.07 70.42
N ILE L 268 -12.46 38.47 69.32
CA ILE L 268 -12.35 37.02 69.13
C ILE L 268 -11.64 36.70 67.80
N SER L 269 -11.80 37.59 66.83
CA SER L 269 -11.18 37.39 65.51
C SER L 269 -11.59 36.04 64.93
N VAL L 270 -12.71 36.03 64.20
CA VAL L 270 -13.20 34.79 63.59
C VAL L 270 -12.56 34.59 62.22
N LEU L 271 -11.95 33.43 62.02
CA LEU L 271 -11.30 33.14 60.74
C LEU L 271 -12.17 32.31 59.82
N ASP L 272 -12.83 31.29 60.36
CA ASP L 272 -13.70 30.45 59.54
C ASP L 272 -12.88 29.77 58.44
N TYR L 273 -12.52 28.52 58.68
CA TYR L 273 -11.69 27.75 57.76
C TYR L 273 -12.15 27.68 56.30
N ILE L 274 -13.45 27.81 56.05
CA ILE L 274 -13.93 27.73 54.67
C ILE L 274 -13.41 28.92 53.88
N ASP L 275 -13.50 30.11 54.47
CA ASP L 275 -13.00 31.33 53.84
C ASP L 275 -11.49 31.16 53.80
N LEU L 276 -10.95 30.67 54.91
CA LEU L 276 -9.52 30.46 55.06
C LEU L 276 -9.01 29.50 53.99
N TYR L 277 -9.84 28.52 53.65
CA TYR L 277 -9.45 27.52 52.66
C TYR L 277 -9.47 28.09 51.25
N LYS L 278 -10.59 28.70 50.87
CA LYS L 278 -10.74 29.27 49.55
C LYS L 278 -9.65 30.29 49.28
N LYS L 279 -9.05 30.79 50.35
CA LYS L 279 -7.99 31.81 50.27
C LYS L 279 -6.60 31.24 49.94
N PHE L 280 -6.23 30.16 50.62
CA PHE L 280 -4.92 29.55 50.40
C PHE L 280 -4.99 28.11 49.92
N SER L 281 -6.10 27.76 49.27
CA SER L 281 -6.30 26.42 48.77
C SER L 281 -5.59 26.20 47.42
N PHE L 282 -5.69 27.20 46.56
CA PHE L 282 -5.08 27.13 45.23
C PHE L 282 -5.67 25.97 44.44
N THR L 283 -7.00 25.95 44.35
CA THR L 283 -7.72 24.92 43.61
C THR L 283 -9.21 25.14 43.75
N ASN L 284 -9.95 24.89 42.67
CA ASN L 284 -11.41 25.07 42.71
C ASN L 284 -12.12 23.73 42.64
N GLN L 285 -12.79 23.38 43.73
CA GLN L 285 -13.52 22.13 43.83
C GLN L 285 -14.93 22.35 43.29
N PRO L 286 -15.50 21.34 42.61
CA PRO L 286 -16.85 21.45 42.06
C PRO L 286 -17.83 21.87 43.16
N SER L 287 -17.46 21.60 44.40
CA SER L 287 -18.30 21.94 45.55
C SER L 287 -17.46 22.18 46.81
N TYR L 288 -17.92 23.10 47.64
CA TYR L 288 -17.22 23.42 48.88
C TYR L 288 -18.06 23.00 50.08
N SER L 289 -17.95 21.73 50.42
CA SER L 289 -18.65 21.15 51.56
C SER L 289 -17.62 20.60 52.53
N LEU L 290 -17.91 20.66 53.81
CA LEU L 290 -16.98 20.16 54.81
C LEU L 290 -16.65 18.72 54.49
N ASP L 291 -17.66 17.96 54.03
CA ASP L 291 -17.47 16.56 53.68
C ASP L 291 -16.95 16.39 52.26
N TYR L 292 -17.01 17.45 51.48
CA TYR L 292 -16.54 17.41 50.09
C TYR L 292 -15.04 17.64 50.01
N ILE L 293 -14.50 18.42 50.94
CA ILE L 293 -13.08 18.72 50.97
C ILE L 293 -12.32 17.64 51.74
N SER L 294 -12.92 17.14 52.81
CA SER L 294 -12.29 16.11 53.63
C SER L 294 -11.95 14.93 52.75
N GLU L 295 -12.84 14.62 51.81
CA GLU L 295 -12.67 13.52 50.88
C GLU L 295 -11.42 13.72 50.03
N PHE L 296 -10.94 14.96 49.99
CA PHE L 296 -9.78 15.29 49.19
C PHE L 296 -8.54 15.52 50.06
N GLU L 297 -8.75 15.90 51.31
CA GLU L 297 -7.62 16.13 52.21
C GLU L 297 -7.36 14.93 53.11
N LEU L 298 -8.43 14.29 53.57
CA LEU L 298 -8.36 13.15 54.47
C LEU L 298 -8.74 11.84 53.78
N ASN L 299 -9.69 11.92 52.85
CA ASN L 299 -10.15 10.73 52.14
C ASN L 299 -10.83 9.75 53.11
N VAL L 300 -11.99 10.16 53.63
CA VAL L 300 -12.75 9.33 54.57
C VAL L 300 -14.16 9.09 54.03
N GLY L 301 -14.66 7.86 54.16
CA GLY L 301 -15.99 7.52 53.65
C GLY L 301 -17.08 7.64 54.70
N LYS L 302 -17.69 8.83 54.80
CA LYS L 302 -18.73 9.10 55.81
C LYS L 302 -20.00 8.25 55.79
N LEU L 303 -20.22 7.56 56.91
CA LEU L 303 -21.36 6.68 57.17
C LEU L 303 -22.65 7.07 56.46
N LYS L 304 -23.12 6.22 55.56
CA LYS L 304 -24.37 6.50 54.88
C LYS L 304 -25.45 6.28 55.93
N TYR L 305 -25.90 7.37 56.56
CA TYR L 305 -26.90 7.25 57.60
C TYR L 305 -28.34 7.28 57.10
N ASP L 306 -29.19 6.54 57.80
CA ASP L 306 -30.60 6.42 57.45
C ASP L 306 -31.46 7.65 57.75
N GLY L 307 -31.83 8.39 56.70
CA GLY L 307 -32.67 9.56 56.90
C GLY L 307 -32.19 10.84 56.24
N PRO L 308 -33.07 11.85 56.08
CA PRO L 308 -32.71 13.13 55.47
C PRO L 308 -31.56 13.79 56.23
N ILE L 309 -30.89 14.75 55.59
CA ILE L 309 -29.77 15.44 56.22
C ILE L 309 -30.16 16.08 57.55
N SER L 310 -31.38 16.61 57.61
CA SER L 310 -31.89 17.26 58.83
C SER L 310 -32.84 16.36 59.60
N LYS L 311 -33.50 15.45 58.90
CA LYS L 311 -34.45 14.52 59.52
C LYS L 311 -33.80 13.19 59.90
N LEU L 312 -33.80 12.88 61.20
CA LEU L 312 -33.23 11.64 61.69
C LEU L 312 -34.25 10.77 62.43
N ARG L 313 -35.53 10.96 62.12
CA ARG L 313 -36.59 10.18 62.76
C ARG L 313 -36.84 8.87 61.99
N GLU L 314 -37.53 7.94 62.64
CA GLU L 314 -37.83 6.63 62.05
C GLU L 314 -36.55 5.91 61.65
N SER L 315 -35.55 6.00 62.52
CA SER L 315 -34.24 5.37 62.29
C SER L 315 -33.45 5.35 63.59
N ASN L 316 -32.59 6.33 63.77
CA ASN L 316 -31.79 6.42 64.99
C ASN L 316 -31.47 7.87 65.33
N HIS L 317 -30.78 8.07 66.46
CA HIS L 317 -30.42 9.40 66.91
C HIS L 317 -29.08 9.36 67.65
N GLN L 318 -28.31 8.31 67.37
CA GLN L 318 -27.00 8.13 67.97
C GLN L 318 -25.92 8.50 66.95
N ARG L 319 -26.11 8.09 65.70
CA ARG L 319 -25.16 8.42 64.64
C ARG L 319 -25.27 9.90 64.30
N TYR L 320 -26.25 10.56 64.90
CA TYR L 320 -26.49 11.98 64.68
C TYR L 320 -25.66 12.81 65.66
N ILE L 321 -25.27 12.20 66.78
CA ILE L 321 -24.47 12.88 67.78
C ILE L 321 -23.00 12.63 67.49
N SER L 322 -22.73 11.50 66.84
CA SER L 322 -21.36 11.14 66.50
C SER L 322 -20.97 11.83 65.20
N TYR L 323 -21.96 12.25 64.43
CA TYR L 323 -21.72 12.94 63.17
C TYR L 323 -21.33 14.40 63.41
N ASN L 324 -22.04 15.04 64.34
CA ASN L 324 -21.77 16.44 64.68
C ASN L 324 -20.42 16.59 65.36
N ILE L 325 -19.93 15.51 65.95
CA ILE L 325 -18.65 15.53 66.63
C ILE L 325 -17.54 15.30 65.62
N ILE L 326 -17.65 14.22 64.85
CA ILE L 326 -16.65 13.91 63.84
C ILE L 326 -16.47 15.06 62.87
N ALA L 327 -17.45 15.96 62.83
CA ALA L 327 -17.40 17.12 61.94
C ALA L 327 -16.29 18.07 62.39
N VAL L 328 -16.43 18.60 63.60
CA VAL L 328 -15.46 19.52 64.17
C VAL L 328 -14.05 18.91 64.07
N TYR L 329 -14.00 17.59 63.95
CA TYR L 329 -12.72 16.89 63.87
C TYR L 329 -12.17 16.91 62.44
N ARG L 330 -13.07 16.97 61.47
CA ARG L 330 -12.66 16.99 60.07
C ARG L 330 -11.95 18.30 59.77
N VAL L 331 -12.43 19.37 60.37
CA VAL L 331 -11.86 20.70 60.18
C VAL L 331 -10.46 20.77 60.77
N LEU L 332 -10.30 20.22 61.97
CA LEU L 332 -9.03 20.22 62.67
C LEU L 332 -7.98 19.34 62.01
N GLN L 333 -8.43 18.27 61.36
CA GLN L 333 -7.52 17.37 60.68
C GLN L 333 -6.99 18.07 59.44
N ILE L 334 -7.82 18.93 58.86
CA ILE L 334 -7.42 19.68 57.68
C ILE L 334 -6.40 20.73 58.07
N ASP L 335 -6.66 21.43 59.16
CA ASP L 335 -5.74 22.46 59.65
C ASP L 335 -4.37 21.84 59.86
N ALA L 336 -4.37 20.55 60.21
CA ALA L 336 -3.14 19.82 60.46
C ALA L 336 -2.33 19.62 59.18
N LYS L 337 -3.01 19.34 58.08
CA LYS L 337 -2.33 19.12 56.80
C LYS L 337 -1.96 20.44 56.11
N ARG L 338 -2.86 21.42 56.24
CA ARG L 338 -2.68 22.74 55.61
C ARG L 338 -1.98 23.79 56.46
N GLN L 339 -2.36 23.86 57.73
CA GLN L 339 -1.77 24.82 58.67
C GLN L 339 -2.06 26.28 58.33
N PHE L 340 -3.30 26.58 57.99
CA PHE L 340 -3.66 27.96 57.67
C PHE L 340 -3.85 28.77 58.95
N ILE L 341 -4.18 28.08 60.04
CA ILE L 341 -4.35 28.77 61.33
C ILE L 341 -2.99 29.33 61.70
N ASN L 342 -1.98 28.46 61.66
CA ASN L 342 -0.62 28.83 61.97
C ASN L 342 -0.17 29.92 61.01
N LEU L 343 -0.55 29.78 59.74
CA LEU L 343 -0.20 30.75 58.71
C LEU L 343 -0.76 32.14 59.03
N SER L 344 -2.05 32.18 59.37
CA SER L 344 -2.71 33.44 59.70
C SER L 344 -2.04 34.11 60.89
N LEU L 345 -1.77 33.35 61.94
CA LEU L 345 -1.13 33.89 63.13
C LEU L 345 0.26 34.42 62.82
N ASP L 346 1.04 33.63 62.09
CA ASP L 346 2.39 34.04 61.73
C ASP L 346 2.36 35.25 60.82
N GLY L 348 -0.34 37.64 60.73
CA GLY L 348 -0.86 38.77 61.47
C GLY L 348 0.20 39.44 62.32
N TYR L 349 0.91 38.63 63.10
CA TYR L 349 1.96 39.13 63.98
C TYR L 349 3.08 39.81 63.24
N TYR L 350 3.53 39.21 62.14
CA TYR L 350 4.60 39.78 61.36
C TYR L 350 4.22 41.20 60.98
N ALA L 351 2.94 41.40 60.67
CA ALA L 351 2.44 42.71 60.28
C ALA L 351 1.89 43.54 61.44
N LYS L 352 1.77 42.91 62.60
CA LYS L 352 1.23 43.59 63.77
C LYS L 352 -0.16 44.14 63.46
N ILE L 353 -1.12 43.25 63.30
CA ILE L 353 -2.50 43.64 63.01
C ILE L 353 -3.49 42.56 63.44
N GLN L 354 -4.78 42.85 63.34
CA GLN L 354 -5.82 41.89 63.73
C GLN L 354 -5.76 40.64 62.86
N ILE L 355 -5.64 39.48 63.50
CA ILE L 355 -5.53 38.23 62.76
C ILE L 355 -6.50 38.09 61.61
N GLN L 356 -7.76 38.45 61.82
CA GLN L 356 -8.75 38.32 60.76
C GLN L 356 -8.48 39.22 59.56
N SER L 357 -7.57 40.19 59.71
CA SER L 357 -7.26 41.10 58.62
C SER L 357 -6.30 40.48 57.60
N VAL L 358 -5.89 39.25 57.86
CA VAL L 358 -4.99 38.55 56.97
C VAL L 358 -5.67 38.33 55.61
N PHE L 359 -6.98 38.52 55.56
CA PHE L 359 -7.75 38.38 54.33
C PHE L 359 -7.62 39.61 53.44
N SER L 360 -7.22 40.73 54.03
CA SER L 360 -7.08 41.96 53.27
C SER L 360 -5.63 42.32 53.01
N PRO L 361 -5.18 42.16 51.76
CA PRO L 361 -3.79 42.49 51.40
C PRO L 361 -3.54 43.96 51.72
N ILE L 362 -4.57 44.78 51.52
CA ILE L 362 -4.49 46.20 51.78
C ILE L 362 -4.04 46.44 53.22
N LYS L 363 -4.87 46.01 54.16
CA LYS L 363 -4.58 46.16 55.57
C LYS L 363 -3.22 45.58 55.93
N THR L 364 -2.94 44.39 55.40
CA THR L 364 -1.68 43.71 55.67
C THR L 364 -0.48 44.54 55.23
N TRP L 365 -0.44 44.90 53.96
CA TRP L 365 0.67 45.70 53.44
C TRP L 365 0.69 47.12 54.00
N ASP L 366 -0.48 47.71 54.19
CA ASP L 366 -0.57 49.07 54.72
C ASP L 366 0.05 49.08 56.11
N ALA L 367 -0.28 48.06 56.90
CA ALA L 367 0.25 47.95 58.24
C ALA L 367 1.76 47.76 58.23
N ILE L 368 2.24 46.87 57.37
CA ILE L 368 3.67 46.60 57.29
C ILE L 368 4.49 47.83 56.94
N ILE L 369 4.06 48.55 55.92
CA ILE L 369 4.76 49.76 55.50
C ILE L 369 4.72 50.82 56.60
N PHE L 370 3.57 50.94 57.27
CA PHE L 370 3.40 51.90 58.35
C PHE L 370 4.52 51.75 59.40
N ASN L 371 4.57 50.58 60.02
CA ASN L 371 5.56 50.29 61.04
C ASN L 371 6.98 50.59 60.55
N SER L 372 7.27 50.20 59.32
CA SER L 372 8.60 50.41 58.75
C SER L 372 8.97 51.90 58.71
N LEU L 373 8.03 52.73 58.27
CA LEU L 373 8.24 54.18 58.19
C LEU L 373 8.24 54.80 59.57
N LYS L 374 7.43 54.24 60.47
CA LYS L 374 7.33 54.74 61.84
C LYS L 374 8.71 54.75 62.46
N GLU L 375 9.39 53.62 62.38
CA GLU L 375 10.73 53.49 62.93
C GLU L 375 11.63 54.60 62.43
N GLN L 376 11.53 54.88 61.13
CA GLN L 376 12.35 55.91 60.50
C GLN L 376 11.87 57.33 60.83
N ASN L 377 10.84 57.42 61.67
CA ASN L 377 10.27 58.71 62.03
C ASN L 377 9.67 59.41 60.82
N LYS L 378 9.11 58.62 59.92
CA LYS L 378 8.45 59.14 58.72
C LYS L 378 6.95 59.07 58.95
N VAL L 379 6.20 59.93 58.30
CA VAL L 379 4.75 59.96 58.47
C VAL L 379 4.03 59.35 57.28
N ILE L 380 2.98 58.60 57.56
CA ILE L 380 2.19 57.96 56.52
C ILE L 380 1.30 58.98 55.80
N PRO L 381 1.32 58.98 54.46
CA PRO L 381 0.48 59.92 53.71
C PRO L 381 -0.99 59.62 53.96
N GLN L 382 -1.86 60.60 53.71
CA GLN L 382 -3.30 60.43 53.93
C GLN L 382 -3.97 59.58 52.86
N GLY L 383 -4.92 58.75 53.28
CA GLY L 383 -5.64 57.92 52.33
C GLY L 383 -6.65 58.76 51.61
N ARG L 384 -6.43 58.95 50.30
CA ARG L 384 -7.34 59.73 49.47
C ARG L 384 -8.29 58.78 48.73
N SER L 385 -9.21 59.35 47.94
CA SER L 385 -10.17 58.56 47.17
C SER L 385 -9.90 58.72 45.69
N HIS L 386 -9.94 57.62 44.95
CA HIS L 386 -9.71 57.67 43.52
C HIS L 386 -10.86 57.01 42.76
N PRO L 387 -11.00 57.32 41.46
CA PRO L 387 -12.06 56.76 40.63
C PRO L 387 -11.95 55.26 40.43
N VAL L 388 -12.34 54.79 39.25
CA VAL L 388 -12.29 53.37 38.94
C VAL L 388 -11.91 53.20 37.48
N GLN L 389 -10.61 53.33 37.19
CA GLN L 389 -10.11 53.20 35.82
C GLN L 389 -10.21 51.76 35.33
N PRO L 390 -10.06 51.54 34.01
CA PRO L 390 -10.13 50.19 33.44
C PRO L 390 -8.89 49.40 33.80
N TYR L 391 -7.79 50.12 34.04
CA TYR L 391 -6.52 49.52 34.42
C TYR L 391 -6.05 48.53 33.35
N PRO L 392 -5.09 48.92 32.50
CA PRO L 392 -4.58 48.04 31.45
C PRO L 392 -3.78 46.85 31.99
N GLY L 393 -4.28 45.64 31.74
CA GLY L 393 -3.61 44.45 32.21
C GLY L 393 -2.52 43.98 31.27
N ALA L 394 -2.74 42.83 30.63
CA ALA L 394 -1.77 42.27 29.71
C ALA L 394 -2.43 41.47 28.57
N PHE L 395 -2.65 42.12 27.44
CA PHE L 395 -3.26 41.48 26.26
C PHE L 395 -2.46 40.24 25.86
N VAL L 396 -2.96 39.06 26.24
CA VAL L 396 -2.31 37.80 25.93
C VAL L 396 -2.23 37.54 24.42
N LYS L 397 -1.10 36.97 23.99
CA LYS L 397 -0.91 36.66 22.58
C LYS L 397 -1.86 35.54 22.14
N GLU L 398 -2.29 35.59 20.89
CA GLU L 398 -3.19 34.58 20.35
C GLU L 398 -2.39 33.42 19.76
N PRO L 399 -2.44 32.25 20.41
CA PRO L 399 -1.73 31.04 19.97
C PRO L 399 -2.34 30.41 18.73
N ILE L 400 -1.52 29.78 17.91
CA ILE L 400 -2.01 29.14 16.69
C ILE L 400 -2.31 27.67 16.96
N PRO L 401 -3.61 27.32 17.05
CA PRO L 401 -4.07 25.96 17.31
C PRO L 401 -3.44 24.91 16.42
N ASN L 402 -2.35 24.29 16.88
CA ASN L 402 -1.67 23.28 16.10
C ASN L 402 -0.83 22.33 16.93
N ARG L 403 -0.18 21.40 16.25
CA ARG L 403 0.69 20.42 16.86
C ARG L 403 1.99 21.04 17.32
N TYR L 404 2.44 20.61 18.50
CA TYR L 404 3.68 21.09 19.08
C TYR L 404 4.27 19.90 19.83
N LYS L 405 5.20 19.20 19.18
CA LYS L 405 5.83 18.03 19.81
C LYS L 405 6.71 18.44 20.97
N TYR L 406 7.80 19.14 20.67
CA TYR L 406 8.72 19.56 21.72
C TYR L 406 8.54 21.04 22.07
N VAL L 407 8.19 21.29 23.32
CA VAL L 407 7.97 22.66 23.78
C VAL L 407 8.64 22.92 25.13
N SER L 409 8.77 25.72 28.29
CA SER L 409 8.13 26.86 28.94
C SER L 409 9.05 27.55 29.94
N PHE L 410 9.04 28.87 29.91
CA PHE L 410 9.86 29.69 30.82
C PHE L 410 8.98 30.63 31.63
N ASP L 411 9.41 30.92 32.86
CA ASP L 411 8.66 31.81 33.74
C ASP L 411 9.49 32.96 34.27
N LEU L 412 8.84 34.11 34.39
CA LEU L 412 9.49 35.31 34.92
C LEU L 412 9.28 35.32 36.42
N THR L 413 10.37 35.33 37.16
CA THR L 413 10.32 35.31 38.62
C THR L 413 9.75 36.60 39.22
N SER L 414 8.58 36.50 39.84
CA SER L 414 7.93 37.64 40.49
C SER L 414 8.04 38.90 39.62
N LEU L 415 7.44 38.85 38.44
CA LEU L 415 7.49 39.93 37.49
C LEU L 415 7.19 41.32 38.06
N TYR L 416 5.92 41.60 38.31
CA TYR L 416 5.51 42.90 38.83
C TYR L 416 6.34 43.39 40.00
N PRO L 417 6.51 42.56 41.04
CA PRO L 417 7.31 43.03 42.17
C PRO L 417 8.72 43.41 41.73
N SER L 418 9.35 42.53 40.95
CA SER L 418 10.69 42.79 40.46
C SER L 418 10.70 44.06 39.64
N ILE L 419 9.72 44.23 38.76
CA ILE L 419 9.64 45.43 37.93
C ILE L 419 9.59 46.68 38.80
N ILE L 420 8.90 46.57 39.93
CA ILE L 420 8.82 47.69 40.86
C ILE L 420 10.25 47.99 41.35
N ARG L 421 10.93 46.94 41.81
CA ARG L 421 12.29 47.04 42.32
C ARG L 421 13.19 47.70 41.29
N GLN L 422 13.21 47.11 40.10
CA GLN L 422 14.04 47.58 38.99
C GLN L 422 13.76 49.02 38.59
N VAL L 423 12.57 49.26 38.06
CA VAL L 423 12.21 50.61 37.63
C VAL L 423 12.19 51.58 38.79
N ASN L 424 12.16 51.05 40.02
CA ASN L 424 12.15 51.89 41.21
C ASN L 424 10.85 52.67 41.32
N ILE L 425 9.77 52.06 40.85
CA ILE L 425 8.43 52.66 40.88
C ILE L 425 7.93 52.79 42.32
N SER L 426 7.43 53.97 42.65
CA SER L 426 6.88 54.26 43.97
C SER L 426 6.28 55.65 43.88
N PRO L 427 5.01 55.81 44.23
CA PRO L 427 4.30 57.09 44.19
C PRO L 427 5.03 58.35 44.67
N GLU L 428 6.27 58.19 45.14
CA GLU L 428 7.03 59.33 45.61
C GLU L 428 8.40 59.46 44.95
N THR L 429 8.71 58.59 43.99
CA THR L 429 9.99 58.65 43.28
C THR L 429 9.78 59.08 41.84
N ILE L 430 8.56 59.53 41.56
CA ILE L 430 8.20 59.98 40.24
C ILE L 430 9.02 61.23 39.96
N ALA L 431 9.88 61.17 38.95
CA ALA L 431 10.72 62.31 38.60
C ALA L 431 10.13 63.13 37.46
N GLY L 432 9.27 62.49 36.66
CA GLY L 432 8.66 63.19 35.56
C GLY L 432 8.16 62.26 34.47
N THR L 433 8.01 62.80 33.27
CA THR L 433 7.54 62.04 32.12
C THR L 433 8.42 62.32 30.89
N PHE L 434 8.06 61.74 29.76
CA PHE L 434 8.81 61.93 28.52
C PHE L 434 7.97 61.58 27.28
N LYS L 435 8.45 62.02 26.11
CA LYS L 435 7.77 61.75 24.85
C LYS L 435 7.38 60.29 24.74
N VAL L 436 6.09 60.02 24.86
CA VAL L 436 5.60 58.64 24.80
C VAL L 436 5.57 58.05 23.39
N ALA L 437 6.45 57.10 23.13
CA ALA L 437 6.51 56.45 21.83
C ALA L 437 5.73 55.14 21.89
N PRO L 438 5.12 54.71 20.76
CA PRO L 438 4.35 53.46 20.74
C PRO L 438 5.12 52.30 21.34
N LEU L 439 4.42 51.46 22.10
CA LEU L 439 5.05 50.32 22.76
C LEU L 439 5.84 49.45 21.80
N HIS L 440 5.21 49.07 20.69
CA HIS L 440 5.83 48.22 19.69
C HIS L 440 7.22 48.70 19.32
N ASP L 441 7.38 50.02 19.26
CA ASP L 441 8.67 50.62 18.93
C ASP L 441 9.68 50.37 20.05
N TYR L 442 9.22 50.38 21.29
CA TYR L 442 10.12 50.15 22.41
C TYR L 442 10.47 48.68 22.48
N ILE L 443 9.57 47.83 22.00
CA ILE L 443 9.79 46.40 22.01
C ILE L 443 10.84 46.01 20.99
N ASN L 444 10.75 46.58 19.79
CA ASN L 444 11.72 46.29 18.75
C ASN L 444 12.91 47.24 18.82
N ALA L 445 13.02 47.93 19.94
CA ALA L 445 14.12 48.86 20.17
C ALA L 445 14.43 49.71 18.95
N VAL L 446 13.58 50.70 18.71
CA VAL L 446 13.76 51.60 17.58
C VAL L 446 13.50 53.03 18.03
N ALA L 447 12.67 53.19 19.05
CA ALA L 447 12.35 54.51 19.59
C ALA L 447 13.53 55.02 20.39
N GLU L 448 13.77 56.34 20.35
CA GLU L 448 14.90 56.90 21.08
C GLU L 448 14.82 56.61 22.58
N ARG L 449 15.97 56.52 23.23
CA ARG L 449 16.04 56.25 24.66
C ARG L 449 15.23 57.27 25.44
N PRO L 450 14.29 56.81 26.30
CA PRO L 450 13.43 57.67 27.11
C PRO L 450 14.17 58.71 27.95
N SER L 451 15.23 58.29 28.63
CA SER L 451 16.01 59.19 29.46
C SER L 451 17.41 58.68 29.73
N ASP L 452 18.29 59.57 30.16
CA ASP L 452 19.68 59.21 30.45
C ASP L 452 20.01 59.57 31.90
N VAL L 453 18.98 59.74 32.73
CA VAL L 453 19.19 60.10 34.11
C VAL L 453 18.27 59.40 35.09
N TYR L 454 17.06 59.09 34.65
CA TYR L 454 16.08 58.44 35.51
C TYR L 454 15.69 57.06 34.98
N SER L 455 15.04 56.27 35.82
CA SER L 455 14.58 54.94 35.42
C SER L 455 13.25 55.14 34.71
N CYS L 456 13.13 54.59 33.50
CA CYS L 456 11.91 54.77 32.72
C CYS L 456 11.07 53.54 32.47
N SER L 457 9.82 53.80 32.05
CA SER L 457 8.85 52.77 31.75
C SER L 457 8.19 53.09 30.42
N PRO L 458 7.68 52.06 29.72
CA PRO L 458 7.02 52.21 28.42
C PRO L 458 5.82 53.16 28.42
N ASN L 459 5.20 53.36 29.57
CA ASN L 459 4.04 54.24 29.68
C ASN L 459 4.47 55.71 29.66
N GLY L 460 5.78 55.94 29.69
CA GLY L 460 6.30 57.29 29.68
C GLY L 460 6.50 57.90 31.05
N TYR L 463 11.44 57.87 37.12
CA TYR L 463 11.71 57.85 38.55
C TYR L 463 13.16 58.11 38.90
N TYR L 464 13.39 58.74 40.04
CA TYR L 464 14.73 59.05 40.48
C TYR L 464 15.54 57.76 40.56
N LYS L 465 16.86 57.90 40.53
CA LYS L 465 17.76 56.76 40.59
C LYS L 465 18.78 56.98 41.72
N ASP L 466 18.63 58.09 42.43
CA ASP L 466 19.52 58.44 43.54
C ASP L 466 18.80 58.25 44.87
N ARG L 467 17.54 57.86 44.79
CA ARG L 467 16.72 57.65 45.98
C ARG L 467 15.97 56.31 45.90
N ASP L 468 16.10 55.49 46.95
CA ASP L 468 15.42 54.20 46.98
C ASP L 468 13.96 54.39 47.32
N GLY L 469 13.09 53.82 46.50
CA GLY L 469 11.67 53.94 46.71
C GLY L 469 11.12 53.27 47.95
N VAL L 470 10.19 53.94 48.62
CA VAL L 470 9.60 53.40 49.82
C VAL L 470 9.01 52.03 49.53
N VAL L 471 8.16 51.94 48.51
CA VAL L 471 7.53 50.66 48.15
C VAL L 471 8.59 49.64 47.75
N PRO L 472 9.52 50.04 46.87
CA PRO L 472 10.55 49.08 46.48
C PRO L 472 11.33 48.55 47.69
N THR L 473 11.82 49.46 48.54
CA THR L 473 12.59 49.04 49.70
C THR L 473 11.83 48.08 50.62
N GLU L 474 10.50 48.15 50.61
CA GLU L 474 9.74 47.27 51.48
C GLU L 474 9.53 45.91 50.85
N ILE L 475 9.35 45.89 49.53
CA ILE L 475 9.18 44.62 48.85
C ILE L 475 10.53 43.92 48.87
N THR L 476 11.60 44.70 48.77
CA THR L 476 12.95 44.15 48.78
C THR L 476 13.27 43.56 50.14
N LYS L 477 12.78 44.20 51.19
CA LYS L 477 12.99 43.73 52.55
C LYS L 477 12.38 42.33 52.65
N VAL L 478 11.21 42.18 52.06
CA VAL L 478 10.52 40.90 52.06
C VAL L 478 11.22 39.95 51.11
N PHE L 479 11.89 40.50 50.10
CA PHE L 479 12.59 39.68 49.14
C PHE L 479 13.82 39.08 49.78
N ASN L 480 14.43 39.82 50.70
CA ASN L 480 15.62 39.33 51.37
C ASN L 480 15.24 38.44 52.53
N GLN L 481 14.14 38.76 53.20
CA GLN L 481 13.70 37.94 54.31
C GLN L 481 13.40 36.51 53.84
N ARG L 482 12.66 36.38 52.75
CA ARG L 482 12.32 35.06 52.23
C ARG L 482 13.58 34.30 51.81
N LYS L 483 14.56 35.01 51.26
CA LYS L 483 15.81 34.37 50.85
C LYS L 483 16.56 33.96 52.09
N GLU L 484 16.13 34.50 53.23
CA GLU L 484 16.74 34.20 54.51
C GLU L 484 16.03 32.98 55.07
N HIS L 485 14.71 33.06 55.26
CA HIS L 485 13.97 31.92 55.77
C HIS L 485 14.13 30.77 54.78
N LYS L 486 14.83 31.03 53.67
CA LYS L 486 15.10 30.04 52.65
C LYS L 486 16.02 28.99 53.27
N GLY L 487 16.45 29.29 54.49
CA GLY L 487 17.33 28.39 55.21
C GLY L 487 16.78 28.04 56.58
N TYR L 488 15.92 28.88 57.13
CA TYR L 488 15.34 28.61 58.44
C TYR L 488 14.15 27.66 58.38
N LEU L 490 15.12 25.06 55.88
CA LEU L 490 15.91 24.34 54.88
C LEU L 490 17.28 24.02 55.46
N ALA L 491 17.67 24.79 56.47
CA ALA L 491 18.96 24.62 57.15
C ALA L 491 18.80 23.96 58.53
N ALA L 492 17.74 24.31 59.25
CA ALA L 492 17.46 23.73 60.56
C ALA L 492 16.59 22.49 60.33
N GLN L 493 16.13 22.35 59.09
CA GLN L 493 15.30 21.22 58.65
C GLN L 493 16.32 20.24 58.08
N ARG L 494 17.57 20.68 58.08
CA ARG L 494 18.72 19.93 57.60
C ARG L 494 19.72 19.97 58.77
N ASN L 495 19.21 20.43 59.92
CA ASN L 495 19.96 20.54 61.17
C ASN L 495 19.42 19.50 62.14
N GLY L 496 18.09 19.33 62.14
CA GLY L 496 17.46 18.34 62.99
C GLY L 496 17.84 16.98 62.44
N GLU L 497 18.26 17.01 61.17
CA GLU L 497 18.71 15.82 60.46
C GLU L 497 20.00 15.37 61.15
N ILE L 498 20.27 14.08 61.11
CA ILE L 498 21.48 13.56 61.74
C ILE L 498 21.42 13.74 63.26
N ILE L 499 20.49 14.59 63.73
CA ILE L 499 20.32 14.81 65.17
C ILE L 499 19.53 13.61 65.67
N LYS L 500 18.67 13.08 64.82
CA LYS L 500 17.88 11.90 65.15
C LYS L 500 18.86 10.75 65.09
N GLU L 501 19.91 10.92 64.29
CA GLU L 501 20.95 9.92 64.12
C GLU L 501 21.84 9.96 65.35
N ALA L 502 21.61 10.98 66.18
CA ALA L 502 22.35 11.15 67.42
C ALA L 502 21.55 10.43 68.49
N LEU L 503 20.25 10.31 68.24
CA LEU L 503 19.34 9.64 69.14
C LEU L 503 19.53 8.13 68.95
N HIS L 504 19.81 7.74 67.70
CA HIS L 504 20.04 6.36 67.35
C HIS L 504 21.43 6.00 67.86
N ASN L 505 22.16 7.04 68.25
CA ASN L 505 23.53 6.92 68.77
C ASN L 505 23.53 7.52 70.19
N PRO L 506 22.71 6.97 71.10
CA PRO L 506 22.62 7.46 72.49
C PRO L 506 23.97 7.54 73.21
N ASN L 507 23.91 7.75 74.51
CA ASN L 507 25.11 7.84 75.34
C ASN L 507 24.75 7.49 76.79
N LEU L 508 23.45 7.48 77.06
CA LEU L 508 22.92 7.16 78.39
C LEU L 508 23.43 8.11 79.48
N SER L 509 23.18 9.39 79.29
CA SER L 509 23.60 10.41 80.26
C SER L 509 22.44 10.89 81.12
N VAL L 510 22.51 12.14 81.54
CA VAL L 510 21.47 12.74 82.39
C VAL L 510 20.43 13.52 81.59
N ASP L 511 19.91 14.58 82.19
CA ASP L 511 18.88 15.41 81.56
C ASP L 511 19.39 16.77 81.07
N GLU L 512 18.44 17.65 80.76
CA GLU L 512 18.73 19.01 80.30
C GLU L 512 19.30 19.07 78.88
N PRO L 513 18.49 19.51 77.90
CA PRO L 513 18.90 19.62 76.51
C PRO L 513 19.68 20.91 76.27
N LEU L 514 20.57 20.91 75.29
CA LEU L 514 21.38 22.08 74.97
C LEU L 514 20.54 23.27 74.53
N ASP L 515 20.73 24.41 75.18
CA ASP L 515 19.99 25.63 74.86
C ASP L 515 20.47 26.23 73.55
N VAL L 516 21.11 25.41 72.73
CA VAL L 516 21.61 25.85 71.43
C VAL L 516 20.44 26.42 70.62
N ASP L 517 20.73 27.44 69.80
CA ASP L 517 19.69 28.06 68.99
C ASP L 517 19.54 27.39 67.63
N TYR L 518 18.49 26.59 67.48
CA TYR L 518 18.21 25.87 66.24
C TYR L 518 18.00 26.90 65.13
N ARG L 519 18.06 28.17 65.53
CA ARG L 519 17.89 29.30 64.63
C ARG L 519 19.11 29.38 63.72
N PHE L 520 19.93 28.33 63.75
CA PHE L 520 21.13 28.25 62.93
C PHE L 520 21.83 26.90 63.06
N ASP L 521 22.62 26.55 62.05
CA ASP L 521 23.36 25.29 62.00
C ASP L 521 24.05 24.96 63.31
N PHE L 522 24.66 23.78 63.36
CA PHE L 522 25.37 23.33 64.55
C PHE L 522 26.83 23.06 64.23
N SER L 523 27.60 24.13 64.03
CA SER L 523 29.02 24.02 63.73
C SER L 523 29.32 22.90 62.73
N ASP L 524 30.58 22.44 62.72
CA ASP L 524 31.02 21.36 61.83
C ASP L 524 31.88 20.34 62.57
N GLU L 525 33.19 20.57 62.54
CA GLU L 525 34.15 19.69 63.19
C GLU L 525 34.42 20.16 64.63
N ILE L 526 33.77 21.24 65.02
CA ILE L 526 33.90 21.81 66.36
C ILE L 526 32.56 21.66 67.07
N LYS L 527 31.56 21.17 66.35
CA LYS L 527 30.23 20.95 66.91
C LYS L 527 30.28 19.68 67.75
N GLU L 528 30.46 19.84 69.06
CA GLU L 528 30.55 18.68 69.94
C GLU L 528 29.29 18.53 70.79
N LYS L 529 28.60 19.64 71.02
CA LYS L 529 27.40 19.63 71.84
C LYS L 529 26.12 19.26 71.08
N ILE L 530 26.02 18.00 70.69
CA ILE L 530 24.87 17.48 69.98
C ILE L 530 24.65 16.03 70.40
N LYS L 531 25.75 15.31 70.57
CA LYS L 531 25.71 13.91 70.99
C LYS L 531 25.79 13.87 72.52
N LYS L 532 25.05 14.77 73.15
CA LYS L 532 25.03 14.88 74.61
C LYS L 532 24.36 13.67 75.26
N LEU L 533 23.22 13.91 75.90
CA LEU L 533 22.48 12.86 76.58
C LEU L 533 21.92 11.88 75.56
N SER L 534 20.78 11.26 75.89
CA SER L 534 20.14 10.29 75.01
C SER L 534 18.67 10.65 74.75
N ALA L 535 17.79 9.66 74.79
CA ALA L 535 16.37 9.88 74.56
C ALA L 535 15.72 10.64 75.72
N LYS L 536 15.81 11.98 75.65
CA LYS L 536 15.24 12.83 76.69
C LYS L 536 15.51 14.29 76.30
N SER L 537 16.65 14.50 75.65
CA SER L 537 17.05 15.82 75.21
C SER L 537 17.32 15.82 73.71
N LEU L 538 17.72 14.67 73.18
CA LEU L 538 17.99 14.53 71.75
C LEU L 538 16.69 14.62 70.97
N ASN L 539 15.59 14.27 71.63
CA ASN L 539 14.27 14.33 71.02
C ASN L 539 13.79 15.77 71.10
N GLU L 540 14.20 16.46 72.17
CA GLU L 540 13.87 17.86 72.38
C GLU L 540 14.81 18.65 71.48
N LEU L 542 15.21 17.71 68.54
CA LEU L 542 14.55 17.54 67.26
C LEU L 542 13.12 18.06 67.36
N PHE L 543 12.65 18.25 68.60
CA PHE L 543 11.31 18.76 68.84
C PHE L 543 11.32 20.26 68.58
N ARG L 544 12.39 20.91 69.02
CA ARG L 544 12.54 22.34 68.83
C ARG L 544 13.25 22.66 67.52
N ALA L 545 13.91 21.66 66.95
CA ALA L 545 14.64 21.82 65.70
C ALA L 545 13.69 21.89 64.50
N GLN L 546 12.70 21.00 64.48
CA GLN L 546 11.74 21.00 63.38
C GLN L 546 10.57 21.91 63.70
N ARG L 547 10.62 22.52 64.88
CA ARG L 547 9.58 23.46 65.30
C ARG L 547 10.00 24.81 64.72
N THR L 548 11.30 24.96 64.52
CA THR L 548 11.87 26.17 63.95
C THR L 548 11.83 26.03 62.43
N GLU L 549 11.61 24.80 61.97
CA GLU L 549 11.51 24.50 60.55
C GLU L 549 10.13 24.91 60.07
N VAL L 550 9.18 24.91 61.00
CA VAL L 550 7.79 25.28 60.72
C VAL L 550 7.59 26.80 60.87
N ALA L 551 8.18 27.38 61.90
CA ALA L 551 8.08 28.81 62.12
C ALA L 551 8.87 29.53 61.03
N GLY L 552 9.62 28.74 60.26
CA GLY L 552 10.41 29.29 59.17
C GLY L 552 9.68 29.06 57.87
N THR L 554 6.35 28.45 57.56
CA THR L 554 5.18 29.31 57.66
C THR L 554 5.48 30.76 57.26
N ALA L 555 6.65 31.25 57.67
CA ALA L 555 7.03 32.62 57.35
C ALA L 555 7.57 32.74 55.93
N GLN L 556 8.51 31.87 55.57
CA GLN L 556 9.12 31.88 54.23
C GLN L 556 8.05 31.83 53.16
N ILE L 557 6.90 31.25 53.52
CA ILE L 557 5.80 31.14 52.58
C ILE L 557 4.93 32.38 52.73
N ASN L 558 4.83 32.89 53.95
CA ASN L 558 4.03 34.08 54.19
C ASN L 558 4.69 35.23 53.47
N ARG L 559 6.00 35.14 53.29
CA ARG L 559 6.75 36.17 52.59
C ARG L 559 6.28 36.19 51.13
N LYS L 560 6.24 35.00 50.53
CA LYS L 560 5.82 34.84 49.15
C LYS L 560 4.40 35.36 48.92
N LEU L 561 3.52 35.10 49.88
CA LEU L 561 2.14 35.58 49.75
C LEU L 561 2.15 37.10 49.74
N LEU L 562 3.00 37.66 50.57
CA LEU L 562 3.14 39.09 50.68
C LEU L 562 3.59 39.68 49.35
N ILE L 563 4.68 39.12 48.82
CA ILE L 563 5.21 39.58 47.55
C ILE L 563 4.19 39.48 46.43
N ASN L 564 3.43 38.39 46.42
CA ASN L 564 2.43 38.17 45.37
C ASN L 564 1.12 38.92 45.58
N SER L 565 0.99 39.62 46.70
CA SER L 565 -0.22 40.38 46.94
C SER L 565 0.04 41.87 46.81
N LEU L 566 1.32 42.23 46.85
CA LEU L 566 1.72 43.64 46.74
C LEU L 566 1.15 44.34 45.52
N TYR L 567 0.94 43.61 44.44
CA TYR L 567 0.40 44.21 43.23
C TYR L 567 -1.09 44.45 43.36
N GLY L 568 -1.84 43.39 43.67
CA GLY L 568 -3.28 43.51 43.83
C GLY L 568 -3.62 44.70 44.71
N ALA L 569 -2.72 45.00 45.64
CA ALA L 569 -2.90 46.12 46.55
C ALA L 569 -2.53 47.42 45.83
N LEU L 570 -1.41 47.43 45.11
CA LEU L 570 -0.97 48.63 44.39
C LEU L 570 -1.95 49.04 43.29
N GLY L 571 -2.80 48.11 42.86
CA GLY L 571 -3.77 48.41 41.82
C GLY L 571 -5.17 48.58 42.38
N ASN L 572 -5.24 48.87 43.68
CA ASN L 572 -6.51 49.07 44.35
C ASN L 572 -6.54 50.50 44.90
N VAL L 573 -7.58 51.22 44.55
CA VAL L 573 -7.75 52.62 44.96
C VAL L 573 -7.79 52.85 46.47
N TRP L 574 -8.28 51.87 47.24
CA TRP L 574 -8.36 52.02 48.68
C TRP L 574 -6.99 51.85 49.33
N PHE L 575 -5.96 51.63 48.51
CA PHE L 575 -4.64 51.45 49.06
C PHE L 575 -3.94 52.78 49.34
N ARG L 576 -3.43 52.91 50.56
CA ARG L 576 -2.76 54.11 51.01
C ARG L 576 -1.70 54.62 50.04
N TYR L 577 -1.13 53.74 49.22
CA TYR L 577 -0.10 54.17 48.28
C TYR L 577 -0.42 53.93 46.81
N TYR L 578 -1.71 53.89 46.50
CA TYR L 578 -2.16 53.67 45.14
C TYR L 578 -1.81 54.84 44.21
N ASP L 579 -1.59 54.52 42.94
CA ASP L 579 -1.28 55.52 41.94
C ASP L 579 -1.54 54.93 40.55
N LEU L 580 -2.63 55.38 39.93
CA LEU L 580 -3.04 54.90 38.62
C LEU L 580 -1.94 54.97 37.56
N ARG L 581 -1.03 55.93 37.70
CA ARG L 581 0.06 56.05 36.73
C ARG L 581 1.07 54.92 36.96
N ASN L 582 1.54 54.78 38.19
CA ASN L 582 2.49 53.74 38.52
C ASN L 582 1.92 52.37 38.21
N ALA L 583 0.66 52.17 38.57
CA ALA L 583 -0.01 50.91 38.34
C ALA L 583 0.16 50.50 36.89
N THR L 584 -0.16 51.41 35.98
CA THR L 584 -0.06 51.17 34.55
C THR L 584 1.41 51.11 34.10
N ALA L 585 2.24 51.93 34.73
CA ALA L 585 3.65 51.94 34.40
C ALA L 585 4.23 50.55 34.63
N ILE L 586 3.66 49.83 35.59
CA ILE L 586 4.09 48.48 35.94
C ILE L 586 3.65 47.45 34.89
N THR L 587 2.35 47.34 34.67
CA THR L 587 1.82 46.37 33.71
C THR L 587 2.31 46.60 32.29
N THR L 588 2.36 47.86 31.86
CA THR L 588 2.80 48.15 30.51
C THR L 588 4.27 47.76 30.37
N PHE L 589 5.06 48.02 31.41
CA PHE L 589 6.46 47.67 31.40
C PHE L 589 6.54 46.16 31.20
N GLY L 590 5.66 45.43 31.88
CA GLY L 590 5.63 43.99 31.74
C GLY L 590 5.31 43.61 30.31
N GLN L 591 4.49 44.42 29.66
CA GLN L 591 4.13 44.17 28.26
C GLN L 591 5.40 44.21 27.44
N ALA L 593 8.52 44.03 28.36
CA ALA L 593 9.43 42.97 28.76
C ALA L 593 9.02 41.66 28.12
N LEU L 594 7.76 41.29 28.26
CA LEU L 594 7.28 40.04 27.70
C LEU L 594 7.61 39.90 26.23
N GLN L 595 7.18 40.87 25.43
CA GLN L 595 7.41 40.85 24.00
C GLN L 595 8.87 41.06 23.59
N TRP L 596 9.59 41.86 24.38
CA TRP L 596 11.00 42.11 24.09
C TRP L 596 11.77 40.79 24.11
N ILE L 597 11.68 40.08 25.22
CA ILE L 597 12.39 38.83 25.35
C ILE L 597 11.95 37.83 24.30
N GLU L 598 10.71 37.96 23.84
CA GLU L 598 10.20 37.05 22.80
C GLU L 598 10.94 37.33 21.51
N ARG L 599 11.08 38.61 21.18
CA ARG L 599 11.78 39.01 19.96
C ARG L 599 13.22 38.52 20.06
N LYS L 600 13.83 38.69 21.23
CA LYS L 600 15.20 38.25 21.44
C LYS L 600 15.32 36.74 21.28
N VAL L 601 14.46 36.00 21.99
CA VAL L 601 14.47 34.55 21.94
C VAL L 601 14.44 34.01 20.51
N ASN L 602 13.63 34.63 19.65
CA ASN L 602 13.52 34.22 18.26
C ASN L 602 14.77 34.59 17.49
N GLU L 603 15.22 35.83 17.66
CA GLU L 603 16.41 36.34 16.99
C GLU L 603 17.57 35.40 17.26
N TYR L 604 17.59 34.84 18.46
CA TYR L 604 18.63 33.92 18.88
C TYR L 604 18.41 32.51 18.33
N LEU L 605 17.23 31.95 18.56
CA LEU L 605 16.93 30.61 18.09
C LEU L 605 17.03 30.47 16.57
N ASN L 606 16.75 31.57 15.87
CA ASN L 606 16.84 31.57 14.42
C ASN L 606 18.29 31.61 13.96
N GLU L 607 19.00 32.67 14.36
CA GLU L 607 20.39 32.79 13.99
C GLU L 607 21.17 31.54 14.40
N VAL L 608 20.82 30.98 15.55
CA VAL L 608 21.50 29.79 16.03
C VAL L 608 21.14 28.54 15.23
N CYS L 609 19.95 28.52 14.66
CA CYS L 609 19.52 27.37 13.87
C CYS L 609 19.65 27.66 12.38
N GLY L 610 20.23 28.79 12.04
CA GLY L 610 20.40 29.14 10.65
C GLY L 610 19.18 29.79 10.02
N THR L 611 18.01 29.23 10.30
CA THR L 611 16.75 29.75 9.76
C THR L 611 16.54 31.22 10.11
N GLU L 612 15.54 31.84 9.48
CA GLU L 612 15.21 33.24 9.71
C GLU L 612 13.70 33.44 9.67
N GLY L 613 13.21 34.42 10.43
CA GLY L 613 11.79 34.70 10.46
C GLY L 613 10.96 33.66 11.18
N GLU L 614 11.35 32.40 11.08
CA GLU L 614 10.64 31.30 11.72
C GLU L 614 10.28 31.68 13.16
N ALA L 615 9.02 31.43 13.52
CA ALA L 615 8.53 31.74 14.85
C ALA L 615 8.75 30.57 15.80
N PHE L 616 9.55 30.78 16.84
CA PHE L 616 9.83 29.75 17.80
C PHE L 616 8.90 29.88 19.00
N VAL L 617 8.64 31.12 19.42
CA VAL L 617 7.75 31.36 20.54
C VAL L 617 6.31 31.16 20.10
N LEU L 618 5.76 29.99 20.40
CA LEU L 618 4.39 29.66 20.02
C LEU L 618 3.33 30.38 20.87
N TYR L 619 3.64 30.60 22.14
CA TYR L 619 2.69 31.25 23.03
C TYR L 619 3.38 32.08 24.12
N GLY L 620 2.76 33.20 24.47
CA GLY L 620 3.33 34.06 25.51
C GLY L 620 2.20 34.53 26.40
N ASP L 621 2.39 34.49 27.70
CA ASP L 621 1.32 34.87 28.60
C ASP L 621 1.78 35.53 29.91
N THR L 622 2.17 36.79 29.83
CA THR L 622 2.59 37.54 31.02
C THR L 622 3.95 37.19 31.59
N ASP L 623 3.98 36.19 32.48
CA ASP L 623 5.24 35.78 33.09
C ASP L 623 5.53 34.35 32.70
N SER L 624 5.20 34.02 31.47
CA SER L 624 5.40 32.66 30.97
C SER L 624 5.35 32.61 29.46
N ILE L 625 6.35 31.98 28.86
CA ILE L 625 6.41 31.84 27.40
C ILE L 625 6.66 30.38 27.04
N TYR L 626 6.20 29.98 25.86
CA TYR L 626 6.39 28.60 25.44
C TYR L 626 7.12 28.53 24.11
N VAL L 627 8.33 27.98 24.13
CA VAL L 627 9.15 27.86 22.93
C VAL L 627 9.07 26.46 22.33
N SER L 628 8.87 26.40 21.02
CA SER L 628 8.77 25.13 20.29
C SER L 628 10.16 24.64 19.88
N ALA L 629 10.66 23.63 20.59
CA ALA L 629 11.97 23.07 20.33
C ALA L 629 12.00 22.10 19.14
N ASP L 630 10.91 22.08 18.37
CA ASP L 630 10.80 21.20 17.20
C ASP L 630 11.97 21.39 16.25
N LYS L 631 12.20 22.63 15.82
CA LYS L 631 13.28 22.93 14.90
C LYS L 631 14.64 22.84 15.57
N ILE L 632 14.67 22.73 16.89
CA ILE L 632 15.94 22.65 17.62
C ILE L 632 16.36 21.20 17.74
N ILE L 633 15.40 20.34 18.02
CA ILE L 633 15.67 18.92 18.16
C ILE L 633 15.98 18.33 16.78
N ASP L 634 15.50 18.99 15.72
CA ASP L 634 15.73 18.49 14.36
C ASP L 634 17.11 18.82 13.79
N LYS L 635 17.72 19.90 14.28
CA LYS L 635 19.03 20.29 13.79
C LYS L 635 20.03 19.16 14.01
N VAL L 636 19.87 18.43 15.12
CA VAL L 636 20.77 17.33 15.43
C VAL L 636 20.14 15.99 15.08
N GLY L 637 18.90 16.02 14.60
CA GLY L 637 18.23 14.77 14.24
C GLY L 637 17.75 13.98 15.43
N GLU L 638 16.49 13.58 15.39
CA GLU L 638 15.87 12.81 16.46
C GLU L 638 16.51 11.44 16.70
N SER L 639 16.99 10.80 15.64
CA SER L 639 17.61 9.48 15.77
C SER L 639 18.90 9.55 16.59
N LYS L 640 19.50 10.72 16.66
CA LYS L 640 20.75 10.89 17.42
C LYS L 640 20.50 10.77 18.92
N PHE L 641 19.40 10.13 19.30
CA PHE L 641 19.04 9.91 20.69
C PHE L 641 18.60 8.46 20.95
N ARG L 642 19.15 7.86 22.00
CA ARG L 642 18.84 6.48 22.36
C ARG L 642 17.46 6.31 22.96
N ASP L 643 17.07 7.22 23.85
CA ASP L 643 15.77 7.14 24.49
C ASP L 643 15.12 8.51 24.66
N THR L 644 13.96 8.51 25.30
CA THR L 644 13.20 9.74 25.53
C THR L 644 13.92 10.68 26.47
N ASN L 645 14.56 10.11 27.48
CA ASN L 645 15.29 10.90 28.45
C ASN L 645 16.56 11.47 27.86
N HIS L 646 16.83 11.12 26.60
CA HIS L 646 18.03 11.59 25.93
C HIS L 646 17.85 13.01 25.38
N TRP L 647 16.74 13.24 24.68
CA TRP L 647 16.48 14.56 24.13
C TRP L 647 16.00 15.51 25.21
N VAL L 648 15.63 14.96 26.36
CA VAL L 648 15.18 15.80 27.45
C VAL L 648 16.38 16.46 28.12
N ASP L 649 17.51 15.76 28.12
CA ASP L 649 18.74 16.28 28.71
C ASP L 649 19.46 17.22 27.74
N PHE L 650 19.26 16.99 26.45
CA PHE L 650 19.86 17.83 25.43
C PHE L 650 19.16 19.19 25.49
N LEU L 651 17.84 19.17 25.54
CA LEU L 651 17.06 20.39 25.61
C LEU L 651 17.33 21.08 26.95
N ASP L 652 17.45 20.29 28.01
CA ASP L 652 17.73 20.85 29.32
C ASP L 652 19.07 21.56 29.28
N LYS L 653 20.10 20.85 28.82
CA LYS L 653 21.43 21.41 28.72
C LYS L 653 21.47 22.64 27.80
N PHE L 654 20.78 22.53 26.68
CA PHE L 654 20.73 23.61 25.70
C PHE L 654 20.10 24.87 26.26
N ALA L 655 19.22 24.70 27.24
CA ALA L 655 18.53 25.83 27.86
C ALA L 655 19.42 26.51 28.90
N ARG L 656 19.97 25.70 29.79
CA ARG L 656 20.82 26.16 30.87
C ARG L 656 22.05 26.92 30.40
N GLU L 657 22.76 26.38 29.40
CA GLU L 657 23.99 27.01 28.92
C GLU L 657 23.95 27.90 27.69
N ARG L 658 23.14 27.56 26.70
CA ARG L 658 23.11 28.37 25.49
C ARG L 658 21.98 29.41 25.46
N GLU L 660 19.76 30.35 28.17
CA GLU L 660 19.80 31.19 29.37
C GLU L 660 20.63 32.45 29.18
N PRO L 661 21.92 32.32 28.86
CA PRO L 661 22.78 33.49 28.65
C PRO L 661 22.23 34.48 27.65
N ALA L 662 21.49 33.95 26.67
CA ALA L 662 20.90 34.80 25.65
C ALA L 662 19.81 35.66 26.28
N ILE L 663 18.89 34.99 26.97
CA ILE L 663 17.80 35.66 27.64
C ILE L 663 18.32 36.71 28.59
N ASP L 664 19.27 36.33 29.45
CA ASP L 664 19.84 37.25 30.43
C ASP L 664 20.42 38.50 29.78
N ARG L 665 21.26 38.31 28.77
CA ARG L 665 21.88 39.43 28.07
C ARG L 665 20.82 40.36 27.48
N GLY L 666 19.83 39.77 26.82
CA GLY L 666 18.76 40.53 26.22
C GLY L 666 18.06 41.42 27.24
N PHE L 667 17.89 40.90 28.44
CA PHE L 667 17.24 41.65 29.51
C PHE L 667 18.14 42.73 30.07
N ARG L 668 19.43 42.43 30.21
CA ARG L 668 20.35 43.41 30.74
C ARG L 668 20.43 44.61 29.80
N GLU L 669 20.22 44.34 28.51
CA GLU L 669 20.25 45.38 27.48
C GLU L 669 19.05 46.31 27.67
N CYS L 671 17.44 46.84 30.33
CA CYS L 671 17.62 47.60 31.56
C CYS L 671 18.41 48.87 31.23
N GLU L 672 19.44 48.71 30.40
CA GLU L 672 20.27 49.82 29.98
C GLU L 672 19.44 50.76 29.12
N TYR L 673 18.50 50.19 28.38
CA TYR L 673 17.62 50.95 27.51
C TYR L 673 16.73 51.86 28.35
N ASN L 675 17.22 52.47 31.22
CA ASN L 675 18.12 53.06 32.20
C ASN L 675 17.50 52.92 33.59
N ASN L 676 17.16 51.68 33.94
CA ASN L 676 16.55 51.36 35.21
C ASN L 676 17.60 51.35 36.32
N LYS L 677 17.15 51.43 37.57
CA LYS L 677 18.07 51.45 38.70
C LYS L 677 18.90 50.18 38.82
N GLN L 678 18.30 49.02 38.54
CA GLN L 678 19.04 47.75 38.62
C GLN L 678 18.34 46.61 37.90
N HIS L 679 19.13 45.78 37.23
CA HIS L 679 18.63 44.62 36.48
C HIS L 679 18.02 43.57 37.42
N LEU L 680 16.82 43.09 37.10
CA LEU L 680 16.15 42.11 37.94
C LEU L 680 15.15 41.22 37.21
N PHE L 682 14.34 37.98 35.47
CA PHE L 682 14.88 36.63 35.40
C PHE L 682 13.87 35.62 34.92
N ASP L 684 13.24 31.44 34.45
CA ASP L 684 13.63 30.09 34.81
C ASP L 684 12.94 29.08 33.90
N ARG L 685 13.72 28.18 33.32
CA ARG L 685 13.15 27.17 32.46
C ARG L 685 12.21 26.38 33.36
N GLU L 686 11.02 26.10 32.85
CA GLU L 686 10.04 25.36 33.64
C GLU L 686 9.83 23.95 33.14
N ALA L 687 8.93 23.81 32.18
CA ALA L 687 8.61 22.50 31.64
C ALA L 687 9.30 22.16 30.32
N ILE L 688 9.54 20.87 30.13
CA ILE L 688 10.14 20.34 28.93
C ILE L 688 9.20 19.23 28.49
N ALA L 689 8.31 19.56 27.55
CA ALA L 689 7.34 18.60 27.05
C ALA L 689 7.65 18.09 25.65
N GLY L 690 7.15 16.91 25.37
CA GLY L 690 7.36 16.29 24.09
C GLY L 690 6.75 14.91 24.14
N PRO L 691 6.74 14.19 23.01
CA PRO L 691 6.18 12.83 22.98
C PRO L 691 7.26 11.80 23.24
N PRO L 692 6.86 10.62 23.74
CA PRO L 692 7.81 9.54 24.03
C PRO L 692 8.58 9.16 22.74
N LEU L 693 9.90 9.09 22.84
CA LEU L 693 10.75 8.75 21.71
C LEU L 693 10.12 7.66 20.83
N GLY L 694 9.91 8.00 19.56
CA GLY L 694 9.29 7.06 18.65
C GLY L 694 7.80 7.28 18.74
N SER L 695 7.10 6.31 19.34
CA SER L 695 5.65 6.40 19.50
C SER L 695 4.99 7.07 18.29
N LYS L 696 3.91 7.80 18.54
CA LYS L 696 3.20 8.50 17.49
C LYS L 696 2.38 9.61 18.15
N GLY L 697 2.78 9.97 19.36
CA GLY L 697 2.09 11.01 20.11
C GLY L 697 2.44 12.39 19.61
N ILE L 698 1.50 13.32 19.68
CA ILE L 698 1.74 14.67 19.22
C ILE L 698 2.48 15.53 20.25
N GLY L 699 2.63 15.01 21.46
CA GLY L 699 3.31 15.76 22.49
C GLY L 699 2.41 16.76 23.21
N GLY L 700 1.82 17.67 22.44
CA GLY L 700 0.94 18.64 23.06
C GLY L 700 0.27 19.51 22.02
N PHE L 701 -0.94 19.97 22.31
CA PHE L 701 -1.66 20.83 21.39
C PHE L 701 -2.12 22.11 22.06
N TRP L 702 -2.88 22.90 21.32
CA TRP L 702 -3.39 24.17 21.83
C TRP L 702 -4.73 24.46 21.17
N THR L 703 -5.69 24.91 21.97
CA THR L 703 -7.02 25.22 21.44
C THR L 703 -7.15 26.73 21.27
N GLY L 704 -6.73 27.47 22.28
CA GLY L 704 -6.82 28.91 22.23
C GLY L 704 -6.04 29.55 23.37
N LYS L 705 -6.20 30.86 23.54
CA LYS L 705 -5.51 31.57 24.60
C LYS L 705 -5.73 30.88 25.95
N LYS L 706 -4.68 30.80 26.76
CA LYS L 706 -4.75 30.19 28.08
C LYS L 706 -5.43 28.82 28.10
N ARG L 707 -5.35 28.10 26.98
CA ARG L 707 -5.96 26.77 26.89
C ARG L 707 -5.03 25.79 26.17
N TYR L 708 -4.34 24.94 26.93
CA TYR L 708 -3.42 23.96 26.34
C TYR L 708 -3.40 22.61 27.06
N ALA L 709 -2.44 21.78 26.68
CA ALA L 709 -2.29 20.45 27.26
C ALA L 709 -1.08 19.77 26.64
N LEU L 710 -0.09 19.45 27.47
CA LEU L 710 1.12 18.79 27.00
C LEU L 710 1.71 17.77 27.97
N ASN L 711 2.50 16.86 27.43
CA ASN L 711 3.15 15.81 28.19
C ASN L 711 4.52 16.30 28.68
N VAL L 712 4.62 16.55 29.98
CA VAL L 712 5.86 17.05 30.56
C VAL L 712 6.74 15.95 31.16
N TRP L 713 8.01 15.96 30.78
CA TRP L 713 8.96 14.98 31.28
C TRP L 713 9.78 15.50 32.45
N ASP L 714 10.02 16.81 32.46
CA ASP L 714 10.79 17.42 33.54
C ASP L 714 10.27 18.80 33.92
N GLU L 716 11.19 21.85 36.02
CA GLU L 716 12.14 22.65 36.79
C GLU L 716 13.23 21.82 37.45
N GLY L 717 13.56 20.67 36.86
CA GLY L 717 14.58 19.81 37.42
C GLY L 717 14.02 18.49 37.92
N THR L 718 12.72 18.46 38.16
CA THR L 718 12.06 17.25 38.63
C THR L 718 11.77 16.30 37.46
N ARG L 719 12.58 15.24 37.36
CA ARG L 719 12.42 14.25 36.30
C ARG L 719 11.41 13.18 36.68
N TYR L 720 10.16 13.41 36.34
CA TYR L 720 9.07 12.46 36.64
C TYR L 720 9.38 11.04 36.17
N ALA L 721 9.11 10.05 37.02
CA ALA L 721 9.34 8.67 36.64
C ALA L 721 8.56 8.48 35.35
N GLU L 722 7.30 8.91 35.38
CA GLU L 722 6.42 8.84 34.23
C GLU L 722 5.97 10.27 33.96
N PRO L 723 6.02 10.70 32.70
CA PRO L 723 5.63 12.06 32.32
C PRO L 723 4.30 12.51 32.91
N LYS L 724 4.28 13.74 33.41
CA LYS L 724 3.08 14.32 34.00
C LYS L 724 2.34 15.12 32.94
N LEU L 725 1.02 14.95 32.91
CA LEU L 725 0.20 15.67 31.95
C LEU L 725 -0.24 17.02 32.50
N LYS L 726 0.31 18.09 31.94
CA LYS L 726 -0.05 19.43 32.39
C LYS L 726 -1.11 19.97 31.44
N ILE L 727 -2.38 19.83 31.82
CA ILE L 727 -3.49 20.31 31.01
C ILE L 727 -4.35 21.30 31.79
N GLY L 729 -7.32 24.86 30.85
CA GLY L 729 -7.81 25.92 29.98
C GLY L 729 -8.72 25.41 28.88
N LEU L 730 -8.32 24.34 28.22
CA LEU L 730 -9.10 23.76 27.14
C LEU L 730 -10.58 23.56 27.51
N GLU L 731 -10.84 22.54 28.33
CA GLU L 731 -12.20 22.24 28.79
C GLU L 731 -12.13 20.95 29.59
N THR L 732 -10.91 20.47 29.82
CA THR L 732 -10.69 19.22 30.56
C THR L 732 -11.39 19.18 31.91
N GLN L 733 -12.06 18.06 32.17
CA GLN L 733 -12.78 17.87 33.43
C GLN L 733 -13.73 19.05 33.63
N LYS L 734 -14.69 19.17 32.72
CA LYS L 734 -15.67 20.24 32.78
C LYS L 734 -16.28 20.37 34.16
N SER L 735 -16.70 21.58 34.51
CA SER L 735 -17.29 21.87 35.81
C SER L 735 -18.71 21.33 35.94
N SER L 736 -18.88 20.03 35.70
CA SER L 736 -20.19 19.37 35.79
C SER L 736 -20.13 17.92 35.35
N THR L 737 -19.29 17.64 34.34
CA THR L 737 -19.13 16.30 33.78
C THR L 737 -18.88 15.22 34.84
N PRO L 738 -19.60 14.09 34.73
CA PRO L 738 -19.43 13.00 35.70
C PRO L 738 -18.01 12.45 35.71
N LYS L 739 -17.63 11.80 36.80
CA LYS L 739 -16.30 11.24 36.94
C LYS L 739 -15.89 10.48 35.69
N ALA L 740 -16.80 9.67 35.17
CA ALA L 740 -16.55 8.86 33.98
C ALA L 740 -16.02 9.71 32.82
N VAL L 741 -16.70 10.81 32.55
CA VAL L 741 -16.29 11.71 31.48
C VAL L 741 -14.99 12.39 31.83
N GLN L 742 -14.85 12.81 33.09
CA GLN L 742 -13.64 13.46 33.54
C GLN L 742 -12.46 12.53 33.26
N LYS L 743 -12.73 11.24 33.29
CA LYS L 743 -11.72 10.23 33.03
C LYS L 743 -11.46 10.14 31.54
N ALA L 744 -12.54 9.91 30.77
CA ALA L 744 -12.44 9.78 29.32
C ALA L 744 -11.58 10.90 28.74
N LEU L 745 -11.82 12.13 29.19
CA LEU L 745 -11.06 13.27 28.71
C LEU L 745 -9.57 13.12 29.03
N LYS L 746 -9.27 12.78 30.29
CA LYS L 746 -7.88 12.61 30.72
C LYS L 746 -7.19 11.62 29.78
N GLU L 747 -7.71 10.40 29.72
CA GLU L 747 -7.14 9.38 28.88
C GLU L 747 -6.93 9.91 27.45
N CYS L 748 -7.95 10.55 26.89
CA CYS L 748 -7.86 11.10 25.54
C CYS L 748 -6.64 12.02 25.43
N ILE L 749 -6.65 13.10 26.18
CA ILE L 749 -5.56 14.05 26.15
C ILE L 749 -4.23 13.37 26.46
N ARG L 750 -4.30 12.13 26.93
CA ARG L 750 -3.08 11.39 27.26
C ARG L 750 -2.61 10.58 26.07
N ARG L 751 -3.47 9.69 25.58
CA ARG L 751 -3.14 8.86 24.44
C ARG L 751 -2.81 9.70 23.21
N LEU L 753 -1.05 12.69 23.29
CA LEU L 753 0.29 13.22 23.43
C LEU L 753 1.38 12.16 23.55
N GLN L 754 1.01 10.99 24.05
CA GLN L 754 1.97 9.91 24.24
C GLN L 754 1.87 8.80 23.20
N GLU L 755 0.65 8.35 22.90
CA GLU L 755 0.47 7.27 21.93
C GLU L 755 0.30 7.69 20.47
N GLY L 756 -0.83 8.31 20.15
CA GLY L 756 -1.04 8.71 18.76
C GLY L 756 -2.47 8.55 18.31
N GLU L 757 -2.75 9.05 17.10
CA GLU L 757 -4.09 9.02 16.54
C GLU L 757 -4.71 7.63 16.44
N GLU L 758 -3.88 6.63 16.21
CA GLU L 758 -4.40 5.27 16.10
C GLU L 758 -4.88 4.81 17.47
N SER L 759 -4.23 5.31 18.52
CA SER L 759 -4.61 4.97 19.89
C SER L 759 -5.92 5.66 20.25
N LEU L 760 -5.94 6.99 20.15
CA LEU L 760 -7.14 7.76 20.45
C LEU L 760 -8.37 7.12 19.84
N GLN L 761 -8.21 6.53 18.65
CA GLN L 761 -9.33 5.89 17.98
C GLN L 761 -9.81 4.67 18.74
N GLU L 762 -8.88 3.80 19.14
CA GLU L 762 -9.26 2.60 19.87
C GLU L 762 -9.92 2.96 21.21
N TYR L 763 -9.36 3.94 21.90
CA TYR L 763 -9.89 4.37 23.19
C TYR L 763 -11.26 5.03 23.08
N PHE L 764 -11.66 5.37 21.86
CA PHE L 764 -12.95 6.01 21.64
C PHE L 764 -14.04 4.99 21.36
N LYS L 765 -13.84 4.17 20.33
CA LYS L 765 -14.80 3.15 19.97
C LYS L 765 -14.98 2.12 21.09
N GLU L 766 -14.13 2.21 22.11
CA GLU L 766 -14.20 1.30 23.24
C GLU L 766 -14.97 1.91 24.41
N PHE L 767 -14.99 3.24 24.47
CA PHE L 767 -15.69 3.95 25.52
C PHE L 767 -17.19 4.00 25.26
N GLU L 768 -17.58 4.10 24.00
CA GLU L 768 -19.00 4.16 23.64
C GLU L 768 -19.63 2.76 23.64
N LYS L 769 -18.81 1.75 23.91
CA LYS L 769 -19.29 0.38 23.96
C LYS L 769 -19.24 -0.11 25.40
N GLU L 770 -19.28 0.84 26.33
CA GLU L 770 -19.23 0.52 27.74
C GLU L 770 -19.92 1.63 28.53
N PHE L 771 -20.46 2.60 27.82
CA PHE L 771 -21.17 3.73 28.42
C PHE L 771 -22.53 3.20 28.86
N ARG L 772 -23.06 2.26 28.07
CA ARG L 772 -24.36 1.65 28.33
C ARG L 772 -24.17 0.54 29.36
N GLN L 773 -23.02 0.54 30.02
CA GLN L 773 -22.71 -0.45 31.04
C GLN L 773 -22.47 0.21 32.39
N LEU L 774 -21.90 1.42 32.38
CA LEU L 774 -21.63 2.13 33.63
C LEU L 774 -22.90 2.37 34.41
N ASN L 775 -22.78 2.41 35.74
CA ASN L 775 -23.92 2.63 36.62
C ASN L 775 -24.58 3.95 36.28
N TYR L 776 -25.89 4.03 36.48
CA TYR L 776 -26.65 5.24 36.17
C TYR L 776 -26.18 6.47 36.94
N ILE L 777 -25.37 6.27 37.97
CA ILE L 777 -24.83 7.38 38.75
C ILE L 777 -23.43 7.69 38.26
N SER L 778 -22.76 6.68 37.71
CA SER L 778 -21.41 6.81 37.19
C SER L 778 -21.33 7.51 35.84
N ILE L 779 -22.41 8.15 35.44
CA ILE L 779 -22.45 8.86 34.16
C ILE L 779 -23.38 10.07 34.22
N ALA L 780 -23.69 10.50 35.43
CA ALA L 780 -24.59 11.64 35.63
C ALA L 780 -23.85 12.88 36.15
N SER L 781 -24.08 14.01 35.48
CA SER L 781 -23.45 15.28 35.87
C SER L 781 -24.11 15.82 37.12
N VAL L 782 -23.44 16.76 37.79
CA VAL L 782 -23.96 17.35 39.02
C VAL L 782 -24.39 18.80 38.82
N SER L 783 -25.20 19.29 39.76
CA SER L 783 -25.69 20.66 39.71
C SER L 783 -25.99 21.15 41.11
N SER L 784 -27.24 21.56 41.35
CA SER L 784 -27.63 22.06 42.66
C SER L 784 -29.13 22.36 42.74
N ALA L 785 -29.53 23.05 43.80
CA ALA L 785 -30.94 23.41 44.01
C ALA L 785 -31.07 24.86 44.45
N ASN L 786 -30.61 25.77 43.59
CA ASN L 786 -30.65 27.20 43.86
C ASN L 786 -32.02 27.80 43.55
N ASN L 787 -32.84 27.99 44.59
CA ASN L 787 -34.17 28.57 44.44
C ASN L 787 -35.07 27.69 43.57
N ILE L 788 -35.40 26.50 44.09
CA ILE L 788 -36.24 25.56 43.35
C ILE L 788 -37.71 25.97 43.45
N ALA L 789 -37.95 27.16 43.98
CA ALA L 789 -39.31 27.66 44.12
C ALA L 789 -39.46 28.90 43.25
N LYS L 790 -38.34 29.37 42.70
CA LYS L 790 -38.31 30.55 41.84
C LYS L 790 -38.82 30.13 40.46
N TYR L 791 -38.76 28.84 40.19
CA TYR L 791 -39.21 28.31 38.91
C TYR L 791 -40.32 27.29 39.08
N ASP L 792 -40.79 27.12 40.32
CA ASP L 792 -41.87 26.17 40.60
C ASP L 792 -43.24 26.80 40.42
N VAL L 793 -43.66 26.95 39.17
CA VAL L 793 -44.95 27.55 38.83
C VAL L 793 -46.06 26.50 38.87
N GLY L 794 -46.51 26.17 40.08
CA GLY L 794 -47.57 25.19 40.23
C GLY L 794 -47.03 23.78 40.10
N GLY L 795 -45.70 23.65 40.16
CA GLY L 795 -45.06 22.36 40.05
C GLY L 795 -44.34 22.17 38.73
N PHE L 796 -44.66 22.99 37.75
CA PHE L 796 -44.03 22.89 36.43
C PHE L 796 -43.00 24.00 36.19
N PRO L 797 -42.08 23.78 35.24
CA PRO L 797 -41.04 24.76 34.93
C PRO L 797 -41.60 26.16 34.66
N GLY L 798 -40.83 27.17 35.05
CA GLY L 798 -41.26 28.54 34.84
C GLY L 798 -40.54 29.17 33.65
N PRO L 799 -40.63 30.50 33.49
CA PRO L 799 -40.00 31.26 32.39
C PRO L 799 -38.54 30.91 32.15
N LYS L 800 -38.30 30.14 31.08
CA LYS L 800 -36.95 29.70 30.70
C LYS L 800 -36.23 29.22 31.95
N CYS L 801 -36.26 27.90 32.13
CA CYS L 801 -35.66 27.27 33.29
C CYS L 801 -34.27 26.68 33.04
N PRO L 802 -33.40 26.71 34.07
CA PRO L 802 -32.06 26.16 33.90
C PRO L 802 -32.32 24.65 33.78
N PHE L 803 -31.50 23.96 32.99
CA PHE L 803 -31.74 22.53 32.79
C PHE L 803 -31.80 21.67 34.06
N HIS L 804 -31.18 22.14 35.14
CA HIS L 804 -31.16 21.38 36.40
C HIS L 804 -32.40 21.54 37.26
N ILE L 805 -32.82 22.78 37.52
CA ILE L 805 -34.00 23.03 38.33
C ILE L 805 -35.23 22.50 37.60
N ARG L 806 -35.08 22.37 36.28
CA ARG L 806 -36.15 21.85 35.45
C ARG L 806 -36.34 20.38 35.82
N GLY L 807 -35.23 19.68 36.00
CA GLY L 807 -35.27 18.26 36.35
C GLY L 807 -35.62 18.03 37.81
N ILE L 808 -35.38 19.05 38.64
CA ILE L 808 -35.69 18.95 40.07
C ILE L 808 -37.21 18.95 40.23
N LEU L 809 -37.89 19.78 39.46
CA LEU L 809 -39.35 19.87 39.50
C LEU L 809 -39.99 18.61 38.90
N THR L 810 -39.50 18.20 37.73
CA THR L 810 -39.99 17.01 37.07
C THR L 810 -39.91 15.84 38.05
N TYR L 811 -38.83 15.81 38.82
CA TYR L 811 -38.61 14.78 39.82
C TYR L 811 -39.75 14.80 40.84
N ASN L 812 -39.98 15.96 41.41
CA ASN L 812 -41.03 16.13 42.40
C ASN L 812 -42.37 15.64 41.86
N ARG L 813 -42.70 16.03 40.62
CA ARG L 813 -43.95 15.58 40.02
C ARG L 813 -43.97 14.06 39.95
N ALA L 814 -42.86 13.49 39.50
CA ALA L 814 -42.73 12.05 39.40
C ALA L 814 -43.21 11.39 40.68
N ILE L 815 -42.65 11.83 41.81
CA ILE L 815 -43.03 11.29 43.11
C ILE L 815 -44.53 11.48 43.32
N LYS L 816 -44.91 12.63 43.87
CA LYS L 816 -46.31 12.95 44.13
C LYS L 816 -46.94 11.84 44.97
N GLY L 817 -48.17 11.49 44.64
CA GLY L 817 -48.88 10.44 45.36
C GLY L 817 -48.72 10.56 46.86
N ASN L 818 -47.76 9.82 47.41
CA ASN L 818 -47.49 9.83 48.84
C ASN L 818 -46.04 10.21 49.13
N ILE L 819 -45.87 11.16 50.06
CA ILE L 819 -44.56 11.66 50.46
C ILE L 819 -43.74 10.59 51.17
N ASP L 820 -44.23 9.36 51.14
CA ASP L 820 -43.52 8.26 51.79
C ASP L 820 -42.11 8.15 51.21
N ALA L 821 -41.93 8.66 50.00
CA ALA L 821 -40.64 8.63 49.32
C ALA L 821 -39.85 9.91 49.57
N PRO L 822 -38.54 9.78 49.86
CA PRO L 822 -37.66 10.92 50.13
C PRO L 822 -37.84 12.06 49.13
N GLN L 823 -37.41 13.25 49.55
CA GLN L 823 -37.53 14.44 48.70
C GLN L 823 -36.13 14.88 48.25
N VAL L 824 -36.07 16.00 47.53
CA VAL L 824 -34.80 16.53 47.05
C VAL L 824 -34.05 17.20 48.20
N VAL L 825 -32.77 17.52 47.97
CA VAL L 825 -31.94 18.16 48.99
C VAL L 825 -32.53 19.50 49.45
N GLU L 826 -33.30 20.12 48.56
CA GLU L 826 -33.94 21.40 48.85
C GLU L 826 -32.93 22.49 49.18
N GLY L 827 -32.03 22.77 48.24
CA GLY L 827 -31.02 23.78 48.46
C GLY L 827 -29.62 23.33 48.07
N GLU L 828 -29.25 22.13 48.50
CA GLU L 828 -27.93 21.55 48.21
C GLU L 828 -27.75 21.17 46.73
N LYS L 829 -26.74 20.34 46.46
CA LYS L 829 -26.44 19.88 45.11
C LYS L 829 -27.45 18.81 44.65
N VAL L 830 -27.43 18.47 43.36
CA VAL L 830 -28.35 17.48 42.80
C VAL L 830 -27.79 16.86 41.52
N TYR L 831 -28.47 15.86 40.98
CA TYR L 831 -28.03 15.18 39.75
C TYR L 831 -28.84 15.60 38.52
N VAL L 832 -28.45 15.07 37.36
CA VAL L 832 -29.11 15.37 36.09
C VAL L 832 -28.97 14.20 35.09
N LEU L 833 -30.04 13.90 34.36
CA LEU L 833 -30.04 12.82 33.36
C LEU L 833 -31.05 13.10 32.24
N PRO L 834 -30.56 13.29 31.01
CA PRO L 834 -31.44 13.56 29.88
C PRO L 834 -32.41 12.41 29.61
N LEU L 835 -33.65 12.74 29.27
CA LEU L 835 -34.67 11.72 28.99
C LEU L 835 -35.11 11.77 27.51
N ARG L 836 -35.15 10.61 26.87
CA ARG L 836 -35.55 10.52 25.46
C ARG L 836 -36.97 11.05 25.25
N GLU L 837 -37.52 10.81 24.07
CA GLU L 837 -38.88 11.26 23.73
C GLU L 837 -39.90 10.26 24.25
N GLY L 838 -41.02 10.78 24.75
CA GLY L 838 -42.06 9.90 25.26
C GLY L 838 -41.82 9.45 26.69
N ASN L 839 -40.88 10.10 27.36
CA ASN L 839 -40.58 9.76 28.74
C ASN L 839 -41.79 10.12 29.58
N PRO L 840 -42.24 9.20 30.44
CA PRO L 840 -43.41 9.44 31.30
C PRO L 840 -43.09 10.29 32.55
N PHE L 841 -42.36 11.39 32.35
CA PHE L 841 -42.02 12.27 33.47
C PHE L 841 -42.29 13.73 33.15
N GLY L 842 -42.42 14.04 31.86
CA GLY L 842 -42.66 15.40 31.46
C GLY L 842 -41.56 15.96 30.57
N ASP L 843 -40.70 16.81 31.15
CA ASP L 843 -39.60 17.42 30.40
C ASP L 843 -38.56 16.40 29.94
N LYS L 844 -37.39 16.90 29.56
CA LYS L 844 -36.30 16.05 29.08
C LYS L 844 -35.14 15.90 30.06
N CYS L 845 -35.43 16.06 31.35
CA CYS L 845 -34.41 15.93 32.39
C CYS L 845 -35.00 15.65 33.77
N ILE L 846 -34.30 14.84 34.55
CA ILE L 846 -34.74 14.51 35.90
C ILE L 846 -33.58 14.71 36.86
N ALA L 847 -33.84 15.29 38.03
CA ALA L 847 -32.79 15.55 39.00
C ALA L 847 -32.82 14.63 40.22
N TRP L 848 -31.65 14.10 40.57
CA TRP L 848 -31.50 13.21 41.71
C TRP L 848 -30.92 13.97 42.89
N PRO L 849 -31.63 13.98 44.03
CA PRO L 849 -31.14 14.70 45.23
C PRO L 849 -29.70 14.34 45.58
N SER L 850 -28.77 15.19 45.14
CA SER L 850 -27.34 15.02 45.38
C SER L 850 -26.91 13.56 45.22
N GLY L 851 -26.05 13.10 46.12
CA GLY L 851 -25.57 11.73 46.05
C GLY L 851 -26.48 10.69 46.69
N THR L 852 -27.50 10.27 45.94
CA THR L 852 -28.45 9.28 46.45
C THR L 852 -28.99 8.42 45.32
N GLU L 853 -29.47 7.23 45.66
CA GLU L 853 -30.03 6.31 44.67
C GLU L 853 -31.30 6.90 44.06
N ILE L 854 -32.44 6.25 44.34
CA ILE L 854 -33.74 6.68 43.86
C ILE L 854 -34.79 5.60 44.12
N THR L 855 -35.99 6.02 44.50
CA THR L 855 -37.08 5.07 44.79
C THR L 855 -37.37 4.18 43.59
N ASP L 856 -37.61 2.90 43.85
CA ASP L 856 -37.91 1.93 42.80
C ASP L 856 -39.20 2.24 42.06
N LEU L 857 -39.93 3.23 42.54
CA LEU L 857 -41.19 3.63 41.93
C LEU L 857 -40.87 4.33 40.61
N ILE L 858 -39.71 5.00 40.57
CA ILE L 858 -39.27 5.71 39.38
C ILE L 858 -37.82 5.36 39.06
N LYS L 859 -37.33 4.26 39.64
CA LYS L 859 -35.97 3.81 39.42
C LYS L 859 -35.76 3.25 38.01
N ASP L 860 -36.37 2.10 37.75
CA ASP L 860 -36.25 1.44 36.44
C ASP L 860 -36.86 2.25 35.30
N ASP L 861 -37.59 3.31 35.64
CA ASP L 861 -38.22 4.16 34.64
C ASP L 861 -37.28 5.25 34.13
N VAL L 862 -36.54 5.89 35.05
CA VAL L 862 -35.60 6.94 34.67
C VAL L 862 -34.41 6.35 33.92
N LEU L 863 -34.02 5.13 34.28
CA LEU L 863 -32.90 4.46 33.64
C LEU L 863 -33.31 3.91 32.27
N HIS L 864 -34.59 3.57 32.12
CA HIS L 864 -35.07 3.05 30.85
C HIS L 864 -35.28 4.19 29.86
N TRP L 865 -35.46 5.39 30.38
CA TRP L 865 -35.67 6.57 29.54
C TRP L 865 -34.47 7.49 29.51
N ASP L 867 -31.16 9.18 27.90
CA ASP L 867 -30.78 9.59 26.55
C ASP L 867 -29.25 9.57 26.46
N TYR L 868 -28.70 8.39 26.28
CA TYR L 868 -27.26 8.21 26.20
C TYR L 868 -26.66 9.09 25.09
N THR L 869 -27.41 9.24 24.00
CA THR L 869 -26.97 10.03 22.87
C THR L 869 -26.77 11.51 23.23
N VAL L 870 -27.81 12.15 23.73
CA VAL L 870 -27.71 13.55 24.12
C VAL L 870 -26.75 13.70 25.27
N LEU L 871 -26.59 12.63 26.04
CA LEU L 871 -25.70 12.63 27.20
C LEU L 871 -24.23 12.63 26.82
N LEU L 872 -23.85 11.70 25.95
CA LEU L 872 -22.47 11.58 25.51
C LEU L 872 -22.07 12.78 24.64
N GLU L 873 -22.73 12.93 23.50
CA GLU L 873 -22.49 14.02 22.56
C GLU L 873 -22.94 15.34 23.16
N LYS L 874 -22.28 15.80 24.23
CA LYS L 874 -22.68 17.04 24.86
C LYS L 874 -21.62 17.46 25.87
N THR L 875 -21.02 16.47 26.50
CA THR L 875 -19.99 16.71 27.50
C THR L 875 -18.75 15.85 27.26
N PHE L 876 -18.77 15.12 26.15
CA PHE L 876 -17.65 14.24 25.80
C PHE L 876 -17.12 14.52 24.39
N ILE L 877 -17.82 13.98 23.39
CA ILE L 877 -17.39 14.16 22.00
C ILE L 877 -17.43 15.64 21.57
N LYS L 878 -18.13 16.45 22.34
CA LYS L 878 -18.22 17.88 22.03
C LYS L 878 -16.91 18.57 22.34
N PRO L 879 -16.46 18.53 23.61
CA PRO L 879 -15.20 19.19 23.93
C PRO L 879 -14.00 18.51 23.27
N LEU L 880 -14.09 17.18 23.12
CA LEU L 880 -13.01 16.41 22.51
C LEU L 880 -12.72 16.89 21.09
N GLU L 881 -13.76 17.36 20.43
CA GLU L 881 -13.66 17.86 19.06
C GLU L 881 -12.65 18.99 18.96
N GLY L 882 -12.82 20.00 19.82
CA GLY L 882 -11.92 21.13 19.81
C GLY L 882 -10.47 20.71 19.95
N PHE L 883 -10.27 19.54 20.54
CA PHE L 883 -8.93 19.00 20.74
C PHE L 883 -8.46 18.31 19.47
N THR L 884 -9.22 17.31 19.05
CA THR L 884 -8.91 16.54 17.85
C THR L 884 -8.78 17.40 16.60
N SER L 885 -9.61 18.43 16.50
CA SER L 885 -9.60 19.33 15.35
C SER L 885 -8.40 20.27 15.39
N ALA L 886 -7.95 20.58 16.61
CA ALA L 886 -6.81 21.47 16.81
C ALA L 886 -5.47 20.77 16.63
N ALA L 887 -5.49 19.44 16.63
CA ALA L 887 -4.26 18.68 16.48
C ALA L 887 -4.25 17.71 15.30
N LYS L 888 -5.17 17.92 14.36
CA LYS L 888 -5.26 17.06 13.17
C LYS L 888 -5.84 15.69 13.50
N LEU L 889 -5.62 15.24 14.73
CA LEU L 889 -6.12 13.94 15.15
C LEU L 889 -7.63 13.83 14.96
N ASP L 890 -8.17 12.67 15.33
CA ASP L 890 -9.61 12.43 15.19
C ASP L 890 -10.06 11.26 16.06
N TYR L 891 -11.34 11.27 16.43
CA TYR L 891 -11.90 10.20 17.24
C TYR L 891 -12.64 9.20 16.36
N GLU L 892 -13.10 9.68 15.21
CA GLU L 892 -13.84 8.84 14.25
C GLU L 892 -12.89 8.10 13.31
N LYS L 893 -13.07 6.79 13.22
CA LYS L 893 -12.24 5.95 12.35
C LYS L 893 -12.53 6.16 10.87
N LYS L 894 -11.50 6.61 10.14
CA LYS L 894 -11.61 6.86 8.72
C LYS L 894 -11.10 5.68 7.88
N ALA L 895 -11.22 5.81 6.56
CA ALA L 895 -10.79 4.77 5.62
C ALA L 895 -9.31 4.95 5.26
N SER L 896 -8.75 3.95 4.59
CA SER L 896 -7.34 4.01 4.20
C SER L 896 -7.03 3.06 3.05
N LEU L 897 -6.08 3.43 2.20
CA LEU L 897 -5.68 2.63 1.05
C LEU L 897 -5.51 1.16 1.42
#